data_9ARH
#
_entry.id   9ARH
#
_cell.length_a   1.00
_cell.length_b   1.00
_cell.length_c   1.00
_cell.angle_alpha   90.00
_cell.angle_beta   90.00
_cell.angle_gamma   90.00
#
_symmetry.space_group_name_H-M   'P 1'
#
loop_
_entity.id
_entity.type
_entity.pdbx_description
1 polymer 'Isoform B of Glutamate receptor ionotropic, NMDA 1'
2 polymer 'Glutamate receptor ionotropic, NMDA 2B'
3 branched 2-acetamido-2-deoxy-beta-D-glucopyranose-(1-4)-2-acetamido-2-deoxy-beta-D-glucopyranose
4 non-polymer GLYCINE
5 non-polymer 2-acetamido-2-deoxy-beta-D-glucopyranose
#
loop_
_entity_poly.entity_id
_entity_poly.type
_entity_poly.pdbx_seq_one_letter_code
_entity_poly.pdbx_strand_id
1 'polypeptide(L)'
;MSTMHLLTFALLFSCSFARAASDPKIVNIGAVLSTRKHEQMFREAVNQANKRHGSWKIQLQATSVTHKPNAIQMALSVCE
DLISSQVYAILVSHPPTPNDHFTPTPVSYTAGFYRIPVLGLTTRMSIYSDKSIHLSFLRTVPPYSHQSSVWFEMMRVYNW
NHIILLVSDDHEGRAAQKRLETLLEERESKSKKRNYENLDQLSYDNKRGPKAEKVLQFDPGTKNVTALLMEARELEARVI
ILSASEDDAATVYRAAAMLDMTGSGYVWLVGEREISGNALRYAPDGIIGLQLINGKNESAHISDAVGVVAQAVHELLEKE
NITDPPRGCVGNTNIWKTGPLFKRVLMSSKYADGVTGRVEFNEDGDRKFAQYSIMNLQNRKLVQVGIYNGTHVIPNDRKI
IWPGGETEKPRGYQMSTRLKIVTIHQEPFVYVKPTMSDGTCKEEFTVNGDPVKKVICTGPNDTSPGSPRHTVPQCCYGFC
IDLLIKLARTMQFTYEVHLVADGKFGTQERVQNSNKKEWNGMMGELLSGQADMIVAPLTINNERAQYIEFSKPFKYQGLT
ILVKKEIPRSTLDSFMQPFQSTLWLLVGLSVHVVAVMLYLLDRFSPFGRFKVNSQSESTDALTLSSAMWFSWGVLLNSGI
GEGAPRSFSARILGMVWAGFAMIIVASYTANLAAFLVLDRPEERITGINDPRLRNPSDKFIYATVKQSSVDIYFRRQVEL
STMYRHMEKHNYESAAEAIQAVRDNKLHAFIWDSAVLEFEASQKCDLVTTGELFFRSGFGIGMRKDSPWKQQVSLSILKS
HENGFMEDLDKTWVRYQECDSRSNAPATLTCENMAGVFMLVAGGIVAGIFLIFIEIAYKRHKDARRKQMQLAFAAVNVWR
KNLQDRKSGRAEPDPKKKATFRAITSTLASSFKRRRSSKDTSTGGGRGALQNQKDTVLPRRAIEREEGQLQLCSRHRES
;
A,C
2 'polypeptide(L)'
;MGTMRLFLLAVLFLFSFARATGWSHPQFEKGGGSGGGSGGSAWSHPQFEKGALVPRGRSQKSPPSIGIAVILVGTSDEVA
IKDAHEKDDFHHLSVVPRVELVAMNETDPKSIITRICDLMSDRKIQGVVFADDTDQEAIAQILDFISAQTLTPILGIHGG
SSMIMADKDESSMFFQFGPSIEQQASVMLNIMEEYDWYIFSIVTTYFPGYQDFVNKIRSTIENSFVGWELEEVLLLDMSL
DDGDSKIQNQLKKLQSPIILLYCTKEEATYIFEVANSVGLTGYGYTWIVPSLVAGDTDTVPSEFPTGLISVSYDEWDYGL
PARVRDGIAIITTAASDMLSEHSFIPEPKSSCYNTHEKRIYQSNMLNRYLINVTFEGRDLSFSEDGYQMHPKLVIILLNK
ERKWERVGKWKDKSLQMKYYVWPRMCPETEEQEDDHLSIVTLEEAPFVIVESVDPLSGTCMRNTVPCQKRIISENKTDEE
PGYIKKCCKGFCIDILKKISKSVKFTYDLYLVTNGKHGKKINGTWNGMIGEVVMKRAYMAVGSLTINEERSEVVDFSVPF
IETGISVMVSRSNGTVSPSAFLEPFSACVWVMMFVMLLIVSAVAVFVFEYFSPVGYNRSLADGREPGGPSFTIGKAIWLL
WGLVFNNSVPVQNPKGTTSKIMVSVWAFFAVIFLASYTANLAAFMIQEEYVDQVSGLSDKKFQRPNDFSPPFRFGTVPNG
STERNIRNNYAEMHAYMGKFNQRGVDDALLSLKTGKLDAFIYDAAVLNYMAGRDEGCKLVTIGSGKVFASTGYGIAIQKD
SGWKRQVDLAILQLFGDGEMEELEALWLTGICHNEKNEVMSSQLDIDNMAGVFYMLGAAMALSLITFISEHLFYWQFRHS
FMG
;
B,D
#
# COMPACT_ATOMS: atom_id res chain seq x y z
N LYS A 25 68.06 12.74 -35.11
CA LYS A 25 67.50 11.39 -35.04
C LYS A 25 66.80 11.02 -36.35
N ILE A 26 66.77 9.73 -36.66
CA ILE A 26 66.14 9.22 -37.86
C ILE A 26 65.02 8.26 -37.48
N VAL A 27 64.01 8.19 -38.32
CA VAL A 27 62.86 7.31 -38.14
C VAL A 27 62.70 6.48 -39.41
N ASN A 28 63.05 5.21 -39.35
CA ASN A 28 62.99 4.31 -40.50
C ASN A 28 61.59 3.70 -40.56
N ILE A 29 60.79 4.18 -41.50
CA ILE A 29 59.41 3.70 -41.64
C ILE A 29 59.43 2.38 -42.39
N GLY A 30 59.10 1.29 -41.70
CA GLY A 30 59.04 -0.01 -42.32
C GLY A 30 57.81 -0.17 -43.19
N ALA A 31 57.87 -1.18 -44.06
CA ALA A 31 56.80 -1.44 -45.01
C ALA A 31 56.98 -2.85 -45.58
N VAL A 32 55.88 -3.37 -46.14
CA VAL A 32 55.88 -4.67 -46.80
C VAL A 32 54.94 -4.57 -48.00
N LEU A 33 55.49 -4.72 -49.21
CA LEU A 33 54.72 -4.62 -50.43
C LEU A 33 54.90 -5.89 -51.26
N SER A 34 54.12 -6.00 -52.32
CA SER A 34 54.13 -7.18 -53.18
C SER A 34 54.91 -6.98 -54.47
N THR A 35 54.97 -5.76 -55.00
CA THR A 35 55.65 -5.47 -56.25
C THR A 35 56.70 -4.39 -56.03
N ARG A 36 57.79 -4.47 -56.81
CA ARG A 36 58.86 -3.48 -56.68
C ARG A 36 58.43 -2.09 -57.16
N LYS A 37 57.46 -2.01 -58.07
CA LYS A 37 56.94 -0.72 -58.49
C LYS A 37 56.32 0.02 -57.31
N HIS A 38 55.59 -0.71 -56.46
CA HIS A 38 55.06 -0.10 -55.23
C HIS A 38 56.16 0.32 -54.28
N GLU A 39 57.26 -0.41 -54.23
CA GLU A 39 58.38 -0.01 -53.38
C GLU A 39 59.01 1.28 -53.88
N GLN A 40 59.20 1.40 -55.19
CA GLN A 40 59.73 2.64 -55.75
C GLN A 40 58.77 3.80 -55.55
N MET A 41 57.46 3.54 -55.67
CA MET A 41 56.47 4.59 -55.42
C MET A 41 56.51 5.03 -53.97
N PHE A 42 56.68 4.09 -53.03
CA PHE A 42 56.78 4.44 -51.62
C PHE A 42 58.05 5.23 -51.34
N ARG A 43 59.16 4.87 -52.01
CA ARG A 43 60.39 5.62 -51.85
C ARG A 43 60.22 7.06 -52.34
N GLU A 44 59.62 7.23 -53.51
CA GLU A 44 59.37 8.57 -54.02
C GLU A 44 58.42 9.35 -53.11
N ALA A 45 57.41 8.67 -52.56
CA ALA A 45 56.45 9.35 -51.70
C ALA A 45 57.09 9.80 -50.39
N VAL A 46 57.95 8.97 -49.80
CA VAL A 46 58.61 9.37 -48.56
C VAL A 46 59.66 10.45 -48.85
N ASN A 47 60.31 10.40 -50.01
CA ASN A 47 61.24 11.46 -50.38
C ASN A 47 60.51 12.78 -50.55
N GLN A 48 59.30 12.75 -51.11
CA GLN A 48 58.51 13.96 -51.23
C GLN A 48 58.02 14.46 -49.88
N ALA A 49 57.58 13.53 -49.02
CA ALA A 49 57.07 13.91 -47.70
C ALA A 49 58.17 14.40 -46.77
N ASN A 50 59.44 14.05 -47.05
CA ASN A 50 60.54 14.54 -46.23
C ASN A 50 60.65 16.06 -46.24
N LYS A 51 60.03 16.72 -47.22
CA LYS A 51 60.04 18.18 -47.26
C LYS A 51 59.18 18.78 -46.14
N ARG A 52 58.22 18.02 -45.64
CA ARG A 52 57.33 18.46 -44.57
C ARG A 52 56.60 19.75 -44.93
N ILE A 58 62.99 16.05 -37.98
CA ILE A 58 63.88 14.90 -38.05
C ILE A 58 63.91 14.36 -39.48
N GLN A 59 64.53 13.20 -39.65
CA GLN A 59 64.65 12.54 -40.93
C GLN A 59 63.81 11.28 -40.97
N LEU A 60 63.43 10.87 -42.19
CA LEU A 60 62.62 9.69 -42.41
C LEU A 60 63.33 8.75 -43.37
N GLN A 61 63.09 7.45 -43.18
CA GLN A 61 63.65 6.44 -44.07
C GLN A 61 62.56 5.49 -44.54
N ALA A 62 62.94 4.41 -45.22
CA ALA A 62 61.97 3.47 -45.76
C ALA A 62 62.62 2.10 -45.89
N THR A 63 61.86 1.06 -45.58
CA THR A 63 62.31 -0.32 -45.73
C THR A 63 61.14 -1.17 -46.18
N SER A 64 61.35 -1.98 -47.21
CA SER A 64 60.30 -2.79 -47.80
C SER A 64 60.78 -4.22 -47.97
N VAL A 65 59.89 -5.17 -47.69
CA VAL A 65 60.15 -6.60 -47.83
C VAL A 65 58.99 -7.21 -48.61
N THR A 66 59.32 -8.07 -49.57
CA THR A 66 58.30 -8.70 -50.39
C THR A 66 57.51 -9.73 -49.57
N HIS A 67 56.34 -10.08 -50.09
CA HIS A 67 55.48 -11.06 -49.45
C HIS A 67 55.94 -12.48 -49.76
N LYS A 68 55.86 -13.35 -48.78
CA LYS A 68 56.24 -14.75 -48.91
C LYS A 68 55.01 -15.62 -49.02
N PRO A 69 55.11 -16.77 -49.69
CA PRO A 69 53.96 -17.68 -49.78
C PRO A 69 53.55 -18.26 -48.44
N ASN A 70 54.47 -18.36 -47.48
CA ASN A 70 54.17 -18.83 -46.14
C ASN A 70 54.28 -17.67 -45.17
N ALA A 71 53.23 -17.51 -44.34
CA ALA A 71 53.19 -16.39 -43.40
C ALA A 71 54.13 -16.59 -42.21
N ILE A 72 54.57 -17.82 -41.95
CA ILE A 72 55.49 -18.06 -40.84
C ILE A 72 56.85 -17.46 -41.15
N GLN A 73 57.44 -17.84 -42.30
CA GLN A 73 58.71 -17.26 -42.70
C GLN A 73 58.58 -15.75 -42.93
N MET A 74 57.42 -15.30 -43.41
CA MET A 74 57.21 -13.87 -43.57
C MET A 74 57.17 -13.16 -42.23
N ALA A 75 56.54 -13.79 -41.22
CA ALA A 75 56.55 -13.22 -39.88
C ALA A 75 57.96 -13.19 -39.29
N LEU A 76 58.76 -14.22 -39.58
CA LEU A 76 60.15 -14.22 -39.13
C LEU A 76 60.94 -13.10 -39.78
N SER A 77 60.74 -12.89 -41.09
CA SER A 77 61.42 -11.80 -41.78
C SER A 77 60.97 -10.45 -41.24
N VAL A 78 59.70 -10.33 -40.86
CA VAL A 78 59.21 -9.09 -40.27
C VAL A 78 59.89 -8.85 -38.92
N CYS A 79 59.94 -9.88 -38.08
CA CYS A 79 60.57 -9.74 -36.76
C CYS A 79 62.07 -9.51 -36.86
N GLU A 80 62.69 -9.91 -37.98
CA GLU A 80 64.12 -9.78 -38.16
C GLU A 80 64.53 -8.59 -39.02
N ASP A 81 63.75 -8.25 -40.04
CA ASP A 81 64.12 -7.19 -40.98
C ASP A 81 63.19 -5.99 -40.94
N LEU A 82 61.87 -6.22 -40.86
CA LEU A 82 60.93 -5.10 -40.89
C LEU A 82 61.07 -4.23 -39.65
N ILE A 83 61.20 -4.85 -38.48
CA ILE A 83 61.37 -4.12 -37.23
C ILE A 83 62.84 -4.13 -36.77
N SER A 84 63.78 -4.27 -37.71
CA SER A 84 65.19 -4.15 -37.36
C SER A 84 65.49 -2.81 -36.70
N SER A 85 64.74 -1.77 -37.06
CA SER A 85 64.74 -0.50 -36.34
C SER A 85 63.55 -0.39 -35.40
N GLN A 86 62.36 -0.81 -35.87
CA GLN A 86 61.16 -0.98 -35.07
C GLN A 86 60.53 0.35 -34.64
N VAL A 87 61.20 1.46 -34.91
CA VAL A 87 60.65 2.77 -34.60
C VAL A 87 59.88 3.29 -35.81
N TYR A 88 58.61 2.87 -35.94
CA TYR A 88 57.80 3.21 -37.11
C TYR A 88 56.39 2.69 -36.89
N ALA A 89 55.54 2.90 -37.90
CA ALA A 89 54.20 2.34 -37.98
C ALA A 89 54.12 1.56 -39.28
N ILE A 90 54.24 0.24 -39.19
CA ILE A 90 54.36 -0.58 -40.40
C ILE A 90 53.07 -0.50 -41.22
N LEU A 91 53.24 -0.55 -42.54
CA LEU A 91 52.14 -0.57 -43.48
C LEU A 91 52.18 -1.86 -44.28
N VAL A 92 51.00 -2.43 -44.53
CA VAL A 92 50.88 -3.71 -45.21
C VAL A 92 49.84 -3.59 -46.31
N SER A 93 50.06 -4.33 -47.40
CA SER A 93 49.17 -4.34 -48.55
C SER A 93 48.60 -5.75 -48.75
N HIS A 94 47.75 -5.88 -49.78
CA HIS A 94 47.15 -7.18 -50.05
C HIS A 94 47.82 -7.87 -51.23
N PRO A 95 47.94 -9.19 -51.19
CA PRO A 95 48.48 -9.92 -52.33
C PRO A 95 47.40 -10.14 -53.38
N PRO A 96 47.78 -10.56 -54.60
CA PRO A 96 46.75 -10.84 -55.62
C PRO A 96 45.86 -12.03 -55.27
N THR A 97 46.21 -12.80 -54.23
CA THR A 97 45.36 -13.90 -53.81
C THR A 97 44.05 -13.37 -53.22
N PRO A 98 42.95 -14.11 -53.37
CA PRO A 98 41.65 -13.61 -52.85
C PRO A 98 41.48 -13.88 -51.36
N ASN A 99 42.56 -14.22 -50.66
CA ASN A 99 42.46 -14.46 -49.23
C ASN A 99 42.25 -13.16 -48.46
N ASP A 100 43.21 -12.24 -48.56
CA ASP A 100 43.18 -10.88 -47.99
C ASP A 100 43.11 -10.87 -46.47
N HIS A 101 43.19 -12.02 -45.79
CA HIS A 101 43.15 -12.08 -44.34
C HIS A 101 44.41 -12.70 -43.74
N PHE A 102 44.81 -13.87 -44.24
CA PHE A 102 45.96 -14.57 -43.69
C PHE A 102 47.27 -13.84 -43.98
N THR A 103 47.29 -13.01 -45.03
CA THR A 103 48.47 -12.22 -45.36
C THR A 103 48.56 -10.96 -44.50
N PRO A 104 47.48 -10.22 -44.25
CA PRO A 104 47.57 -9.06 -43.35
C PRO A 104 47.54 -9.37 -41.86
N THR A 105 47.09 -10.56 -41.44
CA THR A 105 47.00 -10.79 -40.00
C THR A 105 48.34 -10.98 -39.28
N PRO A 106 49.37 -11.61 -39.87
CA PRO A 106 50.58 -11.84 -39.07
C PRO A 106 51.39 -10.59 -38.81
N VAL A 107 51.45 -9.66 -39.76
CA VAL A 107 52.12 -8.38 -39.52
C VAL A 107 51.43 -7.63 -38.40
N SER A 108 50.09 -7.64 -38.43
CA SER A 108 49.32 -6.99 -37.37
C SER A 108 49.59 -7.62 -36.01
N TYR A 109 49.65 -8.95 -35.96
CA TYR A 109 49.93 -9.63 -34.70
C TYR A 109 51.33 -9.28 -34.18
N THR A 110 52.33 -9.36 -35.07
CA THR A 110 53.71 -9.12 -34.66
C THR A 110 53.91 -7.67 -34.23
N ALA A 111 53.17 -6.74 -34.84
CA ALA A 111 53.29 -5.34 -34.44
C ALA A 111 52.52 -5.04 -33.16
N GLY A 112 51.33 -5.63 -32.98
CA GLY A 112 50.58 -5.44 -31.75
C GLY A 112 51.19 -6.15 -30.57
N PHE A 113 52.09 -7.11 -30.79
CA PHE A 113 52.83 -7.69 -29.68
C PHE A 113 53.56 -6.61 -28.90
N TYR A 114 54.25 -5.72 -29.59
CA TYR A 114 54.92 -4.58 -28.98
C TYR A 114 54.06 -3.33 -28.98
N ARG A 115 52.76 -3.47 -29.27
CA ARG A 115 51.82 -2.34 -29.34
C ARG A 115 52.26 -1.31 -30.38
N ILE A 116 52.88 -1.79 -31.46
CA ILE A 116 53.31 -0.94 -32.56
C ILE A 116 52.14 -0.80 -33.53
N PRO A 117 51.75 0.42 -33.91
CA PRO A 117 50.60 0.59 -34.81
C PRO A 117 50.86 -0.04 -36.17
N VAL A 118 49.77 -0.37 -36.85
CA VAL A 118 49.81 -0.98 -38.17
C VAL A 118 48.98 -0.14 -39.13
N LEU A 119 49.50 0.04 -40.34
CA LEU A 119 48.80 0.73 -41.40
C LEU A 119 48.29 -0.26 -42.43
N GLY A 120 47.03 -0.14 -42.80
CA GLY A 120 46.43 -1.05 -43.76
C GLY A 120 45.99 -0.35 -45.03
N LEU A 121 46.56 -0.75 -46.17
CA LEU A 121 46.22 -0.11 -47.44
C LEU A 121 44.92 -0.68 -48.00
N THR A 122 44.91 -1.98 -48.30
CA THR A 122 43.73 -2.68 -48.79
C THR A 122 43.63 -4.01 -48.07
N THR A 123 42.62 -4.17 -47.23
CA THR A 123 42.44 -5.38 -46.46
C THR A 123 40.96 -5.69 -46.34
N ARG A 124 40.65 -6.95 -46.02
CA ARG A 124 39.29 -7.38 -45.69
C ARG A 124 39.02 -6.96 -44.25
N MET A 125 38.33 -5.82 -44.11
CA MET A 125 38.16 -5.19 -42.81
C MET A 125 36.98 -5.78 -42.06
N SER A 126 36.54 -6.98 -42.45
CA SER A 126 35.44 -7.66 -41.78
C SER A 126 35.81 -8.02 -40.35
N ILE A 127 36.96 -8.66 -40.16
CA ILE A 127 37.36 -9.11 -38.83
C ILE A 127 38.33 -8.14 -38.16
N TYR A 128 39.08 -7.36 -38.94
CA TYR A 128 40.12 -6.49 -38.41
C TYR A 128 39.59 -5.27 -37.66
N SER A 129 38.29 -5.14 -37.40
CA SER A 129 37.75 -4.02 -36.65
C SER A 129 37.57 -4.34 -35.17
N ASP A 130 38.25 -5.37 -34.67
CA ASP A 130 38.14 -5.78 -33.27
C ASP A 130 39.38 -5.27 -32.53
N LYS A 131 39.16 -4.46 -31.49
CA LYS A 131 40.26 -3.92 -30.71
C LYS A 131 40.87 -4.94 -29.76
N SER A 132 40.18 -6.04 -29.48
CA SER A 132 40.70 -7.06 -28.57
C SER A 132 41.58 -8.07 -29.31
N ILE A 133 41.14 -8.53 -30.49
CA ILE A 133 41.94 -9.45 -31.28
C ILE A 133 43.20 -8.74 -31.79
N HIS A 134 43.01 -7.62 -32.49
CA HIS A 134 44.10 -6.79 -32.97
C HIS A 134 44.18 -5.54 -32.11
N LEU A 135 45.31 -5.36 -31.43
CA LEU A 135 45.45 -4.25 -30.49
C LEU A 135 45.44 -2.91 -31.22
N SER A 136 46.37 -2.70 -32.14
CA SER A 136 46.47 -1.46 -32.90
C SER A 136 46.51 -1.80 -34.38
N PHE A 137 45.55 -1.26 -35.13
CA PHE A 137 45.47 -1.50 -36.57
C PHE A 137 44.74 -0.35 -37.22
N LEU A 138 45.35 0.27 -38.22
CA LEU A 138 44.77 1.40 -38.95
C LEU A 138 44.65 1.03 -40.41
N ARG A 139 43.44 1.16 -40.96
CA ARG A 139 43.17 0.81 -42.34
C ARG A 139 42.87 2.05 -43.17
N THR A 140 42.96 1.89 -44.49
CA THR A 140 42.63 2.94 -45.45
C THR A 140 41.27 2.74 -46.09
N VAL A 141 40.90 1.50 -46.38
CA VAL A 141 39.59 1.20 -46.95
C VAL A 141 38.61 0.91 -45.82
N PRO A 142 37.35 1.32 -45.94
CA PRO A 142 36.38 1.09 -44.87
C PRO A 142 35.77 -0.30 -44.98
N PRO A 143 35.29 -0.85 -43.88
CA PRO A 143 34.63 -2.16 -43.93
C PRO A 143 33.24 -2.05 -44.54
N TYR A 144 32.56 -3.20 -44.59
CA TYR A 144 31.21 -3.26 -45.13
C TYR A 144 30.16 -2.73 -44.16
N SER A 145 30.55 -2.43 -42.92
CA SER A 145 29.64 -1.74 -42.00
C SER A 145 29.24 -0.38 -42.55
N HIS A 146 30.22 0.37 -43.05
CA HIS A 146 29.91 1.63 -43.72
C HIS A 146 29.10 1.42 -44.99
N GLN A 147 29.25 0.28 -45.65
CA GLN A 147 28.41 0.00 -46.81
C GLN A 147 26.95 -0.23 -46.40
N SER A 148 26.75 -0.90 -45.27
CA SER A 148 25.39 -1.03 -44.74
C SER A 148 24.83 0.31 -44.31
N SER A 149 25.70 1.18 -43.79
CA SER A 149 25.27 2.54 -43.46
C SER A 149 24.85 3.30 -44.72
N VAL A 150 25.59 3.13 -45.81
CA VAL A 150 25.20 3.75 -47.08
C VAL A 150 23.89 3.16 -47.59
N TRP A 151 23.69 1.86 -47.39
CA TRP A 151 22.41 1.24 -47.74
C TRP A 151 21.26 1.89 -46.98
N PHE A 152 21.45 2.09 -45.67
CA PHE A 152 20.43 2.76 -44.87
C PHE A 152 20.20 4.20 -45.33
N GLU A 153 21.26 4.94 -45.65
CA GLU A 153 21.10 6.31 -46.13
C GLU A 153 20.34 6.35 -47.45
N MET A 154 20.61 5.39 -48.33
CA MET A 154 19.85 5.29 -49.58
C MET A 154 18.39 4.95 -49.31
N MET A 155 18.15 4.05 -48.35
CA MET A 155 16.78 3.71 -47.98
C MET A 155 16.03 4.92 -47.42
N ARG A 156 16.74 5.82 -46.75
CA ARG A 156 16.09 6.99 -46.16
C ARG A 156 15.58 7.95 -47.22
N VAL A 157 15.98 7.76 -48.49
CA VAL A 157 15.57 8.67 -49.54
C VAL A 157 14.32 8.18 -50.25
N TYR A 158 14.31 6.92 -50.64
CA TYR A 158 13.22 6.35 -51.44
C TYR A 158 12.02 5.93 -50.60
N ASN A 159 12.00 6.28 -49.30
CA ASN A 159 10.87 5.99 -48.41
C ASN A 159 10.55 4.50 -48.37
N TRP A 160 11.57 3.65 -48.44
CA TRP A 160 11.38 2.20 -48.34
C TRP A 160 11.38 1.81 -46.87
N ASN A 161 10.19 1.51 -46.34
CA ASN A 161 10.00 1.23 -44.93
C ASN A 161 9.92 -0.27 -44.63
N HIS A 162 10.21 -1.12 -45.62
CA HIS A 162 10.14 -2.56 -45.41
C HIS A 162 11.26 -3.22 -46.21
N ILE A 163 12.01 -4.12 -45.56
CA ILE A 163 13.12 -4.78 -46.30
C ILE A 163 13.47 -6.12 -45.71
N ILE A 164 13.81 -7.12 -46.51
CA ILE A 164 14.14 -8.44 -45.91
C ILE A 164 15.59 -8.73 -46.21
N LEU A 165 16.48 -8.49 -45.25
CA LEU A 165 17.89 -8.75 -45.49
C LEU A 165 18.22 -10.22 -45.24
N LEU A 166 19.39 -10.63 -45.70
CA LEU A 166 19.87 -12.00 -45.51
C LEU A 166 21.38 -12.00 -45.66
N VAL A 167 22.08 -12.54 -44.66
CA VAL A 167 23.53 -12.60 -44.66
C VAL A 167 23.97 -14.05 -44.77
N SER A 168 25.20 -14.25 -45.26
CA SER A 168 25.74 -15.59 -45.48
C SER A 168 26.93 -15.88 -44.59
N ASP A 169 27.96 -15.03 -44.60
CA ASP A 169 29.15 -15.31 -43.80
C ASP A 169 28.84 -15.22 -42.31
N ASP A 170 29.56 -16.01 -41.52
CA ASP A 170 29.38 -16.00 -40.08
C ASP A 170 29.74 -14.67 -39.48
N HIS A 171 31.06 -14.34 -39.47
CA HIS A 171 31.42 -13.04 -38.85
C HIS A 171 31.05 -11.82 -39.68
N GLU A 172 31.45 -11.79 -40.94
CA GLU A 172 31.09 -10.64 -41.75
C GLU A 172 29.58 -10.42 -41.76
N GLY A 173 28.83 -11.51 -41.92
CA GLY A 173 27.37 -11.39 -41.91
C GLY A 173 26.84 -10.95 -40.56
N ARG A 174 27.41 -11.48 -39.48
CA ARG A 174 26.98 -11.06 -38.14
C ARG A 174 27.28 -9.58 -37.92
N ALA A 175 28.45 -9.12 -38.37
CA ALA A 175 28.81 -7.71 -38.21
C ALA A 175 27.88 -6.81 -39.01
N ALA A 176 27.59 -7.19 -40.25
CA ALA A 176 26.68 -6.39 -41.08
C ALA A 176 25.28 -6.36 -40.47
N GLN A 177 24.81 -7.51 -39.97
CA GLN A 177 23.49 -7.57 -39.35
C GLN A 177 23.44 -6.70 -38.10
N LYS A 178 24.48 -6.76 -37.28
CA LYS A 178 24.52 -5.95 -36.06
C LYS A 178 24.55 -4.46 -36.40
N ARG A 179 25.32 -4.08 -37.43
CA ARG A 179 25.37 -2.68 -37.83
C ARG A 179 24.01 -2.20 -38.33
N LEU A 180 23.37 -2.97 -39.21
CA LEU A 180 22.05 -2.57 -39.70
C LEU A 180 21.03 -2.53 -38.57
N GLU A 181 21.12 -3.45 -37.61
CA GLU A 181 20.16 -3.47 -36.52
C GLU A 181 20.35 -2.29 -35.58
N THR A 182 21.60 -1.93 -35.28
CA THR A 182 21.84 -0.79 -34.40
C THR A 182 21.60 0.53 -35.12
N LEU A 183 21.61 0.52 -36.46
CA LEU A 183 21.23 1.73 -37.20
C LEU A 183 19.72 1.89 -37.26
N LEU A 184 19.00 0.78 -37.48
CA LEU A 184 17.55 0.88 -37.59
C LEU A 184 16.87 1.02 -36.24
N GLU A 185 17.48 0.49 -35.17
CA GLU A 185 16.84 0.53 -33.86
C GLU A 185 17.08 1.86 -33.16
N GLU A 186 18.30 2.40 -33.25
CA GLU A 186 18.59 3.68 -32.61
C GLU A 186 17.81 4.81 -33.26
N ARG A 187 17.57 4.72 -34.57
CA ARG A 187 16.79 5.74 -35.25
C ARG A 187 15.31 5.59 -34.98
N GLU A 188 14.84 4.36 -34.71
CA GLU A 188 13.43 4.15 -34.43
C GLU A 188 13.04 4.68 -33.05
N SER A 189 13.98 4.67 -32.11
CA SER A 189 13.68 5.17 -30.77
C SER A 189 13.49 6.68 -30.78
N LYS A 190 14.32 7.41 -31.54
CA LYS A 190 14.22 8.85 -31.62
C LYS A 190 14.55 9.36 -33.02
N LYS A 207 6.06 9.04 -39.03
CA LYS A 207 5.81 7.81 -39.75
C LYS A 207 6.06 6.59 -38.84
N ARG A 208 6.04 5.40 -39.45
CA ARG A 208 6.27 4.18 -38.69
C ARG A 208 7.76 3.86 -38.55
N GLY A 209 8.54 4.04 -39.60
CA GLY A 209 9.96 3.77 -39.57
C GLY A 209 10.27 2.31 -39.85
N PRO A 210 11.33 2.13 -40.68
CA PRO A 210 11.63 0.86 -41.28
C PRO A 210 11.70 -0.25 -40.23
N LYS A 211 11.17 -1.40 -40.60
CA LYS A 211 11.20 -2.59 -39.74
C LYS A 211 11.98 -3.61 -40.56
N ALA A 212 12.97 -4.28 -40.02
CA ALA A 212 13.61 -5.29 -40.87
C ALA A 212 12.67 -6.47 -40.71
N GLU A 213 11.89 -6.80 -41.71
CA GLU A 213 10.80 -7.77 -41.47
C GLU A 213 11.29 -9.11 -41.01
N LYS A 214 12.29 -9.62 -41.65
CA LYS A 214 12.80 -10.96 -41.37
C LYS A 214 14.30 -10.98 -41.66
N VAL A 215 15.09 -11.41 -40.69
CA VAL A 215 16.54 -11.53 -40.87
C VAL A 215 16.86 -13.00 -41.11
N LEU A 216 17.36 -13.31 -42.31
CA LEU A 216 17.68 -14.68 -42.68
C LEU A 216 19.17 -14.90 -42.69
N GLN A 217 19.58 -16.14 -42.37
CA GLN A 217 20.98 -16.54 -42.37
C GLN A 217 21.09 -17.95 -42.93
N PHE A 218 22.16 -18.21 -43.67
CA PHE A 218 22.40 -19.52 -44.24
C PHE A 218 23.91 -19.79 -44.31
N ASP A 219 24.25 -21.04 -44.56
CA ASP A 219 25.64 -21.46 -44.59
C ASP A 219 26.30 -20.93 -45.87
N PRO A 220 27.50 -20.34 -45.78
CA PRO A 220 28.17 -19.85 -47.01
C PRO A 220 28.73 -20.97 -47.86
N GLY A 221 28.57 -22.22 -47.42
CA GLY A 221 29.09 -23.35 -48.16
C GLY A 221 28.01 -24.21 -48.78
N THR A 222 26.77 -24.04 -48.34
CA THR A 222 25.67 -24.83 -48.87
C THR A 222 25.15 -24.21 -50.16
N LYS A 223 24.31 -24.99 -50.87
CA LYS A 223 23.74 -24.55 -52.13
C LYS A 223 22.21 -24.63 -52.15
N ASN A 224 21.58 -25.26 -51.16
CA ASN A 224 20.13 -25.40 -51.13
C ASN A 224 19.55 -24.27 -50.29
N VAL A 225 19.07 -23.22 -50.96
CA VAL A 225 18.46 -22.08 -50.29
C VAL A 225 17.03 -21.82 -50.75
N THR A 226 16.44 -22.73 -51.53
CA THR A 226 15.08 -22.51 -52.05
C THR A 226 14.07 -22.39 -50.92
N ALA A 227 14.30 -23.09 -49.80
CA ALA A 227 13.39 -22.98 -48.65
C ALA A 227 13.37 -21.56 -48.11
N LEU A 228 14.55 -20.98 -47.87
CA LEU A 228 14.62 -19.61 -47.38
C LEU A 228 14.10 -18.62 -48.42
N LEU A 229 14.33 -18.90 -49.71
CA LEU A 229 13.82 -18.03 -50.75
C LEU A 229 12.29 -18.01 -50.75
N MET A 230 11.67 -19.18 -50.63
CA MET A 230 10.21 -19.24 -50.59
C MET A 230 9.67 -18.62 -49.30
N GLU A 231 10.38 -18.79 -48.19
CA GLU A 231 9.97 -18.16 -46.95
C GLU A 231 10.01 -16.64 -47.05
N ALA A 232 11.03 -16.10 -47.72
CA ALA A 232 11.09 -14.65 -47.94
C ALA A 232 10.00 -14.21 -48.92
N ARG A 233 9.71 -15.04 -49.92
CA ARG A 233 8.66 -14.70 -50.88
C ARG A 233 7.29 -14.66 -50.21
N GLU A 234 7.07 -15.53 -49.22
CA GLU A 234 5.79 -15.58 -48.51
C GLU A 234 5.54 -14.36 -47.63
N LEU A 235 6.48 -13.41 -47.59
CA LEU A 235 6.36 -12.22 -46.76
C LEU A 235 5.78 -11.07 -47.59
N GLU A 236 5.77 -9.87 -47.01
CA GLU A 236 5.20 -8.69 -47.65
C GLU A 236 6.26 -7.80 -48.30
N ALA A 237 7.40 -7.61 -47.65
CA ALA A 237 8.42 -6.72 -48.17
C ALA A 237 8.97 -7.23 -49.49
N ARG A 238 9.38 -6.31 -50.35
CA ARG A 238 9.92 -6.63 -51.67
C ARG A 238 11.24 -5.93 -51.95
N VAL A 239 11.97 -5.55 -50.92
CA VAL A 239 13.23 -4.76 -51.01
C VAL A 239 14.30 -5.55 -50.30
N ILE A 240 14.73 -6.62 -50.97
CA ILE A 240 15.66 -7.62 -50.42
C ILE A 240 17.06 -7.07 -50.52
N ILE A 241 17.75 -6.87 -49.44
CA ILE A 241 19.12 -6.30 -49.38
C ILE A 241 20.02 -7.49 -49.15
N LEU A 242 21.07 -7.82 -49.88
CA LEU A 242 21.81 -9.05 -49.49
C LEU A 242 23.27 -8.77 -49.14
N SER A 243 24.02 -9.67 -48.48
CA SER A 243 25.46 -9.45 -48.16
C SER A 243 26.20 -10.77 -48.03
N ALA A 244 26.35 -11.49 -49.12
CA ALA A 244 26.98 -12.79 -49.27
C ALA A 244 28.31 -12.67 -50.02
N SER A 245 28.99 -13.80 -50.15
CA SER A 245 30.24 -13.87 -50.89
C SER A 245 29.96 -14.02 -52.37
N GLU A 246 31.03 -14.22 -53.16
CA GLU A 246 30.87 -14.31 -54.61
C GLU A 246 30.09 -15.55 -55.02
N ASP A 247 30.57 -16.72 -54.59
CA ASP A 247 29.87 -17.97 -54.92
C ASP A 247 28.48 -18.00 -54.31
N ASP A 248 28.33 -17.49 -53.09
CA ASP A 248 27.02 -17.42 -52.46
C ASP A 248 26.10 -16.47 -53.22
N ALA A 249 26.66 -15.37 -53.73
CA ALA A 249 25.86 -14.45 -54.54
C ALA A 249 25.40 -15.11 -55.83
N ALA A 250 26.28 -15.86 -56.48
CA ALA A 250 25.89 -16.57 -57.70
C ALA A 250 24.80 -17.60 -57.39
N THR A 251 24.95 -18.32 -56.27
CA THR A 251 23.96 -19.32 -55.90
C THR A 251 22.59 -18.68 -55.62
N VAL A 252 22.57 -17.58 -54.86
CA VAL A 252 21.30 -16.94 -54.54
C VAL A 252 20.70 -16.28 -55.77
N TYR A 253 21.55 -15.83 -56.71
CA TYR A 253 21.03 -15.30 -57.96
C TYR A 253 20.38 -16.40 -58.80
N ARG A 254 21.01 -17.57 -58.87
CA ARG A 254 20.41 -18.69 -59.57
C ARG A 254 19.10 -19.11 -58.92
N ALA A 255 19.06 -19.10 -57.58
CA ALA A 255 17.85 -19.48 -56.87
C ALA A 255 16.73 -18.48 -57.11
N ALA A 256 17.07 -17.19 -57.16
CA ALA A 256 16.06 -16.16 -57.41
C ALA A 256 15.57 -16.22 -58.86
N ALA A 257 16.47 -16.55 -59.79
CA ALA A 257 16.05 -16.71 -61.18
C ALA A 257 15.18 -17.95 -61.36
N MET A 258 15.41 -18.99 -60.56
CA MET A 258 14.53 -20.16 -60.61
C MET A 258 13.15 -19.83 -60.06
N LEU A 259 13.09 -19.01 -59.01
CA LEU A 259 11.82 -18.59 -58.42
C LEU A 259 11.26 -17.33 -59.06
N ASP A 260 12.01 -16.72 -59.98
CA ASP A 260 11.58 -15.54 -60.72
C ASP A 260 11.27 -14.37 -59.78
N MET A 261 12.29 -13.95 -59.05
CA MET A 261 12.20 -12.76 -58.18
C MET A 261 12.66 -11.52 -58.91
N THR A 262 12.10 -11.28 -60.10
CA THR A 262 12.44 -10.10 -60.89
C THR A 262 11.23 -9.46 -61.56
N GLY A 263 10.01 -9.81 -61.16
CA GLY A 263 8.82 -9.30 -61.82
C GLY A 263 8.50 -7.85 -61.48
N SER A 264 9.46 -6.96 -61.71
CA SER A 264 9.32 -5.51 -61.54
C SER A 264 8.91 -5.09 -60.13
N GLY A 265 9.00 -5.99 -59.15
CA GLY A 265 8.62 -5.64 -57.80
C GLY A 265 9.72 -5.88 -56.77
N TYR A 266 10.69 -6.72 -57.12
CA TYR A 266 11.76 -7.12 -56.20
C TYR A 266 12.94 -6.17 -56.39
N VAL A 267 13.07 -5.21 -55.47
CA VAL A 267 14.21 -4.30 -55.51
C VAL A 267 15.42 -4.97 -54.87
N TRP A 268 16.57 -4.84 -55.51
CA TRP A 268 17.80 -5.48 -55.06
C TRP A 268 18.81 -4.43 -54.59
N LEU A 269 19.43 -4.71 -53.45
CA LEU A 269 20.54 -3.91 -52.94
C LEU A 269 21.67 -4.85 -52.57
N VAL A 270 22.78 -4.77 -53.31
CA VAL A 270 23.87 -5.72 -53.20
C VAL A 270 25.16 -4.97 -52.85
N GLY A 271 26.12 -5.72 -52.29
CA GLY A 271 27.39 -5.16 -51.89
C GLY A 271 28.45 -5.22 -52.97
N GLU A 272 29.64 -4.70 -52.64
CA GLU A 272 30.75 -4.68 -53.58
C GLU A 272 31.37 -6.06 -53.77
N ARG A 273 31.32 -6.92 -52.75
CA ARG A 273 31.89 -8.25 -52.84
C ARG A 273 31.08 -9.20 -53.72
N GLU A 274 29.92 -8.76 -54.21
CA GLU A 274 29.07 -9.59 -55.04
C GLU A 274 28.91 -9.07 -56.46
N ILE A 275 29.44 -7.89 -56.78
CA ILE A 275 29.37 -7.36 -58.14
C ILE A 275 30.54 -7.79 -59.01
N SER A 276 31.38 -8.71 -58.52
CA SER A 276 32.51 -9.19 -59.29
C SER A 276 32.03 -10.01 -60.49
N GLY A 277 32.95 -10.24 -61.44
CA GLY A 277 32.59 -10.95 -62.65
C GLY A 277 32.09 -12.35 -62.40
N ASN A 278 32.67 -13.04 -61.42
CA ASN A 278 32.24 -14.41 -61.10
C ASN A 278 30.77 -14.46 -60.73
N ALA A 279 30.25 -13.39 -60.13
CA ALA A 279 28.83 -13.28 -59.83
C ALA A 279 28.05 -12.41 -60.81
N LEU A 280 28.74 -11.48 -61.50
CA LEU A 280 28.07 -10.66 -62.50
C LEU A 280 27.71 -11.48 -63.73
N ARG A 281 28.40 -12.61 -63.95
CA ARG A 281 28.07 -13.46 -65.09
C ARG A 281 26.65 -14.02 -64.96
N TYR A 282 26.21 -14.27 -63.73
CA TYR A 282 24.87 -14.79 -63.46
C TYR A 282 24.03 -13.80 -62.66
N ALA A 283 24.35 -12.52 -62.69
CA ALA A 283 23.60 -11.54 -61.92
C ALA A 283 22.38 -11.06 -62.70
N PRO A 284 21.25 -10.87 -62.02
CA PRO A 284 20.05 -10.36 -62.70
C PRO A 284 20.12 -8.86 -62.94
N ASP A 285 19.27 -8.32 -63.81
CA ASP A 285 19.27 -6.85 -63.97
C ASP A 285 18.74 -6.20 -62.68
N GLY A 286 18.79 -4.88 -62.62
CA GLY A 286 18.22 -4.11 -61.50
C GLY A 286 19.04 -4.26 -60.23
N ILE A 287 20.09 -5.08 -60.28
CA ILE A 287 20.83 -5.37 -59.03
C ILE A 287 21.68 -4.17 -58.65
N ILE A 288 21.09 -3.13 -58.05
CA ILE A 288 21.86 -1.95 -57.62
C ILE A 288 23.00 -2.42 -56.73
N GLY A 289 24.19 -1.97 -57.06
CA GLY A 289 25.37 -2.32 -56.31
C GLY A 289 26.21 -1.08 -56.02
N LEU A 290 27.20 -1.28 -55.15
CA LEU A 290 28.10 -0.22 -54.74
C LEU A 290 29.54 -0.63 -54.99
N GLN A 291 30.40 0.37 -55.21
CA GLN A 291 31.81 0.13 -55.45
C GLN A 291 32.60 1.32 -54.94
N LEU A 292 33.70 1.04 -54.23
CA LEU A 292 34.53 2.08 -53.65
C LEU A 292 35.57 2.55 -54.66
N ILE A 293 35.80 3.86 -54.67
CA ILE A 293 36.78 4.44 -55.58
C ILE A 293 38.19 4.14 -55.08
N ASN A 294 39.13 4.00 -56.02
CA ASN A 294 40.53 3.70 -55.73
C ASN A 294 40.65 2.42 -54.89
N GLY A 295 40.12 1.34 -55.45
CA GLY A 295 40.17 0.05 -54.79
C GLY A 295 41.44 -0.73 -55.06
N LYS A 296 42.05 -0.46 -56.21
CA LYS A 296 43.29 -1.14 -56.60
C LYS A 296 44.46 -0.18 -56.77
N ASN A 297 44.26 1.12 -56.54
CA ASN A 297 45.32 2.11 -56.65
C ASN A 297 46.19 2.03 -55.40
N GLU A 298 47.21 1.18 -55.45
CA GLU A 298 48.07 0.99 -54.29
C GLU A 298 48.98 2.19 -54.07
N SER A 299 49.44 2.83 -55.15
CA SER A 299 50.36 3.95 -55.01
C SER A 299 49.71 5.13 -54.30
N ALA A 300 48.46 5.42 -54.63
CA ALA A 300 47.76 6.53 -53.97
C ALA A 300 47.56 6.24 -52.49
N HIS A 301 47.21 4.99 -52.15
CA HIS A 301 47.05 4.62 -50.75
C HIS A 301 48.37 4.73 -50.01
N ILE A 302 49.47 4.33 -50.66
CA ILE A 302 50.79 4.43 -50.03
C ILE A 302 51.16 5.90 -49.79
N SER A 303 50.85 6.76 -50.77
CA SER A 303 51.13 8.18 -50.61
C SER A 303 50.33 8.78 -49.46
N ASP A 304 49.04 8.45 -49.39
CA ASP A 304 48.21 8.95 -48.30
C ASP A 304 48.72 8.43 -46.95
N ALA A 305 49.14 7.17 -46.90
CA ALA A 305 49.62 6.59 -45.65
C ALA A 305 50.91 7.26 -45.19
N VAL A 306 51.86 7.46 -46.11
CA VAL A 306 53.12 8.09 -45.71
C VAL A 306 52.87 9.55 -45.33
N GLY A 307 51.93 10.23 -45.99
CA GLY A 307 51.61 11.59 -45.60
C GLY A 307 51.03 11.68 -44.21
N VAL A 308 50.05 10.82 -43.91
CA VAL A 308 49.42 10.89 -42.59
C VAL A 308 50.39 10.43 -41.51
N VAL A 309 51.29 9.49 -41.83
CA VAL A 309 52.24 9.05 -40.81
C VAL A 309 53.32 10.11 -40.59
N ALA A 310 53.68 10.87 -41.63
CA ALA A 310 54.60 11.99 -41.43
C ALA A 310 53.96 13.08 -40.58
N GLN A 311 52.68 13.36 -40.85
CA GLN A 311 51.95 14.33 -40.01
C GLN A 311 51.88 13.85 -38.57
N ALA A 312 51.63 12.56 -38.35
CA ALA A 312 51.56 12.02 -37.00
C ALA A 312 52.91 12.09 -36.30
N VAL A 313 54.00 11.81 -37.03
CA VAL A 313 55.34 11.93 -36.45
C VAL A 313 55.63 13.36 -36.06
N HIS A 314 55.33 14.31 -36.95
CA HIS A 314 55.55 15.72 -36.65
C HIS A 314 54.70 16.20 -35.49
N GLU A 315 53.52 15.62 -35.29
CA GLU A 315 52.67 16.04 -34.19
C GLU A 315 53.12 15.41 -32.88
N LEU A 316 53.59 14.17 -32.91
CA LEU A 316 53.98 13.45 -31.70
C LEU A 316 55.39 13.78 -31.23
N LEU A 317 56.25 14.29 -32.12
CA LEU A 317 57.63 14.59 -31.74
C LEU A 317 57.71 15.69 -30.69
N GLU A 318 56.61 16.39 -30.46
CA GLU A 318 56.53 17.41 -29.43
C GLU A 318 56.11 16.86 -28.07
N LYS A 319 56.09 15.54 -27.90
CA LYS A 319 55.71 14.93 -26.64
C LYS A 319 56.87 14.99 -25.66
N GLU A 320 56.72 14.33 -24.51
CA GLU A 320 57.74 14.35 -23.47
C GLU A 320 58.59 13.08 -23.47
N ASN A 321 57.95 11.93 -23.38
CA ASN A 321 58.64 10.64 -23.30
C ASN A 321 58.54 9.91 -24.63
N ILE A 322 59.65 9.31 -25.05
CA ILE A 322 59.72 8.52 -26.28
C ILE A 322 60.45 7.23 -25.94
N THR A 323 59.71 6.12 -25.89
CA THR A 323 60.29 4.81 -25.60
C THR A 323 60.59 4.13 -26.94
N ASP A 324 61.78 4.38 -27.45
CA ASP A 324 62.18 3.84 -28.75
C ASP A 324 62.20 2.31 -28.71
N PRO A 325 61.48 1.64 -29.60
CA PRO A 325 61.53 0.17 -29.64
C PRO A 325 62.93 -0.33 -29.92
N PRO A 326 63.27 -1.54 -29.50
CA PRO A 326 64.64 -2.01 -29.64
C PRO A 326 64.98 -2.35 -31.08
N ARG A 327 66.30 -2.38 -31.35
CA ARG A 327 66.81 -2.76 -32.66
C ARG A 327 66.94 -4.28 -32.76
N GLY A 328 65.78 -4.94 -32.68
CA GLY A 328 65.73 -6.38 -32.69
C GLY A 328 64.60 -6.90 -31.82
N CYS A 329 63.83 -7.87 -32.33
CA CYS A 329 62.65 -8.35 -31.62
C CYS A 329 62.93 -9.54 -30.72
N VAL A 330 64.10 -10.15 -30.81
CA VAL A 330 64.41 -11.31 -29.99
C VAL A 330 64.94 -10.85 -28.63
N GLY A 331 64.38 -11.42 -27.56
CA GLY A 331 64.83 -11.15 -26.22
C GLY A 331 64.27 -9.90 -25.56
N ASN A 332 63.54 -9.07 -26.30
CA ASN A 332 62.99 -7.82 -25.75
C ASN A 332 61.53 -8.05 -25.39
N THR A 333 61.31 -8.44 -24.14
CA THR A 333 59.96 -8.70 -23.63
C THR A 333 59.52 -7.48 -22.81
N ASN A 334 59.02 -6.47 -23.51
CA ASN A 334 58.55 -5.25 -22.87
C ASN A 334 57.53 -4.59 -23.78
N ILE A 335 56.75 -3.69 -23.19
CA ILE A 335 55.71 -2.95 -23.90
C ILE A 335 56.22 -1.55 -24.16
N TRP A 336 56.15 -1.11 -25.41
CA TRP A 336 56.58 0.24 -25.79
C TRP A 336 55.50 1.23 -25.36
N LYS A 337 55.86 2.14 -24.45
CA LYS A 337 54.91 3.12 -23.94
C LYS A 337 54.52 4.13 -25.00
N THR A 338 55.34 4.25 -26.05
CA THR A 338 55.05 5.21 -27.11
C THR A 338 53.95 4.72 -28.04
N GLY A 339 53.72 3.41 -28.09
CA GLY A 339 52.77 2.82 -29.01
C GLY A 339 51.33 3.26 -28.80
N PRO A 340 50.77 2.94 -27.62
CA PRO A 340 49.37 3.33 -27.36
C PRO A 340 49.14 4.84 -27.39
N LEU A 341 50.05 5.62 -26.79
CA LEU A 341 49.89 7.07 -26.79
C LEU A 341 49.99 7.63 -28.19
N PHE A 342 50.91 7.09 -29.00
CA PHE A 342 51.04 7.55 -30.39
C PHE A 342 49.78 7.21 -31.19
N LYS A 343 49.23 6.02 -30.99
CA LYS A 343 47.99 5.68 -31.69
C LYS A 343 46.84 6.57 -31.25
N ARG A 344 46.79 6.89 -29.95
CA ARG A 344 45.71 7.74 -29.45
C ARG A 344 45.81 9.16 -30.00
N VAL A 345 47.03 9.73 -30.04
CA VAL A 345 47.19 11.06 -30.59
C VAL A 345 47.10 11.08 -32.10
N LEU A 346 47.26 9.92 -32.75
CA LEU A 346 47.07 9.85 -34.20
C LEU A 346 45.58 9.82 -34.53
N MET A 347 44.82 8.96 -33.87
CA MET A 347 43.40 8.81 -34.17
C MET A 347 42.53 9.92 -33.59
N SER A 348 43.06 10.73 -32.68
CA SER A 348 42.27 11.77 -32.03
C SER A 348 41.79 12.83 -33.01
N SER A 349 42.71 13.61 -33.57
CA SER A 349 42.33 14.68 -34.48
C SER A 349 43.22 14.81 -35.71
N LYS A 350 44.38 14.14 -35.77
CA LYS A 350 45.31 14.35 -36.86
C LYS A 350 44.73 13.84 -38.18
N TYR A 351 45.01 14.58 -39.25
CA TYR A 351 44.55 14.22 -40.58
C TYR A 351 45.40 14.97 -41.60
N ALA A 352 45.67 14.31 -42.73
CA ALA A 352 46.46 14.88 -43.81
C ALA A 352 45.72 14.66 -45.13
N ASP A 353 45.32 15.75 -45.78
CA ASP A 353 44.63 15.66 -47.05
C ASP A 353 45.55 15.07 -48.12
N GLY A 354 45.03 14.12 -48.89
CA GLY A 354 45.81 13.45 -49.91
C GLY A 354 44.97 13.15 -51.13
N VAL A 355 45.04 11.90 -51.61
CA VAL A 355 44.33 11.53 -52.82
C VAL A 355 42.83 11.37 -52.55
N THR A 356 42.46 11.07 -51.31
CA THR A 356 41.06 10.83 -50.95
C THR A 356 40.45 12.01 -50.20
N GLY A 357 41.08 13.18 -50.25
CA GLY A 357 40.51 14.35 -49.60
C GLY A 357 40.60 14.24 -48.09
N ARG A 358 39.54 14.70 -47.42
CA ARG A 358 39.49 14.66 -45.96
C ARG A 358 39.40 13.21 -45.50
N VAL A 359 40.32 12.81 -44.61
CA VAL A 359 40.38 11.45 -44.10
C VAL A 359 40.26 11.52 -42.58
N GLU A 360 39.09 11.17 -42.05
CA GLU A 360 38.85 11.11 -40.62
C GLU A 360 38.74 9.65 -40.19
N PHE A 361 39.31 9.35 -39.03
CA PHE A 361 39.29 8.01 -38.47
C PHE A 361 38.26 7.92 -37.36
N ASN A 362 37.35 6.96 -37.48
CA ASN A 362 36.40 6.68 -36.41
C ASN A 362 37.13 5.98 -35.26
N GLU A 363 36.38 5.68 -34.20
CA GLU A 363 36.97 5.02 -33.04
C GLU A 363 37.07 3.50 -33.20
N ASP A 364 37.61 3.04 -34.34
CA ASP A 364 37.89 1.63 -34.54
C ASP A 364 39.18 1.40 -35.32
N GLY A 365 39.87 2.43 -35.76
CA GLY A 365 41.00 2.27 -36.65
C GLY A 365 40.59 2.18 -38.10
N ASP A 366 39.44 2.78 -38.44
CA ASP A 366 38.88 2.72 -39.78
C ASP A 366 38.77 4.12 -40.37
N ARG A 367 39.16 4.25 -41.63
CA ARG A 367 39.03 5.52 -42.34
C ARG A 367 37.57 5.76 -42.70
N LYS A 368 37.04 6.91 -42.32
CA LYS A 368 35.63 7.25 -42.57
C LYS A 368 35.52 8.24 -43.73
N PHE A 369 34.28 8.49 -44.13
CA PHE A 369 33.96 9.44 -45.21
C PHE A 369 34.62 9.01 -46.52
N ALA A 370 34.32 7.77 -46.92
CA ALA A 370 34.85 7.22 -48.15
C ALA A 370 33.95 7.58 -49.33
N GLN A 371 34.32 7.10 -50.52
CA GLN A 371 33.58 7.37 -51.75
C GLN A 371 32.99 6.07 -52.27
N TYR A 372 31.66 6.06 -52.45
CA TYR A 372 30.94 4.90 -52.97
C TYR A 372 30.25 5.28 -54.26
N SER A 373 30.45 4.45 -55.29
CA SER A 373 29.84 4.68 -56.60
C SER A 373 28.58 3.82 -56.70
N ILE A 374 27.43 4.46 -56.87
CA ILE A 374 26.16 3.76 -57.00
C ILE A 374 26.05 3.18 -58.41
N MET A 375 26.30 1.89 -58.54
CA MET A 375 26.30 1.24 -59.84
C MET A 375 25.00 0.46 -60.03
N ASN A 376 24.44 0.54 -61.24
CA ASN A 376 23.26 -0.20 -61.62
C ASN A 376 23.54 -1.03 -62.86
N LEU A 377 22.94 -2.22 -62.93
CA LEU A 377 23.16 -3.14 -64.05
C LEU A 377 22.21 -2.76 -65.18
N GLN A 378 22.60 -1.72 -65.92
CA GLN A 378 21.81 -1.24 -67.06
C GLN A 378 22.13 -2.12 -68.26
N ASN A 379 21.50 -3.31 -68.27
CA ASN A 379 21.67 -4.31 -69.32
C ASN A 379 23.15 -4.69 -69.46
N ARG A 380 23.67 -5.25 -68.37
CA ARG A 380 25.05 -5.71 -68.27
C ARG A 380 26.07 -4.58 -68.50
N LYS A 381 25.70 -3.35 -68.16
CA LYS A 381 26.58 -2.19 -68.30
C LYS A 381 26.66 -1.49 -66.96
N LEU A 382 27.87 -1.45 -66.39
CA LEU A 382 28.11 -0.82 -65.09
C LEU A 382 28.14 0.70 -65.26
N VAL A 383 26.95 1.29 -65.25
CA VAL A 383 26.78 2.74 -65.37
C VAL A 383 26.69 3.33 -63.98
N GLN A 384 27.32 4.49 -63.79
CA GLN A 384 27.34 5.17 -62.49
C GLN A 384 26.11 6.06 -62.37
N VAL A 385 25.15 5.64 -61.55
CA VAL A 385 23.96 6.45 -61.29
C VAL A 385 24.32 7.68 -60.47
N GLY A 386 25.44 7.67 -59.77
CA GLY A 386 25.86 8.82 -59.00
C GLY A 386 27.09 8.51 -58.18
N ILE A 387 27.32 9.32 -57.15
CA ILE A 387 28.46 9.19 -56.25
C ILE A 387 27.98 9.44 -54.82
N TYR A 388 28.73 8.91 -53.86
CA TYR A 388 28.43 9.06 -52.45
C TYR A 388 29.64 9.64 -51.74
N ASN A 389 29.40 10.57 -50.83
CA ASN A 389 30.48 11.21 -50.08
C ASN A 389 29.92 11.72 -48.76
N GLY A 390 30.57 11.34 -47.66
CA GLY A 390 30.13 11.75 -46.34
C GLY A 390 28.80 11.15 -45.94
N THR A 391 27.77 11.99 -45.85
CA THR A 391 26.45 11.56 -45.44
C THR A 391 25.37 11.84 -46.48
N HIS A 392 25.68 12.59 -47.54
CA HIS A 392 24.71 12.94 -48.55
C HIS A 392 24.89 12.06 -49.78
N VAL A 393 23.77 11.64 -50.36
CA VAL A 393 23.77 10.85 -51.59
C VAL A 393 23.55 11.79 -52.78
N ILE A 394 24.34 11.60 -53.83
CA ILE A 394 24.31 12.47 -55.00
C ILE A 394 24.01 11.61 -56.23
N PRO A 395 22.85 11.74 -56.86
CA PRO A 395 22.59 11.03 -58.12
C PRO A 395 22.97 11.86 -59.33
N ASN A 396 23.52 11.18 -60.33
CA ASN A 396 23.96 11.85 -61.55
C ASN A 396 22.81 12.20 -62.49
N ASP A 397 21.56 11.93 -62.09
CA ASP A 397 20.37 12.24 -62.88
C ASP A 397 20.38 11.56 -64.25
N ARG A 398 21.07 10.42 -64.36
CA ARG A 398 21.14 9.68 -65.61
C ARG A 398 19.93 8.76 -65.72
N LYS A 399 19.91 7.93 -66.76
CA LYS A 399 18.82 6.98 -66.97
C LYS A 399 18.93 5.85 -65.96
N ILE A 400 18.14 5.92 -64.90
CA ILE A 400 18.12 4.91 -63.84
C ILE A 400 16.86 4.07 -63.99
N ILE A 401 17.03 2.74 -63.97
CA ILE A 401 15.91 1.83 -64.11
C ILE A 401 15.85 0.90 -62.90
N TRP A 402 14.89 -0.01 -62.91
CA TRP A 402 14.70 -1.00 -61.86
C TRP A 402 14.52 -2.36 -62.51
N PRO A 403 14.81 -3.44 -61.80
CA PRO A 403 14.67 -4.78 -62.40
C PRO A 403 13.24 -5.04 -62.84
N GLY A 404 13.10 -5.83 -63.90
CA GLY A 404 11.81 -6.13 -64.47
C GLY A 404 11.35 -5.19 -65.57
N GLY A 405 12.20 -4.25 -65.99
CA GLY A 405 11.84 -3.32 -67.04
C GLY A 405 11.03 -2.13 -66.60
N GLU A 406 10.63 -2.05 -65.33
CA GLU A 406 9.85 -0.93 -64.84
C GLU A 406 10.71 0.32 -64.76
N THR A 407 10.25 1.40 -65.39
CA THR A 407 10.96 2.67 -65.38
C THR A 407 10.56 3.58 -64.22
N GLU A 408 9.65 3.13 -63.37
CA GLU A 408 9.20 3.90 -62.22
C GLU A 408 9.72 3.28 -60.93
N LYS A 409 9.68 4.06 -59.86
CA LYS A 409 10.16 3.59 -58.56
C LYS A 409 9.16 2.60 -57.97
N PRO A 410 9.56 1.35 -57.76
CA PRO A 410 8.63 0.36 -57.22
C PRO A 410 8.28 0.68 -55.77
N ARG A 411 7.08 0.25 -55.37
CA ARG A 411 6.64 0.45 -54.00
C ARG A 411 7.45 -0.42 -53.04
N GLY A 412 7.36 -0.10 -51.75
CA GLY A 412 8.09 -0.86 -50.76
C GLY A 412 7.55 -2.25 -50.58
N TYR A 413 6.23 -2.40 -50.62
CA TYR A 413 5.60 -3.70 -50.43
C TYR A 413 4.18 -3.65 -50.98
N GLN A 414 3.54 -4.82 -51.04
CA GLN A 414 2.13 -4.95 -51.39
C GLN A 414 1.47 -5.79 -50.31
N MET A 415 0.56 -5.16 -49.56
CA MET A 415 -0.09 -5.85 -48.44
C MET A 415 -1.00 -6.97 -48.96
N SER A 416 -0.87 -8.14 -48.36
CA SER A 416 -1.67 -9.29 -48.79
C SER A 416 -3.08 -9.19 -48.24
N THR A 417 -4.03 -9.77 -48.98
CA THR A 417 -5.43 -9.81 -48.59
C THR A 417 -5.88 -11.24 -48.33
N ARG A 418 -4.93 -12.12 -48.01
CA ARG A 418 -5.23 -13.52 -47.74
C ARG A 418 -4.68 -13.90 -46.37
N LEU A 419 -4.98 -13.08 -45.37
CA LEU A 419 -4.45 -13.28 -44.02
C LEU A 419 -5.11 -14.49 -43.38
N LYS A 420 -4.30 -15.35 -42.79
CA LYS A 420 -4.83 -16.52 -42.09
C LYS A 420 -5.50 -16.10 -40.79
N ILE A 421 -6.52 -16.86 -40.40
CA ILE A 421 -7.29 -16.59 -39.20
C ILE A 421 -7.42 -17.87 -38.38
N VAL A 422 -7.13 -17.77 -37.10
CA VAL A 422 -7.23 -18.89 -36.19
C VAL A 422 -8.51 -18.74 -35.37
N THR A 423 -9.04 -19.87 -34.90
CA THR A 423 -10.31 -19.87 -34.17
C THR A 423 -10.37 -21.07 -33.23
N ILE A 424 -10.97 -20.89 -32.05
CA ILE A 424 -11.12 -21.95 -31.08
C ILE A 424 -12.58 -22.40 -31.06
N HIS A 425 -12.81 -23.59 -30.52
CA HIS A 425 -14.15 -24.18 -30.43
C HIS A 425 -14.75 -23.80 -29.07
N GLN A 426 -15.66 -22.87 -29.01
CA GLN A 426 -16.15 -22.50 -27.68
C GLN A 426 -17.63 -22.64 -27.77
N GLU A 427 -18.30 -22.93 -26.68
CA GLU A 427 -19.68 -23.45 -26.77
C GLU A 427 -20.68 -22.60 -27.48
N PRO A 428 -20.95 -21.32 -27.22
CA PRO A 428 -21.89 -20.58 -27.99
C PRO A 428 -21.27 -19.58 -28.92
N PHE A 429 -19.95 -19.49 -28.95
CA PHE A 429 -19.33 -18.60 -29.93
C PHE A 429 -19.08 -19.28 -31.27
N VAL A 430 -18.37 -20.41 -31.26
CA VAL A 430 -17.94 -21.08 -32.48
C VAL A 430 -18.39 -22.53 -32.42
N TYR A 431 -19.46 -22.85 -33.15
CA TYR A 431 -19.90 -24.22 -33.27
C TYR A 431 -19.03 -24.95 -34.30
N VAL A 432 -18.85 -26.26 -34.07
CA VAL A 432 -18.05 -27.10 -34.95
C VAL A 432 -18.86 -28.36 -35.23
N LYS A 433 -19.33 -28.50 -36.48
CA LYS A 433 -20.13 -29.64 -36.90
C LYS A 433 -19.48 -30.29 -38.12
N PRO A 434 -19.53 -31.61 -38.22
CA PRO A 434 -18.95 -32.27 -39.40
C PRO A 434 -19.67 -31.88 -40.68
N THR A 435 -18.94 -31.92 -41.79
CA THR A 435 -19.50 -31.55 -43.08
C THR A 435 -20.18 -32.74 -43.73
N MET A 436 -21.02 -32.46 -44.72
CA MET A 436 -21.69 -33.51 -45.46
C MET A 436 -20.73 -34.15 -46.46
N SER A 437 -21.10 -35.35 -46.94
CA SER A 437 -20.24 -36.09 -47.85
C SER A 437 -20.16 -35.47 -49.25
N ASP A 438 -21.06 -34.54 -49.59
CA ASP A 438 -21.04 -33.96 -50.92
C ASP A 438 -19.90 -32.96 -51.07
N GLY A 439 -19.40 -32.42 -49.96
CA GLY A 439 -18.33 -31.45 -50.00
C GLY A 439 -18.68 -30.21 -49.19
N THR A 440 -19.94 -29.80 -49.26
CA THR A 440 -20.47 -28.75 -48.39
C THR A 440 -21.09 -29.38 -47.14
N CYS A 441 -21.82 -28.59 -46.36
CA CYS A 441 -22.48 -29.13 -45.19
C CYS A 441 -23.94 -28.68 -45.19
N LYS A 442 -24.76 -29.41 -44.44
CA LYS A 442 -26.21 -29.17 -44.44
C LYS A 442 -26.51 -27.75 -43.96
N GLU A 443 -27.23 -27.00 -44.79
CA GLU A 443 -27.63 -25.64 -44.47
C GLU A 443 -29.04 -25.65 -43.90
N GLU A 444 -29.16 -24.96 -42.77
CA GLU A 444 -30.43 -24.85 -42.03
C GLU A 444 -30.90 -23.41 -42.00
N PHE A 445 -32.12 -23.19 -41.52
CA PHE A 445 -32.64 -21.85 -41.36
C PHE A 445 -32.76 -21.50 -39.88
N THR A 446 -32.74 -20.21 -39.59
CA THR A 446 -32.86 -19.73 -38.22
C THR A 446 -34.32 -19.69 -37.81
N VAL A 447 -34.62 -19.05 -36.69
CA VAL A 447 -35.99 -18.97 -36.19
C VAL A 447 -36.85 -18.08 -37.09
N ASN A 448 -36.23 -17.16 -37.82
CA ASN A 448 -36.97 -16.23 -38.67
C ASN A 448 -37.03 -16.67 -40.12
N GLY A 449 -35.99 -17.33 -40.63
CA GLY A 449 -35.99 -17.75 -42.02
C GLY A 449 -34.80 -17.21 -42.79
N ASP A 450 -33.84 -16.64 -42.08
CA ASP A 450 -32.64 -16.08 -42.69
C ASP A 450 -31.52 -17.12 -42.71
N PRO A 451 -30.54 -16.96 -43.59
CA PRO A 451 -29.39 -17.87 -43.60
C PRO A 451 -28.64 -17.84 -42.27
N VAL A 452 -27.85 -18.88 -42.05
CA VAL A 452 -27.14 -19.07 -40.79
C VAL A 452 -25.67 -18.70 -40.89
N LYS A 453 -25.19 -18.36 -42.09
CA LYS A 453 -23.84 -17.84 -42.30
C LYS A 453 -22.77 -18.82 -41.81
N LYS A 454 -22.72 -19.97 -42.48
CA LYS A 454 -21.69 -20.95 -42.20
C LYS A 454 -20.41 -20.62 -42.96
N VAL A 455 -19.28 -20.99 -42.36
CA VAL A 455 -17.97 -20.79 -42.96
C VAL A 455 -17.22 -22.12 -42.88
N ILE A 456 -16.43 -22.41 -43.90
CA ILE A 456 -15.73 -23.69 -44.03
C ILE A 456 -14.43 -23.58 -43.23
N CYS A 457 -14.48 -24.02 -41.98
CA CYS A 457 -13.27 -24.13 -41.18
C CYS A 457 -12.41 -25.30 -41.65
N THR A 458 -11.10 -25.25 -41.39
CA THR A 458 -10.19 -26.30 -41.81
C THR A 458 -9.30 -26.72 -40.64
N GLY A 459 -9.89 -26.93 -39.48
CA GLY A 459 -9.15 -27.30 -38.30
C GLY A 459 -9.27 -28.77 -37.94
N PRO A 460 -8.25 -29.31 -37.28
CA PRO A 460 -8.27 -30.74 -36.86
C PRO A 460 -9.09 -30.97 -35.59
N ASN A 461 -10.41 -31.01 -35.76
CA ASN A 461 -11.32 -31.23 -34.65
C ASN A 461 -12.00 -32.58 -34.68
N ASP A 462 -11.84 -33.36 -35.75
CA ASP A 462 -12.45 -34.67 -35.87
C ASP A 462 -11.57 -35.78 -35.31
N THR A 463 -10.43 -35.44 -34.71
CA THR A 463 -9.50 -36.41 -34.17
C THR A 463 -9.23 -36.08 -32.71
N SER A 464 -8.61 -37.04 -32.02
CA SER A 464 -8.24 -36.94 -30.62
C SER A 464 -6.73 -36.80 -30.47
N PRO A 465 -6.25 -36.34 -29.32
CA PRO A 465 -4.80 -36.27 -29.10
C PRO A 465 -4.08 -37.60 -29.20
N GLY A 466 -4.81 -38.72 -29.18
CA GLY A 466 -4.18 -40.01 -29.35
C GLY A 466 -3.64 -40.20 -30.76
N SER A 467 -4.36 -39.71 -31.76
CA SER A 467 -3.93 -39.79 -33.16
C SER A 467 -4.23 -38.46 -33.85
N PRO A 468 -3.41 -37.45 -33.62
CA PRO A 468 -3.64 -36.15 -34.27
C PRO A 468 -3.34 -36.22 -35.75
N ARG A 469 -4.32 -35.81 -36.56
CA ARG A 469 -4.19 -35.82 -38.02
C ARG A 469 -5.16 -34.82 -38.60
N HIS A 470 -4.69 -34.00 -39.55
CA HIS A 470 -5.55 -33.04 -40.22
C HIS A 470 -6.64 -33.77 -41.00
N THR A 471 -7.88 -33.39 -40.74
CA THR A 471 -9.05 -34.06 -41.31
C THR A 471 -9.69 -33.17 -42.37
N VAL A 472 -10.80 -33.64 -42.92
CA VAL A 472 -11.56 -32.91 -43.94
C VAL A 472 -12.08 -31.62 -43.33
N PRO A 473 -12.20 -30.53 -44.11
CA PRO A 473 -12.74 -29.28 -43.55
C PRO A 473 -14.12 -29.44 -42.94
N GLN A 474 -14.33 -28.84 -41.78
CA GLN A 474 -15.59 -28.93 -41.03
C GLN A 474 -16.19 -27.52 -40.96
N CYS A 475 -17.33 -27.33 -41.62
CA CYS A 475 -17.94 -26.01 -41.67
C CYS A 475 -18.28 -25.52 -40.28
N CYS A 476 -18.11 -24.21 -40.06
CA CYS A 476 -18.25 -23.59 -38.75
C CYS A 476 -19.14 -22.37 -38.85
N TYR A 477 -19.80 -22.04 -37.73
CA TYR A 477 -20.73 -20.92 -37.68
C TYR A 477 -20.88 -20.47 -36.23
N GLY A 478 -21.31 -19.23 -36.06
CA GLY A 478 -21.56 -18.72 -34.73
C GLY A 478 -21.60 -17.20 -34.71
N PHE A 479 -21.60 -16.76 -33.44
CA PHE A 479 -21.70 -15.34 -33.09
C PHE A 479 -20.47 -14.65 -33.55
N CYS A 480 -19.27 -15.11 -33.27
CA CYS A 480 -18.18 -14.24 -33.72
C CYS A 480 -17.73 -14.63 -35.11
N ILE A 481 -18.04 -15.81 -35.67
CA ILE A 481 -17.81 -16.06 -37.14
C ILE A 481 -18.77 -15.17 -37.89
N ASP A 482 -19.96 -14.96 -37.37
CA ASP A 482 -20.86 -13.96 -37.97
C ASP A 482 -20.19 -12.60 -37.84
N LEU A 483 -19.56 -12.28 -36.70
CA LEU A 483 -18.81 -11.01 -36.59
C LEU A 483 -17.71 -11.02 -37.61
N LEU A 484 -17.00 -12.11 -37.83
CA LEU A 484 -15.90 -12.09 -38.81
C LEU A 484 -16.47 -11.76 -40.16
N ILE A 485 -17.60 -12.31 -40.58
CA ILE A 485 -18.03 -11.93 -41.96
C ILE A 485 -18.35 -10.47 -41.99
N LYS A 486 -18.98 -9.91 -40.98
CA LYS A 486 -19.25 -8.46 -41.10
C LYS A 486 -17.94 -7.68 -41.19
N LEU A 487 -16.91 -8.03 -40.42
CA LEU A 487 -15.64 -7.28 -40.58
C LEU A 487 -15.14 -7.49 -41.99
N ALA A 488 -15.14 -8.68 -42.56
CA ALA A 488 -14.59 -8.78 -43.93
C ALA A 488 -15.37 -7.95 -44.93
N ARG A 489 -16.68 -7.90 -44.89
CA ARG A 489 -17.32 -7.05 -45.91
C ARG A 489 -16.95 -5.59 -45.68
N THR A 490 -16.90 -5.14 -44.43
CA THR A 490 -16.59 -3.71 -44.17
C THR A 490 -15.22 -3.27 -44.64
N MET A 491 -14.18 -4.09 -44.56
CA MET A 491 -12.87 -3.63 -45.03
C MET A 491 -12.34 -4.43 -46.21
N GLN A 492 -13.18 -5.26 -46.83
CA GLN A 492 -12.92 -5.83 -48.16
C GLN A 492 -11.60 -6.62 -48.18
N PHE A 493 -11.49 -7.64 -47.35
CA PHE A 493 -10.34 -8.61 -47.32
C PHE A 493 -10.84 -10.04 -47.57
N THR A 494 -10.03 -11.04 -47.84
CA THR A 494 -10.68 -12.38 -48.00
C THR A 494 -9.96 -13.35 -47.09
N TYR A 495 -10.64 -14.16 -46.31
CA TYR A 495 -9.93 -14.89 -45.26
C TYR A 495 -10.18 -16.36 -45.22
N GLU A 496 -9.26 -17.14 -44.73
CA GLU A 496 -9.59 -18.55 -44.49
C GLU A 496 -9.64 -18.80 -42.99
N VAL A 497 -10.12 -19.97 -42.54
CA VAL A 497 -10.04 -20.25 -41.10
C VAL A 497 -9.61 -21.68 -40.78
N HIS A 498 -8.82 -21.88 -39.74
CA HIS A 498 -8.47 -23.22 -39.28
C HIS A 498 -8.41 -23.20 -37.76
N LEU A 499 -8.91 -24.27 -37.13
CA LEU A 499 -8.94 -24.33 -35.69
C LEU A 499 -7.54 -24.52 -35.12
N VAL A 500 -7.45 -24.41 -33.79
CA VAL A 500 -6.17 -24.54 -33.09
C VAL A 500 -5.75 -26.00 -33.08
N ALA A 501 -4.46 -26.25 -32.84
CA ALA A 501 -3.91 -27.60 -32.80
C ALA A 501 -3.84 -28.13 -31.36
N ASP A 502 -3.32 -27.31 -30.44
CA ASP A 502 -3.19 -27.75 -29.05
C ASP A 502 -4.55 -27.83 -28.37
N GLY A 503 -5.35 -26.78 -28.48
CA GLY A 503 -6.67 -26.77 -27.88
C GLY A 503 -6.88 -25.68 -26.85
N LYS A 504 -5.84 -25.40 -26.06
CA LYS A 504 -5.96 -24.37 -25.04
C LYS A 504 -5.89 -22.98 -25.65
N PHE A 505 -6.33 -21.98 -24.87
CA PHE A 505 -6.31 -20.60 -25.35
C PHE A 505 -4.87 -20.08 -25.44
N GLY A 506 -4.06 -20.33 -24.42
CA GLY A 506 -2.67 -19.93 -24.46
C GLY A 506 -2.18 -19.18 -23.24
N THR A 507 -0.97 -19.49 -22.81
CA THR A 507 -0.33 -18.80 -21.70
C THR A 507 1.18 -18.99 -21.81
N GLN A 508 1.91 -18.45 -20.85
CA GLN A 508 3.36 -18.59 -20.80
C GLN A 508 3.74 -19.78 -19.95
N GLU A 509 4.58 -20.66 -20.51
CA GLU A 509 5.02 -21.85 -19.80
C GLU A 509 6.46 -22.17 -20.19
N ARG A 510 7.21 -22.73 -19.25
CA ARG A 510 8.58 -23.14 -19.53
C ARG A 510 8.58 -24.43 -20.34
N VAL A 511 9.42 -24.47 -21.38
CA VAL A 511 9.47 -25.66 -22.22
C VAL A 511 10.09 -26.83 -21.44
N GLN A 512 9.89 -28.04 -21.97
CA GLN A 512 10.32 -29.24 -21.26
C GLN A 512 11.83 -29.36 -21.24
N ASN A 513 12.50 -29.04 -22.34
CA ASN A 513 13.93 -29.28 -22.49
C ASN A 513 14.76 -28.01 -22.53
N SER A 514 14.39 -27.03 -23.35
CA SER A 514 15.20 -25.82 -23.50
C SER A 514 15.00 -24.88 -22.32
N ASN A 515 15.58 -23.68 -22.41
CA ASN A 515 15.53 -22.70 -21.34
C ASN A 515 14.53 -21.57 -21.60
N LYS A 516 14.43 -21.11 -22.85
CA LYS A 516 13.53 -20.00 -23.15
C LYS A 516 12.07 -20.44 -23.01
N LYS A 517 11.22 -19.47 -22.68
CA LYS A 517 9.80 -19.70 -22.50
C LYS A 517 9.05 -19.30 -23.77
N GLU A 518 8.14 -20.15 -24.21
CA GLU A 518 7.36 -19.92 -25.42
C GLU A 518 5.88 -20.00 -25.10
N TRP A 519 5.07 -19.23 -25.85
CA TRP A 519 3.63 -19.24 -25.68
C TRP A 519 3.04 -20.57 -26.13
N ASN A 520 1.73 -20.75 -25.97
CA ASN A 520 1.07 -22.00 -26.26
C ASN A 520 -0.19 -21.74 -27.07
N GLY A 521 -0.54 -22.72 -27.91
CA GLY A 521 -1.79 -22.71 -28.65
C GLY A 521 -2.03 -21.50 -29.52
N MET A 522 -3.11 -20.76 -29.23
CA MET A 522 -3.52 -19.64 -30.07
C MET A 522 -2.49 -18.53 -30.06
N MET A 523 -1.95 -18.19 -28.89
CA MET A 523 -0.94 -17.14 -28.80
C MET A 523 0.30 -17.53 -29.59
N GLY A 524 0.74 -18.78 -29.46
CA GLY A 524 1.92 -19.22 -30.18
C GLY A 524 1.72 -19.24 -31.68
N GLU A 525 0.52 -19.64 -32.13
CA GLU A 525 0.23 -19.65 -33.56
C GLU A 525 0.03 -18.25 -34.12
N LEU A 526 -0.39 -17.28 -33.29
CA LEU A 526 -0.51 -15.91 -33.75
C LEU A 526 0.86 -15.23 -33.82
N LEU A 527 1.72 -15.48 -32.83
CA LEU A 527 3.03 -14.84 -32.81
C LEU A 527 3.96 -15.43 -33.85
N SER A 528 4.01 -16.76 -33.94
CA SER A 528 4.98 -17.46 -34.80
C SER A 528 4.47 -17.55 -36.24
N GLY A 529 4.04 -16.39 -36.77
CA GLY A 529 3.67 -16.24 -38.16
C GLY A 529 2.73 -17.28 -38.75
N GLN A 530 1.92 -17.92 -37.93
CA GLN A 530 0.95 -18.90 -38.40
C GLN A 530 -0.48 -18.38 -38.38
N ALA A 531 -0.69 -17.13 -37.97
CA ALA A 531 -2.02 -16.55 -37.93
C ALA A 531 -1.89 -15.04 -37.84
N ASP A 532 -2.70 -14.33 -38.62
CA ASP A 532 -2.68 -12.87 -38.64
C ASP A 532 -3.79 -12.24 -37.80
N MET A 533 -4.78 -13.02 -37.38
CA MET A 533 -5.90 -12.50 -36.58
C MET A 533 -6.42 -13.61 -35.68
N ILE A 534 -7.14 -13.20 -34.64
CA ILE A 534 -7.80 -14.14 -33.73
C ILE A 534 -9.27 -13.79 -33.63
N VAL A 535 -10.11 -14.45 -34.44
CA VAL A 535 -11.55 -14.27 -34.36
C VAL A 535 -12.12 -15.37 -33.47
N ALA A 536 -12.19 -15.11 -32.18
CA ALA A 536 -12.62 -16.07 -31.17
C ALA A 536 -12.74 -15.35 -29.83
N PRO A 537 -13.46 -15.91 -28.85
CA PRO A 537 -13.51 -15.27 -27.53
C PRO A 537 -12.16 -15.34 -26.82
N LEU A 538 -11.49 -14.19 -26.72
CA LEU A 538 -10.16 -14.11 -26.14
C LEU A 538 -10.15 -12.94 -25.16
N THR A 539 -10.21 -13.25 -23.87
CA THR A 539 -10.26 -12.22 -22.83
C THR A 539 -8.97 -11.42 -22.81
N ILE A 540 -9.10 -10.10 -22.89
CA ILE A 540 -7.93 -9.21 -22.86
C ILE A 540 -7.32 -9.25 -21.47
N ASN A 541 -6.00 -9.43 -21.42
CA ASN A 541 -5.26 -9.51 -20.17
C ASN A 541 -4.04 -8.58 -20.25
N ASN A 542 -3.22 -8.63 -19.19
CA ASN A 542 -1.99 -7.85 -19.14
C ASN A 542 -0.77 -8.61 -19.60
N GLU A 543 -0.70 -9.92 -19.34
CA GLU A 543 0.41 -10.73 -19.82
C GLU A 543 0.36 -10.96 -21.32
N ARG A 544 -0.78 -10.71 -21.96
CA ARG A 544 -0.92 -10.89 -23.40
C ARG A 544 -0.82 -9.61 -24.19
N ALA A 545 -1.14 -8.46 -23.59
CA ALA A 545 -1.03 -7.18 -24.27
C ALA A 545 0.41 -6.73 -24.47
N GLN A 546 1.38 -7.44 -23.89
CA GLN A 546 2.79 -7.08 -24.08
C GLN A 546 3.21 -7.27 -25.52
N TYR A 547 2.79 -8.36 -26.14
CA TYR A 547 3.18 -8.69 -27.50
C TYR A 547 2.03 -8.64 -28.50
N ILE A 548 0.80 -8.44 -28.03
CA ILE A 548 -0.37 -8.40 -28.89
C ILE A 548 -1.04 -7.04 -28.72
N GLU A 549 -1.65 -6.56 -29.81
CA GLU A 549 -2.36 -5.29 -29.83
C GLU A 549 -3.85 -5.60 -29.91
N PHE A 550 -4.50 -5.70 -28.75
CA PHE A 550 -5.91 -6.03 -28.68
C PHE A 550 -6.74 -4.82 -29.04
N SER A 551 -7.70 -4.99 -29.95
CA SER A 551 -8.60 -3.91 -30.33
C SER A 551 -9.64 -3.68 -29.22
N LYS A 552 -10.55 -2.76 -29.51
CA LYS A 552 -11.60 -2.44 -28.55
C LYS A 552 -12.52 -3.65 -28.37
N PRO A 553 -12.96 -3.94 -27.14
CA PRO A 553 -13.60 -5.15 -26.82
C PRO A 553 -14.90 -5.39 -27.54
N PHE A 554 -15.15 -6.55 -28.11
CA PHE A 554 -16.43 -6.88 -28.75
C PHE A 554 -17.53 -7.07 -27.74
N LYS A 555 -17.35 -7.67 -26.58
CA LYS A 555 -18.52 -7.82 -25.72
C LYS A 555 -18.04 -7.86 -24.30
N TYR A 556 -18.71 -7.38 -23.31
CA TYR A 556 -18.19 -7.39 -21.95
C TYR A 556 -18.74 -8.58 -21.17
N GLN A 557 -17.93 -9.07 -20.24
CA GLN A 557 -18.28 -10.24 -19.44
C GLN A 557 -17.42 -10.32 -18.19
N GLY A 558 -17.63 -11.36 -17.38
CA GLY A 558 -16.86 -11.55 -16.17
C GLY A 558 -16.67 -13.03 -15.88
N LEU A 559 -16.05 -13.31 -14.75
CA LEU A 559 -15.82 -14.67 -14.29
C LEU A 559 -16.82 -15.04 -13.20
N THR A 560 -17.58 -16.09 -13.45
CA THR A 560 -18.61 -16.51 -12.52
C THR A 560 -18.55 -18.02 -12.34
N ILE A 561 -19.06 -18.48 -11.20
CA ILE A 561 -19.07 -19.90 -10.87
C ILE A 561 -20.33 -20.52 -11.45
N LEU A 562 -20.32 -21.86 -11.60
CA LEU A 562 -21.48 -22.57 -12.13
C LEU A 562 -21.65 -23.85 -11.32
N VAL A 563 -22.76 -23.96 -10.61
CA VAL A 563 -23.06 -25.13 -9.79
C VAL A 563 -24.35 -25.77 -10.31
N LYS A 564 -24.55 -27.02 -9.93
CA LYS A 564 -25.73 -27.77 -10.34
C LYS A 564 -26.90 -27.45 -9.42
N LYS A 565 -28.10 -27.36 -10.01
CA LYS A 565 -29.32 -27.10 -9.26
C LYS A 565 -29.76 -28.38 -8.55
N GLU A 566 -30.16 -28.24 -7.30
CA GLU A 566 -30.54 -29.39 -6.47
C GLU A 566 -32.04 -29.42 -6.23
N ILE A 567 -32.55 -30.63 -6.00
CA ILE A 567 -33.95 -30.84 -5.63
C ILE A 567 -34.11 -30.40 -4.18
N PRO A 568 -35.20 -29.70 -3.83
CA PRO A 568 -35.34 -29.24 -2.43
C PRO A 568 -35.27 -30.36 -1.41
N ARG A 569 -36.00 -31.46 -1.63
CA ARG A 569 -35.86 -32.67 -0.82
C ARG A 569 -36.11 -32.39 0.65
N SER A 570 -37.36 -32.08 1.00
CA SER A 570 -37.74 -31.74 2.38
C SER A 570 -37.14 -32.68 3.43
N THR A 571 -37.15 -33.99 3.15
CA THR A 571 -36.67 -35.02 4.08
C THR A 571 -37.40 -34.94 5.42
N LEU A 572 -38.69 -35.25 5.39
CA LEU A 572 -39.50 -35.38 6.59
C LEU A 572 -39.36 -36.75 7.23
N ASP A 573 -39.48 -37.82 6.43
CA ASP A 573 -39.16 -39.21 6.74
C ASP A 573 -40.16 -39.86 7.70
N SER A 574 -41.02 -39.09 8.36
CA SER A 574 -42.02 -39.66 9.27
C SER A 574 -42.93 -38.54 9.75
N PHE A 575 -44.08 -38.93 10.29
CA PHE A 575 -45.00 -37.97 10.86
C PHE A 575 -44.71 -37.73 12.34
N MET A 576 -44.45 -38.81 13.04
CA MET A 576 -44.18 -38.48 14.45
C MET A 576 -42.82 -37.82 14.45
N GLN A 577 -42.48 -37.15 13.37
CA GLN A 577 -41.15 -36.53 13.35
C GLN A 577 -41.01 -35.36 14.30
N PRO A 578 -42.00 -34.53 14.67
CA PRO A 578 -41.70 -33.43 15.50
C PRO A 578 -42.28 -33.67 16.87
N PHE A 579 -42.14 -34.90 17.35
CA PHE A 579 -42.62 -35.18 18.72
C PHE A 579 -41.68 -35.93 19.66
N GLN A 580 -40.58 -36.59 19.27
CA GLN A 580 -39.67 -37.36 20.20
C GLN A 580 -40.40 -38.55 20.82
N SER A 581 -40.03 -39.79 20.58
CA SER A 581 -40.93 -40.92 20.98
C SER A 581 -41.40 -40.92 22.43
N THR A 582 -40.68 -40.33 23.35
CA THR A 582 -41.31 -40.29 24.70
C THR A 582 -42.60 -39.45 24.71
N LEU A 583 -42.68 -38.30 24.04
CA LEU A 583 -43.92 -37.51 24.16
C LEU A 583 -45.06 -38.27 23.54
N TRP A 584 -44.87 -38.97 22.43
CA TRP A 584 -46.01 -39.72 21.88
C TRP A 584 -46.43 -40.78 22.88
N LEU A 585 -45.51 -41.48 23.54
CA LEU A 585 -46.08 -42.45 24.53
C LEU A 585 -46.68 -41.78 25.78
N LEU A 586 -46.11 -40.73 26.33
CA LEU A 586 -46.65 -40.20 27.61
C LEU A 586 -48.07 -39.67 27.51
N VAL A 587 -48.49 -39.27 26.33
CA VAL A 587 -49.80 -38.69 26.06
C VAL A 587 -50.87 -39.77 26.10
N GLY A 588 -50.57 -40.95 25.56
CA GLY A 588 -51.50 -42.06 25.60
C GLY A 588 -51.84 -42.51 27.01
N LEU A 589 -50.84 -42.87 27.80
CA LEU A 589 -51.28 -43.28 29.14
C LEU A 589 -52.02 -42.07 29.67
N SER A 590 -51.62 -40.85 29.28
CA SER A 590 -52.36 -39.69 29.79
C SER A 590 -53.81 -39.69 29.31
N VAL A 591 -54.13 -40.20 28.14
CA VAL A 591 -55.57 -40.19 27.84
C VAL A 591 -56.22 -41.10 28.86
N HIS A 592 -55.69 -42.30 29.03
CA HIS A 592 -56.42 -43.25 29.91
C HIS A 592 -56.45 -42.75 31.35
N VAL A 593 -55.33 -42.31 31.89
CA VAL A 593 -55.51 -41.89 33.27
C VAL A 593 -56.70 -40.97 33.40
N VAL A 594 -56.83 -40.01 32.47
CA VAL A 594 -57.97 -39.11 32.50
C VAL A 594 -59.27 -39.87 32.27
N ALA A 595 -59.26 -40.86 31.39
CA ALA A 595 -60.46 -41.65 31.14
C ALA A 595 -60.87 -42.45 32.38
N VAL A 596 -59.90 -43.12 33.02
CA VAL A 596 -60.25 -43.91 34.19
C VAL A 596 -60.64 -43.00 35.36
N MET A 597 -60.13 -41.77 35.40
CA MET A 597 -60.56 -40.84 36.45
C MET A 597 -61.99 -40.37 36.20
N LEU A 598 -62.32 -40.03 34.95
CA LEU A 598 -63.69 -39.69 34.62
C LEU A 598 -64.64 -40.85 34.91
N TYR A 599 -64.16 -42.09 34.74
CA TYR A 599 -65.00 -43.24 35.05
C TYR A 599 -65.16 -43.43 36.55
N LEU A 600 -64.08 -43.26 37.32
CA LEU A 600 -64.16 -43.39 38.76
C LEU A 600 -65.02 -42.29 39.38
N LEU A 601 -65.11 -41.13 38.73
CA LEU A 601 -65.99 -40.08 39.21
C LEU A 601 -67.42 -40.33 38.74
N ASP A 602 -67.91 -41.56 38.94
CA ASP A 602 -69.29 -41.94 38.63
C ASP A 602 -69.96 -42.67 39.78
N ARG A 603 -69.21 -43.50 40.51
CA ARG A 603 -69.82 -44.27 41.61
C ARG A 603 -70.18 -43.37 42.77
N PHE A 604 -69.32 -42.39 43.08
CA PHE A 604 -69.62 -41.44 44.13
C PHE A 604 -70.77 -40.53 43.73
N SER A 605 -71.62 -40.20 44.69
CA SER A 605 -72.79 -39.38 44.43
C SER A 605 -72.38 -37.92 44.23
N PRO A 606 -73.25 -37.09 43.65
CA PRO A 606 -72.96 -35.67 43.39
C PRO A 606 -73.94 -34.73 44.08
N LEU A 622 -72.44 -42.92 34.47
CA LEU A 622 -71.84 -42.30 33.26
C LEU A 622 -71.25 -43.39 32.36
N THR A 623 -70.99 -44.57 32.97
CA THR A 623 -70.52 -45.86 32.39
C THR A 623 -69.04 -45.81 32.09
N LEU A 624 -68.23 -46.71 32.63
CA LEU A 624 -66.78 -46.54 32.33
C LEU A 624 -66.41 -46.68 30.85
N SER A 625 -66.98 -47.60 30.07
CA SER A 625 -66.49 -47.69 28.67
C SER A 625 -66.74 -46.37 27.97
N SER A 626 -67.94 -45.85 28.11
CA SER A 626 -68.21 -44.57 27.43
C SER A 626 -67.30 -43.48 27.98
N ALA A 627 -67.01 -43.39 29.28
CA ALA A 627 -66.12 -42.25 29.63
C ALA A 627 -64.77 -42.46 28.98
N MET A 628 -64.20 -43.66 28.90
CA MET A 628 -62.93 -43.66 28.13
C MET A 628 -63.13 -43.40 26.64
N TRP A 629 -64.26 -43.76 26.04
CA TRP A 629 -64.46 -43.36 24.61
C TRP A 629 -64.44 -41.86 24.56
N PHE A 630 -65.12 -41.18 25.47
CA PHE A 630 -65.09 -39.72 25.38
C PHE A 630 -63.70 -39.24 25.57
N SER A 631 -62.76 -39.75 26.38
CA SER A 631 -61.47 -39.03 26.22
C SER A 631 -60.83 -39.25 24.87
N TRP A 632 -60.96 -40.43 24.31
CA TRP A 632 -60.43 -40.57 22.94
C TRP A 632 -61.14 -39.61 22.01
N GLY A 633 -62.44 -39.47 22.09
CA GLY A 633 -63.09 -38.54 21.17
C GLY A 633 -62.63 -37.13 21.38
N VAL A 634 -62.50 -36.61 22.59
CA VAL A 634 -62.07 -35.19 22.67
C VAL A 634 -60.66 -34.99 22.23
N LEU A 635 -59.74 -35.94 22.28
CA LEU A 635 -58.38 -35.53 21.79
C LEU A 635 -58.09 -35.94 20.37
N LEU A 636 -58.92 -36.71 19.71
CA LEU A 636 -58.56 -37.02 18.32
C LEU A 636 -59.46 -36.17 17.47
N ASN A 637 -60.16 -35.23 18.05
CA ASN A 637 -61.14 -34.39 17.37
C ASN A 637 -62.21 -35.19 16.64
N SER A 638 -62.32 -36.49 16.90
CA SER A 638 -63.33 -37.30 16.23
C SER A 638 -64.73 -36.93 16.72
N GLY A 639 -65.73 -37.28 15.92
CA GLY A 639 -67.10 -37.00 16.26
C GLY A 639 -67.80 -38.15 16.94
N ILE A 640 -67.13 -39.31 17.01
CA ILE A 640 -67.73 -40.48 17.63
C ILE A 640 -67.89 -40.25 19.14
N GLY A 641 -68.72 -41.09 19.75
CA GLY A 641 -68.99 -40.99 21.17
C GLY A 641 -70.32 -40.29 21.45
N GLU A 642 -70.87 -40.58 22.62
CA GLU A 642 -72.14 -39.99 23.03
C GLU A 642 -72.19 -39.93 24.55
N GLY A 643 -72.73 -38.83 25.06
CA GLY A 643 -72.84 -38.63 26.49
C GLY A 643 -71.72 -37.79 27.06
N ALA A 644 -72.03 -36.99 28.08
CA ALA A 644 -71.07 -36.13 28.73
C ALA A 644 -71.17 -36.37 30.23
N PRO A 645 -70.06 -36.17 30.98
CA PRO A 645 -70.11 -36.35 32.43
C PRO A 645 -71.08 -35.39 33.09
N ARG A 646 -71.78 -35.85 34.13
CA ARG A 646 -72.80 -35.06 34.80
C ARG A 646 -72.33 -34.40 36.10
N SER A 647 -71.28 -34.93 36.72
CA SER A 647 -70.77 -34.35 37.96
C SER A 647 -69.93 -33.12 37.67
N PHE A 648 -69.96 -32.15 38.58
CA PHE A 648 -69.25 -30.89 38.35
C PHE A 648 -67.74 -31.11 38.25
N SER A 649 -67.21 -32.01 39.08
CA SER A 649 -65.77 -32.28 39.06
C SER A 649 -65.34 -32.88 37.73
N ALA A 650 -66.05 -33.92 37.26
CA ALA A 650 -65.74 -34.51 35.97
C ALA A 650 -65.99 -33.53 34.83
N ARG A 651 -66.98 -32.64 35.00
CA ARG A 651 -67.21 -31.61 33.99
C ARG A 651 -66.03 -30.67 33.88
N ILE A 652 -65.49 -30.20 35.01
CA ILE A 652 -64.31 -29.34 34.96
C ILE A 652 -63.10 -30.10 34.43
N LEU A 653 -63.01 -31.39 34.74
CA LEU A 653 -61.92 -32.20 34.22
C LEU A 653 -61.96 -32.29 32.71
N GLY A 654 -63.15 -32.53 32.14
CA GLY A 654 -63.28 -32.53 30.69
C GLY A 654 -63.07 -31.15 30.09
N MET A 655 -63.52 -30.11 30.80
CA MET A 655 -63.33 -28.73 30.38
C MET A 655 -61.86 -28.33 30.27
N VAL A 656 -61.01 -28.84 31.16
CA VAL A 656 -59.57 -28.61 31.05
C VAL A 656 -58.90 -29.61 30.11
N TRP A 657 -59.47 -30.81 29.94
CA TRP A 657 -58.89 -31.77 29.00
C TRP A 657 -59.07 -31.30 27.56
N ALA A 658 -60.18 -30.62 27.27
CA ALA A 658 -60.35 -30.04 25.95
C ALA A 658 -59.25 -29.03 25.64
N GLY A 659 -58.93 -28.31 26.67
CA GLY A 659 -57.85 -27.33 26.59
C GLY A 659 -56.56 -28.03 26.43
N PHE A 660 -56.49 -29.28 26.81
CA PHE A 660 -55.18 -29.89 26.57
C PHE A 660 -55.20 -30.69 25.26
N ALA A 661 -56.34 -31.10 24.71
CA ALA A 661 -56.21 -31.76 23.42
C ALA A 661 -55.85 -30.64 22.51
N MET A 662 -56.50 -29.51 22.57
CA MET A 662 -56.01 -28.43 21.71
C MET A 662 -54.62 -27.99 22.08
N ILE A 663 -54.08 -27.90 23.31
CA ILE A 663 -52.62 -27.50 23.27
C ILE A 663 -51.80 -28.55 22.57
N ILE A 664 -52.05 -29.85 22.72
CA ILE A 664 -51.21 -30.77 21.93
C ILE A 664 -51.41 -30.53 20.46
N VAL A 665 -52.61 -30.42 19.87
CA VAL A 665 -52.57 -30.20 18.40
C VAL A 665 -52.02 -28.85 18.03
N ALA A 666 -52.28 -27.74 18.70
CA ALA A 666 -51.68 -26.50 18.19
C ALA A 666 -50.21 -26.62 18.39
N SER A 667 -49.68 -27.17 19.45
CA SER A 667 -48.19 -27.32 19.55
C SER A 667 -47.59 -28.29 18.54
N TYR A 668 -48.20 -29.39 18.23
CA TYR A 668 -47.61 -30.25 17.20
C TYR A 668 -47.64 -29.44 15.95
N THR A 669 -48.69 -28.73 15.54
CA THR A 669 -48.50 -27.94 14.28
C THR A 669 -47.55 -26.80 14.41
N ALA A 670 -47.41 -26.03 15.45
CA ALA A 670 -46.33 -25.03 15.28
C ALA A 670 -45.01 -25.76 15.21
N ASN A 671 -44.74 -26.82 15.96
CA ASN A 671 -43.38 -27.42 15.79
C ASN A 671 -43.23 -27.96 14.37
N LEU A 672 -44.25 -28.57 13.76
CA LEU A 672 -44.04 -29.09 12.40
C LEU A 672 -43.82 -27.92 11.53
N ALA A 673 -44.51 -26.80 11.65
CA ALA A 673 -44.22 -25.75 10.65
C ALA A 673 -43.14 -24.78 11.07
N ALA A 674 -42.35 -25.09 12.09
CA ALA A 674 -41.09 -24.32 12.32
C ALA A 674 -39.93 -25.27 12.05
N PHE A 675 -40.17 -26.50 11.67
CA PHE A 675 -39.00 -27.28 11.23
C PHE A 675 -39.19 -27.39 9.75
N LEU A 676 -40.38 -27.20 9.23
CA LEU A 676 -40.47 -27.12 7.77
C LEU A 676 -40.06 -25.76 7.23
N VAL A 677 -39.97 -24.73 8.07
CA VAL A 677 -39.53 -23.41 7.64
C VAL A 677 -38.00 -23.30 7.66
N LEU A 678 -37.36 -23.84 8.69
CA LEU A 678 -35.91 -23.76 8.84
C LEU A 678 -35.18 -24.91 8.17
N ASP A 679 -35.76 -25.51 7.13
CA ASP A 679 -35.18 -26.65 6.45
C ASP A 679 -34.39 -26.24 5.20
N ARG A 680 -33.78 -25.06 5.21
CA ARG A 680 -32.97 -24.63 4.08
C ARG A 680 -31.78 -25.58 3.91
N PRO A 681 -31.51 -26.06 2.70
CA PRO A 681 -30.40 -27.02 2.51
C PRO A 681 -29.04 -26.45 2.86
N GLU A 682 -28.68 -25.33 2.25
CA GLU A 682 -27.37 -24.70 2.44
C GLU A 682 -27.37 -23.36 1.74
N GLU A 683 -26.21 -22.70 1.73
CA GLU A 683 -26.01 -21.43 1.04
C GLU A 683 -24.88 -21.61 0.04
N ARG A 684 -25.21 -21.50 -1.25
CA ARG A 684 -24.22 -21.71 -2.31
C ARG A 684 -23.15 -20.62 -2.26
N ILE A 685 -22.03 -20.90 -2.94
CA ILE A 685 -20.92 -19.96 -2.97
C ILE A 685 -21.32 -18.69 -3.71
N THR A 686 -20.96 -17.54 -3.13
CA THR A 686 -21.25 -16.24 -3.71
C THR A 686 -19.96 -15.46 -3.90
N GLY A 687 -19.78 -14.91 -5.09
CA GLY A 687 -18.59 -14.11 -5.40
C GLY A 687 -17.29 -14.86 -5.24
N ILE A 688 -16.29 -14.20 -4.65
CA ILE A 688 -14.99 -14.77 -4.42
C ILE A 688 -14.52 -14.62 -2.99
N ASN A 689 -15.19 -13.79 -2.19
CA ASN A 689 -14.80 -13.54 -0.81
C ASN A 689 -15.35 -14.58 0.16
N ASP A 690 -16.01 -15.63 -0.35
CA ASP A 690 -16.55 -16.68 0.49
C ASP A 690 -15.41 -17.42 1.20
N PRO A 691 -15.43 -17.49 2.54
CA PRO A 691 -14.37 -18.21 3.25
C PRO A 691 -14.26 -19.67 2.88
N ARG A 692 -15.35 -20.31 2.44
CA ARG A 692 -15.29 -21.71 2.04
C ARG A 692 -14.54 -21.90 0.73
N LEU A 693 -14.35 -20.85 -0.07
CA LEU A 693 -13.60 -20.95 -1.31
C LEU A 693 -12.12 -20.66 -1.10
N ARG A 694 -11.78 -19.70 -0.24
CA ARG A 694 -10.39 -19.38 0.04
C ARG A 694 -9.67 -20.51 0.77
N ASN A 695 -10.41 -21.37 1.47
CA ASN A 695 -9.87 -22.55 2.11
C ASN A 695 -10.87 -23.69 2.00
N PRO A 696 -10.89 -24.41 0.89
CA PRO A 696 -11.93 -25.44 0.69
C PRO A 696 -11.60 -26.75 1.38
N SER A 697 -12.63 -27.58 1.56
CA SER A 697 -12.44 -28.89 2.16
C SER A 697 -11.87 -29.87 1.15
N ASP A 698 -11.55 -31.08 1.62
CA ASP A 698 -10.97 -32.09 0.75
C ASP A 698 -11.99 -32.60 -0.27
N LYS A 699 -13.22 -32.87 0.17
CA LYS A 699 -14.26 -33.40 -0.71
C LYS A 699 -15.09 -32.26 -1.30
N PHE A 700 -14.40 -31.29 -1.87
CA PHE A 700 -15.02 -30.15 -2.53
C PHE A 700 -14.32 -29.88 -3.86
N ILE A 701 -14.16 -30.93 -4.66
CA ILE A 701 -13.43 -30.82 -5.92
C ILE A 701 -14.07 -29.78 -6.83
N TYR A 702 -13.26 -28.80 -7.25
CA TYR A 702 -13.68 -27.80 -8.21
C TYR A 702 -12.46 -27.21 -8.91
N ALA A 703 -12.50 -27.10 -10.23
CA ALA A 703 -11.34 -26.69 -11.00
C ALA A 703 -11.78 -25.89 -12.22
N THR A 704 -10.79 -25.44 -12.99
CA THR A 704 -11.03 -24.67 -14.20
C THR A 704 -10.35 -25.31 -15.40
N VAL A 705 -10.41 -24.52 -16.48
CA VAL A 705 -9.87 -24.96 -17.78
C VAL A 705 -8.43 -24.58 -17.85
N LYS A 706 -7.53 -25.55 -18.02
CA LYS A 706 -6.06 -25.38 -17.99
C LYS A 706 -5.63 -24.42 -19.05
N GLN A 707 -4.64 -23.60 -18.79
CA GLN A 707 -4.11 -22.60 -19.75
C GLN A 707 -5.14 -21.60 -20.23
N SER A 708 -5.61 -20.75 -19.40
CA SER A 708 -6.59 -19.72 -19.73
C SER A 708 -6.33 -18.46 -18.92
N SER A 709 -7.22 -17.47 -19.03
CA SER A 709 -7.10 -16.23 -18.27
C SER A 709 -7.40 -16.44 -16.79
N VAL A 710 -8.33 -17.33 -16.46
CA VAL A 710 -8.63 -17.62 -15.06
C VAL A 710 -7.42 -18.25 -14.37
N ASP A 711 -6.69 -19.10 -15.10
CA ASP A 711 -5.49 -19.72 -14.56
C ASP A 711 -4.45 -18.66 -14.17
N ILE A 712 -4.20 -17.71 -15.07
CA ILE A 712 -3.22 -16.65 -14.78
C ILE A 712 -3.72 -15.76 -13.65
N TYR A 713 -5.03 -15.47 -13.66
CA TYR A 713 -5.59 -14.62 -12.60
C TYR A 713 -5.45 -15.26 -11.23
N PHE A 714 -5.65 -16.58 -11.14
CA PHE A 714 -5.51 -17.26 -9.86
C PHE A 714 -4.05 -17.44 -9.48
N ARG A 715 -3.17 -17.63 -10.47
CA ARG A 715 -1.75 -17.74 -10.19
C ARG A 715 -1.14 -16.40 -9.80
N ARG A 716 -1.79 -15.29 -10.12
CA ARG A 716 -1.28 -13.96 -9.76
C ARG A 716 -1.63 -13.56 -8.33
N GLN A 717 -2.75 -14.02 -7.80
CA GLN A 717 -3.20 -13.59 -6.48
C GLN A 717 -2.30 -14.16 -5.38
N VAL A 718 -2.58 -13.77 -4.14
CA VAL A 718 -1.75 -14.15 -3.00
C VAL A 718 -2.35 -15.36 -2.28
N GLU A 719 -3.56 -15.21 -1.74
CA GLU A 719 -4.22 -16.32 -1.07
C GLU A 719 -4.97 -17.19 -2.05
N LEU A 720 -5.58 -16.58 -3.07
CA LEU A 720 -6.18 -17.36 -4.15
C LEU A 720 -5.15 -18.24 -4.83
N SER A 721 -3.86 -17.92 -4.73
CA SER A 721 -2.83 -18.84 -5.22
C SER A 721 -2.65 -20.02 -4.27
N THR A 722 -2.72 -19.77 -2.96
CA THR A 722 -2.68 -20.87 -2.00
C THR A 722 -3.85 -21.81 -2.20
N MET A 723 -4.99 -21.31 -2.68
CA MET A 723 -6.09 -22.19 -3.07
C MET A 723 -5.88 -22.76 -4.47
N TYR A 724 -5.21 -22.01 -5.35
CA TYR A 724 -4.97 -22.46 -6.71
C TYR A 724 -4.02 -23.64 -6.75
N ARG A 725 -3.18 -23.81 -5.73
CA ARG A 725 -2.38 -25.04 -5.64
C ARG A 725 -3.29 -26.27 -5.63
N HIS A 726 -4.34 -26.15 -4.82
CA HIS A 726 -5.41 -27.17 -4.66
C HIS A 726 -6.20 -27.37 -5.95
N MET A 727 -6.58 -26.31 -6.65
CA MET A 727 -7.37 -26.52 -7.89
C MET A 727 -6.50 -27.25 -8.89
N GLU A 728 -5.23 -26.88 -8.96
CA GLU A 728 -4.28 -27.30 -10.00
C GLU A 728 -4.18 -28.79 -10.22
N LYS A 729 -4.37 -29.63 -9.21
CA LYS A 729 -4.26 -31.07 -9.50
C LYS A 729 -5.30 -31.42 -10.56
N HIS A 730 -6.55 -30.98 -10.46
CA HIS A 730 -7.48 -31.34 -11.55
C HIS A 730 -8.15 -30.11 -12.15
N ASN A 731 -7.89 -29.85 -13.42
CA ASN A 731 -8.43 -28.74 -14.21
C ASN A 731 -8.87 -29.41 -15.51
N TYR A 732 -10.04 -29.14 -16.06
CA TYR A 732 -10.50 -29.93 -17.22
C TYR A 732 -9.69 -29.61 -18.47
N GLU A 733 -9.68 -30.47 -19.46
CA GLU A 733 -8.86 -30.16 -20.64
C GLU A 733 -9.60 -29.20 -21.57
N SER A 734 -10.81 -28.80 -21.25
CA SER A 734 -11.64 -27.91 -22.05
C SER A 734 -12.91 -27.57 -21.29
N ALA A 735 -13.56 -26.48 -21.72
CA ALA A 735 -14.78 -26.03 -21.06
C ALA A 735 -15.92 -27.01 -21.28
N ALA A 736 -16.00 -27.61 -22.47
CA ALA A 736 -17.07 -28.54 -22.76
C ALA A 736 -17.01 -29.77 -21.87
N GLU A 737 -15.82 -30.34 -21.69
CA GLU A 737 -15.68 -31.50 -20.81
C GLU A 737 -16.02 -31.14 -19.37
N ALA A 738 -15.67 -29.93 -18.94
CA ALA A 738 -16.02 -29.50 -17.58
C ALA A 738 -17.52 -29.34 -17.41
N ILE A 739 -18.21 -28.75 -18.39
CA ILE A 739 -19.65 -28.62 -18.32
C ILE A 739 -20.31 -29.99 -18.30
N GLN A 740 -19.77 -30.93 -19.09
CA GLN A 740 -20.31 -32.29 -19.08
C GLN A 740 -20.09 -32.99 -17.74
N ALA A 741 -18.93 -32.79 -17.12
CA ALA A 741 -18.62 -33.43 -15.84
C ALA A 741 -19.37 -32.78 -14.67
N VAL A 742 -19.73 -31.51 -14.78
CA VAL A 742 -20.50 -30.86 -13.71
C VAL A 742 -21.86 -31.53 -13.55
N ARG A 743 -22.50 -31.86 -14.65
CA ARG A 743 -23.82 -32.50 -14.62
C ARG A 743 -23.73 -33.89 -13.99
N ASP A 744 -22.64 -34.60 -14.24
CA ASP A 744 -22.47 -35.95 -13.73
C ASP A 744 -22.04 -35.98 -12.27
N ASN A 745 -22.16 -34.84 -11.57
CA ASN A 745 -21.81 -34.73 -10.15
C ASN A 745 -20.34 -35.09 -9.89
N LYS A 746 -19.49 -34.92 -10.90
CA LYS A 746 -18.07 -35.13 -10.73
C LYS A 746 -17.30 -33.85 -10.42
N LEU A 747 -17.86 -32.69 -10.79
CA LEU A 747 -17.29 -31.40 -10.46
C LEU A 747 -18.32 -30.59 -9.71
N HIS A 748 -17.90 -29.96 -8.61
CA HIS A 748 -18.81 -29.22 -7.74
C HIS A 748 -18.93 -27.74 -8.09
N ALA A 749 -17.96 -27.17 -8.81
CA ALA A 749 -18.01 -25.77 -9.17
C ALA A 749 -17.07 -25.53 -10.34
N PHE A 750 -17.53 -24.80 -11.35
CA PHE A 750 -16.76 -24.48 -12.53
C PHE A 750 -16.69 -22.97 -12.70
N ILE A 751 -15.48 -22.42 -12.65
CA ILE A 751 -15.26 -20.98 -12.77
C ILE A 751 -14.80 -20.72 -14.20
N TRP A 752 -15.59 -19.98 -14.96
CA TRP A 752 -15.27 -19.66 -16.34
C TRP A 752 -15.88 -18.30 -16.66
N ASP A 753 -15.87 -17.93 -17.95
CA ASP A 753 -16.41 -16.67 -18.39
C ASP A 753 -17.92 -16.64 -18.15
N SER A 754 -18.52 -15.53 -18.42
CA SER A 754 -19.90 -15.74 -18.12
C SER A 754 -20.65 -15.72 -19.41
N ALA A 755 -20.08 -15.32 -20.53
CA ALA A 755 -20.91 -15.53 -21.73
C ALA A 755 -21.05 -17.02 -21.92
N VAL A 756 -20.01 -17.83 -21.88
CA VAL A 756 -20.30 -19.29 -22.01
C VAL A 756 -21.10 -19.83 -20.86
N LEU A 757 -20.87 -19.51 -19.62
CA LEU A 757 -21.73 -20.04 -18.56
C LEU A 757 -23.13 -19.55 -18.73
N GLU A 758 -23.44 -18.34 -19.17
CA GLU A 758 -24.87 -18.05 -19.33
C GLU A 758 -25.43 -18.93 -20.38
N PHE A 759 -24.79 -19.14 -21.50
CA PHE A 759 -25.44 -20.14 -22.37
C PHE A 759 -25.51 -21.55 -21.73
N GLU A 760 -24.52 -22.04 -20.99
CA GLU A 760 -24.74 -23.34 -20.32
C GLU A 760 -25.84 -23.27 -19.28
N ALA A 761 -25.87 -22.26 -18.43
CA ALA A 761 -26.93 -22.13 -17.41
C ALA A 761 -28.34 -21.92 -17.95
N SER A 762 -28.52 -21.60 -19.22
CA SER A 762 -29.91 -21.65 -19.70
C SER A 762 -30.28 -23.00 -20.33
N GLN A 763 -29.63 -23.53 -21.35
CA GLN A 763 -30.26 -24.70 -22.08
C GLN A 763 -30.69 -26.01 -21.34
N LYS A 764 -29.99 -26.34 -20.29
CA LYS A 764 -30.00 -27.63 -19.60
C LYS A 764 -30.91 -27.66 -18.38
N CYS A 765 -31.33 -26.49 -17.88
CA CYS A 765 -32.33 -26.38 -16.82
C CYS A 765 -31.87 -26.99 -15.49
N ASP A 766 -30.62 -27.43 -15.41
CA ASP A 766 -30.07 -27.97 -14.18
C ASP A 766 -28.74 -27.33 -13.83
N LEU A 767 -28.38 -26.25 -14.54
CA LEU A 767 -27.16 -25.50 -14.28
C LEU A 767 -27.52 -24.05 -14.02
N VAL A 768 -26.94 -23.47 -12.98
CA VAL A 768 -27.24 -22.11 -12.57
C VAL A 768 -25.98 -21.47 -12.02
N THR A 769 -25.71 -20.22 -12.42
CA THR A 769 -24.57 -19.47 -11.91
C THR A 769 -24.95 -18.81 -10.60
N THR A 770 -24.22 -19.14 -9.53
CA THR A 770 -24.51 -18.65 -8.20
C THR A 770 -23.74 -17.37 -7.87
N GLY A 771 -22.43 -17.37 -8.09
CA GLY A 771 -21.61 -16.24 -7.75
C GLY A 771 -21.79 -15.08 -8.72
N GLU A 772 -21.21 -13.94 -8.34
CA GLU A 772 -21.24 -12.72 -9.13
C GLU A 772 -19.88 -12.54 -9.80
N LEU A 773 -19.89 -11.96 -11.00
CA LEU A 773 -18.65 -11.74 -11.74
C LEU A 773 -17.71 -10.83 -10.94
N PHE A 774 -16.44 -11.23 -10.90
CA PHE A 774 -15.44 -10.49 -10.14
C PHE A 774 -14.20 -10.17 -10.96
N PHE A 775 -14.28 -10.32 -12.29
CA PHE A 775 -13.14 -9.99 -13.16
C PHE A 775 -13.74 -9.47 -14.47
N ARG A 776 -13.86 -8.14 -14.56
CA ARG A 776 -14.61 -7.50 -15.65
C ARG A 776 -13.64 -7.14 -16.76
N SER A 777 -13.56 -8.03 -17.76
CA SER A 777 -12.76 -7.79 -18.96
C SER A 777 -13.34 -8.62 -20.10
N GLY A 778 -13.70 -7.95 -21.19
CA GLY A 778 -14.34 -8.60 -22.31
C GLY A 778 -13.35 -9.06 -23.37
N PHE A 779 -13.86 -9.85 -24.31
CA PHE A 779 -13.04 -10.37 -25.38
C PHE A 779 -12.68 -9.25 -26.38
N GLY A 780 -11.82 -9.60 -27.33
CA GLY A 780 -11.40 -8.64 -28.33
C GLY A 780 -10.59 -9.24 -29.46
N ILE A 781 -10.83 -8.78 -30.69
CA ILE A 781 -10.07 -9.25 -31.84
C ILE A 781 -8.64 -8.76 -31.71
N GLY A 782 -7.68 -9.68 -31.74
CA GLY A 782 -6.29 -9.32 -31.55
C GLY A 782 -5.37 -9.77 -32.65
N MET A 783 -4.74 -8.81 -33.32
CA MET A 783 -3.74 -9.07 -34.35
C MET A 783 -2.37 -8.64 -33.84
N ARG A 784 -1.29 -8.95 -34.59
CA ARG A 784 0.10 -8.81 -34.05
C ARG A 784 0.45 -7.35 -33.85
N LYS A 785 1.53 -6.96 -33.17
CA LYS A 785 1.69 -5.49 -32.87
C LYS A 785 1.82 -4.57 -34.07
N ASP A 786 2.19 -5.04 -35.24
CA ASP A 786 2.31 -4.13 -36.39
C ASP A 786 1.38 -4.53 -37.56
N SER A 787 0.19 -3.95 -37.74
CA SER A 787 -0.54 -4.22 -39.01
C SER A 787 -1.56 -3.12 -39.23
N PRO A 788 -1.89 -2.74 -40.47
CA PRO A 788 -2.94 -1.70 -40.75
C PRO A 788 -4.40 -2.04 -40.35
N TRP A 789 -4.67 -3.32 -40.54
CA TRP A 789 -5.90 -3.90 -40.01
C TRP A 789 -6.04 -3.42 -38.59
N LYS A 790 -5.04 -3.28 -37.70
CA LYS A 790 -5.32 -2.92 -36.26
C LYS A 790 -6.04 -1.60 -36.22
N GLN A 791 -5.59 -0.65 -37.01
CA GLN A 791 -6.44 0.56 -36.85
C GLN A 791 -7.86 0.45 -37.38
N GLN A 792 -8.16 0.00 -38.60
CA GLN A 792 -9.59 0.04 -39.05
C GLN A 792 -10.53 -0.85 -38.24
N VAL A 793 -10.07 -1.98 -37.71
CA VAL A 793 -10.90 -2.91 -36.91
C VAL A 793 -11.33 -2.26 -35.62
N SER A 794 -10.53 -1.49 -34.93
CA SER A 794 -11.14 -0.90 -33.72
C SER A 794 -12.23 0.04 -34.15
N LEU A 795 -12.11 0.86 -35.17
CA LEU A 795 -13.31 1.68 -35.53
C LEU A 795 -14.45 0.80 -36.00
N SER A 796 -14.24 -0.30 -36.75
CA SER A 796 -15.48 -0.99 -37.17
C SER A 796 -16.25 -1.47 -35.94
N ILE A 797 -15.55 -2.07 -34.97
CA ILE A 797 -16.23 -2.55 -33.75
C ILE A 797 -16.81 -1.37 -32.98
N LEU A 798 -16.19 -0.21 -32.89
CA LEU A 798 -16.85 0.84 -32.07
C LEU A 798 -18.09 1.32 -32.82
N LYS A 799 -17.96 1.50 -34.10
CA LYS A 799 -19.12 1.96 -34.88
C LYS A 799 -20.18 0.88 -34.85
N SER A 800 -19.88 -0.40 -34.82
CA SER A 800 -20.96 -1.37 -34.92
C SER A 800 -21.39 -1.77 -33.54
N HIS A 801 -20.83 -1.24 -32.51
CA HIS A 801 -21.52 -1.53 -31.25
C HIS A 801 -22.60 -0.50 -31.16
N GLU A 802 -22.34 0.71 -31.65
CA GLU A 802 -23.41 1.73 -31.48
C GLU A 802 -24.63 1.49 -32.36
N ASN A 803 -24.48 1.10 -33.63
CA ASN A 803 -25.74 0.99 -34.36
C ASN A 803 -26.36 -0.41 -34.22
N GLY A 804 -26.40 -0.88 -32.98
CA GLY A 804 -27.16 -2.06 -32.60
C GLY A 804 -26.92 -3.34 -33.37
N PHE A 805 -25.86 -3.41 -34.17
CA PHE A 805 -25.53 -4.64 -34.88
C PHE A 805 -25.18 -5.75 -33.91
N MET A 806 -24.36 -5.43 -32.91
CA MET A 806 -24.04 -6.39 -31.86
C MET A 806 -25.28 -6.81 -31.08
N GLU A 807 -26.24 -5.90 -30.89
CA GLU A 807 -27.49 -6.28 -30.25
C GLU A 807 -28.26 -7.29 -31.09
N ASP A 808 -28.27 -7.10 -32.41
CA ASP A 808 -28.92 -8.07 -33.28
C ASP A 808 -28.23 -9.42 -33.22
N LEU A 809 -26.90 -9.43 -33.22
CA LEU A 809 -26.18 -10.70 -33.12
C LEU A 809 -26.45 -11.38 -31.79
N ASP A 810 -26.54 -10.60 -30.71
CA ASP A 810 -26.83 -11.16 -29.40
C ASP A 810 -28.23 -11.74 -29.33
N LYS A 811 -29.22 -11.06 -29.92
CA LYS A 811 -30.58 -11.58 -29.94
C LYS A 811 -30.68 -12.81 -30.83
N THR A 812 -29.85 -12.89 -31.86
CA THR A 812 -29.91 -14.02 -32.78
C THR A 812 -29.25 -15.27 -32.17
N TRP A 813 -28.07 -15.11 -31.59
CA TRP A 813 -27.29 -16.26 -31.13
C TRP A 813 -27.28 -16.42 -29.62
N VAL A 814 -26.71 -15.46 -28.93
CA VAL A 814 -26.47 -15.58 -27.47
C VAL A 814 -27.71 -15.69 -26.59
N ARG A 815 -28.74 -14.87 -26.74
CA ARG A 815 -29.80 -14.97 -25.70
C ARG A 815 -31.17 -15.36 -26.23
N TYR A 816 -31.51 -16.63 -26.11
CA TYR A 816 -32.88 -17.14 -26.33
C TYR A 816 -33.07 -18.07 -25.13
N GLN A 817 -33.91 -17.67 -24.19
CA GLN A 817 -34.00 -18.35 -22.90
C GLN A 817 -34.97 -19.53 -23.01
N GLU A 818 -34.71 -20.58 -22.24
CA GLU A 818 -35.57 -21.76 -22.21
C GLU A 818 -35.84 -22.23 -20.78
N CYS A 819 -35.12 -21.66 -19.80
CA CYS A 819 -35.26 -22.04 -18.40
C CYS A 819 -34.74 -20.92 -17.51
N ASP A 820 -35.56 -20.45 -16.58
CA ASP A 820 -35.23 -19.26 -15.81
C ASP A 820 -36.18 -19.15 -14.63
N SER A 821 -36.15 -17.97 -14.00
CA SER A 821 -36.98 -17.49 -12.90
C SER A 821 -36.53 -18.02 -11.54
N ARG A 822 -35.65 -19.03 -11.49
CA ARG A 822 -35.02 -19.50 -10.25
C ARG A 822 -35.99 -19.57 -9.07
N SER A 823 -37.03 -20.41 -9.17
CA SER A 823 -38.09 -20.42 -8.17
C SER A 823 -37.57 -20.63 -6.77
N ASN A 824 -36.68 -21.60 -6.58
CA ASN A 824 -36.03 -21.94 -5.31
C ASN A 824 -37.01 -22.09 -4.15
N ALA A 825 -38.28 -22.37 -4.43
CA ALA A 825 -39.27 -22.54 -3.38
C ALA A 825 -38.93 -23.79 -2.55
N PRO A 826 -39.41 -23.86 -1.31
CA PRO A 826 -39.20 -25.08 -0.51
C PRO A 826 -39.89 -26.29 -1.10
N ALA A 827 -39.67 -27.46 -0.50
CA ALA A 827 -40.11 -28.71 -1.10
C ALA A 827 -41.58 -28.97 -0.84
N THR A 828 -42.25 -29.53 -1.85
CA THR A 828 -43.61 -30.02 -1.68
C THR A 828 -43.57 -31.46 -1.17
N LEU A 829 -44.37 -31.73 -0.13
CA LEU A 829 -44.38 -33.03 0.49
C LEU A 829 -44.85 -34.11 -0.48
N THR A 830 -44.01 -35.11 -0.68
CA THR A 830 -44.26 -36.20 -1.61
C THR A 830 -44.74 -37.43 -0.86
N CYS A 831 -45.15 -38.45 -1.60
CA CYS A 831 -45.67 -39.67 -0.99
C CYS A 831 -44.57 -40.54 -0.41
N GLU A 832 -43.31 -40.19 -0.62
CA GLU A 832 -42.19 -40.92 -0.03
C GLU A 832 -41.93 -40.52 1.41
N ASN A 833 -42.26 -39.29 1.80
CA ASN A 833 -42.04 -38.83 3.16
C ASN A 833 -43.30 -38.86 4.01
N MET A 834 -44.48 -38.91 3.39
CA MET A 834 -45.76 -38.91 4.10
C MET A 834 -46.46 -40.26 4.01
N ALA A 835 -45.70 -41.35 3.97
CA ALA A 835 -46.28 -42.69 3.91
C ALA A 835 -46.47 -43.32 5.28
N GLY A 836 -45.92 -42.72 6.33
CA GLY A 836 -46.10 -43.27 7.66
C GLY A 836 -47.55 -43.30 8.10
N VAL A 837 -48.30 -42.25 7.76
CA VAL A 837 -49.70 -42.19 8.17
C VAL A 837 -50.53 -43.19 7.35
N PHE A 838 -50.16 -43.44 6.09
CA PHE A 838 -50.85 -44.46 5.32
C PHE A 838 -50.56 -45.86 5.86
N MET A 839 -49.31 -46.10 6.27
CA MET A 839 -48.99 -47.34 6.96
C MET A 839 -49.79 -47.48 8.25
N LEU A 840 -49.96 -46.37 8.98
CA LEU A 840 -50.77 -46.40 10.20
C LEU A 840 -52.22 -46.74 9.89
N VAL A 841 -52.75 -46.21 8.79
CA VAL A 841 -54.13 -46.51 8.42
C VAL A 841 -54.27 -47.97 7.99
N ALA A 842 -53.35 -48.41 7.14
CA ALA A 842 -53.44 -49.78 6.59
C ALA A 842 -53.42 -50.67 7.81
N GLY A 843 -52.53 -50.33 8.73
CA GLY A 843 -52.40 -51.05 10.01
C GLY A 843 -53.71 -50.98 10.74
N GLY A 844 -54.37 -49.83 10.75
CA GLY A 844 -55.68 -49.78 11.38
C GLY A 844 -56.61 -50.76 10.70
N ILE A 845 -56.66 -50.88 9.37
CA ILE A 845 -57.64 -51.85 8.79
C ILE A 845 -57.32 -53.28 9.21
N VAL A 846 -56.04 -53.66 9.21
CA VAL A 846 -55.63 -55.04 9.57
C VAL A 846 -55.99 -55.35 11.03
N ALA A 847 -55.71 -54.44 11.94
CA ALA A 847 -56.11 -54.75 13.33
C ALA A 847 -57.63 -54.73 13.44
N GLY A 848 -58.32 -53.90 12.65
CA GLY A 848 -59.77 -53.90 12.69
C GLY A 848 -60.28 -55.27 12.34
N ILE A 849 -59.75 -55.95 11.32
CA ILE A 849 -60.26 -57.34 11.05
C ILE A 849 -60.01 -58.24 12.27
N PHE A 850 -58.84 -58.17 12.92
CA PHE A 850 -58.74 -59.09 14.10
C PHE A 850 -59.74 -58.73 15.20
N LEU A 851 -59.98 -57.44 15.42
CA LEU A 851 -60.98 -56.97 16.41
C LEU A 851 -62.37 -57.46 15.98
N ILE A 852 -62.70 -57.49 14.69
CA ILE A 852 -64.03 -58.04 14.34
C ILE A 852 -64.05 -59.52 14.73
N PHE A 853 -62.98 -60.28 14.51
CA PHE A 853 -63.10 -61.69 15.00
C PHE A 853 -63.27 -61.68 16.52
N ILE A 854 -62.55 -60.85 17.27
CA ILE A 854 -62.77 -60.86 18.75
C ILE A 854 -64.23 -60.48 19.07
N GLU A 855 -64.80 -59.50 18.38
CA GLU A 855 -66.18 -59.08 18.71
C GLU A 855 -67.10 -60.26 18.47
N ILE A 856 -66.94 -60.95 17.35
CA ILE A 856 -67.84 -62.11 17.10
C ILE A 856 -67.60 -63.14 18.19
N ALA A 857 -66.33 -63.41 18.49
CA ALA A 857 -65.94 -64.40 19.52
C ALA A 857 -66.42 -63.94 20.89
N TYR A 858 -66.27 -62.67 21.27
CA TYR A 858 -66.77 -62.22 22.56
C TYR A 858 -68.29 -62.26 22.61
N LYS A 859 -68.96 -61.89 21.52
CA LYS A 859 -70.41 -61.98 21.48
C LYS A 859 -70.88 -63.42 21.50
N ARG A 860 -70.12 -64.34 20.90
CA ARG A 860 -70.44 -65.75 21.01
C ARG A 860 -70.21 -66.26 22.42
N HIS A 861 -69.22 -65.70 23.12
CA HIS A 861 -68.91 -66.09 24.49
C HIS A 861 -69.60 -65.20 25.52
N LYS A 862 -70.67 -64.51 25.14
CA LYS A 862 -71.38 -63.63 26.06
C LYS A 862 -72.79 -64.16 26.34
N SER B 65 54.02 -42.59 -32.64
CA SER B 65 54.35 -41.84 -31.44
C SER B 65 53.80 -40.41 -31.50
N ILE B 66 52.77 -40.14 -30.71
CA ILE B 66 52.16 -38.81 -30.67
C ILE B 66 53.09 -37.87 -29.94
N GLY B 67 53.61 -36.88 -30.65
CA GLY B 67 54.53 -35.92 -30.06
C GLY B 67 53.82 -34.89 -29.21
N ILE B 68 54.24 -34.79 -27.95
CA ILE B 68 53.64 -33.87 -26.98
C ILE B 68 54.75 -32.95 -26.48
N ALA B 69 54.71 -31.69 -26.90
CA ALA B 69 55.72 -30.71 -26.53
C ALA B 69 55.11 -29.77 -25.47
N VAL B 70 55.61 -29.87 -24.25
CA VAL B 70 55.15 -29.03 -23.15
C VAL B 70 56.20 -27.95 -22.92
N ILE B 71 55.84 -26.71 -23.20
CA ILE B 71 56.75 -25.58 -23.12
C ILE B 71 56.39 -24.74 -21.90
N LEU B 72 57.38 -24.50 -21.03
CA LEU B 72 57.20 -23.66 -19.85
C LEU B 72 58.25 -22.56 -19.89
N VAL B 73 57.80 -21.31 -19.94
CA VAL B 73 58.69 -20.16 -20.03
C VAL B 73 58.44 -19.23 -18.85
N GLY B 74 59.36 -18.30 -18.65
CA GLY B 74 59.25 -17.34 -17.56
C GLY B 74 59.78 -17.86 -16.24
N THR B 75 59.04 -18.77 -15.61
CA THR B 75 59.44 -19.33 -14.33
C THR B 75 60.06 -20.72 -14.55
N SER B 76 60.48 -21.35 -13.46
CA SER B 76 61.09 -22.68 -13.52
C SER B 76 60.20 -23.64 -12.74
N ASP B 77 59.69 -24.65 -13.43
CA ASP B 77 58.76 -25.62 -12.85
C ASP B 77 59.26 -27.04 -13.10
N GLU B 78 60.53 -27.30 -12.82
CA GLU B 78 61.06 -28.65 -12.95
C GLU B 78 60.49 -29.54 -11.85
N VAL B 79 59.39 -30.24 -12.18
CA VAL B 79 58.63 -31.01 -11.21
C VAL B 79 58.28 -32.37 -11.82
N ALA B 80 57.48 -33.16 -11.12
CA ALA B 80 57.30 -34.57 -11.41
C ALA B 80 56.31 -34.82 -12.55
N ILE B 81 56.15 -33.83 -13.44
CA ILE B 81 55.29 -33.92 -14.63
C ILE B 81 55.39 -35.28 -15.30
N LYS B 82 56.58 -35.90 -15.24
CA LYS B 82 56.78 -37.25 -15.76
C LYS B 82 55.79 -38.26 -15.19
N ASP B 83 55.07 -37.93 -14.13
CA ASP B 83 54.01 -38.80 -13.63
C ASP B 83 52.91 -38.99 -14.67
N ALA B 84 52.77 -38.07 -15.63
CA ALA B 84 51.81 -38.25 -16.70
C ALA B 84 52.15 -39.48 -17.55
N HIS B 85 53.43 -39.64 -17.89
CA HIS B 85 53.86 -40.83 -18.60
C HIS B 85 53.99 -42.04 -17.69
N GLU B 86 54.27 -41.82 -16.40
CA GLU B 86 54.38 -42.91 -15.44
C GLU B 86 53.03 -43.46 -15.00
N LYS B 87 51.92 -42.78 -15.33
CA LYS B 87 50.60 -43.27 -14.94
C LYS B 87 50.26 -44.57 -15.64
N ASP B 88 50.74 -44.74 -16.88
CA ASP B 88 50.49 -45.94 -17.68
C ASP B 88 48.99 -46.20 -17.89
N ASP B 89 48.23 -45.13 -18.09
CA ASP B 89 46.79 -45.23 -18.33
C ASP B 89 46.44 -45.09 -19.81
N PHE B 90 47.43 -45.21 -20.69
CA PHE B 90 47.21 -45.08 -22.13
C PHE B 90 46.79 -46.44 -22.67
N HIS B 91 45.47 -46.62 -22.84
CA HIS B 91 44.95 -47.89 -23.32
C HIS B 91 45.35 -48.14 -24.76
N HIS B 92 45.15 -47.16 -25.63
CA HIS B 92 45.51 -47.28 -27.04
C HIS B 92 47.03 -47.26 -27.17
N LEU B 93 47.60 -48.29 -27.79
CA LEU B 93 49.06 -48.40 -27.89
C LEU B 93 49.59 -47.61 -29.08
N SER B 94 49.21 -46.34 -29.18
CA SER B 94 49.74 -45.48 -30.22
C SER B 94 50.08 -44.08 -29.74
N VAL B 95 49.56 -43.64 -28.59
CA VAL B 95 49.87 -42.31 -28.05
C VAL B 95 51.07 -42.48 -27.11
N VAL B 96 52.26 -42.42 -27.69
CA VAL B 96 53.50 -42.55 -26.94
C VAL B 96 53.79 -41.21 -26.27
N PRO B 97 53.95 -41.17 -24.94
CA PRO B 97 54.19 -39.88 -24.27
C PRO B 97 55.57 -39.32 -24.55
N ARG B 98 55.78 -38.84 -25.79
CA ARG B 98 57.05 -38.22 -26.15
C ARG B 98 57.12 -36.80 -25.62
N VAL B 99 57.23 -36.65 -24.31
CA VAL B 99 57.22 -35.33 -23.69
C VAL B 99 58.55 -34.63 -23.96
N GLU B 100 58.47 -33.33 -24.25
CA GLU B 100 59.63 -32.49 -24.50
C GLU B 100 59.48 -31.24 -23.63
N LEU B 101 59.98 -31.32 -22.40
CA LEU B 101 59.85 -30.21 -21.45
C LEU B 101 60.88 -29.12 -21.75
N VAL B 102 60.78 -28.50 -22.93
CA VAL B 102 61.70 -27.43 -23.30
C VAL B 102 61.34 -26.17 -22.52
N ALA B 103 62.36 -25.54 -21.95
CA ALA B 103 62.20 -24.32 -21.17
C ALA B 103 62.96 -23.18 -21.84
N MET B 104 62.56 -21.95 -21.50
CA MET B 104 63.19 -20.76 -22.08
C MET B 104 62.79 -19.57 -21.22
N ASN B 105 63.48 -18.45 -21.45
CA ASN B 105 63.22 -17.22 -20.72
C ASN B 105 62.89 -16.03 -21.61
N GLU B 106 63.10 -16.12 -22.92
CA GLU B 106 62.82 -15.04 -23.85
C GLU B 106 61.51 -15.34 -24.57
N THR B 107 60.43 -14.71 -24.14
CA THR B 107 59.12 -14.90 -24.76
C THR B 107 58.94 -13.88 -25.90
N ASP B 108 59.71 -14.12 -26.96
CA ASP B 108 59.68 -13.30 -28.16
C ASP B 108 58.94 -14.02 -29.28
N PRO B 109 58.30 -13.28 -30.20
CA PRO B 109 57.56 -13.93 -31.30
C PRO B 109 58.44 -14.83 -32.16
N LYS B 110 59.53 -14.25 -32.70
CA LYS B 110 60.44 -15.05 -33.52
C LYS B 110 61.03 -16.20 -32.72
N SER B 111 61.33 -15.96 -31.44
CA SER B 111 61.91 -17.00 -30.60
C SER B 111 60.98 -18.21 -30.51
N ILE B 112 59.73 -17.97 -30.09
CA ILE B 112 58.80 -19.08 -29.90
C ILE B 112 58.44 -19.73 -31.24
N ILE B 113 58.37 -18.93 -32.31
CA ILE B 113 58.03 -19.50 -33.62
C ILE B 113 59.14 -20.42 -34.11
N THR B 114 60.39 -19.94 -34.06
CA THR B 114 61.51 -20.78 -34.45
C THR B 114 61.63 -22.00 -33.55
N ARG B 115 61.34 -21.84 -32.26
CA ARG B 115 61.42 -22.97 -31.35
C ARG B 115 60.40 -24.04 -31.71
N ILE B 116 59.14 -23.64 -31.93
CA ILE B 116 58.11 -24.64 -32.22
C ILE B 116 58.34 -25.26 -33.59
N CYS B 117 58.84 -24.48 -34.56
CA CYS B 117 59.12 -25.05 -35.87
C CYS B 117 60.28 -26.04 -35.81
N ASP B 118 61.34 -25.72 -35.08
CA ASP B 118 62.46 -26.65 -34.95
C ASP B 118 62.06 -27.90 -34.18
N LEU B 119 61.21 -27.75 -33.16
CA LEU B 119 60.76 -28.92 -32.40
C LEU B 119 59.85 -29.80 -33.24
N MET B 120 59.01 -29.19 -34.08
CA MET B 120 58.14 -29.98 -34.95
C MET B 120 58.91 -30.62 -36.09
N SER B 121 60.02 -30.02 -36.53
CA SER B 121 60.80 -30.57 -37.62
C SER B 121 61.77 -31.65 -37.16
N ASP B 122 62.32 -31.52 -35.95
CA ASP B 122 63.24 -32.53 -35.44
C ASP B 122 62.51 -33.82 -35.10
N ARG B 123 61.50 -33.73 -34.23
CA ARG B 123 60.70 -34.88 -33.84
C ARG B 123 59.38 -34.88 -34.61
N LYS B 124 58.50 -35.82 -34.25
CA LYS B 124 57.18 -35.92 -34.85
C LYS B 124 56.16 -35.46 -33.81
N ILE B 125 55.89 -34.16 -33.80
CA ILE B 125 55.00 -33.56 -32.82
C ILE B 125 53.61 -33.42 -33.42
N GLN B 126 52.59 -33.87 -32.67
CA GLN B 126 51.21 -33.73 -33.07
C GLN B 126 50.36 -32.93 -32.08
N GLY B 127 50.87 -32.65 -30.89
CA GLY B 127 50.16 -31.85 -29.91
C GLY B 127 51.10 -30.98 -29.11
N VAL B 128 50.79 -29.70 -28.97
CA VAL B 128 51.68 -28.73 -28.34
C VAL B 128 50.97 -28.17 -27.11
N VAL B 129 51.37 -28.66 -25.93
CA VAL B 129 50.91 -28.07 -24.67
C VAL B 129 51.73 -26.81 -24.45
N PHE B 130 51.19 -25.85 -23.71
CA PHE B 130 51.88 -24.57 -23.55
C PHE B 130 51.59 -24.00 -22.17
N ALA B 131 52.57 -23.26 -21.66
CA ALA B 131 52.46 -22.55 -20.40
C ALA B 131 53.43 -21.38 -20.44
N ASP B 132 53.18 -20.40 -19.58
CA ASP B 132 53.99 -19.18 -19.57
C ASP B 132 53.91 -18.56 -18.18
N ASP B 133 54.36 -17.32 -18.06
CA ASP B 133 54.31 -16.58 -16.81
C ASP B 133 53.88 -15.13 -16.96
N THR B 134 53.79 -14.60 -18.17
CA THR B 134 53.41 -13.20 -18.37
C THR B 134 51.89 -13.09 -18.45
N ASP B 135 51.41 -11.90 -18.80
CA ASP B 135 49.98 -11.62 -18.89
C ASP B 135 49.67 -10.88 -20.20
N GLN B 136 50.21 -11.38 -21.30
CA GLN B 136 50.05 -10.75 -22.61
C GLN B 136 49.27 -11.70 -23.52
N GLU B 137 48.14 -11.22 -24.03
CA GLU B 137 47.33 -12.03 -24.93
C GLU B 137 47.97 -12.21 -26.30
N ALA B 138 48.98 -11.40 -26.61
CA ALA B 138 49.67 -11.55 -27.89
C ALA B 138 50.33 -12.91 -28.03
N ILE B 139 50.76 -13.52 -26.92
CA ILE B 139 51.29 -14.88 -26.98
C ILE B 139 50.19 -15.84 -27.43
N ALA B 140 48.98 -15.66 -26.91
CA ALA B 140 47.86 -16.50 -27.35
C ALA B 140 47.52 -16.25 -28.81
N GLN B 141 47.64 -14.99 -29.25
CA GLN B 141 47.43 -14.70 -30.67
C GLN B 141 48.45 -15.41 -31.54
N ILE B 142 49.73 -15.39 -31.14
CA ILE B 142 50.76 -16.08 -31.90
C ILE B 142 50.51 -17.58 -31.90
N LEU B 143 50.09 -18.13 -30.76
CA LEU B 143 49.79 -19.56 -30.68
C LEU B 143 48.65 -19.95 -31.62
N ASP B 144 47.57 -19.17 -31.61
CA ASP B 144 46.46 -19.45 -32.50
C ASP B 144 46.82 -19.25 -33.98
N PHE B 145 47.69 -18.30 -34.28
CA PHE B 145 48.14 -18.13 -35.66
C PHE B 145 48.98 -19.33 -36.10
N ILE B 146 49.86 -19.82 -35.23
CA ILE B 146 50.64 -21.01 -35.56
C ILE B 146 49.72 -22.22 -35.75
N SER B 147 48.69 -22.33 -34.90
CA SER B 147 47.72 -23.40 -35.06
C SER B 147 47.00 -23.31 -36.39
N ALA B 148 46.65 -22.09 -36.80
CA ALA B 148 46.04 -21.89 -38.12
C ALA B 148 47.00 -22.27 -39.23
N GLN B 149 48.29 -21.99 -39.04
CA GLN B 149 49.26 -22.22 -40.11
C GLN B 149 49.54 -23.71 -40.29
N THR B 150 49.90 -24.41 -39.22
CA THR B 150 50.31 -25.81 -39.32
C THR B 150 49.18 -26.79 -39.09
N LEU B 151 48.02 -26.33 -38.62
CA LEU B 151 46.84 -27.17 -38.42
C LEU B 151 47.13 -28.34 -37.48
N THR B 152 47.59 -28.00 -36.27
CA THR B 152 47.85 -28.98 -35.24
C THR B 152 47.14 -28.54 -33.96
N PRO B 153 46.56 -29.47 -33.19
CA PRO B 153 45.90 -29.09 -31.94
C PRO B 153 46.91 -28.67 -30.89
N ILE B 154 46.73 -27.47 -30.35
CA ILE B 154 47.61 -26.93 -29.32
C ILE B 154 46.80 -26.74 -28.04
N LEU B 155 47.52 -26.59 -26.93
CA LEU B 155 46.91 -26.45 -25.61
C LEU B 155 47.65 -25.41 -24.79
N GLY B 156 47.01 -24.27 -24.56
CA GLY B 156 47.51 -23.31 -23.60
C GLY B 156 46.65 -23.34 -22.35
N ILE B 157 47.17 -23.92 -21.28
CA ILE B 157 46.35 -24.29 -20.12
C ILE B 157 46.96 -23.68 -18.85
N HIS B 158 46.16 -22.87 -18.16
CA HIS B 158 46.41 -22.41 -16.78
C HIS B 158 47.84 -21.93 -16.57
N GLY B 159 48.42 -21.26 -17.57
CA GLY B 159 49.76 -20.73 -17.43
C GLY B 159 49.77 -19.23 -17.23
N GLY B 160 48.65 -18.58 -17.53
CA GLY B 160 48.55 -17.14 -17.53
C GLY B 160 48.57 -16.54 -18.93
N SER B 161 48.78 -17.41 -19.91
CA SER B 161 48.60 -17.03 -21.33
C SER B 161 47.35 -17.75 -21.83
N SER B 162 46.51 -18.30 -20.95
CA SER B 162 45.27 -18.90 -21.49
C SER B 162 44.46 -17.73 -22.02
N MET B 163 44.22 -16.72 -21.18
CA MET B 163 43.63 -15.41 -21.53
C MET B 163 42.60 -15.53 -22.66
N ILE B 164 41.44 -16.13 -22.42
CA ILE B 164 40.44 -16.50 -23.47
C ILE B 164 40.19 -15.37 -24.46
N MET B 165 40.31 -15.66 -25.78
CA MET B 165 40.10 -14.68 -26.90
C MET B 165 38.95 -15.21 -27.75
N ALA B 166 38.05 -14.33 -28.24
CA ALA B 166 36.80 -14.73 -28.94
C ALA B 166 36.80 -14.48 -30.45
N ASP B 167 35.74 -14.86 -31.16
CA ASP B 167 35.71 -14.70 -32.62
C ASP B 167 37.03 -15.15 -33.25
N LYS B 168 37.39 -16.40 -32.96
CA LYS B 168 38.59 -16.98 -33.55
C LYS B 168 38.35 -17.33 -35.02
N ASP B 169 39.44 -17.40 -35.77
CA ASP B 169 39.36 -17.71 -37.19
C ASP B 169 39.05 -19.19 -37.40
N GLU B 170 38.93 -19.57 -38.68
CA GLU B 170 38.64 -20.96 -39.05
C GLU B 170 39.91 -21.81 -39.01
N SER B 171 40.55 -21.81 -37.83
CA SER B 171 41.79 -22.55 -37.63
C SER B 171 41.49 -23.94 -37.09
N SER B 172 42.55 -24.68 -36.78
CA SER B 172 42.41 -25.93 -36.06
C SER B 172 41.86 -25.65 -34.67
N MET B 173 40.63 -26.08 -34.40
CA MET B 173 39.93 -25.69 -33.18
C MET B 173 40.69 -26.16 -31.95
N PHE B 174 41.24 -25.20 -31.19
CA PHE B 174 41.93 -25.49 -29.95
C PHE B 174 41.27 -24.69 -28.84
N PHE B 175 41.26 -25.26 -27.64
CA PHE B 175 40.66 -24.63 -26.48
C PHE B 175 41.72 -24.29 -25.45
N GLN B 176 41.46 -23.23 -24.69
CA GLN B 176 42.34 -22.77 -23.63
C GLN B 176 41.56 -22.74 -22.33
N PHE B 177 42.25 -23.03 -21.22
CA PHE B 177 41.59 -23.12 -19.92
C PHE B 177 41.21 -21.74 -19.42
N GLY B 178 40.03 -21.27 -19.82
CA GLY B 178 39.53 -19.99 -19.39
C GLY B 178 38.04 -19.86 -19.62
N PRO B 179 37.34 -19.23 -18.69
CA PRO B 179 35.89 -19.10 -18.81
C PRO B 179 35.49 -18.02 -19.81
N SER B 180 34.29 -18.17 -20.35
CA SER B 180 33.73 -17.21 -21.29
C SER B 180 32.96 -16.14 -20.54
N ILE B 181 32.72 -15.02 -21.22
CA ILE B 181 32.03 -13.88 -20.61
C ILE B 181 30.59 -14.27 -20.30
N GLU B 182 30.01 -15.14 -21.12
CA GLU B 182 28.65 -15.59 -20.87
C GLU B 182 28.56 -16.40 -19.58
N GLN B 183 29.54 -17.28 -19.34
CA GLN B 183 29.56 -18.06 -18.11
C GLN B 183 29.75 -17.16 -16.89
N GLN B 184 30.56 -16.11 -17.02
CA GLN B 184 30.74 -15.17 -15.92
C GLN B 184 29.46 -14.40 -15.64
N ALA B 185 28.76 -13.97 -16.69
CA ALA B 185 27.47 -13.31 -16.49
C ALA B 185 26.47 -14.26 -15.83
N SER B 186 26.47 -15.52 -16.23
CA SER B 186 25.56 -16.49 -15.64
C SER B 186 25.86 -16.74 -14.18
N VAL B 187 27.14 -16.85 -13.82
CA VAL B 187 27.48 -17.09 -12.42
C VAL B 187 27.21 -15.84 -11.58
N MET B 188 27.38 -14.65 -12.15
CA MET B 188 27.02 -13.44 -11.42
C MET B 188 25.52 -13.34 -11.21
N LEU B 189 24.73 -13.71 -12.19
CA LEU B 189 23.27 -13.71 -11.95
C LEU B 189 22.94 -14.80 -10.93
N ASN B 190 23.59 -15.95 -10.95
CA ASN B 190 23.31 -16.95 -9.90
C ASN B 190 23.66 -16.41 -8.52
N ILE B 191 24.76 -15.64 -8.42
CA ILE B 191 25.13 -15.02 -7.15
C ILE B 191 24.04 -14.04 -6.71
N MET B 192 23.56 -13.20 -7.64
CA MET B 192 22.51 -12.25 -7.31
C MET B 192 21.22 -12.96 -6.94
N GLU B 193 20.95 -14.11 -7.54
CA GLU B 193 19.76 -14.88 -7.21
C GLU B 193 19.87 -15.55 -5.85
N GLU B 194 21.08 -15.97 -5.45
CA GLU B 194 21.25 -16.70 -4.20
C GLU B 194 20.89 -15.84 -2.99
N TYR B 195 21.11 -14.53 -3.06
CA TYR B 195 20.86 -13.65 -1.93
C TYR B 195 19.67 -12.73 -2.15
N ASP B 196 18.80 -13.03 -3.12
CA ASP B 196 17.56 -12.30 -3.35
C ASP B 196 17.81 -10.82 -3.66
N TRP B 197 18.82 -10.56 -4.47
CA TRP B 197 19.13 -9.20 -4.93
C TRP B 197 18.54 -8.96 -6.31
N TYR B 198 17.21 -8.91 -6.37
CA TYR B 198 16.51 -8.84 -7.65
C TYR B 198 16.38 -7.41 -8.15
N ILE B 199 17.49 -6.67 -8.18
CA ILE B 199 17.52 -5.32 -8.75
C ILE B 199 18.98 -4.98 -9.01
N PHE B 200 19.24 -4.41 -10.18
CA PHE B 200 20.62 -4.10 -10.57
C PHE B 200 20.59 -3.14 -11.76
N SER B 201 21.76 -2.86 -12.31
CA SER B 201 21.90 -2.00 -13.47
C SER B 201 23.10 -2.50 -14.27
N ILE B 202 23.39 -1.85 -15.40
CA ILE B 202 24.51 -2.23 -16.25
C ILE B 202 25.27 -0.97 -16.64
N VAL B 203 26.56 -0.94 -16.32
CA VAL B 203 27.41 0.19 -16.65
C VAL B 203 28.63 -0.30 -17.42
N THR B 204 28.53 -0.35 -18.73
CA THR B 204 29.60 -0.83 -19.60
C THR B 204 30.27 0.32 -20.33
N THR B 205 31.37 0.01 -21.01
CA THR B 205 32.14 0.97 -21.79
C THR B 205 32.25 0.46 -23.23
N TYR B 206 33.03 1.17 -24.04
CA TYR B 206 33.25 0.80 -25.43
C TYR B 206 34.43 -0.15 -25.59
N PHE B 207 34.40 -1.25 -24.83
CA PHE B 207 35.39 -2.32 -24.91
C PHE B 207 34.79 -3.53 -25.63
N PRO B 208 35.54 -4.14 -26.54
CA PRO B 208 34.99 -5.29 -27.29
C PRO B 208 34.59 -6.43 -26.36
N GLY B 209 33.29 -6.70 -26.32
CA GLY B 209 32.73 -7.72 -25.46
C GLY B 209 31.53 -7.26 -24.64
N TYR B 210 31.28 -5.95 -24.57
CA TYR B 210 30.14 -5.45 -23.81
C TYR B 210 28.82 -5.85 -24.45
N GLN B 211 28.77 -5.92 -25.78
CA GLN B 211 27.54 -6.29 -26.46
C GLN B 211 27.15 -7.73 -26.14
N ASP B 212 28.12 -8.65 -26.18
CA ASP B 212 27.85 -10.03 -25.80
C ASP B 212 27.40 -10.12 -24.35
N PHE B 213 28.00 -9.31 -23.47
CA PHE B 213 27.62 -9.32 -22.05
C PHE B 213 26.18 -8.89 -21.87
N VAL B 214 25.80 -7.76 -22.47
CA VAL B 214 24.43 -7.27 -22.30
C VAL B 214 23.44 -8.19 -23.00
N ASN B 215 23.83 -8.82 -24.11
CA ASN B 215 22.93 -9.75 -24.78
C ASN B 215 22.70 -10.99 -23.93
N LYS B 216 23.75 -11.51 -23.28
CA LYS B 216 23.57 -12.64 -22.38
C LYS B 216 22.72 -12.27 -21.18
N ILE B 217 22.94 -11.07 -20.62
CA ILE B 217 22.14 -10.62 -19.49
C ILE B 217 20.67 -10.51 -19.88
N ARG B 218 20.40 -9.99 -21.08
CA ARG B 218 19.01 -9.85 -21.52
C ARG B 218 18.38 -11.20 -21.81
N SER B 219 19.15 -12.11 -22.43
CA SER B 219 18.64 -13.44 -22.72
C SER B 219 18.35 -14.24 -21.45
N THR B 220 19.12 -14.01 -20.38
CA THR B 220 18.87 -14.71 -19.13
C THR B 220 17.92 -13.94 -18.21
N ILE B 221 17.58 -12.70 -18.54
CA ILE B 221 16.72 -11.90 -17.68
C ILE B 221 15.24 -11.98 -18.04
N GLU B 222 14.91 -12.47 -19.24
CA GLU B 222 13.53 -12.56 -19.68
C GLU B 222 13.21 -13.98 -20.17
N ASN B 223 13.94 -14.96 -19.65
CA ASN B 223 13.66 -16.37 -19.94
C ASN B 223 13.43 -17.15 -18.66
N SER B 224 13.04 -16.45 -17.58
CA SER B 224 12.75 -17.08 -16.30
C SER B 224 11.61 -16.33 -15.64
N PHE B 225 11.00 -16.97 -14.64
CA PHE B 225 9.85 -16.41 -13.93
C PHE B 225 10.26 -15.69 -12.65
N VAL B 226 11.47 -15.15 -12.61
CA VAL B 226 11.98 -14.40 -11.46
C VAL B 226 11.85 -12.92 -11.76
N GLY B 227 11.38 -12.15 -10.78
CA GLY B 227 11.14 -10.74 -10.96
C GLY B 227 12.40 -9.88 -10.96
N TRP B 228 13.22 -10.03 -12.00
CA TRP B 228 14.42 -9.19 -12.13
C TRP B 228 14.00 -7.78 -12.53
N GLU B 229 14.53 -6.78 -11.83
CA GLU B 229 14.20 -5.38 -12.07
C GLU B 229 15.41 -4.68 -12.66
N LEU B 230 15.51 -4.69 -13.98
CA LEU B 230 16.59 -3.99 -14.68
C LEU B 230 16.31 -2.49 -14.66
N GLU B 231 17.12 -1.73 -13.92
CA GLU B 231 16.88 -0.30 -13.79
C GLU B 231 17.26 0.45 -15.05
N GLU B 232 18.54 0.39 -15.43
CA GLU B 232 19.02 1.12 -16.60
C GLU B 232 20.36 0.53 -17.04
N VAL B 233 20.62 0.60 -18.34
CA VAL B 233 21.87 0.14 -18.93
C VAL B 233 22.64 1.35 -19.44
N LEU B 234 23.88 1.49 -18.99
CA LEU B 234 24.72 2.62 -19.34
C LEU B 234 25.78 2.22 -20.36
N LEU B 235 26.08 3.12 -21.28
CA LEU B 235 27.14 2.95 -22.27
C LEU B 235 28.01 4.21 -22.22
N LEU B 236 29.03 4.18 -21.36
CA LEU B 236 29.86 5.35 -21.15
C LEU B 236 30.99 5.39 -22.19
N ASP B 237 31.44 6.61 -22.47
CA ASP B 237 32.55 6.86 -23.39
C ASP B 237 33.59 7.74 -22.70
N MET B 238 34.86 7.38 -22.84
CA MET B 238 35.96 8.11 -22.21
C MET B 238 36.43 9.19 -23.19
N SER B 239 35.62 10.25 -23.31
CA SER B 239 35.91 11.33 -24.24
C SER B 239 36.18 12.65 -23.50
N LEU B 240 35.26 13.09 -22.65
CA LEU B 240 35.41 14.37 -21.96
C LEU B 240 34.56 14.35 -20.70
N ASP B 241 34.33 15.52 -20.11
CA ASP B 241 33.53 15.62 -18.90
C ASP B 241 32.06 15.29 -19.12
N ASP B 242 31.63 15.14 -20.37
CA ASP B 242 30.25 14.73 -20.63
C ASP B 242 29.98 13.35 -20.06
N GLY B 243 30.93 12.42 -20.24
CA GLY B 243 30.79 11.11 -19.64
C GLY B 243 30.78 11.16 -18.12
N ASP B 244 31.57 12.06 -17.55
CA ASP B 244 31.57 12.25 -16.10
C ASP B 244 30.21 12.70 -15.60
N SER B 245 29.63 13.71 -16.24
CA SER B 245 28.30 14.18 -15.85
C SER B 245 27.27 13.08 -16.04
N LYS B 246 27.38 12.32 -17.13
CA LYS B 246 26.43 11.24 -17.39
C LYS B 246 26.48 10.18 -16.30
N ILE B 247 27.68 9.70 -15.97
CA ILE B 247 27.80 8.64 -14.96
C ILE B 247 27.39 9.17 -13.59
N GLN B 248 27.69 10.43 -13.31
CA GLN B 248 27.29 11.01 -12.03
C GLN B 248 25.78 11.05 -11.89
N ASN B 249 25.09 11.61 -12.89
CA ASN B 249 23.63 11.70 -12.84
C ASN B 249 22.99 10.32 -12.81
N GLN B 250 23.53 9.39 -13.60
CA GLN B 250 22.95 8.06 -13.66
C GLN B 250 23.13 7.30 -12.35
N LEU B 251 24.31 7.34 -11.74
CA LEU B 251 24.55 6.67 -10.47
C LEU B 251 23.78 7.35 -9.34
N LYS B 252 23.53 8.65 -9.45
CA LYS B 252 22.60 9.29 -8.52
C LYS B 252 21.16 8.85 -8.76
N LYS B 253 20.84 8.43 -9.98
CA LYS B 253 19.49 7.97 -10.31
C LYS B 253 19.34 6.46 -10.22
N LEU B 254 20.44 5.71 -10.12
CA LEU B 254 20.35 4.26 -10.05
C LEU B 254 19.58 3.80 -8.81
N GLN B 255 20.11 4.11 -7.64
CA GLN B 255 19.50 3.77 -6.34
C GLN B 255 19.26 2.27 -6.20
N SER B 256 20.08 1.45 -6.87
CA SER B 256 19.99 0.00 -6.76
C SER B 256 21.20 -0.55 -6.02
N PRO B 257 21.01 -1.39 -5.00
CA PRO B 257 22.15 -1.84 -4.19
C PRO B 257 22.91 -3.00 -4.81
N ILE B 258 23.06 -2.98 -6.14
CA ILE B 258 23.89 -3.93 -6.88
C ILE B 258 24.25 -3.28 -8.20
N ILE B 259 25.54 -3.28 -8.53
CA ILE B 259 26.03 -2.63 -9.74
C ILE B 259 27.01 -3.54 -10.45
N LEU B 260 26.87 -3.63 -11.76
CA LEU B 260 27.75 -4.41 -12.61
C LEU B 260 28.46 -3.51 -13.62
N LEU B 261 29.67 -3.89 -13.99
CA LEU B 261 30.45 -3.11 -14.95
C LEU B 261 31.34 -4.06 -15.75
N TYR B 262 31.88 -3.54 -16.86
CA TYR B 262 32.72 -4.35 -17.74
C TYR B 262 33.65 -3.40 -18.51
N CYS B 263 34.90 -3.34 -18.08
CA CYS B 263 35.91 -2.52 -18.74
C CYS B 263 37.29 -3.06 -18.33
N THR B 264 38.34 -2.32 -18.67
CA THR B 264 39.69 -2.71 -18.31
C THR B 264 40.03 -2.23 -16.90
N LYS B 265 41.30 -2.44 -16.51
CA LYS B 265 41.70 -2.14 -15.14
C LYS B 265 41.74 -0.64 -14.88
N GLU B 266 42.41 0.11 -15.76
CA GLU B 266 42.54 1.56 -15.55
C GLU B 266 41.18 2.25 -15.67
N GLU B 267 40.37 1.84 -16.65
CA GLU B 267 39.02 2.38 -16.75
C GLU B 267 38.18 2.02 -15.52
N ALA B 268 38.39 0.83 -14.97
CA ALA B 268 37.68 0.45 -13.75
C ALA B 268 38.08 1.35 -12.58
N THR B 269 39.37 1.61 -12.42
CA THR B 269 39.83 2.50 -11.36
C THR B 269 39.26 3.90 -11.53
N TYR B 270 39.25 4.40 -12.78
CA TYR B 270 38.69 5.71 -13.06
C TYR B 270 37.21 5.78 -12.70
N ILE B 271 36.44 4.79 -13.16
CA ILE B 271 35.00 4.78 -12.89
C ILE B 271 34.74 4.65 -11.39
N PHE B 272 35.53 3.84 -10.69
CA PHE B 272 35.31 3.65 -9.27
C PHE B 272 35.63 4.91 -8.48
N GLU B 273 36.73 5.60 -8.83
CA GLU B 273 37.05 6.83 -8.12
C GLU B 273 36.05 7.93 -8.42
N VAL B 274 35.56 8.00 -9.67
CA VAL B 274 34.53 8.98 -10.01
C VAL B 274 33.25 8.69 -9.22
N ALA B 275 32.86 7.42 -9.14
CA ALA B 275 31.64 7.05 -8.44
C ALA B 275 31.76 7.30 -6.94
N ASN B 276 32.94 7.05 -6.38
CA ASN B 276 33.16 7.35 -4.97
C ASN B 276 33.15 8.84 -4.71
N SER B 277 33.62 9.64 -5.67
CA SER B 277 33.51 11.10 -5.55
C SER B 277 32.06 11.53 -5.62
N VAL B 278 31.25 10.84 -6.41
CA VAL B 278 29.82 11.13 -6.51
C VAL B 278 29.13 10.57 -5.26
N GLY B 279 29.77 9.60 -4.62
CA GLY B 279 29.24 9.01 -3.41
C GLY B 279 28.81 7.56 -3.51
N LEU B 280 29.54 6.73 -4.26
CA LEU B 280 29.24 5.29 -4.32
C LEU B 280 30.11 4.57 -3.30
N THR B 281 29.63 4.57 -2.06
CA THR B 281 30.35 3.97 -0.94
C THR B 281 30.02 2.47 -0.90
N GLY B 282 30.52 1.78 0.12
CA GLY B 282 30.29 0.35 0.29
C GLY B 282 29.15 -0.01 1.22
N TYR B 283 28.34 0.97 1.63
CA TYR B 283 27.22 0.69 2.54
C TYR B 283 26.09 -0.02 1.81
N GLY B 284 25.59 0.60 0.75
CA GLY B 284 24.50 0.00 -0.01
C GLY B 284 24.91 -0.51 -1.37
N TYR B 285 25.81 0.22 -2.04
CA TYR B 285 26.26 -0.15 -3.38
C TYR B 285 27.27 -1.28 -3.28
N THR B 286 26.85 -2.48 -3.68
CA THR B 286 27.73 -3.66 -3.66
C THR B 286 28.08 -4.00 -5.11
N TRP B 287 29.22 -3.48 -5.55
CA TRP B 287 29.62 -3.62 -6.95
C TRP B 287 30.01 -5.05 -7.27
N ILE B 288 29.61 -5.49 -8.46
CA ILE B 288 29.99 -6.80 -9.01
C ILE B 288 30.66 -6.56 -10.35
N VAL B 289 31.65 -7.39 -10.66
CA VAL B 289 32.44 -7.21 -11.88
C VAL B 289 33.11 -8.52 -12.26
N PRO B 290 33.18 -8.85 -13.55
CA PRO B 290 33.92 -10.06 -13.97
C PRO B 290 35.43 -9.90 -13.76
N SER B 291 36.16 -10.91 -14.24
CA SER B 291 37.60 -10.99 -14.00
C SER B 291 38.42 -10.08 -14.90
N LEU B 292 37.76 -9.26 -15.72
CA LEU B 292 38.49 -8.40 -16.64
C LEU B 292 39.21 -7.25 -15.93
N VAL B 293 38.61 -6.68 -14.89
CA VAL B 293 39.26 -5.61 -14.15
C VAL B 293 40.18 -6.14 -13.05
N ALA B 294 40.02 -7.40 -12.64
CA ALA B 294 40.88 -7.96 -11.60
C ALA B 294 42.29 -8.19 -12.12
N GLY B 295 42.40 -8.95 -13.22
CA GLY B 295 43.70 -9.24 -13.79
C GLY B 295 44.59 -9.99 -12.81
N ASP B 296 45.88 -9.67 -12.86
CA ASP B 296 46.83 -10.24 -11.93
C ASP B 296 46.59 -9.69 -10.53
N THR B 297 46.46 -10.60 -9.56
CA THR B 297 46.16 -10.20 -8.20
C THR B 297 47.39 -9.55 -7.55
N ASP B 298 47.24 -9.17 -6.28
CA ASP B 298 48.28 -8.53 -5.47
C ASP B 298 48.71 -7.18 -6.04
N THR B 299 47.88 -6.56 -6.86
CA THR B 299 48.14 -5.24 -7.43
C THR B 299 46.89 -4.38 -7.34
N VAL B 300 46.26 -4.36 -6.16
CA VAL B 300 45.00 -3.66 -5.97
C VAL B 300 45.24 -2.17 -5.78
N PRO B 301 44.63 -1.31 -6.60
CA PRO B 301 44.75 0.13 -6.38
C PRO B 301 43.91 0.61 -5.20
N SER B 302 43.92 1.92 -4.95
CA SER B 302 43.15 2.49 -3.85
C SER B 302 41.73 2.89 -4.24
N GLU B 303 41.39 2.83 -5.53
CA GLU B 303 40.06 3.24 -5.97
C GLU B 303 39.03 2.17 -5.69
N PHE B 304 39.44 0.91 -5.65
CA PHE B 304 38.49 -0.18 -5.44
C PHE B 304 37.94 -0.15 -4.02
N PRO B 305 36.63 -0.29 -3.84
CA PRO B 305 36.08 -0.34 -2.48
C PRO B 305 36.27 -1.70 -1.82
N THR B 306 35.75 -1.87 -0.61
CA THR B 306 35.89 -3.11 0.14
C THR B 306 34.64 -3.98 0.04
N GLY B 307 33.86 -3.78 -1.02
CA GLY B 307 32.64 -4.55 -1.21
C GLY B 307 32.53 -5.17 -2.58
N LEU B 308 33.58 -5.01 -3.39
CA LEU B 308 33.59 -5.53 -4.76
C LEU B 308 33.52 -7.06 -4.76
N ILE B 309 32.60 -7.62 -5.51
CA ILE B 309 32.58 -9.10 -5.69
C ILE B 309 32.95 -9.42 -7.13
N SER B 310 33.99 -10.17 -7.23
CA SER B 310 34.52 -10.56 -8.53
C SER B 310 34.60 -12.09 -8.62
N VAL B 311 34.53 -12.61 -9.84
CA VAL B 311 34.72 -14.02 -10.12
C VAL B 311 35.96 -14.16 -11.00
N SER B 312 36.52 -15.36 -10.99
CA SER B 312 37.75 -15.63 -11.74
C SER B 312 37.96 -17.14 -11.82
N TYR B 313 38.99 -17.54 -12.55
CA TYR B 313 39.32 -18.94 -12.70
C TYR B 313 39.95 -19.47 -11.41
N ASP B 314 40.09 -20.80 -11.35
CA ASP B 314 40.69 -21.47 -10.19
C ASP B 314 42.20 -21.25 -10.21
N GLU B 315 42.61 -20.10 -9.68
CA GLU B 315 44.02 -19.74 -9.67
C GLU B 315 44.72 -20.13 -8.38
N TRP B 316 43.97 -20.49 -7.33
CA TRP B 316 44.54 -20.74 -6.02
C TRP B 316 44.74 -22.23 -5.74
N ASP B 317 43.66 -23.02 -5.80
CA ASP B 317 43.69 -24.43 -5.45
C ASP B 317 43.66 -25.33 -6.68
N TYR B 318 44.33 -24.91 -7.75
CA TYR B 318 44.47 -25.71 -8.96
C TYR B 318 45.95 -25.73 -9.34
N GLY B 319 46.60 -26.87 -9.11
CA GLY B 319 48.04 -26.96 -9.31
C GLY B 319 48.41 -27.03 -10.78
N LEU B 320 49.55 -26.44 -11.13
CA LEU B 320 50.05 -26.51 -12.50
C LEU B 320 50.37 -27.94 -12.94
N PRO B 321 50.97 -28.82 -12.11
CA PRO B 321 51.08 -30.22 -12.53
C PRO B 321 49.73 -30.87 -12.80
N ALA B 322 48.72 -30.57 -11.98
CA ALA B 322 47.38 -31.08 -12.25
C ALA B 322 46.85 -30.58 -13.59
N ARG B 323 47.11 -29.30 -13.89
CA ARG B 323 46.65 -28.73 -15.15
C ARG B 323 47.31 -29.42 -16.34
N VAL B 324 48.64 -29.61 -16.27
CA VAL B 324 49.35 -30.20 -17.40
C VAL B 324 49.00 -31.67 -17.56
N ARG B 325 48.76 -32.38 -16.45
CA ARG B 325 48.36 -33.78 -16.57
C ARG B 325 46.95 -33.91 -17.11
N ASP B 326 46.04 -32.99 -16.74
CA ASP B 326 44.71 -33.00 -17.32
C ASP B 326 44.78 -32.70 -18.82
N GLY B 327 45.64 -31.76 -19.21
CA GLY B 327 45.78 -31.45 -20.62
C GLY B 327 46.33 -32.62 -21.43
N ILE B 328 47.37 -33.28 -20.92
CA ILE B 328 47.95 -34.39 -21.65
C ILE B 328 46.99 -35.58 -21.66
N ALA B 329 46.21 -35.77 -20.60
CA ALA B 329 45.20 -36.83 -20.60
C ALA B 329 44.11 -36.54 -21.63
N ILE B 330 43.68 -35.28 -21.73
CA ILE B 330 42.72 -34.89 -22.75
C ILE B 330 43.25 -35.18 -24.14
N ILE B 331 44.50 -34.77 -24.39
CA ILE B 331 45.10 -34.98 -25.72
C ILE B 331 45.18 -36.46 -26.04
N THR B 332 45.68 -37.27 -25.10
CA THR B 332 45.85 -38.69 -25.35
C THR B 332 44.52 -39.38 -25.57
N THR B 333 43.51 -39.03 -24.75
CA THR B 333 42.20 -39.68 -24.88
C THR B 333 41.54 -39.30 -26.21
N ALA B 334 41.64 -38.04 -26.61
CA ALA B 334 41.05 -37.61 -27.88
C ALA B 334 41.75 -38.30 -29.05
N ALA B 335 43.08 -38.34 -29.03
CA ALA B 335 43.81 -39.02 -30.10
C ALA B 335 43.48 -40.50 -30.15
N SER B 336 43.35 -41.14 -28.98
CA SER B 336 42.99 -42.55 -28.92
C SER B 336 41.61 -42.79 -29.53
N ASP B 337 40.63 -41.97 -29.13
CA ASP B 337 39.28 -42.13 -29.66
C ASP B 337 39.27 -41.93 -31.18
N MET B 338 39.94 -40.88 -31.66
CA MET B 338 39.94 -40.60 -33.09
C MET B 338 40.64 -41.68 -33.90
N LEU B 339 41.77 -42.19 -33.42
CA LEU B 339 42.50 -43.24 -34.13
C LEU B 339 41.82 -44.59 -34.02
N SER B 340 40.99 -44.80 -32.99
CA SER B 340 40.24 -46.05 -32.89
C SER B 340 38.99 -46.02 -33.75
N GLU B 341 38.37 -44.85 -33.91
CA GLU B 341 37.18 -44.74 -34.73
C GLU B 341 37.49 -44.44 -36.20
N HIS B 342 38.73 -44.06 -36.52
CA HIS B 342 39.11 -43.77 -37.89
C HIS B 342 40.16 -44.72 -38.46
N SER B 343 40.99 -45.32 -37.60
CA SER B 343 42.02 -46.28 -38.02
C SER B 343 43.01 -45.66 -39.01
N PHE B 344 43.24 -44.36 -38.89
CA PHE B 344 44.19 -43.66 -39.76
C PHE B 344 44.54 -42.33 -39.12
N ILE B 345 45.84 -42.06 -39.01
CA ILE B 345 46.32 -40.82 -38.40
C ILE B 345 46.94 -39.94 -39.48
N PRO B 346 46.62 -38.64 -39.50
CA PRO B 346 47.20 -37.77 -40.52
C PRO B 346 48.70 -37.61 -40.34
N GLU B 347 49.35 -37.15 -41.40
CA GLU B 347 50.80 -36.99 -41.39
C GLU B 347 51.17 -35.61 -40.83
N PRO B 348 52.01 -35.55 -39.80
CA PRO B 348 52.42 -34.25 -39.26
C PRO B 348 53.46 -33.57 -40.13
N LYS B 349 53.01 -32.87 -41.17
CA LYS B 349 53.92 -32.21 -42.11
C LYS B 349 54.71 -31.12 -41.40
N SER B 350 56.00 -31.36 -41.20
CA SER B 350 56.84 -30.48 -40.37
C SER B 350 57.63 -29.50 -41.23
N SER B 351 56.91 -28.78 -42.09
CA SER B 351 57.55 -27.79 -42.94
C SER B 351 57.74 -26.46 -42.20
N CYS B 352 56.64 -25.83 -41.82
CA CYS B 352 56.58 -24.49 -41.22
C CYS B 352 57.46 -23.49 -41.96
N TYR B 353 57.72 -23.75 -43.24
CA TYR B 353 58.45 -22.82 -44.08
C TYR B 353 57.92 -22.74 -45.51
N ASN B 354 56.83 -23.46 -45.84
CA ASN B 354 56.30 -23.51 -47.20
C ASN B 354 54.82 -23.90 -47.11
N THR B 355 53.97 -23.13 -47.79
CA THR B 355 52.54 -23.40 -47.77
C THR B 355 52.16 -24.64 -48.59
N HIS B 356 53.12 -25.22 -49.31
CA HIS B 356 52.80 -26.39 -50.13
C HIS B 356 52.45 -27.59 -49.27
N GLU B 357 52.98 -27.66 -48.05
CA GLU B 357 52.67 -28.78 -47.14
C GLU B 357 51.27 -28.70 -46.57
N LYS B 358 50.55 -27.60 -46.78
CA LYS B 358 49.20 -27.45 -46.25
C LYS B 358 48.17 -28.28 -46.99
N ARG B 359 48.57 -29.03 -48.03
CA ARG B 359 47.65 -29.87 -48.79
C ARG B 359 47.16 -31.07 -47.99
N ILE B 360 47.72 -31.33 -46.81
CA ILE B 360 47.29 -32.47 -46.00
C ILE B 360 45.95 -32.23 -45.32
N TYR B 361 45.37 -31.03 -45.46
CA TYR B 361 44.08 -30.73 -44.84
C TYR B 361 42.95 -31.35 -45.65
N GLN B 362 42.88 -32.69 -45.66
CA GLN B 362 41.83 -33.40 -46.39
C GLN B 362 41.12 -34.45 -45.57
N SER B 363 41.69 -34.91 -44.45
CA SER B 363 41.04 -35.92 -43.63
C SER B 363 40.02 -35.28 -42.69
N ASN B 364 39.40 -36.12 -41.87
CA ASN B 364 38.41 -35.63 -40.92
C ASN B 364 39.08 -34.79 -39.84
N MET B 365 38.34 -33.79 -39.34
CA MET B 365 38.86 -32.88 -38.33
C MET B 365 39.03 -33.60 -37.00
N LEU B 366 40.25 -33.57 -36.46
CA LEU B 366 40.51 -34.15 -35.14
C LEU B 366 39.74 -33.40 -34.06
N ASN B 367 39.45 -32.12 -34.27
CA ASN B 367 38.78 -31.32 -33.25
C ASN B 367 37.36 -31.81 -32.98
N ARG B 368 36.71 -32.40 -33.99
CA ARG B 368 35.35 -32.88 -33.83
C ARG B 368 35.25 -33.92 -32.73
N TYR B 369 36.29 -34.72 -32.53
CA TYR B 369 36.36 -35.65 -31.42
C TYR B 369 37.17 -35.12 -30.24
N LEU B 370 38.02 -34.12 -30.47
CA LEU B 370 38.78 -33.51 -29.38
C LEU B 370 37.86 -32.72 -28.45
N ILE B 371 36.79 -32.15 -28.99
CA ILE B 371 35.87 -31.34 -28.20
C ILE B 371 34.90 -32.21 -27.43
N ASN B 372 35.04 -33.54 -27.57
CA ASN B 372 34.16 -34.47 -26.88
C ASN B 372 34.97 -35.48 -26.08
N VAL B 373 35.87 -34.98 -25.24
CA VAL B 373 36.78 -35.82 -24.46
C VAL B 373 36.37 -35.78 -23.00
N THR B 374 36.47 -36.93 -22.34
CA THR B 374 36.22 -37.04 -20.90
C THR B 374 37.18 -38.07 -20.32
N PHE B 375 37.63 -37.81 -19.10
CA PHE B 375 38.61 -38.69 -18.46
C PHE B 375 38.60 -38.42 -16.96
N GLU B 376 39.03 -39.44 -16.20
CA GLU B 376 39.16 -39.34 -14.75
C GLU B 376 37.83 -39.02 -14.07
N GLY B 377 36.73 -39.53 -14.63
CA GLY B 377 35.43 -39.33 -14.05
C GLY B 377 34.98 -37.88 -13.97
N ARG B 378 35.48 -37.03 -14.85
CA ARG B 378 35.13 -35.61 -14.86
C ARG B 378 34.82 -35.18 -16.29
N ASP B 379 33.74 -34.43 -16.45
CA ASP B 379 33.34 -33.94 -17.77
C ASP B 379 34.29 -32.84 -18.21
N LEU B 380 34.90 -33.03 -19.38
CA LEU B 380 35.87 -32.10 -19.93
C LEU B 380 35.53 -31.79 -21.39
N SER B 381 34.26 -31.47 -21.64
CA SER B 381 33.83 -31.11 -22.97
C SER B 381 34.20 -29.66 -23.28
N PHE B 382 34.20 -29.32 -24.57
CA PHE B 382 34.57 -27.99 -25.01
C PHE B 382 33.65 -27.57 -26.15
N SER B 383 33.57 -26.26 -26.37
CA SER B 383 32.75 -25.69 -27.42
C SER B 383 33.59 -25.44 -28.67
N GLU B 384 32.91 -24.99 -29.73
CA GLU B 384 33.59 -24.69 -30.99
C GLU B 384 34.44 -23.43 -30.92
N ASP B 385 34.16 -22.54 -29.97
CA ASP B 385 34.93 -21.30 -29.87
C ASP B 385 36.29 -21.53 -29.21
N GLY B 386 36.35 -22.43 -28.22
CA GLY B 386 37.61 -22.73 -27.57
C GLY B 386 37.61 -22.47 -26.08
N TYR B 387 36.45 -22.53 -25.44
CA TYR B 387 36.33 -22.34 -24.01
C TYR B 387 35.72 -23.57 -23.36
N GLN B 388 35.95 -23.71 -22.05
CA GLN B 388 35.43 -24.87 -21.32
C GLN B 388 33.92 -24.78 -21.17
N MET B 389 33.26 -25.93 -21.25
CA MET B 389 31.85 -26.02 -20.92
C MET B 389 31.62 -26.09 -19.41
N HIS B 390 32.64 -26.42 -18.64
CA HIS B 390 32.58 -26.42 -17.18
C HIS B 390 33.88 -25.80 -16.67
N PRO B 391 33.90 -24.47 -16.47
CA PRO B 391 35.16 -23.79 -16.18
C PRO B 391 35.63 -23.95 -14.73
N LYS B 392 34.76 -24.47 -13.87
CA LYS B 392 35.07 -24.63 -12.45
C LYS B 392 35.46 -23.29 -11.82
N LEU B 393 34.50 -22.37 -11.84
CA LEU B 393 34.75 -21.02 -11.36
C LEU B 393 34.79 -20.97 -9.83
N VAL B 394 35.41 -19.91 -9.31
CA VAL B 394 35.51 -19.66 -7.89
C VAL B 394 35.22 -18.19 -7.64
N ILE B 395 34.49 -17.91 -6.57
CA ILE B 395 34.12 -16.55 -6.22
C ILE B 395 35.20 -15.94 -5.33
N ILE B 396 35.53 -14.67 -5.57
CA ILE B 396 36.55 -13.97 -4.80
C ILE B 396 35.97 -12.67 -4.28
N LEU B 397 36.47 -12.22 -3.13
CA LEU B 397 36.03 -10.98 -2.52
C LEU B 397 37.19 -10.40 -1.71
N LEU B 398 37.32 -9.08 -1.76
CA LEU B 398 38.39 -8.37 -1.08
C LEU B 398 37.84 -7.75 0.20
N ASN B 399 38.59 -7.89 1.29
CA ASN B 399 38.18 -7.36 2.58
C ASN B 399 38.83 -5.98 2.80
N LYS B 400 38.71 -5.47 4.02
CA LYS B 400 39.27 -4.18 4.37
C LYS B 400 40.79 -4.25 4.50
N GLU B 401 41.34 -5.46 4.41
CA GLU B 401 42.79 -5.67 4.46
C GLU B 401 43.44 -5.64 3.08
N ARG B 402 42.67 -5.26 2.05
CA ARG B 402 43.17 -5.16 0.68
C ARG B 402 43.78 -6.49 0.22
N LYS B 403 43.03 -7.56 0.45
CA LYS B 403 43.47 -8.90 0.07
C LYS B 403 42.28 -9.66 -0.50
N TRP B 404 42.55 -10.44 -1.55
CA TRP B 404 41.54 -11.20 -2.27
C TRP B 404 41.58 -12.65 -1.79
N GLU B 405 40.54 -13.08 -1.09
CA GLU B 405 40.40 -14.44 -0.62
C GLU B 405 39.19 -15.10 -1.25
N ARG B 406 39.22 -16.43 -1.32
CA ARG B 406 38.12 -17.19 -1.90
C ARG B 406 36.93 -17.20 -0.95
N VAL B 407 35.74 -17.23 -1.54
CA VAL B 407 34.49 -17.24 -0.77
C VAL B 407 33.67 -18.46 -1.15
N GLY B 408 33.38 -18.61 -2.44
CA GLY B 408 32.57 -19.72 -2.91
C GLY B 408 33.13 -20.44 -4.11
N LYS B 409 32.43 -21.49 -4.55
CA LYS B 409 32.87 -22.29 -5.69
C LYS B 409 31.67 -22.59 -6.57
N TRP B 410 31.87 -22.54 -7.89
CA TRP B 410 30.82 -22.82 -8.86
C TRP B 410 31.35 -23.86 -9.85
N LYS B 411 30.67 -25.00 -9.93
CA LYS B 411 31.07 -26.08 -10.81
C LYS B 411 29.86 -26.93 -11.17
N ASP B 412 29.72 -27.22 -12.46
CA ASP B 412 28.64 -28.07 -12.98
C ASP B 412 27.26 -27.51 -12.59
N LYS B 413 27.10 -26.20 -12.78
CA LYS B 413 25.86 -25.49 -12.49
C LYS B 413 25.41 -25.70 -11.05
N SER B 414 26.36 -25.77 -10.14
CA SER B 414 26.08 -25.95 -8.72
C SER B 414 26.95 -25.00 -7.91
N LEU B 415 26.32 -24.19 -7.07
CA LEU B 415 27.02 -23.18 -6.27
C LEU B 415 27.14 -23.68 -4.84
N GLN B 416 28.36 -24.04 -4.44
CA GLN B 416 28.65 -24.49 -3.09
C GLN B 416 29.24 -23.38 -2.22
N MET B 417 28.81 -22.14 -2.42
CA MET B 417 29.38 -21.00 -1.70
C MET B 417 29.08 -21.12 -0.21
N LYS B 418 30.13 -21.02 0.61
CA LYS B 418 29.97 -20.94 2.06
C LYS B 418 29.63 -19.54 2.48
N TYR B 419 29.80 -19.22 3.78
CA TYR B 419 29.49 -17.90 4.32
C TYR B 419 28.02 -17.56 4.06
N TYR B 420 27.15 -18.36 4.70
CA TYR B 420 25.74 -18.46 4.37
C TYR B 420 25.09 -17.11 4.08
N VAL B 421 25.15 -16.18 5.03
CA VAL B 421 24.44 -14.90 4.91
C VAL B 421 25.50 -13.80 4.93
N TRP B 422 26.07 -13.53 3.74
CA TRP B 422 26.79 -12.32 3.36
C TRP B 422 27.55 -11.64 4.49
N PRO B 423 28.78 -12.18 4.74
CA PRO B 423 29.73 -11.52 5.59
C PRO B 423 29.35 -10.07 5.23
N ARG B 424 28.33 -9.55 5.90
CA ARG B 424 27.74 -8.21 5.59
C ARG B 424 28.81 -7.12 5.62
N MET B 425 28.70 -6.20 4.67
CA MET B 425 29.62 -5.05 4.49
C MET B 425 29.98 -4.42 5.84
N ASP B 434 24.54 1.23 12.08
CA ASP B 434 24.48 0.10 12.98
C ASP B 434 23.06 -0.46 13.07
N ASP B 435 22.44 -0.69 11.92
CA ASP B 435 21.07 -1.22 11.84
C ASP B 435 21.11 -2.54 11.07
N HIS B 436 21.38 -3.63 11.79
CA HIS B 436 21.36 -4.97 11.20
C HIS B 436 21.02 -5.94 12.32
N LEU B 437 19.75 -6.31 12.42
CA LEU B 437 19.24 -7.05 13.57
C LEU B 437 18.72 -8.42 13.14
N SER B 438 19.15 -9.45 13.85
CA SER B 438 18.60 -10.79 13.64
C SER B 438 17.29 -10.94 14.42
N ILE B 439 16.50 -11.95 14.02
CA ILE B 439 15.16 -12.13 14.59
C ILE B 439 14.83 -13.62 14.69
N VAL B 440 14.38 -14.06 15.87
CA VAL B 440 14.02 -15.43 16.12
C VAL B 440 12.50 -15.59 15.97
N THR B 441 12.07 -16.67 15.31
CA THR B 441 10.65 -16.93 15.08
C THR B 441 10.42 -18.43 15.23
N LEU B 442 9.15 -18.85 15.21
CA LEU B 442 8.82 -20.27 15.29
C LEU B 442 7.41 -20.53 14.79
N GLU B 443 7.27 -21.50 13.88
CA GLU B 443 5.98 -21.83 13.29
C GLU B 443 5.14 -22.77 14.14
N GLU B 444 5.42 -22.88 15.44
CA GLU B 444 4.64 -23.75 16.31
C GLU B 444 3.30 -23.11 16.65
N ALA B 445 3.07 -21.91 16.15
CA ALA B 445 1.83 -21.18 16.40
C ALA B 445 1.22 -20.73 15.08
N PRO B 446 -0.11 -20.63 14.98
CA PRO B 446 -0.72 -20.25 13.70
C PRO B 446 -0.63 -18.75 13.42
N PHE B 447 0.54 -18.18 13.62
CA PHE B 447 0.83 -16.79 13.29
C PHE B 447 1.88 -16.65 12.20
N VAL B 448 2.80 -17.61 12.11
CA VAL B 448 3.79 -17.67 11.05
C VAL B 448 3.80 -19.11 10.52
N ILE B 449 3.91 -19.22 9.21
CA ILE B 449 3.86 -20.55 8.57
C ILE B 449 5.15 -20.74 7.77
N VAL B 450 5.34 -21.93 7.23
CA VAL B 450 6.58 -22.28 6.53
C VAL B 450 6.22 -23.04 5.26
N GLU B 451 6.45 -22.43 4.11
CA GLU B 451 6.35 -23.09 2.81
C GLU B 451 7.72 -23.05 2.16
N SER B 452 8.19 -24.20 1.69
CA SER B 452 9.57 -24.34 1.26
C SER B 452 9.92 -23.43 0.08
N VAL B 453 9.43 -23.66 -1.13
CA VAL B 453 9.71 -22.53 -2.06
C VAL B 453 8.92 -22.81 -3.32
N ASP B 454 8.44 -21.75 -3.96
CA ASP B 454 7.53 -21.90 -5.13
C ASP B 454 8.21 -22.76 -6.19
N PRO B 455 7.64 -23.82 -6.79
CA PRO B 455 8.43 -24.55 -7.80
C PRO B 455 8.49 -23.87 -9.16
N LEU B 456 7.80 -22.75 -9.35
CA LEU B 456 7.82 -22.03 -10.66
C LEU B 456 9.15 -21.32 -10.94
N SER B 457 9.60 -20.44 -10.05
CA SER B 457 10.82 -19.67 -10.23
C SER B 457 11.94 -20.08 -9.27
N GLY B 458 11.73 -21.10 -8.45
CA GLY B 458 12.71 -21.47 -7.45
C GLY B 458 12.80 -20.54 -6.27
N THR B 459 11.99 -19.49 -6.23
CA THR B 459 11.92 -18.55 -5.13
C THR B 459 10.50 -18.52 -4.58
N CYS B 460 10.22 -17.53 -3.73
CA CYS B 460 8.88 -17.36 -3.17
C CYS B 460 8.27 -16.08 -3.70
N MET B 461 6.95 -15.99 -3.57
CA MET B 461 6.21 -14.85 -4.08
C MET B 461 6.53 -13.59 -3.27
N ARG B 462 5.98 -12.46 -3.72
CA ARG B 462 6.20 -11.17 -3.08
C ARG B 462 5.32 -10.95 -1.85
N ASN B 463 4.67 -11.99 -1.35
CA ASN B 463 3.83 -11.89 -0.15
C ASN B 463 4.58 -12.31 1.12
N THR B 464 5.33 -13.41 1.05
CA THR B 464 6.09 -13.89 2.19
C THR B 464 7.46 -13.20 2.23
N VAL B 465 8.26 -13.56 3.22
CA VAL B 465 9.62 -13.05 3.36
C VAL B 465 10.55 -14.25 3.57
N PRO B 466 11.71 -14.29 2.92
CA PRO B 466 12.60 -15.46 3.09
C PRO B 466 13.13 -15.61 4.51
N CYS B 467 12.72 -16.69 5.18
CA CYS B 467 13.21 -17.02 6.50
C CYS B 467 14.17 -18.20 6.40
N GLN B 468 15.36 -18.04 6.95
CA GLN B 468 16.43 -19.03 6.83
C GLN B 468 16.28 -20.05 7.95
N LYS B 469 15.86 -21.25 7.59
CA LYS B 469 15.54 -22.32 8.56
C LYS B 469 16.84 -22.92 8.98
N ARG B 470 17.57 -22.15 9.75
CA ARG B 470 18.95 -22.51 10.14
C ARG B 470 18.97 -23.43 11.36
N ILE B 471 18.35 -24.61 11.25
CA ILE B 471 18.19 -25.59 12.36
C ILE B 471 19.32 -26.62 12.35
N ILE B 472 20.01 -26.82 13.50
CA ILE B 472 21.02 -27.87 13.62
C ILE B 472 20.32 -29.22 13.56
N SER B 473 20.56 -29.96 12.47
CA SER B 473 19.76 -31.16 12.20
C SER B 473 20.25 -32.36 13.00
N GLU B 474 21.47 -32.82 12.72
CA GLU B 474 21.94 -34.09 13.27
C GLU B 474 22.62 -33.91 14.63
N ASN B 475 23.69 -33.13 14.68
CA ASN B 475 24.49 -32.97 15.89
C ASN B 475 25.47 -31.81 15.67
N LYS B 476 26.36 -31.62 16.64
CA LYS B 476 27.41 -30.61 16.56
C LYS B 476 28.69 -31.14 15.93
N THR B 477 28.60 -32.20 15.12
CA THR B 477 29.79 -32.75 14.49
C THR B 477 30.41 -31.76 13.51
N ASP B 478 29.57 -30.99 12.81
CA ASP B 478 30.04 -29.99 11.88
C ASP B 478 29.26 -28.71 12.10
N GLU B 479 29.73 -27.63 11.47
CA GLU B 479 29.10 -26.33 11.57
C GLU B 479 27.98 -26.12 10.56
N GLU B 480 27.50 -27.20 9.94
CA GLU B 480 26.42 -27.12 8.97
C GLU B 480 25.10 -26.80 9.66
N PRO B 481 24.48 -25.65 9.40
CA PRO B 481 23.22 -25.32 10.09
C PRO B 481 22.00 -25.87 9.36
N GLY B 482 22.21 -26.78 8.41
CA GLY B 482 21.13 -27.29 7.60
C GLY B 482 20.44 -26.19 6.82
N TYR B 483 21.24 -25.39 6.11
CA TYR B 483 20.74 -24.19 5.44
C TYR B 483 19.82 -24.53 4.28
N ILE B 484 18.53 -24.32 4.46
CA ILE B 484 17.53 -24.45 3.40
C ILE B 484 16.64 -23.22 3.48
N LYS B 485 16.78 -22.33 2.49
CA LYS B 485 16.12 -21.03 2.52
C LYS B 485 14.63 -21.21 2.29
N LYS B 486 13.85 -21.18 3.38
CA LYS B 486 12.39 -21.18 3.28
C LYS B 486 11.88 -19.75 3.25
N CYS B 487 10.56 -19.58 3.36
CA CYS B 487 9.97 -18.24 3.37
C CYS B 487 8.73 -18.26 4.24
N CYS B 488 8.75 -17.48 5.32
CA CYS B 488 7.68 -17.47 6.30
C CYS B 488 6.69 -16.35 6.00
N LYS B 489 5.43 -16.57 6.37
CA LYS B 489 4.37 -15.60 6.17
C LYS B 489 3.32 -15.78 7.26
N GLY B 490 2.41 -14.82 7.36
CA GLY B 490 1.34 -14.88 8.31
C GLY B 490 0.98 -13.55 8.94
N PHE B 491 0.78 -13.55 10.26
CA PHE B 491 0.41 -12.33 10.99
C PHE B 491 1.63 -11.64 11.58
N CYS B 492 2.44 -12.38 12.35
CA CYS B 492 3.66 -11.80 12.90
C CYS B 492 4.63 -11.40 11.80
N ILE B 493 4.66 -12.16 10.70
CA ILE B 493 5.49 -11.79 9.56
C ILE B 493 5.05 -10.45 8.97
N ASP B 494 3.73 -10.26 8.82
CA ASP B 494 3.24 -8.99 8.28
C ASP B 494 3.52 -7.84 9.24
N ILE B 495 3.35 -8.09 10.54
CA ILE B 495 3.67 -7.05 11.54
C ILE B 495 5.14 -6.68 11.44
N LEU B 496 6.02 -7.67 11.32
CA LEU B 496 7.45 -7.41 11.24
C LEU B 496 7.80 -6.64 9.97
N LYS B 497 7.18 -7.01 8.84
CA LYS B 497 7.44 -6.31 7.60
C LYS B 497 6.91 -4.88 7.62
N LYS B 498 5.81 -4.63 8.32
CA LYS B 498 5.33 -3.26 8.46
C LYS B 498 6.21 -2.44 9.39
N ILE B 499 6.70 -3.09 10.42
CA ILE B 499 7.57 -2.38 11.38
C ILE B 499 8.86 -1.94 10.67
N SER B 500 9.51 -2.78 9.86
CA SER B 500 10.80 -2.40 9.25
C SER B 500 10.62 -1.23 8.29
N LYS B 501 9.58 -1.19 7.49
CA LYS B 501 9.40 -0.01 6.63
C LYS B 501 9.11 1.22 7.49
N SER B 502 8.32 1.12 8.55
CA SER B 502 8.01 2.29 9.41
C SER B 502 9.24 2.61 10.26
N VAL B 503 10.11 1.63 10.41
CA VAL B 503 11.42 1.85 11.00
C VAL B 503 12.47 1.31 10.04
N LYS B 504 13.49 2.13 9.78
CA LYS B 504 14.51 1.82 8.78
C LYS B 504 15.52 0.84 9.38
N PHE B 505 15.36 -0.44 9.04
CA PHE B 505 16.32 -1.47 9.43
C PHE B 505 16.09 -2.69 8.54
N THR B 506 17.03 -3.62 8.59
CA THR B 506 16.94 -4.88 7.86
C THR B 506 16.96 -6.02 8.87
N TYR B 507 16.69 -7.23 8.38
CA TYR B 507 16.60 -8.39 9.26
C TYR B 507 16.94 -9.64 8.47
N ASP B 508 17.23 -10.73 9.19
CA ASP B 508 17.47 -12.04 8.62
C ASP B 508 17.04 -13.11 9.62
N LEU B 509 15.99 -13.86 9.28
CA LEU B 509 15.34 -14.73 10.26
C LEU B 509 16.16 -15.98 10.58
N TYR B 510 16.95 -15.90 11.65
CA TYR B 510 17.56 -17.09 12.26
C TYR B 510 16.47 -17.80 13.06
N LEU B 511 15.92 -18.87 12.52
CA LEU B 511 14.63 -19.39 12.98
C LEU B 511 14.64 -19.83 14.44
N VAL B 512 15.33 -20.91 14.76
CA VAL B 512 15.27 -21.49 16.10
C VAL B 512 16.35 -22.55 16.22
N THR B 513 16.80 -22.79 17.45
CA THR B 513 17.72 -23.88 17.77
C THR B 513 17.50 -24.33 19.21
N ASN B 514 17.01 -25.56 19.36
CA ASN B 514 16.87 -26.21 20.67
C ASN B 514 15.98 -25.40 21.62
N GLY B 515 14.72 -25.26 21.25
CA GLY B 515 13.77 -24.58 22.11
C GLY B 515 12.52 -24.20 21.36
N LYS B 516 11.48 -23.91 22.14
CA LYS B 516 10.18 -23.51 21.62
C LYS B 516 9.82 -22.08 22.00
N HIS B 517 9.78 -21.77 23.30
CA HIS B 517 9.46 -20.43 23.76
C HIS B 517 10.47 -19.97 24.81
N GLY B 518 11.00 -20.92 25.58
CA GLY B 518 11.98 -20.60 26.59
C GLY B 518 11.51 -20.83 28.02
N LYS B 519 11.99 -21.89 28.64
CA LYS B 519 11.68 -22.20 30.04
C LYS B 519 12.99 -22.23 30.82
N LYS B 520 13.02 -21.52 31.95
CA LYS B 520 14.24 -21.43 32.74
C LYS B 520 14.59 -22.79 33.33
N ILE B 521 15.72 -23.34 32.90
CA ILE B 521 16.18 -24.65 33.35
C ILE B 521 17.58 -24.49 33.90
N ASN B 522 17.76 -24.78 35.19
CA ASN B 522 19.06 -24.68 35.87
C ASN B 522 19.64 -23.27 35.76
N GLY B 523 18.79 -22.26 35.85
CA GLY B 523 19.26 -20.89 35.74
C GLY B 523 19.73 -20.50 34.35
N THR B 524 19.32 -21.23 33.32
CA THR B 524 19.71 -20.93 31.96
C THR B 524 18.47 -20.87 31.08
N TRP B 525 18.38 -19.84 30.24
CA TRP B 525 17.25 -19.67 29.36
C TRP B 525 17.55 -20.30 28.00
N ASN B 526 16.52 -20.85 27.37
CA ASN B 526 16.61 -21.44 26.03
C ASN B 526 15.57 -20.79 25.13
N GLY B 527 15.43 -21.32 23.91
CA GLY B 527 14.43 -20.84 22.99
C GLY B 527 14.68 -19.41 22.57
N MET B 528 13.60 -18.67 22.34
CA MET B 528 13.70 -17.27 21.95
C MET B 528 14.37 -16.45 23.04
N ILE B 529 13.95 -16.66 24.29
CA ILE B 529 14.55 -15.93 25.41
C ILE B 529 16.02 -16.29 25.57
N GLY B 530 16.37 -17.56 25.35
CA GLY B 530 17.76 -17.95 25.43
C GLY B 530 18.62 -17.36 24.32
N GLU B 531 18.06 -17.22 23.12
CA GLU B 531 18.80 -16.61 22.02
C GLU B 531 18.94 -15.11 22.23
N VAL B 532 17.94 -14.48 22.85
CA VAL B 532 18.00 -13.04 23.07
C VAL B 532 18.95 -12.70 24.22
N VAL B 533 18.92 -13.48 25.31
CA VAL B 533 19.72 -13.16 26.48
C VAL B 533 21.21 -13.38 26.24
N MET B 534 21.58 -14.23 25.29
CA MET B 534 22.98 -14.51 24.99
C MET B 534 23.59 -13.53 24.00
N LYS B 535 22.95 -12.38 23.77
CA LYS B 535 23.40 -11.37 22.82
C LYS B 535 23.60 -11.93 21.42
N ARG B 536 22.82 -12.94 21.04
CA ARG B 536 22.93 -13.58 19.74
C ARG B 536 21.77 -13.26 18.82
N ALA B 537 20.67 -12.75 19.34
CA ALA B 537 19.50 -12.45 18.53
C ALA B 537 19.12 -10.98 18.53
N TYR B 538 19.21 -10.31 19.68
CA TYR B 538 18.91 -8.88 19.82
C TYR B 538 17.44 -8.56 19.62
N MET B 539 16.62 -9.56 19.25
CA MET B 539 15.20 -9.37 19.01
C MET B 539 14.50 -10.72 18.84
N ALA B 540 13.20 -10.77 19.15
CA ALA B 540 12.43 -11.99 19.00
C ALA B 540 10.98 -11.63 18.71
N VAL B 541 10.31 -12.48 17.94
CA VAL B 541 8.95 -12.23 17.50
C VAL B 541 8.17 -13.54 17.50
N GLY B 542 6.86 -13.44 17.36
CA GLY B 542 6.00 -14.61 17.38
C GLY B 542 5.04 -14.58 18.57
N SER B 543 5.00 -15.67 19.34
CA SER B 543 4.14 -15.81 20.51
C SER B 543 5.04 -15.79 21.74
N LEU B 544 5.08 -14.71 22.48
CA LEU B 544 5.93 -14.80 23.67
C LEU B 544 5.13 -14.90 24.97
N THR B 545 3.91 -14.47 24.94
CA THR B 545 3.06 -14.56 26.14
C THR B 545 3.71 -13.87 27.33
N ILE B 546 3.94 -12.56 27.20
CA ILE B 546 4.70 -11.74 28.14
C ILE B 546 4.24 -11.98 29.58
N ASN B 547 5.20 -12.12 30.48
CA ASN B 547 4.94 -12.34 31.90
C ASN B 547 6.08 -11.68 32.68
N GLU B 548 6.19 -12.02 33.98
CA GLU B 548 7.21 -11.39 34.81
C GLU B 548 8.57 -12.03 34.63
N GLU B 549 8.63 -13.36 34.53
CA GLU B 549 9.91 -14.05 34.42
C GLU B 549 10.67 -13.66 33.15
N ARG B 550 9.94 -13.49 32.04
CA ARG B 550 10.59 -13.09 30.80
C ARG B 550 10.96 -11.61 30.82
N SER B 551 10.14 -10.79 31.48
CA SER B 551 10.39 -9.36 31.58
C SER B 551 11.53 -9.06 32.56
N GLU B 552 11.91 -10.06 33.35
CA GLU B 552 12.99 -9.88 34.32
C GLU B 552 14.31 -9.58 33.63
N VAL B 553 14.62 -10.33 32.56
CA VAL B 553 15.91 -10.21 31.87
C VAL B 553 15.76 -9.76 30.44
N VAL B 554 14.56 -9.82 29.87
CA VAL B 554 14.33 -9.43 28.47
C VAL B 554 13.27 -8.34 28.43
N ASP B 555 13.58 -7.26 27.72
CA ASP B 555 12.64 -6.14 27.58
C ASP B 555 11.48 -6.55 26.69
N PHE B 556 10.42 -5.76 26.69
CA PHE B 556 9.24 -6.06 25.88
C PHE B 556 8.61 -4.76 25.41
N SER B 557 7.97 -4.82 24.24
CA SER B 557 7.25 -3.70 23.67
C SER B 557 5.80 -3.74 24.14
N VAL B 558 4.94 -2.91 23.54
CA VAL B 558 3.53 -2.88 23.91
C VAL B 558 2.81 -4.08 23.29
N PRO B 559 1.85 -4.68 23.98
CA PRO B 559 1.16 -5.84 23.42
C PRO B 559 0.27 -5.44 22.24
N PHE B 560 0.41 -6.16 21.14
CA PHE B 560 -0.38 -5.90 19.94
C PHE B 560 -1.59 -6.82 19.82
N ILE B 561 -1.73 -7.78 20.73
CA ILE B 561 -2.87 -8.69 20.71
C ILE B 561 -3.03 -9.26 22.12
N GLU B 562 -4.28 -9.54 22.50
CA GLU B 562 -4.59 -10.05 23.82
C GLU B 562 -4.60 -11.57 23.83
N THR B 563 -4.27 -12.14 24.99
CA THR B 563 -4.21 -13.59 25.16
C THR B 563 -4.29 -13.91 26.64
N GLY B 564 -5.26 -14.75 27.00
CA GLY B 564 -5.44 -15.15 28.38
C GLY B 564 -5.75 -16.62 28.54
N ILE B 565 -6.77 -16.92 29.35
CA ILE B 565 -7.18 -18.30 29.59
C ILE B 565 -8.66 -18.43 29.28
N SER B 566 -8.98 -19.06 28.15
CA SER B 566 -10.35 -19.22 27.68
C SER B 566 -10.71 -20.69 27.67
N VAL B 567 -11.97 -21.00 27.99
CA VAL B 567 -12.45 -22.37 27.98
C VAL B 567 -13.07 -22.67 26.63
N MET B 568 -12.99 -23.93 26.21
CA MET B 568 -13.57 -24.39 24.95
C MET B 568 -14.51 -25.56 25.23
N VAL B 569 -15.79 -25.36 24.92
CA VAL B 569 -16.80 -26.40 25.10
C VAL B 569 -17.59 -26.53 23.80
N SER B 570 -18.29 -27.66 23.68
CA SER B 570 -19.11 -27.90 22.49
C SER B 570 -20.38 -27.06 22.54
N ARG B 571 -20.94 -26.90 21.36
CA ARG B 571 -22.11 -26.02 21.24
C ARG B 571 -23.32 -26.81 21.67
N SER B 572 -23.95 -26.46 22.80
CA SER B 572 -25.15 -27.13 23.28
C SER B 572 -26.33 -26.75 22.39
N ASN B 573 -27.10 -27.75 21.96
CA ASN B 573 -28.25 -27.49 21.10
C ASN B 573 -29.31 -26.73 21.87
N GLY B 574 -29.87 -25.71 21.21
CA GLY B 574 -30.87 -24.86 21.85
C GLY B 574 -32.28 -25.40 21.72
N THR B 575 -32.84 -25.85 22.84
CA THR B 575 -34.20 -26.37 22.88
C THR B 575 -35.19 -25.27 23.23
N VAL B 576 -36.47 -25.53 22.98
CA VAL B 576 -37.52 -24.58 23.26
C VAL B 576 -37.70 -24.44 24.77
N SER B 577 -38.07 -23.25 25.21
CA SER B 577 -38.30 -22.97 26.63
C SER B 577 -39.43 -23.83 27.16
N PRO B 578 -39.37 -24.28 28.41
CA PRO B 578 -40.47 -25.09 28.96
C PRO B 578 -41.78 -24.33 29.09
N SER B 579 -41.73 -23.00 29.10
CA SER B 579 -42.94 -22.16 29.15
C SER B 579 -43.06 -21.45 27.80
N ALA B 580 -43.71 -22.13 26.84
CA ALA B 580 -43.89 -21.59 25.51
C ALA B 580 -45.31 -21.70 24.99
N PHE B 581 -46.13 -22.61 25.54
CA PHE B 581 -47.51 -22.75 25.08
C PHE B 581 -48.39 -21.63 25.57
N LEU B 582 -48.00 -21.15 26.76
CA LEU B 582 -48.72 -20.08 27.46
C LEU B 582 -47.98 -18.77 27.30
N GLU B 583 -47.15 -18.69 26.28
CA GLU B 583 -46.35 -17.51 25.95
C GLU B 583 -47.00 -16.62 24.88
N PRO B 584 -47.52 -17.17 23.76
CA PRO B 584 -47.92 -16.29 22.65
C PRO B 584 -49.20 -15.51 22.89
N PHE B 585 -49.71 -15.52 24.12
CA PHE B 585 -50.89 -14.75 24.47
C PHE B 585 -50.77 -14.27 25.90
N SER B 586 -50.86 -12.96 26.10
CA SER B 586 -50.75 -12.38 27.44
C SER B 586 -52.00 -12.68 28.25
N ALA B 587 -51.87 -12.54 29.58
CA ALA B 587 -53.00 -12.81 30.47
C ALA B 587 -54.20 -11.92 30.20
N CYS B 588 -53.98 -10.73 29.64
CA CYS B 588 -55.10 -9.85 29.31
C CYS B 588 -56.05 -10.52 28.33
N VAL B 589 -55.52 -11.18 27.29
CA VAL B 589 -56.35 -11.83 26.31
C VAL B 589 -57.16 -12.95 26.95
N TRP B 590 -56.53 -13.75 27.82
CA TRP B 590 -57.24 -14.85 28.46
C TRP B 590 -58.35 -14.34 29.38
N VAL B 591 -58.05 -13.33 30.21
CA VAL B 591 -59.08 -12.84 31.13
C VAL B 591 -60.20 -12.14 30.37
N MET B 592 -59.90 -11.47 29.27
CA MET B 592 -61.07 -10.93 28.55
C MET B 592 -61.86 -12.09 27.94
N MET B 593 -61.19 -12.98 27.27
CA MET B 593 -61.96 -14.08 26.70
C MET B 593 -62.87 -14.71 27.75
N PHE B 594 -62.37 -14.83 28.98
CA PHE B 594 -63.17 -15.43 30.04
C PHE B 594 -64.35 -14.53 30.41
N VAL B 595 -64.11 -13.22 30.52
CA VAL B 595 -65.21 -12.33 30.89
C VAL B 595 -66.22 -12.21 29.75
N MET B 596 -65.76 -12.31 28.50
CA MET B 596 -66.70 -12.34 27.38
C MET B 596 -67.53 -13.61 27.39
N LEU B 597 -66.90 -14.75 27.71
CA LEU B 597 -67.65 -15.98 27.91
C LEU B 597 -68.71 -15.82 28.98
N LEU B 598 -68.35 -15.17 30.09
CA LEU B 598 -69.31 -14.99 31.18
C LEU B 598 -70.48 -14.09 30.75
N ILE B 599 -70.19 -12.99 30.05
CA ILE B 599 -71.28 -12.11 29.66
C ILE B 599 -72.14 -12.73 28.56
N VAL B 600 -71.55 -13.59 27.72
CA VAL B 600 -72.36 -14.29 26.73
C VAL B 600 -73.24 -15.33 27.41
N SER B 601 -72.74 -15.96 28.47
CA SER B 601 -73.61 -16.84 29.27
C SER B 601 -74.73 -16.05 29.92
N ALA B 602 -74.45 -14.82 30.36
CA ALA B 602 -75.51 -13.96 30.89
C ALA B 602 -76.54 -13.64 29.82
N VAL B 603 -76.10 -13.34 28.60
CA VAL B 603 -77.02 -13.10 27.50
C VAL B 603 -77.83 -14.35 27.19
N ALA B 604 -77.21 -15.53 27.32
CA ALA B 604 -77.93 -16.77 27.06
C ALA B 604 -78.98 -17.05 28.14
N VAL B 605 -78.70 -16.69 29.39
CA VAL B 605 -79.72 -16.86 30.43
C VAL B 605 -80.79 -15.80 30.30
N PHE B 606 -80.47 -14.66 29.69
CA PHE B 606 -81.49 -13.66 29.37
C PHE B 606 -82.37 -14.15 28.22
N VAL B 607 -81.80 -14.95 27.31
CA VAL B 607 -82.53 -15.50 26.18
C VAL B 607 -83.76 -16.28 26.64
N PHE B 608 -83.73 -16.81 27.87
CA PHE B 608 -84.84 -17.60 28.41
C PHE B 608 -86.18 -16.89 28.28
N GLU B 609 -86.19 -15.57 28.10
CA GLU B 609 -87.42 -14.80 27.89
C GLU B 609 -87.66 -14.49 26.42
N TYR B 610 -87.30 -15.39 25.52
CA TYR B 610 -87.43 -15.16 24.08
C TYR B 610 -88.88 -15.43 23.65
N PHE B 611 -89.07 -15.63 22.34
CA PHE B 611 -90.40 -15.84 21.78
C PHE B 611 -90.84 -17.28 21.99
N SER B 612 -91.94 -17.67 21.34
CA SER B 612 -92.49 -19.03 21.46
C SER B 612 -91.46 -20.15 21.27
N PRO B 613 -90.58 -20.14 20.25
CA PRO B 613 -89.66 -21.28 20.19
C PRO B 613 -88.35 -21.03 20.94
N PRO B 629 -85.45 -30.65 28.22
CA PRO B 629 -84.09 -30.15 28.44
C PRO B 629 -83.97 -28.63 28.24
N SER B 630 -83.98 -27.89 29.35
CA SER B 630 -83.88 -26.44 29.28
C SER B 630 -82.45 -26.01 28.96
N PHE B 631 -82.31 -24.74 28.59
CA PHE B 631 -81.01 -24.17 28.23
C PHE B 631 -80.43 -23.43 29.44
N THR B 632 -79.87 -24.22 30.36
CA THR B 632 -79.34 -23.69 31.62
C THR B 632 -78.00 -22.98 31.42
N ILE B 633 -77.40 -22.53 32.51
CA ILE B 633 -76.13 -21.83 32.44
C ILE B 633 -74.97 -22.78 32.20
N GLY B 634 -74.95 -23.92 32.90
CA GLY B 634 -73.86 -24.86 32.73
C GLY B 634 -73.78 -25.42 31.33
N LYS B 635 -74.95 -25.68 30.72
CA LYS B 635 -74.97 -26.19 29.36
C LYS B 635 -74.38 -25.19 28.38
N ALA B 636 -74.75 -23.90 28.53
CA ALA B 636 -74.20 -22.87 27.64
C ALA B 636 -72.70 -22.69 27.87
N ILE B 637 -72.26 -22.75 29.13
CA ILE B 637 -70.84 -22.64 29.43
C ILE B 637 -70.07 -23.78 28.76
N TRP B 638 -70.58 -25.01 28.88
CA TRP B 638 -69.91 -26.15 28.26
C TRP B 638 -69.91 -26.02 26.74
N LEU B 639 -71.04 -25.57 26.22
CA LEU B 639 -71.10 -25.34 24.79
C LEU B 639 -70.10 -24.25 24.51
N LEU B 640 -70.10 -23.09 25.14
CA LEU B 640 -69.06 -22.14 24.72
C LEU B 640 -67.66 -22.56 25.11
N TRP B 641 -67.45 -23.35 26.16
CA TRP B 641 -66.06 -23.74 26.41
C TRP B 641 -65.67 -24.63 25.29
N GLY B 642 -66.50 -25.55 24.88
CA GLY B 642 -66.10 -26.41 23.77
C GLY B 642 -65.85 -25.60 22.54
N LEU B 643 -66.66 -24.62 22.21
CA LEU B 643 -66.50 -23.99 20.90
C LEU B 643 -65.20 -23.25 20.79
N VAL B 644 -64.45 -23.03 21.86
CA VAL B 644 -63.16 -22.37 21.59
C VAL B 644 -61.99 -23.33 21.48
N PHE B 645 -62.14 -24.59 21.87
CA PHE B 645 -61.04 -25.56 21.75
C PHE B 645 -61.44 -26.65 20.75
N ASN B 646 -62.09 -26.19 19.69
CA ASN B 646 -62.47 -26.81 18.43
C ASN B 646 -63.62 -27.81 18.41
N ASN B 647 -63.91 -28.56 19.48
CA ASN B 647 -65.25 -29.09 19.82
C ASN B 647 -65.12 -30.15 20.89
N SER B 648 -66.10 -30.23 21.80
CA SER B 648 -66.20 -31.40 22.68
C SER B 648 -67.36 -32.34 22.35
N VAL B 649 -68.57 -32.02 22.83
CA VAL B 649 -69.87 -32.64 22.50
C VAL B 649 -71.02 -31.87 23.13
N PRO B 650 -71.45 -30.74 22.59
CA PRO B 650 -72.47 -29.94 23.30
C PRO B 650 -73.89 -30.18 22.86
N VAL B 651 -74.84 -29.58 23.59
CA VAL B 651 -76.21 -29.42 23.15
C VAL B 651 -76.52 -27.92 23.11
N GLN B 652 -77.09 -27.47 22.00
CA GLN B 652 -76.99 -26.07 21.61
C GLN B 652 -78.28 -25.31 21.90
N ASN B 653 -78.35 -24.10 21.36
CA ASN B 653 -79.49 -23.18 21.56
C ASN B 653 -80.73 -23.93 21.08
N PRO B 654 -81.91 -23.73 21.71
CA PRO B 654 -83.14 -24.50 21.41
C PRO B 654 -83.66 -24.20 20.02
N LYS B 655 -83.56 -22.92 19.70
CA LYS B 655 -83.92 -22.19 18.47
C LYS B 655 -83.99 -20.73 18.84
N GLY B 656 -84.68 -19.99 18.01
CA GLY B 656 -84.75 -18.61 18.41
C GLY B 656 -83.60 -17.98 17.74
N THR B 657 -83.91 -17.18 16.75
CA THR B 657 -82.87 -16.61 15.92
C THR B 657 -81.89 -15.80 16.76
N THR B 658 -82.27 -15.07 17.81
CA THR B 658 -81.15 -14.49 18.59
C THR B 658 -80.29 -15.60 19.20
N SER B 659 -80.85 -16.70 19.68
CA SER B 659 -79.92 -17.69 20.28
C SER B 659 -78.97 -18.29 19.25
N LYS B 660 -79.45 -18.73 18.10
CA LYS B 660 -78.52 -19.47 17.20
C LYS B 660 -77.48 -18.52 16.68
N ILE B 661 -77.94 -17.32 16.47
CA ILE B 661 -77.06 -16.27 15.91
C ILE B 661 -76.01 -15.95 16.96
N MET B 662 -76.48 -15.88 18.19
CA MET B 662 -75.55 -15.52 19.26
C MET B 662 -74.45 -16.58 19.33
N VAL B 663 -74.78 -17.87 19.31
CA VAL B 663 -73.68 -18.86 19.33
C VAL B 663 -72.96 -18.73 18.03
N SER B 664 -73.59 -18.47 16.91
CA SER B 664 -72.77 -18.41 15.70
C SER B 664 -71.77 -17.29 15.76
N VAL B 665 -72.07 -16.11 16.26
CA VAL B 665 -70.96 -15.11 16.29
C VAL B 665 -69.99 -15.41 17.41
N TRP B 666 -70.35 -16.16 18.45
CA TRP B 666 -69.26 -16.59 19.34
C TRP B 666 -68.40 -17.54 18.55
N ALA B 667 -68.90 -18.41 17.68
CA ALA B 667 -67.99 -19.29 16.92
C ALA B 667 -67.13 -18.45 16.06
N PHE B 668 -67.55 -17.34 15.52
CA PHE B 668 -66.59 -16.56 14.69
C PHE B 668 -65.47 -15.94 15.50
N PHE B 669 -65.70 -15.62 16.75
CA PHE B 669 -64.53 -15.16 17.52
C PHE B 669 -63.76 -16.39 17.91
N ALA B 670 -64.31 -17.56 18.10
CA ALA B 670 -63.42 -18.68 18.37
C ALA B 670 -62.63 -18.96 17.12
N VAL B 671 -63.14 -18.83 15.89
CA VAL B 671 -62.23 -19.27 14.79
C VAL B 671 -61.15 -18.25 14.75
N ILE B 672 -61.40 -16.96 14.92
CA ILE B 672 -60.18 -16.11 14.85
C ILE B 672 -59.27 -16.29 16.01
N PHE B 673 -59.76 -16.56 17.20
CA PHE B 673 -58.78 -16.61 18.30
C PHE B 673 -57.93 -17.81 18.08
N LEU B 674 -58.51 -18.92 17.71
CA LEU B 674 -57.60 -20.07 17.56
C LEU B 674 -56.70 -19.98 16.35
N ALA B 675 -57.02 -19.36 15.23
CA ALA B 675 -56.03 -19.33 14.16
C ALA B 675 -55.10 -18.20 14.47
N SER B 676 -55.37 -17.31 15.40
CA SER B 676 -54.29 -16.41 15.80
C SER B 676 -53.36 -17.00 16.85
N TYR B 677 -53.72 -17.87 17.76
CA TYR B 677 -52.71 -18.39 18.70
C TYR B 677 -51.71 -19.25 17.98
N THR B 678 -52.29 -20.12 17.01
CA THR B 678 -51.41 -21.01 16.27
C THR B 678 -50.36 -20.24 15.48
N ALA B 679 -50.75 -19.15 14.83
CA ALA B 679 -49.79 -18.34 14.08
C ALA B 679 -48.72 -17.75 15.01
N ASN B 680 -49.14 -17.25 16.17
CA ASN B 680 -48.18 -16.67 17.11
C ASN B 680 -47.26 -17.72 17.72
N LEU B 681 -47.78 -18.92 17.98
CA LEU B 681 -46.91 -19.99 18.48
C LEU B 681 -45.90 -20.42 17.43
N ALA B 682 -46.35 -20.51 16.17
CA ALA B 682 -45.45 -20.84 15.07
C ALA B 682 -44.41 -19.77 14.80
N ALA B 683 -44.72 -18.51 15.07
CA ALA B 683 -43.73 -17.45 14.96
C ALA B 683 -42.81 -17.40 16.18
N PHE B 684 -43.18 -17.80 17.38
CA PHE B 684 -42.09 -17.84 18.39
C PHE B 684 -41.25 -19.07 18.17
N MET B 685 -41.83 -20.20 17.98
CA MET B 685 -40.94 -21.36 18.01
C MET B 685 -39.74 -21.18 17.09
N ILE B 686 -39.90 -20.38 16.04
CA ILE B 686 -38.88 -20.28 15.00
C ILE B 686 -37.69 -19.45 15.44
N GLN B 687 -37.93 -18.20 15.86
CA GLN B 687 -36.84 -17.24 15.99
C GLN B 687 -35.98 -17.52 17.23
N GLU B 688 -36.60 -17.60 18.40
CA GLU B 688 -35.83 -17.65 19.64
C GLU B 688 -35.00 -18.93 19.73
N GLU B 689 -33.69 -18.76 19.89
CA GLU B 689 -32.78 -19.87 20.14
C GLU B 689 -31.47 -19.29 20.66
N TYR B 690 -31.13 -19.69 21.88
CA TYR B 690 -29.89 -19.26 22.53
C TYR B 690 -29.66 -20.08 23.80
N VAL B 691 -28.40 -20.42 24.07
CA VAL B 691 -28.05 -21.18 25.26
C VAL B 691 -26.55 -21.05 25.50
N ASP B 692 -26.11 -21.27 26.74
CA ASP B 692 -24.70 -21.22 27.10
C ASP B 692 -24.39 -22.38 28.05
N GLN B 693 -23.27 -23.06 27.79
CA GLN B 693 -22.91 -24.23 28.59
C GLN B 693 -22.31 -23.85 29.94
N VAL B 694 -21.34 -22.94 29.96
CA VAL B 694 -20.68 -22.53 31.19
C VAL B 694 -20.38 -21.04 31.13
N SER B 695 -20.14 -20.43 32.30
CA SER B 695 -19.87 -19.00 32.38
C SER B 695 -18.39 -18.68 32.44
N GLY B 696 -17.53 -19.67 32.67
CA GLY B 696 -16.11 -19.48 32.74
C GLY B 696 -15.52 -20.23 33.91
N LEU B 697 -14.27 -19.88 34.26
CA LEU B 697 -13.58 -20.55 35.35
C LEU B 697 -14.12 -20.16 36.72
N SER B 698 -14.88 -19.06 36.81
CA SER B 698 -15.42 -18.59 38.08
C SER B 698 -16.78 -19.18 38.41
N ASP B 699 -17.38 -19.92 37.48
CA ASP B 699 -18.69 -20.53 37.73
C ASP B 699 -18.56 -21.68 38.73
N LYS B 700 -19.70 -22.02 39.34
CA LYS B 700 -19.72 -23.11 40.30
C LYS B 700 -19.48 -24.46 39.63
N LYS B 701 -19.66 -24.54 38.31
CA LYS B 701 -19.41 -25.78 37.59
C LYS B 701 -17.97 -26.24 37.72
N PHE B 702 -17.02 -25.31 37.83
CA PHE B 702 -15.61 -25.65 38.01
C PHE B 702 -15.18 -25.60 39.47
N GLN B 703 -15.69 -24.65 40.25
CA GLN B 703 -15.32 -24.55 41.66
C GLN B 703 -15.85 -25.75 42.46
N ARG B 704 -17.06 -26.22 42.13
CA ARG B 704 -17.66 -27.37 42.78
C ARG B 704 -18.01 -28.43 41.72
N PRO B 705 -17.01 -29.20 41.28
CA PRO B 705 -17.29 -30.20 40.23
C PRO B 705 -18.14 -31.36 40.73
N ASN B 706 -17.89 -31.85 41.95
CA ASN B 706 -18.59 -33.03 42.46
C ASN B 706 -20.01 -32.73 42.92
N ASP B 707 -20.38 -31.46 43.06
CA ASP B 707 -21.72 -31.11 43.53
C ASP B 707 -22.69 -30.96 42.36
N PHE B 708 -22.87 -32.01 41.58
CA PHE B 708 -23.70 -31.98 40.39
C PHE B 708 -24.08 -33.41 40.01
N SER B 709 -24.56 -33.55 38.78
CA SER B 709 -24.66 -34.81 38.04
C SER B 709 -23.24 -35.37 37.91
N PRO B 710 -23.05 -36.57 37.38
CA PRO B 710 -21.69 -37.08 37.15
C PRO B 710 -20.77 -35.98 36.65
N PRO B 711 -19.64 -35.76 37.33
CA PRO B 711 -18.95 -34.47 37.22
C PRO B 711 -18.33 -34.25 35.85
N PHE B 712 -18.08 -32.98 35.55
CA PHE B 712 -17.46 -32.59 34.29
C PHE B 712 -16.01 -33.07 34.25
N ARG B 713 -15.44 -33.00 33.04
CA ARG B 713 -14.05 -33.36 32.82
C ARG B 713 -13.37 -32.22 32.06
N PHE B 714 -12.30 -31.69 32.66
CA PHE B 714 -11.58 -30.59 32.03
C PHE B 714 -10.08 -30.68 32.32
N GLY B 715 -9.26 -30.57 31.29
CA GLY B 715 -7.82 -30.62 31.45
C GLY B 715 -7.14 -29.86 30.33
N THR B 716 -5.88 -29.53 30.58
CA THR B 716 -5.06 -28.79 29.62
C THR B 716 -3.82 -29.61 29.27
N VAL B 717 -2.94 -29.00 28.48
CA VAL B 717 -1.68 -29.62 28.11
C VAL B 717 -0.68 -29.44 29.24
N PRO B 718 -0.18 -30.52 29.85
CA PRO B 718 0.75 -30.38 30.97
C PRO B 718 2.07 -29.77 30.53
N ASN B 719 2.82 -29.27 31.52
CA ASN B 719 4.12 -28.64 31.31
C ASN B 719 4.00 -27.45 30.36
N GLY B 720 3.20 -26.48 30.80
CA GLY B 720 2.96 -25.28 30.03
C GLY B 720 2.78 -24.08 30.91
N SER B 721 2.22 -23.01 30.31
CA SER B 721 2.00 -21.77 31.04
C SER B 721 0.65 -21.79 31.77
N THR B 722 -0.39 -22.28 31.09
CA THR B 722 -1.72 -22.34 31.71
C THR B 722 -1.71 -23.26 32.91
N GLU B 723 -1.07 -24.43 32.79
CA GLU B 723 -0.97 -25.35 33.92
C GLU B 723 -0.21 -24.71 35.08
N ARG B 724 0.88 -24.02 34.77
CA ARG B 724 1.64 -23.33 35.82
C ARG B 724 0.78 -22.30 36.54
N ASN B 725 0.06 -21.46 35.79
CA ASN B 725 -0.74 -20.46 36.55
C ASN B 725 -1.79 -21.20 37.38
N ILE B 726 -2.53 -22.10 36.74
CA ILE B 726 -3.58 -22.77 37.50
C ILE B 726 -3.02 -23.33 38.80
N ARG B 727 -1.92 -24.08 38.71
CA ARG B 727 -1.31 -24.65 39.92
C ARG B 727 -0.88 -23.56 40.90
N ASN B 728 -0.52 -22.38 40.38
CA ASN B 728 -0.09 -21.30 41.26
C ASN B 728 -1.26 -20.64 41.97
N ASN B 729 -2.41 -20.51 41.32
CA ASN B 729 -3.53 -19.78 41.91
C ASN B 729 -4.77 -20.65 42.12
N TYR B 730 -4.67 -21.96 41.89
CA TYR B 730 -5.81 -22.86 42.10
C TYR B 730 -5.27 -24.26 42.41
N ALA B 731 -5.47 -24.71 43.64
CA ALA B 731 -4.98 -26.02 44.06
C ALA B 731 -5.92 -27.15 43.63
N GLU B 732 -7.18 -27.07 44.06
CA GLU B 732 -8.14 -28.12 43.72
C GLU B 732 -8.42 -28.16 42.22
N MET B 733 -8.42 -26.99 41.56
CA MET B 733 -8.59 -26.96 40.12
C MET B 733 -7.44 -27.66 39.41
N HIS B 734 -6.21 -27.39 39.84
CA HIS B 734 -5.06 -28.07 39.24
C HIS B 734 -5.09 -29.57 39.50
N ALA B 735 -5.52 -29.97 40.71
CA ALA B 735 -5.62 -31.39 41.02
C ALA B 735 -6.64 -32.08 40.11
N TYR B 736 -7.82 -31.46 39.95
CA TYR B 736 -8.85 -32.05 39.12
C TYR B 736 -8.44 -32.06 37.64
N MET B 737 -7.67 -31.06 37.22
CA MET B 737 -7.16 -31.05 35.84
C MET B 737 -6.14 -32.15 35.63
N GLY B 738 -5.25 -32.35 36.60
CA GLY B 738 -4.31 -33.46 36.52
C GLY B 738 -4.99 -34.81 36.56
N LYS B 739 -6.13 -34.91 37.25
CA LYS B 739 -6.92 -36.14 37.23
C LYS B 739 -7.55 -36.40 35.87
N PHE B 740 -7.58 -35.41 34.97
CA PHE B 740 -8.13 -35.57 33.63
C PHE B 740 -7.20 -34.97 32.58
N ASN B 741 -5.91 -35.27 32.68
CA ASN B 741 -4.93 -34.76 31.73
C ASN B 741 -5.23 -35.28 30.32
N GLN B 742 -4.78 -34.53 29.31
CA GLN B 742 -5.04 -34.85 27.92
C GLN B 742 -3.77 -34.65 27.11
N ARG B 743 -3.81 -35.13 25.87
CA ARG B 743 -2.68 -35.02 24.96
C ARG B 743 -2.71 -33.67 24.25
N GLY B 744 -1.98 -33.57 23.14
CA GLY B 744 -1.87 -32.34 22.38
C GLY B 744 -3.18 -31.72 21.91
N VAL B 745 -3.09 -30.52 21.31
CA VAL B 745 -4.28 -29.77 20.95
C VAL B 745 -5.14 -30.56 19.97
N ASP B 746 -4.52 -31.28 19.03
CA ASP B 746 -5.29 -32.07 18.07
C ASP B 746 -6.01 -33.22 18.76
N ASP B 747 -5.31 -33.92 19.66
CA ASP B 747 -5.96 -34.99 20.41
C ASP B 747 -7.04 -34.45 21.33
N ALA B 748 -6.84 -33.24 21.86
CA ALA B 748 -7.88 -32.61 22.68
C ALA B 748 -9.11 -32.27 21.86
N LEU B 749 -8.93 -31.77 20.64
CA LEU B 749 -10.06 -31.50 19.77
C LEU B 749 -10.78 -32.80 19.41
N LEU B 750 -10.03 -33.86 19.13
CA LEU B 750 -10.63 -35.15 18.81
C LEU B 750 -11.43 -35.68 20.00
N SER B 751 -10.90 -35.50 21.21
CA SER B 751 -11.62 -35.92 22.41
C SER B 751 -12.87 -35.09 22.65
N LEU B 752 -12.82 -33.78 22.38
CA LEU B 752 -14.01 -32.95 22.47
C LEU B 752 -15.05 -33.32 21.42
N LYS B 753 -14.61 -33.83 20.27
CA LYS B 753 -15.54 -34.21 19.21
C LYS B 753 -16.26 -35.52 19.53
N THR B 754 -15.60 -36.43 20.24
CA THR B 754 -16.18 -37.72 20.57
C THR B 754 -16.91 -37.73 21.91
N GLY B 755 -17.07 -36.57 22.53
CA GLY B 755 -17.80 -36.49 23.79
C GLY B 755 -17.08 -37.11 24.96
N LYS B 756 -15.75 -37.01 25.01
CA LYS B 756 -14.98 -37.53 26.14
C LYS B 756 -14.57 -36.45 27.12
N LEU B 757 -14.21 -35.26 26.65
CA LEU B 757 -13.91 -34.12 27.50
C LEU B 757 -15.05 -33.11 27.42
N ASP B 758 -15.26 -32.41 28.54
CA ASP B 758 -16.35 -31.45 28.65
C ASP B 758 -15.90 -30.00 28.51
N ALA B 759 -14.61 -29.71 28.73
CA ALA B 759 -14.10 -28.36 28.63
C ALA B 759 -12.60 -28.41 28.46
N PHE B 760 -12.08 -27.66 27.48
CA PHE B 760 -10.65 -27.57 27.23
C PHE B 760 -10.13 -26.21 27.66
N ILE B 761 -8.93 -26.18 28.21
CA ILE B 761 -8.33 -24.98 28.77
C ILE B 761 -7.04 -24.70 28.01
N TYR B 762 -6.94 -23.53 27.39
CA TYR B 762 -5.75 -23.11 26.68
C TYR B 762 -5.77 -21.59 26.54
N ASP B 763 -4.82 -21.08 25.76
CA ASP B 763 -4.76 -19.64 25.51
C ASP B 763 -5.88 -19.23 24.56
N ALA B 764 -6.23 -17.94 24.60
CA ALA B 764 -7.42 -17.48 23.88
C ALA B 764 -7.20 -17.48 22.37
N ALA B 765 -6.03 -17.03 21.92
CA ALA B 765 -5.82 -16.84 20.48
C ALA B 765 -5.83 -18.17 19.73
N VAL B 766 -5.13 -19.18 20.26
CA VAL B 766 -5.06 -20.47 19.58
C VAL B 766 -6.44 -21.13 19.54
N LEU B 767 -7.19 -21.05 20.65
CA LEU B 767 -8.52 -21.65 20.68
C LEU B 767 -9.47 -20.92 19.73
N ASN B 768 -9.38 -19.60 19.66
CA ASN B 768 -10.21 -18.85 18.72
C ASN B 768 -9.88 -19.23 17.28
N TYR B 769 -8.59 -19.34 16.95
CA TYR B 769 -8.20 -19.74 15.60
C TYR B 769 -8.68 -21.15 15.29
N MET B 770 -8.61 -22.05 16.28
CA MET B 770 -9.05 -23.43 16.04
C MET B 770 -10.56 -23.50 15.83
N ALA B 771 -11.32 -22.73 16.60
CA ALA B 771 -12.77 -22.71 16.44
C ALA B 771 -13.22 -21.97 15.19
N GLY B 772 -12.42 -21.03 14.68
CA GLY B 772 -12.84 -20.30 13.49
C GLY B 772 -12.82 -21.17 12.24
N ARG B 773 -11.87 -22.11 12.16
CA ARG B 773 -11.70 -22.94 10.98
C ARG B 773 -12.10 -24.39 11.20
N ASP B 774 -12.96 -24.65 12.20
CA ASP B 774 -13.37 -26.01 12.48
C ASP B 774 -14.41 -26.48 11.47
N GLU B 775 -14.51 -27.80 11.32
CA GLU B 775 -15.54 -28.37 10.45
C GLU B 775 -16.93 -28.01 10.99
N GLY B 776 -17.69 -27.28 10.18
CA GLY B 776 -18.94 -26.73 10.68
C GLY B 776 -18.66 -25.74 11.79
N CYS B 777 -19.65 -25.67 12.69
CA CYS B 777 -19.49 -24.87 13.91
C CYS B 777 -19.97 -25.73 15.08
N LYS B 778 -19.19 -26.76 15.36
CA LYS B 778 -19.45 -27.68 16.47
C LYS B 778 -18.54 -27.29 17.63
N LEU B 779 -17.92 -26.09 17.64
CA LEU B 779 -17.04 -25.66 18.77
C LEU B 779 -17.38 -24.24 19.22
N VAL B 780 -17.13 -23.85 20.46
CA VAL B 780 -17.71 -22.55 20.94
C VAL B 780 -16.80 -21.53 21.62
N THR B 781 -15.96 -21.87 22.62
CA THR B 781 -15.11 -20.93 23.42
C THR B 781 -15.90 -19.86 24.16
N ILE B 782 -16.45 -20.10 25.36
CA ILE B 782 -17.31 -19.10 26.06
C ILE B 782 -16.51 -17.82 26.16
N GLY B 783 -15.29 -17.88 26.67
CA GLY B 783 -14.29 -16.82 26.42
C GLY B 783 -14.75 -15.39 26.45
N SER B 784 -14.41 -14.64 25.39
CA SER B 784 -14.78 -13.20 25.19
C SER B 784 -14.36 -12.35 26.39
N GLY B 785 -15.30 -11.67 27.02
CA GLY B 785 -14.99 -10.84 28.20
C GLY B 785 -14.48 -11.62 29.40
N LYS B 786 -14.98 -12.83 29.62
CA LYS B 786 -14.54 -13.61 30.80
C LYS B 786 -13.30 -14.47 30.51
N VAL B 787 -12.11 -13.83 30.34
CA VAL B 787 -10.77 -14.46 30.17
C VAL B 787 -9.98 -14.03 31.38
N PHE B 788 -9.30 -14.94 32.02
CA PHE B 788 -8.50 -14.99 33.24
C PHE B 788 -7.03 -14.84 32.89
N ALA B 789 -6.34 -13.93 33.59
CA ALA B 789 -4.93 -13.64 33.37
C ALA B 789 -4.67 -13.30 31.91
N SER B 790 -5.31 -12.22 31.46
CA SER B 790 -5.24 -11.79 30.07
C SER B 790 -3.94 -11.05 29.84
N THR B 791 -2.93 -11.75 29.35
CA THR B 791 -1.66 -11.16 28.98
C THR B 791 -1.69 -10.78 27.51
N GLY B 792 -0.52 -10.44 26.95
CA GLY B 792 -0.42 -10.07 25.56
C GLY B 792 0.87 -10.59 24.94
N TYR B 793 0.90 -10.57 23.61
CA TYR B 793 2.08 -10.94 22.85
C TYR B 793 2.84 -9.67 22.46
N GLY B 794 4.18 -9.76 22.52
CA GLY B 794 5.01 -8.62 22.22
C GLY B 794 6.26 -9.04 21.46
N ILE B 795 7.09 -8.05 21.16
CA ILE B 795 8.34 -8.25 20.43
C ILE B 795 9.46 -8.12 21.47
N ALA B 796 10.14 -9.24 21.74
CA ALA B 796 11.17 -9.26 22.77
C ALA B 796 12.42 -8.53 22.32
N ILE B 797 12.54 -7.26 22.68
CA ILE B 797 13.72 -6.48 22.32
C ILE B 797 14.87 -6.81 23.29
N GLN B 798 16.09 -6.53 22.86
CA GLN B 798 17.26 -6.72 23.69
C GLN B 798 17.15 -5.90 24.98
N LYS B 799 17.71 -6.44 26.06
CA LYS B 799 17.65 -5.76 27.35
C LYS B 799 18.39 -4.43 27.29
N ASP B 800 17.71 -3.37 27.73
CA ASP B 800 18.27 -2.01 27.75
C ASP B 800 18.69 -1.55 26.35
N SER B 801 17.89 -1.89 25.34
CA SER B 801 18.19 -1.46 23.99
C SER B 801 17.52 -0.11 23.69
N GLY B 802 17.94 0.50 22.58
CA GLY B 802 17.40 1.77 22.15
C GLY B 802 16.31 1.69 21.10
N TRP B 803 16.02 0.49 20.59
CA TRP B 803 14.98 0.35 19.58
C TRP B 803 13.61 0.06 20.20
N LYS B 804 13.57 -0.19 21.51
CA LYS B 804 12.32 -0.54 22.17
C LYS B 804 11.28 0.57 22.05
N ARG B 805 11.68 1.81 22.37
CA ARG B 805 10.75 2.92 22.30
C ARG B 805 10.24 3.13 20.89
N GLN B 806 11.13 3.09 19.90
CA GLN B 806 10.73 3.30 18.51
C GLN B 806 9.79 2.21 18.05
N VAL B 807 10.07 0.95 18.39
CA VAL B 807 9.24 -0.14 17.88
C VAL B 807 7.88 -0.14 18.56
N ASP B 808 7.82 0.21 19.86
CA ASP B 808 6.51 0.26 20.50
C ASP B 808 5.70 1.46 20.00
N LEU B 809 6.38 2.57 19.70
CA LEU B 809 5.68 3.71 19.11
C LEU B 809 5.15 3.37 17.72
N ALA B 810 5.92 2.60 16.95
CA ALA B 810 5.45 2.17 15.64
C ALA B 810 4.26 1.20 15.76
N ILE B 811 4.29 0.33 16.78
CA ILE B 811 3.17 -0.56 17.00
C ILE B 811 1.92 0.22 17.39
N LEU B 812 2.08 1.22 18.26
CA LEU B 812 0.95 2.06 18.64
C LEU B 812 0.42 2.86 17.45
N GLN B 813 1.31 3.27 16.55
CA GLN B 813 0.88 3.96 15.34
C GLN B 813 0.13 3.05 14.38
N LEU B 814 0.50 1.77 14.35
CA LEU B 814 -0.22 0.79 13.50
C LEU B 814 -1.58 0.74 14.14
N PHE B 815 -1.58 0.60 15.43
CA PHE B 815 -2.86 0.51 16.13
C PHE B 815 -3.74 1.73 15.83
N GLY B 816 -3.11 2.88 15.61
CA GLY B 816 -3.87 4.11 15.46
C GLY B 816 -4.69 4.17 14.19
N ASP B 817 -4.10 3.84 13.04
CA ASP B 817 -4.78 4.02 11.76
C ASP B 817 -5.77 2.90 11.45
N GLY B 818 -5.47 1.66 11.83
CA GLY B 818 -6.44 0.59 11.66
C GLY B 818 -6.02 -0.51 10.70
N GLU B 819 -4.71 -0.76 10.61
CA GLU B 819 -4.21 -1.84 9.76
C GLU B 819 -4.21 -3.19 10.47
N MET B 820 -4.04 -3.20 11.79
CA MET B 820 -4.05 -4.44 12.53
C MET B 820 -5.42 -5.12 12.51
N GLU B 821 -6.51 -4.35 12.41
CA GLU B 821 -7.82 -4.95 12.21
C GLU B 821 -7.89 -5.67 10.87
N GLU B 822 -7.31 -5.09 9.82
CA GLU B 822 -7.24 -5.78 8.53
C GLU B 822 -6.40 -7.04 8.64
N LEU B 823 -5.28 -6.98 9.35
CA LEU B 823 -4.45 -8.17 9.51
C LEU B 823 -5.19 -9.27 10.27
N GLU B 824 -5.97 -8.89 11.28
CA GLU B 824 -6.76 -9.86 12.01
C GLU B 824 -7.84 -10.47 11.13
N ALA B 825 -8.54 -9.63 10.36
CA ALA B 825 -9.56 -10.14 9.44
C ALA B 825 -8.96 -10.99 8.34
N LEU B 826 -7.66 -10.97 8.15
CA LEU B 826 -7.14 -11.86 7.09
C LEU B 826 -6.65 -13.13 7.75
N TRP B 827 -5.98 -12.99 8.86
CA TRP B 827 -5.28 -14.15 9.40
C TRP B 827 -5.87 -14.71 10.68
N LEU B 828 -6.92 -14.11 11.24
CA LEU B 828 -7.45 -14.57 12.52
C LEU B 828 -8.93 -14.91 12.51
N THR B 829 -9.66 -14.63 11.44
CA THR B 829 -11.07 -14.97 11.34
C THR B 829 -11.25 -16.21 10.47
N GLY B 830 -12.40 -16.85 10.61
CA GLY B 830 -12.67 -18.07 9.86
C GLY B 830 -14.06 -18.16 9.28
N ILE B 831 -14.67 -19.34 9.38
CA ILE B 831 -15.98 -19.56 8.77
C ILE B 831 -17.08 -19.24 9.75
N CYS B 832 -16.85 -19.51 11.04
CA CYS B 832 -17.88 -19.32 12.06
C CYS B 832 -17.83 -17.92 12.64
N HIS B 833 -17.30 -16.97 11.88
CA HIS B 833 -17.27 -15.58 12.32
C HIS B 833 -18.68 -15.04 12.57
N ASN B 834 -19.67 -15.59 11.89
CA ASN B 834 -21.06 -15.18 12.11
C ASN B 834 -21.51 -15.58 13.50
N GLU B 835 -22.54 -14.89 14.00
CA GLU B 835 -23.05 -15.14 15.33
C GLU B 835 -23.77 -16.50 15.38
N LYS B 836 -24.26 -16.84 16.58
CA LYS B 836 -24.98 -18.10 16.78
C LYS B 836 -26.29 -18.11 16.01
N ASN B 837 -26.36 -18.90 14.95
CA ASN B 837 -27.56 -18.97 14.12
C ASN B 837 -28.65 -19.76 14.82
N GLU B 838 -29.89 -19.34 14.61
CA GLU B 838 -31.05 -19.98 15.21
C GLU B 838 -31.63 -21.10 14.34
N VAL B 839 -30.85 -21.65 13.42
CA VAL B 839 -31.33 -22.73 12.55
C VAL B 839 -31.10 -24.03 13.32
N MET B 840 -32.10 -24.40 14.13
CA MET B 840 -32.04 -25.60 14.94
C MET B 840 -33.39 -26.31 14.85
N SER B 841 -33.40 -27.53 14.33
CA SER B 841 -34.61 -28.33 14.29
C SER B 841 -34.92 -28.88 15.67
N SER B 842 -35.42 -28.02 16.56
CA SER B 842 -35.62 -28.40 17.95
C SER B 842 -36.81 -29.34 18.09
N GLN B 843 -36.60 -30.47 18.75
CA GLN B 843 -37.68 -31.40 19.06
C GLN B 843 -38.43 -30.93 20.31
N LEU B 844 -39.54 -31.60 20.61
CA LEU B 844 -40.33 -31.34 21.81
C LEU B 844 -40.19 -32.55 22.73
N ASP B 845 -39.12 -32.57 23.53
CA ASP B 845 -38.81 -33.70 24.38
C ASP B 845 -39.82 -33.80 25.53
N ILE B 846 -39.61 -34.79 26.40
CA ILE B 846 -40.49 -35.01 27.53
C ILE B 846 -40.42 -33.88 28.55
N ASP B 847 -39.42 -33.01 28.45
CA ASP B 847 -39.27 -31.88 29.34
C ASP B 847 -39.38 -30.52 28.66
N ASN B 848 -39.07 -30.45 27.35
CA ASN B 848 -39.18 -29.18 26.63
C ASN B 848 -40.61 -28.64 26.64
N MET B 849 -41.60 -29.53 26.68
CA MET B 849 -43.01 -29.14 26.77
C MET B 849 -43.64 -29.99 27.87
N ALA B 850 -43.57 -29.48 29.10
CA ALA B 850 -44.08 -30.18 30.27
C ALA B 850 -45.02 -29.34 31.12
N GLY B 851 -45.05 -28.02 30.92
CA GLY B 851 -45.92 -27.16 31.67
C GLY B 851 -47.39 -27.51 31.53
N VAL B 852 -47.77 -28.04 30.38
CA VAL B 852 -49.16 -28.44 30.16
C VAL B 852 -49.52 -29.60 31.09
N PHE B 853 -48.57 -30.49 31.35
CA PHE B 853 -48.84 -31.60 32.25
C PHE B 853 -48.95 -31.14 33.69
N TYR B 854 -48.15 -30.16 34.11
CA TYR B 854 -48.32 -29.57 35.43
C TYR B 854 -49.67 -28.88 35.54
N MET B 855 -50.09 -28.19 34.48
CA MET B 855 -51.42 -27.58 34.48
C MET B 855 -52.51 -28.63 34.61
N LEU B 856 -52.36 -29.75 33.90
CA LEU B 856 -53.34 -30.83 34.00
C LEU B 856 -53.38 -31.41 35.41
N GLY B 857 -52.21 -31.56 36.04
CA GLY B 857 -52.17 -32.07 37.40
C GLY B 857 -52.83 -31.12 38.39
N ALA B 858 -52.56 -29.82 38.24
CA ALA B 858 -53.21 -28.84 39.10
C ALA B 858 -54.72 -28.82 38.88
N ALA B 859 -55.16 -29.00 37.62
CA ALA B 859 -56.58 -29.07 37.34
C ALA B 859 -57.21 -30.30 37.96
N MET B 860 -56.50 -31.43 37.93
CA MET B 860 -57.00 -32.64 38.58
C MET B 860 -57.10 -32.46 40.09
N ALA B 861 -56.12 -31.77 40.69
CA ALA B 861 -56.17 -31.50 42.12
C ALA B 861 -57.36 -30.60 42.46
N LEU B 862 -57.57 -29.56 41.66
CA LEU B 862 -58.73 -28.68 41.88
C LEU B 862 -60.04 -29.43 41.66
N SER B 863 -60.06 -30.38 40.73
CA SER B 863 -61.26 -31.18 40.50
C SER B 863 -61.55 -32.07 41.70
N LEU B 864 -60.51 -32.66 42.28
CA LEU B 864 -60.68 -33.45 43.49
C LEU B 864 -61.16 -32.59 44.65
N ILE B 865 -60.64 -31.37 44.76
CA ILE B 865 -61.09 -30.46 45.81
C ILE B 865 -62.56 -30.11 45.63
N THR B 866 -62.96 -29.80 44.40
CA THR B 866 -64.36 -29.48 44.13
C THR B 866 -65.25 -30.69 44.40
N PHE B 867 -64.76 -31.89 44.09
CA PHE B 867 -65.54 -33.10 44.34
C PHE B 867 -65.73 -33.34 45.83
N ILE B 868 -64.67 -33.16 46.63
CA ILE B 868 -64.83 -33.38 48.07
C ILE B 868 -65.68 -32.28 48.69
N SER B 869 -65.63 -31.06 48.14
CA SER B 869 -66.50 -30.00 48.62
C SER B 869 -67.96 -30.32 48.33
N GLU B 870 -68.24 -30.80 47.11
CA GLU B 870 -69.62 -31.18 46.78
C GLU B 870 -70.08 -32.37 47.62
N HIS B 871 -69.17 -33.29 47.94
CA HIS B 871 -69.52 -34.43 48.78
C HIS B 871 -69.84 -33.98 50.20
N LEU B 872 -69.07 -33.04 50.74
CA LEU B 872 -69.39 -32.48 52.05
C LEU B 872 -70.70 -31.72 52.03
N PHE B 873 -70.99 -31.02 50.92
CA PHE B 873 -72.25 -30.30 50.81
C PHE B 873 -73.44 -31.24 50.67
N TYR B 874 -73.24 -32.43 50.09
CA TYR B 874 -74.31 -33.40 49.93
C TYR B 874 -74.53 -34.25 51.18
N TRP B 875 -73.72 -34.08 52.22
CA TRP B 875 -73.87 -34.85 53.44
C TRP B 875 -75.06 -34.35 54.27
N LYS C 25 61.52 46.98 5.44
CA LYS C 25 60.19 47.46 5.82
C LYS C 25 59.99 47.40 7.33
N ILE C 26 59.15 48.30 7.84
CA ILE C 26 58.84 48.37 9.27
C ILE C 26 57.37 48.12 9.48
N VAL C 27 57.03 47.57 10.64
CA VAL C 27 55.65 47.29 11.02
C VAL C 27 55.42 47.93 12.39
N ASN C 28 54.68 49.03 12.42
CA ASN C 28 54.41 49.76 13.65
C ASN C 28 53.17 49.16 14.32
N ILE C 29 53.39 48.40 15.40
CA ILE C 29 52.30 47.74 16.09
C ILE C 29 51.62 48.76 17.01
N GLY C 30 50.38 49.12 16.68
CA GLY C 30 49.63 50.05 17.48
C GLY C 30 49.11 49.41 18.76
N ALA C 31 48.73 50.26 19.70
CA ALA C 31 48.26 49.81 21.00
C ALA C 31 47.55 50.96 21.70
N VAL C 32 46.74 50.61 22.70
CA VAL C 32 46.03 51.58 23.53
C VAL C 32 46.00 51.02 24.95
N LEU C 33 46.64 51.72 25.89
CA LEU C 33 46.72 51.29 27.27
C LEU C 33 46.20 52.40 28.18
N SER C 34 46.05 52.07 29.46
CA SER C 34 45.51 53.00 30.44
C SER C 34 46.58 53.65 31.31
N THR C 35 47.69 52.97 31.56
CA THR C 35 48.76 53.48 32.41
C THR C 35 50.07 53.50 31.65
N ARG C 36 50.94 54.45 31.98
CA ARG C 36 52.23 54.57 31.32
C ARG C 36 53.17 53.41 31.66
N LYS C 37 52.99 52.80 32.84
CA LYS C 37 53.77 51.62 33.19
C LYS C 37 53.52 50.49 32.21
N HIS C 38 52.26 50.30 31.81
CA HIS C 38 51.95 49.31 30.79
C HIS C 38 52.55 49.68 29.44
N GLU C 39 52.64 50.97 29.12
CA GLU C 39 53.27 51.38 27.86
C GLU C 39 54.76 51.06 27.87
N GLN C 40 55.43 51.33 29.00
CA GLN C 40 56.86 50.98 29.11
C GLN C 40 57.05 49.47 29.07
N MET C 41 56.15 48.71 29.69
CA MET C 41 56.25 47.25 29.64
C MET C 41 56.06 46.75 28.21
N PHE C 42 55.14 47.35 27.47
CA PHE C 42 54.94 46.96 26.07
C PHE C 42 56.15 47.32 25.22
N ARG C 43 56.77 48.47 25.50
CA ARG C 43 57.98 48.85 24.78
C ARG C 43 59.10 47.85 25.04
N GLU C 44 59.30 47.49 26.31
CA GLU C 44 60.32 46.49 26.63
C GLU C 44 60.01 45.14 26.01
N ALA C 45 58.73 44.76 25.98
CA ALA C 45 58.34 43.46 25.43
C ALA C 45 58.57 43.43 23.91
N VAL C 46 58.25 44.51 23.21
CA VAL C 46 58.48 44.52 21.76
C VAL C 46 59.97 44.62 21.46
N ASN C 47 60.74 45.31 22.31
CA ASN C 47 62.18 45.35 22.12
C ASN C 47 62.78 43.96 22.32
N GLN C 48 62.26 43.19 23.27
CA GLN C 48 62.73 41.82 23.46
C GLN C 48 62.30 40.92 22.32
N ALA C 49 61.07 41.07 21.83
CA ALA C 49 60.56 40.24 20.75
C ALA C 49 61.22 40.57 19.41
N ASN C 50 61.80 41.77 19.28
CA ASN C 50 62.50 42.11 18.04
C ASN C 50 63.67 41.18 17.76
N LYS C 51 64.16 40.44 18.77
CA LYS C 51 65.24 39.49 18.53
C LYS C 51 64.77 38.29 17.74
N ARG C 52 63.47 38.01 17.75
CA ARG C 52 62.88 36.89 17.02
C ARG C 52 63.52 35.56 17.39
N ILE C 58 62.03 41.54 9.34
CA ILE C 58 61.74 42.97 9.28
C ILE C 58 61.87 43.59 10.67
N GLN C 59 61.45 44.85 10.80
CA GLN C 59 61.52 45.57 12.05
C GLN C 59 60.12 45.80 12.60
N LEU C 60 60.05 46.01 13.92
CA LEU C 60 58.79 46.23 14.61
C LEU C 60 58.87 47.52 15.41
N GLN C 61 57.73 48.19 15.55
CA GLN C 61 57.64 49.42 16.33
C GLN C 61 56.48 49.33 17.32
N ALA C 62 56.18 50.43 18.00
CA ALA C 62 55.11 50.43 18.98
C ALA C 62 54.55 51.84 19.12
N THR C 63 53.23 51.93 19.28
CA THR C 63 52.55 53.20 19.49
C THR C 63 51.41 52.98 20.47
N SER C 64 51.32 53.85 21.47
CA SER C 64 50.33 53.71 22.53
C SER C 64 49.63 55.05 22.76
N VAL C 65 48.32 54.97 22.98
CA VAL C 65 47.50 56.14 23.26
C VAL C 65 46.65 55.83 24.50
N THR C 66 46.57 56.80 25.41
CA THR C 66 45.82 56.61 26.64
C THR C 66 44.32 56.58 26.35
N HIS C 67 43.56 56.05 27.31
CA HIS C 67 42.12 55.96 27.19
C HIS C 67 41.48 57.30 27.56
N LYS C 68 40.43 57.65 26.83
CA LYS C 68 39.68 58.88 27.06
C LYS C 68 38.37 58.58 27.75
N PRO C 69 37.84 59.53 28.53
CA PRO C 69 36.54 59.31 29.18
C PRO C 69 35.39 59.18 28.20
N ASN C 70 35.51 59.76 27.01
CA ASN C 70 34.50 59.64 25.97
C ASN C 70 35.05 58.79 24.84
N ALA C 71 34.27 57.79 24.43
CA ALA C 71 34.71 56.86 23.39
C ALA C 71 34.68 57.48 22.00
N ILE C 72 33.94 58.57 21.80
CA ILE C 72 33.90 59.22 20.49
C ILE C 72 35.24 59.87 20.18
N GLN C 73 35.72 60.72 21.09
CA GLN C 73 37.03 61.34 20.90
C GLN C 73 38.13 60.29 20.90
N MET C 74 37.97 59.22 21.68
CA MET C 74 38.95 58.13 21.66
C MET C 74 38.94 57.42 20.32
N ALA C 75 37.76 57.21 19.73
CA ALA C 75 37.68 56.62 18.40
C ALA C 75 38.32 57.53 17.36
N LEU C 76 38.14 58.84 17.50
CA LEU C 76 38.78 59.79 16.59
C LEU C 76 40.30 59.72 16.71
N SER C 77 40.80 59.65 17.95
CA SER C 77 42.24 59.54 18.15
C SER C 77 42.77 58.23 17.58
N VAL C 78 41.98 57.16 17.67
CA VAL C 78 42.38 55.88 17.08
C VAL C 78 42.46 56.00 15.57
N CYS C 79 41.43 56.58 14.96
CA CYS C 79 41.42 56.73 13.51
C CYS C 79 42.50 57.69 13.02
N GLU C 80 42.96 58.59 13.89
CA GLU C 80 43.96 59.58 13.51
C GLU C 80 45.38 59.23 13.95
N ASP C 81 45.54 58.59 15.11
CA ASP C 81 46.87 58.32 15.65
C ASP C 81 47.19 56.83 15.75
N LEU C 82 46.24 56.00 16.19
CA LEU C 82 46.51 54.58 16.36
C LEU C 82 46.77 53.91 15.03
N ILE C 83 45.97 54.22 14.01
CA ILE C 83 46.14 53.65 12.68
C ILE C 83 46.81 54.66 11.74
N SER C 84 47.60 55.59 12.28
CA SER C 84 48.39 56.49 11.43
C SER C 84 49.30 55.70 10.49
N SER C 85 49.76 54.52 10.91
CA SER C 85 50.41 53.56 10.03
C SER C 85 49.45 52.46 9.59
N GLN C 86 48.64 51.96 10.51
CA GLN C 86 47.51 51.06 10.24
C GLN C 86 47.96 49.65 9.84
N VAL C 87 49.26 49.44 9.66
CA VAL C 87 49.78 48.12 9.35
C VAL C 87 50.14 47.42 10.66
N TYR C 88 49.16 46.79 11.30
CA TYR C 88 49.35 46.16 12.61
C TYR C 88 48.07 45.44 13.00
N ALA C 89 48.10 44.85 14.20
CA ALA C 89 46.94 44.25 14.85
C ALA C 89 46.81 44.93 16.21
N ILE C 90 45.88 45.89 16.31
CA ILE C 90 45.78 46.70 17.51
C ILE C 90 45.40 45.85 18.72
N LEU C 91 45.95 46.23 19.87
CA LEU C 91 45.63 45.58 21.14
C LEU C 91 45.00 46.61 22.07
N VAL C 92 44.00 46.16 22.83
CA VAL C 92 43.24 47.04 23.71
C VAL C 92 43.13 46.37 25.09
N SER C 93 43.11 47.20 26.12
CA SER C 93 43.00 46.75 27.50
C SER C 93 41.73 47.31 28.13
N HIS C 94 41.51 46.95 29.41
CA HIS C 94 40.31 47.41 30.08
C HIS C 94 40.63 48.54 31.05
N PRO C 95 39.72 49.51 31.19
CA PRO C 95 39.92 50.58 32.17
C PRO C 95 39.52 50.10 33.56
N PRO C 96 39.88 50.85 34.61
CA PRO C 96 39.44 50.47 35.96
C PRO C 96 37.93 50.54 36.16
N THR C 97 37.20 51.15 35.23
CA THR C 97 35.75 51.18 35.34
C THR C 97 35.17 49.78 35.17
N PRO C 98 34.04 49.49 35.83
CA PRO C 98 33.45 48.15 35.74
C PRO C 98 32.62 47.93 34.48
N ASN C 99 32.75 48.84 33.51
CA ASN C 99 31.99 48.70 32.28
C ASN C 99 32.54 47.55 31.42
N ASP C 100 33.80 47.66 31.00
CA ASP C 100 34.56 46.65 30.27
C ASP C 100 33.97 46.34 28.89
N HIS C 101 32.94 47.06 28.44
CA HIS C 101 32.35 46.82 27.13
C HIS C 101 32.40 48.06 26.24
N PHE C 102 31.97 49.21 26.75
CA PHE C 102 31.93 50.42 25.94
C PHE C 102 33.33 50.93 25.62
N THR C 103 34.33 50.56 26.43
CA THR C 103 35.71 50.96 26.17
C THR C 103 36.37 50.06 25.13
N PRO C 104 36.18 48.73 25.17
CA PRO C 104 36.75 47.88 24.12
C PRO C 104 35.95 47.82 22.82
N THR C 105 34.68 48.20 22.79
CA THR C 105 33.93 48.06 21.54
C THR C 105 34.32 49.05 20.43
N PRO C 106 34.67 50.32 20.71
CA PRO C 106 34.92 51.23 19.58
C PRO C 106 36.21 50.94 18.83
N VAL C 107 37.27 50.52 19.53
CA VAL C 107 38.50 50.12 18.85
C VAL C 107 38.23 48.93 17.95
N SER C 108 37.45 47.97 18.45
CA SER C 108 37.11 46.79 17.65
C SER C 108 36.30 47.20 16.41
N TYR C 109 35.35 48.12 16.57
CA TYR C 109 34.56 48.57 15.42
C TYR C 109 35.43 49.27 14.39
N THR C 110 36.28 50.20 14.86
CA THR C 110 37.10 50.98 13.94
C THR C 110 38.13 50.09 13.23
N ALA C 111 38.60 49.03 13.89
CA ALA C 111 39.54 48.12 13.24
C ALA C 111 38.84 47.15 12.29
N GLY C 112 37.66 46.65 12.66
CA GLY C 112 36.90 45.78 11.77
C GLY C 112 36.32 46.49 10.58
N PHE C 113 36.21 47.83 10.64
CA PHE C 113 35.82 48.58 9.45
C PHE C 113 36.75 48.27 8.28
N TYR C 114 38.06 48.28 8.52
CA TYR C 114 39.04 47.92 7.52
C TYR C 114 39.46 46.45 7.62
N ARG C 115 38.71 45.65 8.38
CA ARG C 115 39.00 44.23 8.58
C ARG C 115 40.39 44.04 9.21
N ILE C 116 40.78 44.98 10.06
CA ILE C 116 42.07 44.91 10.77
C ILE C 116 41.84 44.11 12.05
N PRO C 117 42.63 43.08 12.32
CA PRO C 117 42.42 42.28 13.53
C PRO C 117 42.61 43.11 14.80
N VAL C 118 41.97 42.64 15.88
CA VAL C 118 42.03 43.29 17.18
C VAL C 118 42.52 42.29 18.21
N LEU C 119 43.39 42.74 19.11
CA LEU C 119 43.88 41.94 20.21
C LEU C 119 43.23 42.41 21.50
N GLY C 120 42.72 41.46 22.28
CA GLY C 120 42.06 41.78 23.53
C GLY C 120 42.77 41.20 24.74
N LEU C 121 43.24 42.06 25.64
CA LEU C 121 43.96 41.61 26.82
C LEU C 121 42.99 41.14 27.90
N THR C 122 42.15 42.04 28.40
CA THR C 122 41.13 41.72 29.39
C THR C 122 39.85 42.42 29.01
N THR C 123 38.83 41.64 28.62
CA THR C 123 37.57 42.20 28.18
C THR C 123 36.44 41.30 28.65
N ARG C 124 35.23 41.87 28.69
CA ARG C 124 34.01 41.10 28.96
C ARG C 124 33.63 40.39 27.66
N MET C 125 34.01 39.12 27.58
CA MET C 125 33.89 38.35 26.35
C MET C 125 32.50 37.76 26.19
N SER C 126 31.52 38.31 26.92
CA SER C 126 30.14 37.85 26.81
C SER C 126 29.57 38.12 25.42
N ILE C 127 29.71 39.36 24.95
CA ILE C 127 29.11 39.73 23.66
C ILE C 127 30.15 39.69 22.53
N TYR C 128 31.43 39.83 22.85
CA TYR C 128 32.48 39.93 21.83
C TYR C 128 32.79 38.62 21.13
N SER C 129 32.03 37.54 21.34
CA SER C 129 32.26 36.28 20.65
C SER C 129 31.39 36.11 19.41
N ASP C 130 30.85 37.20 18.88
CA ASP C 130 29.98 37.18 17.71
C ASP C 130 30.79 37.62 16.50
N LYS C 131 30.88 36.76 15.49
CA LYS C 131 31.63 37.07 14.28
C LYS C 131 30.90 38.04 13.36
N SER C 132 29.59 38.23 13.54
CA SER C 132 28.83 39.14 12.70
C SER C 132 28.87 40.57 13.23
N ILE C 133 28.71 40.74 14.55
CA ILE C 133 28.80 42.07 15.14
C ILE C 133 30.23 42.59 15.04
N HIS C 134 31.19 41.83 15.55
CA HIS C 134 32.61 42.15 15.47
C HIS C 134 33.23 41.24 14.43
N LEU C 135 33.78 41.82 13.36
CA LEU C 135 34.33 41.04 12.27
C LEU C 135 35.56 40.26 12.71
N SER C 136 36.60 40.96 13.18
CA SER C 136 37.83 40.33 13.63
C SER C 136 38.14 40.81 15.03
N PHE C 137 38.24 39.89 15.98
CA PHE C 137 38.56 40.22 17.36
C PHE C 137 39.20 39.02 18.03
N LEU C 138 40.37 39.22 18.62
CA LEU C 138 41.12 38.16 19.30
C LEU C 138 41.31 38.55 20.75
N ARG C 139 40.91 37.68 21.66
CA ARG C 139 41.00 37.95 23.09
C ARG C 139 42.03 37.03 23.74
N THR C 140 42.44 37.42 24.95
CA THR C 140 43.37 36.63 25.76
C THR C 140 42.67 35.88 26.88
N VAL C 141 41.65 36.48 27.50
CA VAL C 141 40.87 35.83 28.55
C VAL C 141 39.68 35.12 27.91
N PRO C 142 39.30 33.94 28.40
CA PRO C 142 38.17 33.22 27.80
C PRO C 142 36.85 33.71 28.36
N PRO C 143 35.76 33.55 27.62
CA PRO C 143 34.44 33.95 28.13
C PRO C 143 33.93 32.96 29.18
N TYR C 144 32.72 33.25 29.66
CA TYR C 144 32.10 32.39 30.66
C TYR C 144 31.52 31.11 30.05
N SER C 145 31.51 30.98 28.72
CA SER C 145 31.14 29.71 28.09
C SER C 145 32.11 28.62 28.50
N HIS C 146 33.41 28.91 28.49
CA HIS C 146 34.39 27.96 28.99
C HIS C 146 34.23 27.71 30.48
N GLN C 147 33.71 28.69 31.23
CA GLN C 147 33.45 28.45 32.65
C GLN C 147 32.28 27.48 32.83
N SER C 148 31.25 27.59 31.99
CA SER C 148 30.18 26.60 32.02
C SER C 148 30.69 25.23 31.60
N SER C 149 31.63 25.20 30.65
CA SER C 149 32.25 23.92 30.27
C SER C 149 33.01 23.31 31.45
N VAL C 150 33.72 24.15 32.21
CA VAL C 150 34.42 23.66 33.41
C VAL C 150 33.40 23.18 34.45
N TRP C 151 32.27 23.87 34.56
CA TRP C 151 31.20 23.41 35.44
C TRP C 151 30.73 22.02 35.05
N PHE C 152 30.51 21.80 33.76
CA PHE C 152 30.12 20.47 33.27
C PHE C 152 31.18 19.43 33.53
N GLU C 153 32.46 19.77 33.31
CA GLU C 153 33.54 18.82 33.57
C GLU C 153 33.60 18.45 35.05
N MET C 154 33.37 19.43 35.94
CA MET C 154 33.32 19.15 37.36
C MET C 154 32.13 18.27 37.71
N MET C 155 30.98 18.53 37.07
CA MET C 155 29.81 17.69 37.28
C MET C 155 30.04 16.25 36.84
N ARG C 156 30.87 16.06 35.80
CA ARG C 156 31.12 14.71 35.30
C ARG C 156 31.91 13.88 36.30
N VAL C 157 32.46 14.49 37.34
CA VAL C 157 33.29 13.77 38.29
C VAL C 157 32.45 13.29 39.48
N TYR C 158 31.66 14.20 40.07
CA TYR C 158 30.91 13.90 41.28
C TYR C 158 29.60 13.17 41.02
N ASN C 159 29.37 12.73 39.78
CA ASN C 159 28.18 11.94 39.43
C ASN C 159 26.89 12.68 39.74
N TRP C 160 26.89 14.01 39.60
CA TRP C 160 25.70 14.82 39.82
C TRP C 160 24.88 14.83 38.54
N ASN C 161 23.77 14.08 38.54
CA ASN C 161 22.95 13.91 37.35
C ASN C 161 21.71 14.80 37.36
N HIS C 162 21.61 15.73 38.31
CA HIS C 162 20.45 16.61 38.39
C HIS C 162 20.91 17.99 38.83
N ILE C 163 20.45 19.03 38.12
CA ILE C 163 20.89 20.39 38.51
C ILE C 163 19.90 21.44 38.07
N ILE C 164 19.66 22.48 38.85
CA ILE C 164 18.69 23.52 38.42
C ILE C 164 19.42 24.82 38.21
N LEU C 165 19.76 25.14 36.98
CA LEU C 165 20.48 26.38 36.72
C LEU C 165 19.51 27.55 36.63
N LEU C 166 20.07 28.77 36.70
CA LEU C 166 19.28 29.98 36.59
C LEU C 166 20.21 31.12 36.19
N VAL C 167 19.87 31.82 35.10
CA VAL C 167 20.67 32.92 34.59
C VAL C 167 19.90 34.22 34.79
N SER C 168 20.65 35.32 34.82
CA SER C 168 20.08 36.65 35.05
C SER C 168 20.22 37.57 33.87
N ASP C 169 21.44 37.76 33.35
CA ASP C 169 21.65 38.67 32.24
C ASP C 169 20.99 38.15 30.97
N ASP C 170 20.55 39.07 30.12
CA ASP C 170 19.91 38.70 28.86
C ASP C 170 20.90 37.97 27.94
N HIS C 171 21.89 38.71 27.42
CA HIS C 171 22.82 38.01 26.48
C HIS C 171 23.78 37.07 27.18
N GLU C 172 24.51 37.55 28.18
CA GLU C 172 25.44 36.65 28.86
C GLU C 172 24.71 35.41 29.37
N GLY C 173 23.54 35.61 29.98
CA GLY C 173 22.77 34.47 30.47
C GLY C 173 22.30 33.57 29.35
N ARG C 174 21.85 34.15 28.24
CA ARG C 174 21.42 33.35 27.11
C ARG C 174 22.59 32.54 26.53
N ALA C 175 23.77 33.16 26.45
CA ALA C 175 24.94 32.46 25.93
C ALA C 175 25.34 31.32 26.85
N ALA C 176 25.36 31.56 28.17
CA ALA C 176 25.71 30.50 29.11
C ALA C 176 24.69 29.37 29.05
N GLN C 177 23.40 29.70 28.96
CA GLN C 177 22.37 28.68 28.87
C GLN C 177 22.51 27.86 27.60
N LYS C 178 22.78 28.53 26.48
CA LYS C 178 22.95 27.81 25.21
C LYS C 178 24.17 26.91 25.25
N ARG C 179 25.26 27.39 25.86
CA ARG C 179 26.46 26.56 25.97
C ARG C 179 26.19 25.33 26.83
N LEU C 180 25.59 25.51 28.00
CA LEU C 180 25.29 24.36 28.86
C LEU C 180 24.31 23.41 28.19
N GLU C 181 23.35 23.93 27.43
CA GLU C 181 22.37 23.07 26.78
C GLU C 181 23.01 22.27 25.65
N THR C 182 23.88 22.89 24.86
CA THR C 182 24.54 22.17 23.78
C THR C 182 25.61 21.23 24.29
N LEU C 183 26.10 21.46 25.53
CA LEU C 183 27.03 20.50 26.12
C LEU C 183 26.29 19.30 26.70
N LEU C 184 25.14 19.54 27.35
CA LEU C 184 24.41 18.45 27.97
C LEU C 184 23.62 17.64 26.94
N GLU C 185 23.21 18.26 25.83
CA GLU C 185 22.38 17.55 24.85
C GLU C 185 23.24 16.73 23.90
N GLU C 186 24.37 17.28 23.44
CA GLU C 186 25.24 16.53 22.53
C GLU C 186 25.85 15.32 23.22
N ARG C 187 26.11 15.42 24.53
CA ARG C 187 26.65 14.29 25.26
C ARG C 187 25.58 13.25 25.57
N GLU C 188 24.32 13.68 25.70
CA GLU C 188 23.24 12.75 25.99
C GLU C 188 22.91 11.89 24.78
N SER C 189 23.09 12.43 23.58
CA SER C 189 22.80 11.66 22.37
C SER C 189 23.79 10.52 22.19
N LYS C 190 25.06 10.77 22.46
CA LYS C 190 26.09 9.74 22.32
C LYS C 190 27.16 9.88 23.40
N LYS C 207 24.19 4.88 32.02
CA LYS C 207 23.40 5.64 32.98
C LYS C 207 22.34 6.48 32.28
N ARG C 208 21.69 7.36 33.04
CA ARG C 208 20.65 8.21 32.47
C ARG C 208 21.23 9.48 31.86
N GLY C 209 22.20 10.11 32.52
CA GLY C 209 22.81 11.31 32.02
C GLY C 209 22.04 12.56 32.41
N PRO C 210 22.83 13.58 32.82
CA PRO C 210 22.29 14.75 33.48
C PRO C 210 21.15 15.36 32.68
N LYS C 211 20.14 15.80 33.41
CA LYS C 211 18.98 16.48 32.81
C LYS C 211 18.99 17.85 33.46
N ALA C 212 18.88 18.94 32.71
CA ALA C 212 18.82 20.21 33.44
C ALA C 212 17.37 20.29 33.83
N GLU C 213 17.03 20.10 35.09
CA GLU C 213 15.61 19.90 35.43
C GLU C 213 14.75 21.08 35.06
N LYS C 214 15.19 22.25 35.37
CA LYS C 214 14.41 23.47 35.16
C LYS C 214 15.38 24.62 34.89
N VAL C 215 15.17 25.33 33.79
CA VAL C 215 15.99 26.49 33.45
C VAL C 215 15.20 27.75 33.81
N LEU C 216 15.70 28.50 34.79
CA LEU C 216 15.02 29.71 35.24
C LEU C 216 15.74 30.97 34.74
N GLN C 217 14.95 32.02 34.52
CA GLN C 217 15.48 33.31 34.08
C GLN C 217 14.72 34.42 34.80
N PHE C 218 15.43 35.49 35.13
CA PHE C 218 14.82 36.64 35.79
C PHE C 218 15.53 37.91 35.35
N ASP C 219 14.91 39.04 35.67
CA ASP C 219 15.43 40.34 35.27
C ASP C 219 16.67 40.67 36.12
N PRO C 220 17.76 41.13 35.51
CA PRO C 220 18.94 41.50 36.31
C PRO C 220 18.77 42.79 37.08
N GLY C 221 17.61 43.43 36.94
CA GLY C 221 17.36 44.69 37.63
C GLY C 221 16.33 44.58 38.74
N THR C 222 15.57 43.49 38.74
CA THR C 222 14.55 43.30 39.76
C THR C 222 15.17 42.71 41.03
N LYS C 223 14.37 42.74 42.11
CA LYS C 223 14.81 42.23 43.40
C LYS C 223 13.88 41.18 43.99
N ASN C 224 12.70 40.98 43.41
CA ASN C 224 11.73 40.00 43.93
C ASN C 224 11.92 38.69 43.18
N VAL C 225 12.64 37.76 43.78
CA VAL C 225 12.87 36.43 43.20
C VAL C 225 12.40 35.31 44.09
N THR C 226 11.68 35.60 45.18
CA THR C 226 11.24 34.55 46.10
C THR C 226 10.31 33.55 45.40
N ALA C 227 9.53 34.00 44.42
CA ALA C 227 8.67 33.08 43.68
C ALA C 227 9.49 32.03 42.95
N LEU C 228 10.52 32.47 42.20
CA LEU C 228 11.37 31.53 41.50
C LEU C 228 12.16 30.65 42.47
N LEU C 229 12.57 31.23 43.61
CA LEU C 229 13.29 30.44 44.60
C LEU C 229 12.41 29.32 45.15
N MET C 230 11.15 29.62 45.47
CA MET C 230 10.25 28.59 45.96
C MET C 230 9.91 27.57 44.87
N GLU C 231 9.80 28.03 43.62
CA GLU C 231 9.57 27.10 42.52
C GLU C 231 10.73 26.14 42.34
N ALA C 232 11.96 26.62 42.50
CA ALA C 232 13.12 25.75 42.43
C ALA C 232 13.17 24.82 43.64
N ARG C 233 12.76 25.32 44.81
CA ARG C 233 12.75 24.49 46.01
C ARG C 233 11.74 23.35 45.87
N GLU C 234 10.61 23.61 45.21
CA GLU C 234 9.58 22.60 45.02
C GLU C 234 10.00 21.46 44.09
N LEU C 235 11.22 21.50 43.56
CA LEU C 235 11.71 20.49 42.65
C LEU C 235 12.52 19.43 43.41
N GLU C 236 13.18 18.54 42.68
CA GLU C 236 13.93 17.45 43.27
C GLU C 236 15.43 17.72 43.34
N ALA C 237 15.99 18.32 42.29
CA ALA C 237 17.44 18.56 42.25
C ALA C 237 17.85 19.53 43.35
N ARG C 238 19.09 19.35 43.83
CA ARG C 238 19.64 20.17 44.90
C ARG C 238 21.03 20.71 44.57
N VAL C 239 21.36 20.82 43.28
CA VAL C 239 22.68 21.23 42.79
C VAL C 239 22.47 22.43 41.89
N ILE C 240 22.19 23.54 42.53
CA ILE C 240 21.80 24.80 41.85
C ILE C 240 23.05 25.48 41.35
N ILE C 241 23.21 25.69 40.07
CA ILE C 241 24.39 26.29 39.43
C ILE C 241 23.98 27.69 39.10
N LEU C 242 24.61 28.79 39.44
CA LEU C 242 24.00 30.08 39.02
C LEU C 242 24.93 30.91 38.13
N SER C 243 24.47 31.94 37.41
CA SER C 243 25.36 32.80 36.57
C SER C 243 24.78 34.20 36.40
N ALA C 244 24.74 34.96 37.47
CA ALA C 244 24.21 36.31 37.60
C ALA C 244 25.34 37.32 37.79
N SER C 245 24.97 38.59 37.85
CA SER C 245 25.92 39.66 38.09
C SER C 245 26.18 39.81 39.59
N GLU C 246 26.95 40.84 39.95
CA GLU C 246 27.33 41.03 41.35
C GLU C 246 26.11 41.35 42.22
N ASP C 247 25.37 42.41 41.87
CA ASP C 247 24.20 42.78 42.63
C ASP C 247 23.14 41.69 42.57
N ASP C 248 22.98 41.04 41.42
CA ASP C 248 22.03 39.94 41.32
C ASP C 248 22.47 38.75 42.17
N ALA C 249 23.78 38.51 42.25
CA ALA C 249 24.27 37.45 43.12
C ALA C 249 23.99 37.76 44.58
N ALA C 250 24.21 39.02 44.99
CA ALA C 250 23.90 39.39 46.37
C ALA C 250 22.41 39.26 46.66
N THR C 251 21.56 39.63 45.70
CA THR C 251 20.11 39.52 45.89
C THR C 251 19.68 38.06 46.00
N VAL C 252 20.20 37.19 45.14
CA VAL C 252 19.81 35.80 45.19
C VAL C 252 20.39 35.12 46.43
N TYR C 253 21.56 35.58 46.90
CA TYR C 253 22.10 35.05 48.16
C TYR C 253 21.22 35.44 49.33
N ARG C 254 20.76 36.70 49.37
CA ARG C 254 19.85 37.12 50.43
C ARG C 254 18.54 36.34 50.36
N ALA C 255 18.05 36.09 49.15
CA ALA C 255 16.81 35.34 49.00
C ALA C 255 16.97 33.90 49.45
N ALA C 256 18.13 33.29 49.16
CA ALA C 256 18.37 31.92 49.58
C ALA C 256 18.57 31.83 51.09
N ALA C 257 19.19 32.85 51.69
CA ALA C 257 19.34 32.89 53.13
C ALA C 257 18.00 33.10 53.82
N MET C 258 17.09 33.83 53.18
CA MET C 258 15.74 33.98 53.74
C MET C 258 14.97 32.67 53.68
N LEU C 259 15.16 31.90 52.61
CA LEU C 259 14.51 30.61 52.45
C LEU C 259 15.33 29.46 53.02
N ASP C 260 16.55 29.75 53.50
CA ASP C 260 17.42 28.77 54.13
C ASP C 260 17.75 27.61 53.18
N MET C 261 18.39 27.96 52.06
CA MET C 261 18.87 26.97 51.10
C MET C 261 20.32 26.60 51.39
N THR C 262 20.59 26.21 52.64
CA THR C 262 21.94 25.81 53.04
C THR C 262 21.94 24.62 53.99
N GLY C 263 20.83 23.89 54.12
CA GLY C 263 20.75 22.78 55.06
C GLY C 263 21.50 21.54 54.62
N SER C 264 22.79 21.68 54.33
CA SER C 264 23.70 20.59 53.98
C SER C 264 23.25 19.78 52.77
N GLY C 265 22.30 20.29 51.99
CA GLY C 265 21.84 19.56 50.82
C GLY C 265 21.93 20.35 49.53
N TYR C 266 22.00 21.68 49.64
CA TYR C 266 22.01 22.57 48.48
C TYR C 266 23.45 22.83 48.07
N VAL C 267 23.89 22.14 47.01
CA VAL C 267 25.23 22.37 46.48
C VAL C 267 25.21 23.59 45.56
N TRP C 268 26.21 24.45 45.72
CA TRP C 268 26.29 25.70 44.97
C TRP C 268 27.47 25.66 43.99
N LEU C 269 27.21 26.12 42.77
CA LEU C 269 28.26 26.31 41.77
C LEU C 269 28.10 27.71 41.19
N VAL C 270 29.08 28.57 41.46
CA VAL C 270 28.98 29.99 41.11
C VAL C 270 30.14 30.36 40.20
N GLY C 271 29.96 31.48 39.47
CA GLY C 271 30.95 31.96 38.56
C GLY C 271 31.92 32.95 39.18
N GLU C 272 32.87 33.42 38.35
CA GLU C 272 33.86 34.37 38.81
C GLU C 272 33.29 35.77 39.00
N ARG C 273 32.28 36.13 38.23
CA ARG C 273 31.67 37.46 38.33
C ARG C 273 30.83 37.64 39.59
N GLU C 274 30.66 36.58 40.39
CA GLU C 274 29.86 36.64 41.60
C GLU C 274 30.66 36.41 42.87
N ILE C 275 31.95 36.07 42.76
CA ILE C 275 32.79 35.89 43.95
C ILE C 275 33.46 37.17 44.39
N SER C 276 33.10 38.31 43.80
CA SER C 276 33.70 39.58 44.18
C SER C 276 33.26 39.97 45.60
N GLY C 277 33.97 40.94 46.16
CA GLY C 277 33.70 41.35 47.54
C GLY C 277 32.30 41.88 47.73
N ASN C 278 31.77 42.61 46.74
CA ASN C 278 30.42 43.15 46.84
C ASN C 278 29.37 42.04 47.03
N ALA C 279 29.64 40.86 46.49
CA ALA C 279 28.78 39.71 46.71
C ALA C 279 29.32 38.72 47.73
N LEU C 280 30.64 38.71 47.95
CA LEU C 280 31.21 37.84 48.98
C LEU C 280 30.85 38.33 50.37
N ARG C 281 30.52 39.62 50.53
CA ARG C 281 30.12 40.12 51.83
C ARG C 281 28.84 39.44 52.32
N TYR C 282 27.95 39.09 51.39
CA TYR C 282 26.71 38.41 51.72
C TYR C 282 26.63 37.01 51.12
N ALA C 283 27.77 36.40 50.81
CA ALA C 283 27.77 35.08 50.21
C ALA C 283 27.69 33.99 51.29
N PRO C 284 26.92 32.93 51.03
CA PRO C 284 26.84 31.83 52.01
C PRO C 284 28.05 30.91 51.94
N ASP C 285 28.27 30.09 52.95
CA ASP C 285 29.41 29.13 52.85
C ASP C 285 29.10 28.10 51.75
N GLY C 286 30.07 27.25 51.45
CA GLY C 286 29.89 26.15 50.49
C GLY C 286 29.78 26.64 49.06
N ILE C 287 29.82 27.95 48.86
CA ILE C 287 29.58 28.48 47.50
C ILE C 287 30.81 28.24 46.64
N ILE C 288 31.00 27.03 46.13
CA ILE C 288 32.16 26.73 45.26
C ILE C 288 32.16 27.72 44.11
N GLY C 289 33.30 28.35 43.91
CA GLY C 289 33.46 29.31 42.86
C GLY C 289 34.73 29.07 42.07
N LEU C 290 34.85 29.77 40.95
CA LEU C 290 35.99 29.66 40.06
C LEU C 290 36.63 31.03 39.85
N GLN C 291 37.93 31.02 39.57
CA GLN C 291 38.67 32.25 39.32
C GLN C 291 39.81 31.95 38.36
N LEU C 292 39.97 32.82 37.36
CA LEU C 292 41.01 32.64 36.35
C LEU C 292 42.32 33.24 36.83
N ILE C 293 43.42 32.55 36.52
CA ILE C 293 44.74 33.04 36.91
C ILE C 293 45.16 34.17 36.00
N ASN C 294 45.94 35.10 36.54
CA ASN C 294 46.44 36.28 35.82
C ASN C 294 45.28 37.07 35.23
N GLY C 295 44.38 37.51 36.12
CA GLY C 295 43.22 38.28 35.71
C GLY C 295 43.50 39.77 35.63
N LYS C 296 44.48 40.23 36.42
CA LYS C 296 44.84 41.65 36.45
C LYS C 296 46.28 41.89 36.02
N ASN C 297 47.03 40.84 35.66
CA ASN C 297 48.42 40.97 35.22
C ASN C 297 48.39 41.45 33.77
N GLU C 298 48.40 42.78 33.59
CA GLU C 298 48.33 43.33 32.25
C GLU C 298 49.65 43.17 31.50
N SER C 299 50.77 43.25 32.22
CA SER C 299 52.08 43.17 31.58
C SER C 299 52.30 41.79 30.96
N ALA C 300 51.91 40.73 31.66
CA ALA C 300 52.06 39.38 31.11
C ALA C 300 51.20 39.19 29.89
N HIS C 301 49.96 39.71 29.91
CA HIS C 301 49.09 39.61 28.75
C HIS C 301 49.67 40.38 27.57
N ILE C 302 50.25 41.55 27.84
CA ILE C 302 50.87 42.33 26.77
C ILE C 302 52.05 41.60 26.17
N SER C 303 52.87 40.95 27.03
CA SER C 303 54.00 40.20 26.54
C SER C 303 53.56 39.03 25.68
N ASP C 304 52.54 38.29 26.14
CA ASP C 304 52.02 37.18 25.34
C ASP C 304 51.45 37.67 24.01
N ALA C 305 50.76 38.81 24.02
CA ALA C 305 50.16 39.34 22.81
C ALA C 305 51.23 39.76 21.81
N VAL C 306 52.26 40.48 22.27
CA VAL C 306 53.30 40.89 21.34
C VAL C 306 54.09 39.69 20.84
N GLY C 307 54.26 38.65 21.67
CA GLY C 307 54.94 37.46 21.20
C GLY C 307 54.16 36.75 20.11
N VAL C 308 52.85 36.55 20.33
CA VAL C 308 52.05 35.84 19.34
C VAL C 308 51.89 36.67 18.07
N VAL C 309 51.86 38.00 18.20
CA VAL C 309 51.71 38.82 17.00
C VAL C 309 53.03 38.87 16.24
N ALA C 310 54.16 38.80 16.92
CA ALA C 310 55.44 38.70 16.22
C ALA C 310 55.56 37.36 15.50
N GLN C 311 55.11 36.28 16.15
CA GLN C 311 55.09 34.99 15.48
C GLN C 311 54.17 35.00 14.25
N ALA C 312 53.01 35.66 14.37
CA ALA C 312 52.09 35.73 13.24
C ALA C 312 52.68 36.56 12.11
N VAL C 313 53.37 37.66 12.43
CA VAL C 313 54.01 38.46 11.40
C VAL C 313 55.09 37.66 10.69
N HIS C 314 55.93 36.96 11.45
CA HIS C 314 56.97 36.13 10.86
C HIS C 314 56.40 35.00 10.02
N GLU C 315 55.22 34.49 10.37
CA GLU C 315 54.62 33.42 9.59
C GLU C 315 53.95 33.95 8.33
N LEU C 316 53.34 35.13 8.41
CA LEU C 316 52.60 35.68 7.27
C LEU C 316 53.50 36.42 6.28
N LEU C 317 54.69 36.85 6.69
CA LEU C 317 55.58 37.60 5.81
C LEU C 317 56.03 36.75 4.62
N GLU C 318 55.81 35.44 4.68
CA GLU C 318 56.14 34.54 3.60
C GLU C 318 55.01 34.38 2.59
N LYS C 319 53.98 35.22 2.67
CA LYS C 319 52.84 35.14 1.76
C LYS C 319 53.21 35.79 0.43
N GLU C 320 52.22 35.93 -0.46
CA GLU C 320 52.44 36.49 -1.78
C GLU C 320 52.02 37.95 -1.87
N ASN C 321 50.76 38.24 -1.53
CA ASN C 321 50.22 39.58 -1.62
C ASN C 321 50.11 40.22 -0.24
N ILE C 322 50.46 41.49 -0.16
CA ILE C 322 50.38 42.27 1.07
C ILE C 322 49.74 43.61 0.72
N THR C 323 48.49 43.79 1.13
CA THR C 323 47.76 45.04 0.88
C THR C 323 47.93 45.92 2.11
N ASP C 324 48.99 46.71 2.12
CA ASP C 324 49.31 47.58 3.25
C ASP C 324 48.20 48.59 3.47
N PRO C 325 47.61 48.66 4.66
CA PRO C 325 46.59 49.67 4.93
C PRO C 325 47.15 51.08 4.78
N PRO C 326 46.30 52.06 4.46
CA PRO C 326 46.81 53.40 4.18
C PRO C 326 47.29 54.12 5.43
N ARG C 327 48.13 55.13 5.22
CA ARG C 327 48.63 55.97 6.30
C ARG C 327 47.64 57.09 6.61
N GLY C 328 46.46 56.68 7.06
CA GLY C 328 45.37 57.60 7.34
C GLY C 328 44.02 56.97 7.03
N CYS C 329 43.06 57.14 7.93
CA CYS C 329 41.77 56.49 7.80
C CYS C 329 40.73 57.33 7.06
N VAL C 330 41.00 58.62 6.84
CA VAL C 330 40.05 59.48 6.18
C VAL C 330 40.19 59.33 4.67
N GLY C 331 39.06 59.13 3.98
CA GLY C 331 39.03 59.06 2.52
C GLY C 331 39.37 57.72 1.93
N ASN C 332 39.83 56.75 2.72
CA ASN C 332 40.21 55.43 2.21
C ASN C 332 39.07 54.46 2.45
N THR C 333 38.19 54.35 1.44
CA THR C 333 37.04 53.46 1.49
C THR C 333 37.37 52.20 0.70
N ASN C 334 38.07 51.27 1.35
CA ASN C 334 38.44 50.02 0.72
C ASN C 334 38.66 48.98 1.81
N ILE C 335 38.65 47.71 1.40
CA ILE C 335 38.83 46.58 2.30
C ILE C 335 40.26 46.05 2.11
N TRP C 336 40.99 45.93 3.21
CA TRP C 336 42.35 45.40 3.18
C TRP C 336 42.29 43.89 3.00
N LYS C 337 42.83 43.39 1.89
CA LYS C 337 42.81 41.97 1.58
C LYS C 337 43.71 41.18 2.53
N THR C 338 44.64 41.88 3.18
CA THR C 338 45.57 41.20 4.09
C THR C 338 44.91 40.88 5.42
N GLY C 339 43.83 41.58 5.78
CA GLY C 339 43.20 41.43 7.07
C GLY C 339 42.60 40.06 7.30
N PRO C 340 41.61 39.67 6.49
CA PRO C 340 40.99 38.34 6.69
C PRO C 340 41.96 37.18 6.53
N LEU C 341 42.83 37.23 5.53
CA LEU C 341 43.79 36.14 5.33
C LEU C 341 44.78 36.07 6.49
N PHE C 342 45.22 37.24 6.99
CA PHE C 342 46.12 37.26 8.14
C PHE C 342 45.44 36.68 9.38
N LYS C 343 44.18 37.05 9.61
CA LYS C 343 43.46 36.49 10.75
C LYS C 343 43.28 34.98 10.61
N ARG C 344 43.01 34.51 9.38
CA ARG C 344 42.82 33.09 9.16
C ARG C 344 44.12 32.31 9.40
N VAL C 345 45.24 32.83 8.90
CA VAL C 345 46.51 32.14 9.11
C VAL C 345 47.03 32.31 10.53
N LEU C 346 46.51 33.31 11.27
CA LEU C 346 46.87 33.45 12.68
C LEU C 346 46.11 32.44 13.52
N MET C 347 44.80 32.34 13.33
CA MET C 347 43.97 31.46 14.15
C MET C 347 44.06 29.99 13.73
N SER C 348 44.64 29.69 12.57
CA SER C 348 44.69 28.32 12.08
C SER C 348 45.53 27.42 12.98
N SER C 349 46.84 27.67 13.02
CA SER C 349 47.73 26.83 13.82
C SER C 349 48.79 27.59 14.61
N LYS C 350 48.99 28.88 14.35
CA LYS C 350 50.09 29.61 14.99
C LYS C 350 49.86 29.73 16.49
N TYR C 351 50.95 29.62 17.24
CA TYR C 351 50.92 29.76 18.69
C TYR C 351 52.32 30.03 19.19
N ALA C 352 52.41 30.85 20.24
CA ALA C 352 53.68 31.23 20.85
C ALA C 352 53.56 31.04 22.36
N ASP C 353 54.37 30.13 22.91
CA ASP C 353 54.36 29.91 24.35
C ASP C 353 54.86 31.14 25.09
N GLY C 354 54.14 31.51 26.14
CA GLY C 354 54.48 32.70 26.93
C GLY C 354 54.22 32.48 28.39
N VAL C 355 53.53 33.44 29.01
CA VAL C 355 53.29 33.36 30.45
C VAL C 355 52.20 32.34 30.77
N THR C 356 51.32 32.06 29.82
CA THR C 356 50.20 31.14 30.03
C THR C 356 50.42 29.79 29.37
N GLY C 357 51.66 29.48 28.98
CA GLY C 357 51.95 28.19 28.39
C GLY C 357 51.36 28.08 26.99
N ARG C 358 50.84 26.88 26.68
CA ARG C 358 50.25 26.64 25.37
C ARG C 358 48.97 27.46 25.22
N VAL C 359 48.89 28.25 24.16
CA VAL C 359 47.75 29.11 23.89
C VAL C 359 47.18 28.74 22.52
N GLU C 360 46.05 28.03 22.53
CA GLU C 360 45.35 27.67 21.31
C GLU C 360 44.07 28.48 21.21
N PHE C 361 43.76 28.92 19.99
CA PHE C 361 42.57 29.70 19.71
C PHE C 361 41.50 28.83 19.08
N ASN C 362 40.31 28.82 19.68
CA ASN C 362 39.17 28.14 19.08
C ASN C 362 38.66 28.95 17.89
N GLU C 363 37.61 28.43 17.24
CA GLU C 363 37.06 29.11 16.07
C GLU C 363 36.08 30.22 16.45
N ASP C 364 36.47 31.10 17.37
CA ASP C 364 35.68 32.28 17.70
C ASP C 364 36.54 33.50 17.98
N GLY C 365 37.86 33.39 17.97
CA GLY C 365 38.73 34.46 18.40
C GLY C 365 38.95 34.46 19.91
N ASP C 366 38.84 33.29 20.51
CA ASP C 366 38.96 33.12 21.96
C ASP C 366 40.13 32.22 22.29
N ARG C 367 40.91 32.61 23.29
CA ARG C 367 42.01 31.79 23.77
C ARG C 367 41.47 30.63 24.60
N LYS C 368 41.85 29.40 24.24
CA LYS C 368 41.38 28.21 24.91
C LYS C 368 42.45 27.65 25.85
N PHE C 369 42.06 26.64 26.63
CA PHE C 369 42.95 25.96 27.57
C PHE C 369 43.50 26.94 28.60
N ALA C 370 42.59 27.61 29.29
CA ALA C 370 42.94 28.56 30.32
C ALA C 370 43.11 27.86 31.67
N GLN C 371 43.40 28.64 32.70
CA GLN C 371 43.62 28.12 34.05
C GLN C 371 42.51 28.63 34.97
N TYR C 372 41.80 27.71 35.61
CA TYR C 372 40.73 28.04 36.53
C TYR C 372 41.07 27.49 37.91
N SER C 373 40.96 28.35 38.93
CA SER C 373 41.24 27.97 40.31
C SER C 373 39.93 27.65 41.00
N ILE C 374 39.79 26.41 41.46
CA ILE C 374 38.58 25.97 42.16
C ILE C 374 38.61 26.49 43.59
N MET C 375 37.87 27.56 43.84
CA MET C 375 37.87 28.21 45.15
C MET C 375 36.62 27.81 45.92
N ASN C 376 36.79 27.55 47.21
CA ASN C 376 35.70 27.24 48.12
C ASN C 376 35.72 28.20 49.30
N LEU C 377 34.53 28.56 49.78
CA LEU C 377 34.40 29.51 50.88
C LEU C 377 34.53 28.76 52.20
N GLN C 378 35.78 28.47 52.56
CA GLN C 378 36.08 27.76 53.81
C GLN C 378 36.06 28.77 54.95
N ASN C 379 34.84 29.10 55.39
CA ASN C 379 34.60 30.07 56.46
C ASN C 379 35.23 31.42 56.11
N ARG C 380 34.72 31.99 55.02
CA ARG C 380 35.17 33.29 54.50
C ARG C 380 36.65 33.31 54.17
N LYS C 381 37.21 32.17 53.78
CA LYS C 381 38.62 32.07 53.40
C LYS C 381 38.69 31.44 52.00
N LEU C 382 39.22 32.20 51.05
CA LEU C 382 39.34 31.75 49.66
C LEU C 382 40.52 30.79 49.55
N VAL C 383 40.25 29.52 49.86
CA VAL C 383 41.25 28.46 49.79
C VAL C 383 41.13 27.78 48.43
N GLN C 384 42.27 27.43 47.84
CA GLN C 384 42.30 26.79 46.53
C GLN C 384 42.18 25.27 46.72
N VAL C 385 41.02 24.73 46.37
CA VAL C 385 40.83 23.27 46.42
C VAL C 385 41.64 22.58 45.34
N GLY C 386 42.02 23.30 44.29
CA GLY C 386 42.82 22.71 43.23
C GLY C 386 43.01 23.69 42.09
N ILE C 387 43.36 23.14 40.93
CA ILE C 387 43.60 23.91 39.72
C ILE C 387 42.99 23.16 38.54
N TYR C 388 42.67 23.91 37.49
CA TYR C 388 42.11 23.35 36.26
C TYR C 388 42.98 23.74 35.08
N ASN C 389 43.18 22.79 34.16
CA ASN C 389 44.00 23.03 32.99
C ASN C 389 43.56 22.07 31.89
N GLY C 390 43.26 22.62 30.71
CA GLY C 390 42.83 21.82 29.59
C GLY C 390 41.47 21.18 29.80
N THR C 391 41.45 19.85 29.94
CA THR C 391 40.22 19.11 30.13
C THR C 391 40.17 18.31 31.42
N HIS C 392 41.28 18.20 32.15
CA HIS C 392 41.34 17.41 33.37
C HIS C 392 41.25 18.34 34.58
N VAL C 393 40.50 17.91 35.60
CA VAL C 393 40.38 18.63 36.85
C VAL C 393 41.36 18.04 37.86
N ILE C 394 42.08 18.91 38.56
CA ILE C 394 43.11 18.50 39.50
C ILE C 394 42.77 19.06 40.89
N PRO C 395 42.42 18.21 41.86
CA PRO C 395 42.20 18.71 43.22
C PRO C 395 43.47 18.63 44.06
N ASN C 396 43.66 19.66 44.90
CA ASN C 396 44.84 19.72 45.74
C ASN C 396 44.76 18.81 46.96
N ASP C 397 43.70 18.00 47.09
CA ASP C 397 43.52 17.06 48.20
C ASP C 397 43.53 17.75 49.55
N ARG C 398 43.15 19.03 49.61
CA ARG C 398 43.10 19.77 50.86
C ARG C 398 41.77 19.52 51.55
N LYS C 399 41.54 20.23 52.66
CA LYS C 399 40.29 20.09 53.41
C LYS C 399 39.16 20.77 52.62
N ILE C 400 38.35 19.97 51.92
CA ILE C 400 37.24 20.47 51.13
C ILE C 400 35.94 20.12 51.86
N ILE C 401 35.07 21.11 52.01
CA ILE C 401 33.81 20.93 52.70
C ILE C 401 32.66 21.31 51.78
N TRP C 402 31.43 21.22 52.28
CA TRP C 402 30.23 21.58 51.56
C TRP C 402 29.38 22.46 52.46
N PRO C 403 28.49 23.26 51.88
CA PRO C 403 27.66 24.15 52.71
C PRO C 403 26.80 23.35 53.68
N GLY C 404 26.53 23.95 54.83
CA GLY C 404 25.76 23.29 55.87
C GLY C 404 26.57 22.53 56.89
N GLY C 405 27.90 22.58 56.80
CA GLY C 405 28.75 21.87 57.74
C GLY C 405 29.00 20.41 57.42
N GLU C 406 28.35 19.87 56.39
CA GLU C 406 28.54 18.47 56.03
C GLU C 406 29.92 18.25 55.43
N THR C 407 30.66 17.30 55.98
CA THR C 407 32.00 16.98 55.51
C THR C 407 32.01 15.90 54.44
N GLU C 408 30.84 15.39 54.06
CA GLU C 408 30.72 14.36 53.04
C GLU C 408 30.11 14.95 51.78
N LYS C 409 30.26 14.21 50.67
CA LYS C 409 29.72 14.65 49.39
C LYS C 409 28.20 14.50 49.38
N PRO C 410 27.46 15.60 49.26
CA PRO C 410 25.99 15.49 49.26
C PRO C 410 25.49 14.78 48.01
N ARG C 411 24.34 14.13 48.15
CA ARG C 411 23.73 13.45 47.01
C ARG C 411 23.22 14.47 45.99
N GLY C 412 22.93 13.97 44.78
CA GLY C 412 22.45 14.85 43.74
C GLY C 412 21.04 15.36 44.01
N TYR C 413 20.17 14.50 44.55
CA TYR C 413 18.80 14.87 44.83
C TYR C 413 18.21 13.88 45.83
N GLN C 414 17.02 14.22 46.32
CA GLN C 414 16.23 13.33 47.17
C GLN C 414 14.84 13.22 46.56
N MET C 415 14.49 12.03 46.09
CA MET C 415 13.21 11.83 45.42
C MET C 415 12.06 12.00 46.41
N SER C 416 11.05 12.77 46.02
CA SER C 416 9.92 13.02 46.90
C SER C 416 8.97 11.83 46.89
N THR C 417 8.26 11.65 48.01
CA THR C 417 7.28 10.59 48.16
C THR C 417 5.88 11.17 48.33
N ARG C 418 5.67 12.40 47.85
CA ARG C 418 4.38 13.07 47.94
C ARG C 418 3.92 13.49 46.55
N LEU C 419 3.99 12.57 45.60
CA LEU C 419 3.66 12.87 44.21
C LEU C 419 2.16 13.08 44.07
N LYS C 420 1.78 14.15 43.37
CA LYS C 420 0.37 14.43 43.13
C LYS C 420 -0.19 13.45 42.11
N ILE C 421 -1.47 13.14 42.25
CA ILE C 421 -2.16 12.20 41.38
C ILE C 421 -3.45 12.84 40.89
N VAL C 422 -3.69 12.78 39.59
CA VAL C 422 -4.90 13.30 38.99
C VAL C 422 -5.83 12.13 38.66
N THR C 423 -7.13 12.41 38.62
CA THR C 423 -8.14 11.38 38.42
C THR C 423 -9.39 11.97 37.77
N ILE C 424 -10.02 11.22 36.88
CA ILE C 424 -11.25 11.67 36.21
C ILE C 424 -12.43 10.89 36.81
N HIS C 425 -13.62 11.44 36.60
CA HIS C 425 -14.86 10.83 37.10
C HIS C 425 -15.44 9.93 36.01
N GLN C 426 -15.30 8.63 36.12
CA GLN C 426 -15.81 7.81 35.03
C GLN C 426 -16.75 6.83 35.65
N GLU C 427 -17.74 6.37 34.94
CA GLU C 427 -18.88 5.72 35.61
C GLU C 427 -18.59 4.54 36.48
N PRO C 428 -17.91 3.45 36.13
CA PRO C 428 -17.64 2.39 37.05
C PRO C 428 -16.21 2.33 37.49
N PHE C 429 -15.37 3.25 37.03
CA PHE C 429 -14.00 3.26 37.55
C PHE C 429 -13.87 4.11 38.82
N VAL C 430 -14.28 5.38 38.75
CA VAL C 430 -14.07 6.34 39.81
C VAL C 430 -15.41 6.97 40.18
N TYR C 431 -15.99 6.52 41.29
CA TYR C 431 -17.21 7.14 41.79
C TYR C 431 -16.87 8.42 42.54
N VAL C 432 -17.78 9.37 42.50
CA VAL C 432 -17.62 10.67 43.15
C VAL C 432 -18.90 10.96 43.93
N LYS C 433 -18.82 10.91 45.26
CA LYS C 433 -19.96 11.16 46.12
C LYS C 433 -19.61 12.26 47.12
N PRO C 434 -20.56 13.13 47.46
CA PRO C 434 -20.26 14.17 48.44
C PRO C 434 -19.94 13.60 49.81
N THR C 435 -19.15 14.34 50.57
CA THR C 435 -18.73 13.89 51.89
C THR C 435 -19.76 14.30 52.93
N MET C 436 -19.68 13.65 54.10
CA MET C 436 -20.56 13.98 55.21
C MET C 436 -20.11 15.28 55.88
N SER C 437 -21.01 15.88 56.66
CA SER C 437 -20.73 17.15 57.31
C SER C 437 -19.73 17.02 58.46
N ASP C 438 -19.44 15.80 58.93
CA ASP C 438 -18.52 15.65 60.05
C ASP C 438 -17.07 15.84 59.61
N GLY C 439 -16.79 15.67 58.32
CA GLY C 439 -15.44 15.80 57.80
C GLY C 439 -15.05 14.60 56.96
N THR C 440 -15.47 13.41 57.42
CA THR C 440 -15.32 12.19 56.64
C THR C 440 -16.59 11.95 55.83
N CYS C 441 -16.74 10.77 55.23
CA CYS C 441 -17.94 10.45 54.49
C CYS C 441 -18.45 9.10 54.94
N LYS C 442 -19.74 8.86 54.67
CA LYS C 442 -20.40 7.64 55.15
C LYS C 442 -19.72 6.41 54.58
N GLU C 443 -19.30 5.52 55.47
CA GLU C 443 -18.66 4.27 55.08
C GLU C 443 -19.69 3.14 55.07
N GLU C 444 -19.67 2.42 53.97
CA GLU C 444 -20.61 1.29 53.72
C GLU C 444 -19.84 -0.01 53.62
N PHE C 445 -20.56 -1.11 53.58
CA PHE C 445 -19.95 -2.42 53.39
C PHE C 445 -20.31 -2.98 52.03
N THR C 446 -19.46 -3.87 51.53
CA THR C 446 -19.67 -4.50 50.23
C THR C 446 -20.65 -5.66 50.39
N VAL C 447 -20.76 -6.49 49.34
CA VAL C 447 -21.68 -7.61 49.38
C VAL C 447 -21.22 -8.68 50.35
N ASN C 448 -19.92 -8.73 50.63
CA ASN C 448 -19.36 -9.74 51.52
C ASN C 448 -19.20 -9.26 52.96
N GLY C 449 -18.88 -7.99 53.17
CA GLY C 449 -18.67 -7.48 54.51
C GLY C 449 -17.31 -6.84 54.70
N ASP C 450 -16.59 -6.63 53.60
CA ASP C 450 -15.27 -6.04 53.63
C ASP C 450 -15.37 -4.52 53.42
N PRO C 451 -14.35 -3.78 53.85
CA PRO C 451 -14.34 -2.33 53.60
C PRO C 451 -14.37 -2.02 52.10
N VAL C 452 -14.76 -0.79 51.79
CA VAL C 452 -14.94 -0.35 50.41
C VAL C 452 -13.77 0.49 49.91
N LYS C 453 -12.81 0.82 50.78
CA LYS C 453 -11.56 1.49 50.40
C LYS C 453 -11.84 2.84 49.73
N LYS C 454 -12.39 3.74 50.52
CA LYS C 454 -12.62 5.10 50.07
C LYS C 454 -11.36 5.95 50.25
N VAL C 455 -11.18 6.91 49.35
CA VAL C 455 -10.06 7.84 49.39
C VAL C 455 -10.61 9.25 49.27
N ILE C 456 -10.00 10.19 49.98
CA ILE C 456 -10.47 11.57 50.06
C ILE C 456 -9.92 12.30 48.84
N CYS C 457 -10.73 12.37 47.78
CA CYS C 457 -10.40 13.19 46.62
C CYS C 457 -10.57 14.67 46.96
N THR C 458 -9.88 15.54 46.24
CA THR C 458 -9.96 16.99 46.47
C THR C 458 -10.17 17.72 45.16
N GLY C 459 -11.10 17.24 44.34
CA GLY C 459 -11.35 17.83 43.05
C GLY C 459 -12.63 18.66 43.03
N PRO C 460 -12.67 19.66 42.14
CA PRO C 460 -13.86 20.52 42.00
C PRO C 460 -14.97 19.87 41.17
N ASN C 461 -15.71 18.97 41.81
CA ASN C 461 -16.81 18.26 41.15
C ASN C 461 -18.18 18.67 41.67
N ASP C 462 -18.26 19.48 42.72
CA ASP C 462 -19.53 19.93 43.27
C ASP C 462 -20.02 21.22 42.63
N THR C 463 -19.33 21.73 41.61
CA THR C 463 -19.69 22.96 40.95
C THR C 463 -19.82 22.71 39.45
N SER C 464 -20.42 23.67 38.76
CA SER C 464 -20.64 23.65 37.33
C SER C 464 -19.71 24.64 36.63
N PRO C 465 -19.52 24.49 35.31
CA PRO C 465 -18.70 25.47 34.57
C PRO C 465 -19.23 26.90 34.64
N GLY C 466 -20.47 27.10 35.08
CA GLY C 466 -20.97 28.45 35.24
C GLY C 466 -20.28 29.21 36.36
N SER C 467 -19.98 28.51 37.45
CA SER C 467 -19.28 29.10 38.59
C SER C 467 -18.24 28.12 39.10
N PRO C 468 -17.10 28.00 38.42
CA PRO C 468 -16.06 27.07 38.88
C PRO C 468 -15.38 27.58 40.14
N ARG C 469 -15.37 26.73 41.17
CA ARG C 469 -14.77 27.07 42.46
C ARG C 469 -14.39 25.78 43.17
N HIS C 470 -13.18 25.75 43.73
CA HIS C 470 -12.73 24.60 44.50
C HIS C 470 -13.61 24.41 45.73
N THR C 471 -14.16 23.20 45.88
CA THR C 471 -15.12 22.89 46.93
C THR C 471 -14.46 22.01 47.99
N VAL C 472 -15.25 21.59 48.97
CA VAL C 472 -14.79 20.73 50.05
C VAL C 472 -14.38 19.38 49.46
N PRO C 473 -13.36 18.70 50.02
CA PRO C 473 -12.97 17.38 49.50
C PRO C 473 -14.11 16.39 49.46
N GLN C 474 -14.23 15.65 48.37
CA GLN C 474 -15.30 14.66 48.16
C GLN C 474 -14.65 13.29 48.07
N CYS C 475 -14.93 12.43 49.05
CA CYS C 475 -14.31 11.12 49.10
C CYS C 475 -14.65 10.31 47.85
N CYS C 476 -13.67 9.54 47.36
CA CYS C 476 -13.79 8.82 46.11
C CYS C 476 -13.38 7.36 46.31
N TYR C 477 -13.93 6.48 45.47
CA TYR C 477 -13.68 5.06 45.57
C TYR C 477 -13.97 4.41 44.22
N GLY C 478 -13.39 3.24 44.00
CA GLY C 478 -13.64 2.51 42.78
C GLY C 478 -12.56 1.47 42.52
N PHE C 479 -12.70 0.96 41.28
CA PHE C 479 -11.86 -0.11 40.75
C PHE C 479 -10.47 0.40 40.61
N CYS C 480 -10.21 1.53 40.00
CA CYS C 480 -8.78 1.83 39.87
C CYS C 480 -8.30 2.62 41.05
N ILE C 481 -9.13 3.29 41.88
CA ILE C 481 -8.64 3.86 43.18
C ILE C 481 -8.28 2.69 44.07
N ASP C 482 -9.01 1.60 44.00
CA ASP C 482 -8.59 0.38 44.69
C ASP C 482 -7.26 -0.06 44.10
N LEU C 483 -7.08 0.01 42.78
CA LEU C 483 -5.75 -0.32 42.18
C LEU C 483 -4.76 0.65 42.73
N LEU C 484 -5.06 1.93 42.86
CA LEU C 484 -4.04 2.89 43.35
C LEU C 484 -3.64 2.48 44.73
N ILE C 485 -4.55 2.08 45.63
CA ILE C 485 -4.02 1.74 46.98
C ILE C 485 -3.13 0.53 46.87
N LYS C 486 -3.45 -0.46 46.09
CA LYS C 486 -2.52 -1.60 46.04
C LYS C 486 -1.16 -1.15 45.51
N LEU C 487 -1.09 -0.29 44.51
CA LEU C 487 0.26 0.16 44.06
C LEU C 487 0.91 0.90 45.21
N ALA C 488 0.25 1.78 45.94
CA ALA C 488 1.00 2.47 47.01
C ALA C 488 1.50 1.52 48.06
N ARG C 489 0.76 0.52 48.49
CA ARG C 489 1.39 -0.35 49.52
C ARG C 489 2.58 -1.08 48.92
N THR C 490 2.48 -1.56 47.68
CA THR C 490 3.61 -2.32 47.09
C THR C 490 4.91 -1.54 46.95
N MET C 491 4.88 -0.24 46.64
CA MET C 491 6.15 0.47 46.52
C MET C 491 6.30 1.59 47.55
N GLN C 492 5.43 1.63 48.56
CA GLN C 492 5.65 2.42 49.78
C GLN C 492 5.86 3.90 49.46
N PHE C 493 4.87 4.54 48.84
CA PHE C 493 4.83 6.00 48.56
C PHE C 493 3.59 6.63 49.22
N THR C 494 3.42 7.94 49.34
CA THR C 494 2.15 8.38 49.95
C THR C 494 1.51 9.39 49.02
N TYR C 495 0.24 9.31 48.69
CA TYR C 495 -0.25 10.15 47.59
C TYR C 495 -1.48 10.93 47.90
N GLU C 496 -1.69 12.04 47.25
CA GLU C 496 -3.00 12.71 47.40
C GLU C 496 -3.75 12.59 46.08
N VAL C 497 -5.04 12.94 46.04
CA VAL C 497 -5.73 12.96 44.72
C VAL C 497 -6.63 14.16 44.53
N HIS C 498 -6.71 14.69 43.32
CA HIS C 498 -7.63 15.77 43.01
C HIS C 498 -8.14 15.56 41.59
N LEU C 499 -9.43 15.80 41.38
CA LEU C 499 -10.03 15.59 40.07
C LEU C 499 -9.56 16.65 39.08
N VAL C 500 -9.90 16.42 37.81
CA VAL C 500 -9.51 17.32 36.73
C VAL C 500 -10.33 18.60 36.82
N ALA C 501 -9.86 19.67 36.18
CA ALA C 501 -10.54 20.95 36.16
C ALA C 501 -11.39 21.12 34.91
N ASP C 502 -10.84 20.81 33.74
CA ASP C 502 -11.58 20.98 32.50
C ASP C 502 -12.68 19.93 32.37
N GLY C 503 -12.35 18.66 32.58
CA GLY C 503 -13.33 17.59 32.51
C GLY C 503 -13.02 16.55 31.46
N LYS C 504 -12.51 16.98 30.31
CA LYS C 504 -12.20 16.05 29.23
C LYS C 504 -10.92 15.28 29.54
N PHE C 505 -10.74 14.17 28.82
CA PHE C 505 -9.55 13.34 29.00
C PHE C 505 -8.31 14.05 28.49
N GLY C 506 -8.39 14.65 27.29
CA GLY C 506 -7.28 15.40 26.77
C GLY C 506 -6.88 15.06 25.35
N THR C 507 -6.56 16.09 24.56
CA THR C 507 -6.09 15.91 23.19
C THR C 507 -5.31 17.15 22.79
N GLN C 508 -4.84 17.17 21.54
CA GLN C 508 -4.12 18.31 21.01
C GLN C 508 -5.08 19.25 20.29
N GLU C 509 -5.03 20.53 20.64
CA GLU C 509 -5.89 21.53 20.05
C GLU C 509 -5.14 22.84 19.94
N ARG C 510 -5.45 23.62 18.91
CA ARG C 510 -4.84 24.93 18.73
C ARG C 510 -5.49 25.92 19.71
N VAL C 511 -4.66 26.74 20.36
CA VAL C 511 -5.19 27.71 21.31
C VAL C 511 -5.96 28.80 20.57
N GLN C 512 -6.77 29.54 21.35
CA GLN C 512 -7.64 30.54 20.74
C GLN C 512 -6.86 31.73 20.20
N ASN C 513 -5.83 32.17 20.91
CA ASN C 513 -5.13 33.39 20.57
C ASN C 513 -3.70 33.18 20.09
N SER C 514 -2.91 32.38 20.81
CA SER C 514 -1.51 32.19 20.45
C SER C 514 -1.36 31.23 19.27
N ASN C 515 -0.13 30.87 18.95
CA ASN C 515 0.16 30.00 17.82
C ASN C 515 0.51 28.56 18.22
N LYS C 516 1.23 28.39 19.32
CA LYS C 516 1.63 27.05 19.74
C LYS C 516 0.42 26.25 20.21
N LYS C 517 0.50 24.93 20.04
CA LYS C 517 -0.57 24.02 20.43
C LYS C 517 -0.24 23.42 21.78
N GLU C 518 -1.23 23.39 22.68
CA GLU C 518 -1.08 22.87 24.03
C GLU C 518 -2.10 21.77 24.28
N TRP C 519 -1.75 20.81 25.13
CA TRP C 519 -2.66 19.74 25.50
C TRP C 519 -3.80 20.27 26.35
N ASN C 520 -4.75 19.40 26.70
CA ASN C 520 -5.94 19.80 27.42
C ASN C 520 -6.19 18.83 28.57
N GLY C 521 -6.80 19.37 29.63
CA GLY C 521 -7.25 18.58 30.76
C GLY C 521 -6.19 17.74 31.44
N MET C 522 -6.40 16.41 31.43
CA MET C 522 -5.53 15.50 32.16
C MET C 522 -4.11 15.51 31.59
N MET C 523 -3.98 15.48 30.27
CA MET C 523 -2.66 15.51 29.65
C MET C 523 -1.93 16.81 29.98
N GLY C 524 -2.63 17.94 29.91
CA GLY C 524 -2.00 19.21 30.24
C GLY C 524 -1.58 19.32 31.69
N GLU C 525 -2.41 18.80 32.59
CA GLU C 525 -2.06 18.81 34.01
C GLU C 525 -0.95 17.83 34.36
N LEU C 526 -0.81 16.75 33.58
CA LEU C 526 0.30 15.82 33.81
C LEU C 526 1.61 16.38 33.27
N LEU C 527 1.57 17.01 32.10
CA LEU C 527 2.79 17.53 31.49
C LEU C 527 3.28 18.78 32.22
N SER C 528 2.38 19.71 32.51
CA SER C 528 2.75 21.01 33.07
C SER C 528 2.91 20.94 34.59
N GLY C 529 3.69 19.95 35.02
CA GLY C 529 4.09 19.80 36.41
C GLY C 529 3.02 19.90 37.47
N GLN C 530 1.77 19.60 37.11
CA GLN C 530 0.66 19.63 38.06
C GLN C 530 0.20 18.24 38.48
N ALA C 531 0.84 17.19 37.96
CA ALA C 531 0.47 15.82 38.31
C ALA C 531 1.62 14.90 37.92
N ASP C 532 1.94 13.95 38.79
CA ASP C 532 3.02 13.00 38.56
C ASP C 532 2.53 11.64 38.09
N MET C 533 1.24 11.37 38.19
CA MET C 533 0.67 10.09 37.78
C MET C 533 -0.77 10.30 37.32
N ILE C 534 -1.27 9.33 36.56
CA ILE C 534 -2.66 9.32 36.13
C ILE C 534 -3.30 7.99 36.51
N VAL C 535 -3.98 7.97 37.66
CA VAL C 535 -4.71 6.78 38.08
C VAL C 535 -6.16 6.95 37.66
N ALA C 536 -6.49 6.51 36.45
CA ALA C 536 -7.80 6.67 35.85
C ALA C 536 -7.84 5.89 34.54
N PRO C 537 -9.03 5.58 33.99
CA PRO C 537 -9.07 4.91 32.69
C PRO C 537 -8.60 5.81 31.57
N LEU C 538 -7.41 5.52 31.04
CA LEU C 538 -6.77 6.35 30.01
C LEU C 538 -6.28 5.41 28.91
N THR C 539 -7.02 5.37 27.80
CA THR C 539 -6.68 4.48 26.69
C THR C 539 -5.35 4.88 26.07
N ILE C 540 -4.44 3.91 25.96
CA ILE C 540 -3.12 4.18 25.36
C ILE C 540 -3.30 4.43 23.87
N ASN C 541 -2.67 5.50 23.39
CA ASN C 541 -2.75 5.88 21.98
C ASN C 541 -1.35 6.17 21.46
N ASN C 542 -1.29 6.63 20.21
CA ASN C 542 -0.03 6.99 19.57
C ASN C 542 0.30 8.48 19.69
N GLU C 543 -0.71 9.35 19.65
CA GLU C 543 -0.48 10.78 19.83
C GLU C 543 -0.13 11.14 21.26
N ARG C 544 -0.37 10.24 22.22
CA ARG C 544 -0.07 10.49 23.62
C ARG C 544 1.23 9.84 24.09
N ALA C 545 1.64 8.75 23.45
CA ALA C 545 2.89 8.09 23.83
C ALA C 545 4.12 8.88 23.40
N GLN C 546 3.96 9.97 22.64
CA GLN C 546 5.11 10.78 22.25
C GLN C 546 5.75 11.44 23.46
N TYR C 547 4.93 11.97 24.36
CA TYR C 547 5.42 12.70 25.53
C TYR C 547 5.14 11.98 26.84
N ILE C 548 4.40 10.88 26.82
CA ILE C 548 4.06 10.13 28.03
C ILE C 548 4.60 8.72 27.88
N GLU C 549 5.00 8.13 29.01
CA GLU C 549 5.52 6.77 29.06
C GLU C 549 4.45 5.90 29.74
N PHE C 550 3.58 5.31 28.92
CA PHE C 550 2.49 4.49 29.43
C PHE C 550 3.02 3.13 29.85
N SER C 551 2.66 2.70 31.06
CA SER C 551 3.06 1.39 31.55
C SER C 551 2.24 0.29 30.87
N LYS C 552 2.48 -0.94 31.30
CA LYS C 552 1.75 -2.07 30.76
C LYS C 552 0.27 -1.97 31.12
N PRO C 553 -0.65 -2.30 30.21
CA PRO C 553 -2.03 -2.01 30.35
C PRO C 553 -2.70 -2.69 31.52
N PHE C 554 -3.47 -2.00 32.34
CA PHE C 554 -4.23 -2.61 33.43
C PHE C 554 -5.36 -3.45 32.93
N LYS C 555 -6.11 -3.10 31.91
CA LYS C 555 -7.22 -4.00 31.57
C LYS C 555 -7.49 -3.85 30.10
N TYR C 556 -7.89 -4.82 29.35
CA TYR C 556 -8.10 -4.67 27.91
C TYR C 556 -9.56 -4.39 27.61
N GLN C 557 -9.79 -3.62 26.55
CA GLN C 557 -11.13 -3.24 26.14
C GLN C 557 -11.15 -2.76 24.69
N GLY C 558 -12.31 -2.35 24.20
CA GLY C 558 -12.45 -1.86 22.85
C GLY C 558 -13.51 -0.79 22.77
N LEU C 559 -13.78 -0.34 21.54
CA LEU C 559 -14.79 0.67 21.28
C LEU C 559 -16.03 0.00 20.71
N THR C 560 -17.17 0.19 21.39
CA THR C 560 -18.41 -0.44 20.97
C THR C 560 -19.53 0.57 21.04
N ILE C 561 -20.58 0.33 20.27
CA ILE C 561 -21.75 1.21 20.21
C ILE C 561 -22.72 0.81 21.30
N LEU C 562 -23.62 1.71 21.67
CA LEU C 562 -24.62 1.44 22.69
C LEU C 562 -25.95 2.04 22.23
N VAL C 563 -26.93 1.18 22.00
CA VAL C 563 -28.25 1.61 21.56
C VAL C 563 -29.28 1.19 22.60
N LYS C 564 -30.46 1.80 22.54
CA LYS C 564 -31.53 1.50 23.47
C LYS C 564 -32.32 0.30 23.00
N LYS C 565 -32.73 -0.54 23.96
CA LYS C 565 -33.53 -1.73 23.66
C LYS C 565 -34.96 -1.32 23.38
N GLU C 566 -35.57 -1.91 22.36
CA GLU C 566 -36.91 -1.56 21.93
C GLU C 566 -37.90 -2.66 22.26
N ILE C 567 -39.16 -2.28 22.44
CA ILE C 567 -40.26 -3.20 22.64
C ILE C 567 -40.56 -3.86 21.29
N PRO C 568 -40.81 -5.17 21.24
CA PRO C 568 -41.06 -5.81 19.94
C PRO C 568 -42.22 -5.18 19.16
N ARG C 569 -43.36 -4.95 19.82
CA ARG C 569 -44.45 -4.17 19.23
C ARG C 569 -44.94 -4.77 17.92
N SER C 570 -45.57 -5.95 18.00
CA SER C 570 -46.04 -6.68 16.82
C SER C 570 -46.75 -5.78 15.80
N THR C 571 -47.61 -4.89 16.28
CA THR C 571 -48.42 -4.00 15.44
C THR C 571 -49.27 -4.79 14.45
N LEU C 572 -50.23 -5.53 15.00
CA LEU C 572 -51.24 -6.23 14.21
C LEU C 572 -52.39 -5.31 13.81
N ASP C 573 -52.94 -4.57 14.76
CA ASP C 573 -53.88 -3.46 14.61
C ASP C 573 -55.28 -3.91 14.21
N SER C 574 -55.48 -5.16 13.77
CA SER C 574 -56.79 -5.65 13.39
C SER C 574 -56.69 -7.14 13.09
N PHE C 575 -57.84 -7.81 13.08
CA PHE C 575 -57.88 -9.22 12.72
C PHE C 575 -58.08 -9.40 11.21
N MET C 576 -58.97 -8.61 10.67
CA MET C 576 -59.08 -8.86 9.21
C MET C 576 -57.81 -8.31 8.62
N GLN C 577 -56.73 -8.33 9.37
CA GLN C 577 -55.50 -7.76 8.80
C GLN C 577 -54.92 -8.59 7.68
N PRO C 578 -55.03 -9.93 7.56
CA PRO C 578 -54.35 -10.57 6.49
C PRO C 578 -55.37 -11.07 5.51
N PHE C 579 -56.35 -10.22 5.22
CA PHE C 579 -57.33 -10.61 4.18
C PHE C 579 -57.68 -9.58 3.11
N GLN C 580 -57.37 -8.27 3.18
CA GLN C 580 -57.75 -7.25 2.13
C GLN C 580 -59.26 -7.10 2.02
N SER C 581 -59.86 -5.96 2.33
CA SER C 581 -61.34 -5.93 2.48
C SER C 581 -62.15 -6.50 1.32
N THR C 582 -61.64 -6.53 0.10
CA THR C 582 -62.47 -7.23 -0.90
C THR C 582 -62.62 -8.73 -0.59
N LEU C 583 -61.57 -9.44 -0.14
CA LEU C 583 -61.77 -10.90 0.05
C LEU C 583 -62.76 -11.12 1.17
N TRP C 584 -62.75 -10.33 2.24
CA TRP C 584 -63.77 -10.57 3.28
C TRP C 584 -65.13 -10.34 2.69
N LEU C 585 -65.35 -9.32 1.88
CA LEU C 585 -66.75 -9.25 1.35
C LEU C 585 -67.07 -10.33 0.30
N LEU C 586 -66.17 -10.71 -0.59
CA LEU C 586 -66.56 -11.66 -1.66
C LEU C 586 -66.97 -13.02 -1.14
N VAL C 587 -66.49 -13.42 0.02
CA VAL C 587 -66.75 -14.71 0.63
C VAL C 587 -68.16 -14.78 1.18
N GLY C 588 -68.65 -13.68 1.76
CA GLY C 588 -70.01 -13.63 2.25
C GLY C 588 -71.04 -13.80 1.15
N LEU C 589 -71.02 -12.97 0.14
CA LEU C 589 -72.06 -13.23 -0.87
C LEU C 589 -71.80 -14.67 -1.30
N SER C 590 -70.55 -15.12 -1.29
CA SER C 590 -70.31 -16.53 -1.69
C SER C 590 -70.97 -17.49 -0.73
N VAL C 591 -71.12 -17.20 0.55
CA VAL C 591 -71.83 -18.21 1.34
C VAL C 591 -73.24 -18.24 0.80
N HIS C 592 -73.88 -17.08 0.66
CA HIS C 592 -75.31 -17.13 0.28
C HIS C 592 -75.49 -17.72 -1.12
N VAL C 593 -74.71 -17.27 -2.09
CA VAL C 593 -75.01 -17.91 -3.37
C VAL C 593 -75.08 -19.42 -3.21
N VAL C 594 -74.12 -19.99 -2.48
CA VAL C 594 -74.14 -21.44 -2.25
C VAL C 594 -75.36 -21.84 -1.45
N ALA C 595 -75.77 -21.02 -0.47
CA ALA C 595 -76.95 -21.33 0.33
C ALA C 595 -78.21 -21.31 -0.51
N VAL C 596 -78.37 -20.26 -1.33
CA VAL C 596 -79.57 -20.18 -2.16
C VAL C 596 -79.57 -21.26 -3.24
N MET C 597 -78.40 -21.71 -3.67
CA MET C 597 -78.35 -22.81 -4.64
C MET C 597 -78.74 -24.12 -3.99
N LEU C 598 -78.24 -24.38 -2.78
CA LEU C 598 -78.67 -25.56 -2.03
C LEU C 598 -80.16 -25.53 -1.75
N TYR C 599 -80.72 -24.34 -1.56
CA TYR C 599 -82.16 -24.22 -1.34
C TYR C 599 -82.94 -24.46 -2.63
N LEU C 600 -82.46 -23.91 -3.75
CA LEU C 600 -83.14 -24.12 -5.03
C LEU C 600 -83.07 -25.58 -5.47
N LEU C 601 -82.03 -26.30 -5.03
CA LEU C 601 -81.96 -27.72 -5.35
C LEU C 601 -82.81 -28.53 -4.36
N ASP C 602 -84.05 -28.10 -4.15
CA ASP C 602 -85.02 -28.80 -3.30
C ASP C 602 -86.36 -28.98 -3.99
N ARG C 603 -86.80 -28.01 -4.79
CA ARG C 603 -88.10 -28.12 -5.44
C ARG C 603 -88.08 -29.17 -6.54
N PHE C 604 -86.98 -29.24 -7.29
CA PHE C 604 -86.85 -30.26 -8.32
C PHE C 604 -86.71 -31.65 -7.68
N SER C 605 -87.31 -32.64 -8.33
CA SER C 605 -87.30 -33.99 -7.80
C SER C 605 -85.93 -34.63 -8.01
N PRO C 606 -85.62 -35.73 -7.32
CA PRO C 606 -84.33 -36.42 -7.42
C PRO C 606 -84.48 -37.87 -7.86
N LEU C 622 -86.04 -29.77 1.81
CA LEU C 622 -84.81 -29.55 2.61
C LEU C 622 -84.93 -28.24 3.39
N THR C 623 -85.85 -27.37 2.94
CA THR C 623 -86.31 -26.08 3.53
C THR C 623 -85.30 -24.97 3.27
N LEU C 624 -85.68 -23.87 2.63
CA LEU C 624 -84.61 -22.89 2.35
C LEU C 624 -83.95 -22.29 3.60
N SER C 625 -84.68 -21.96 4.68
CA SER C 625 -83.94 -21.31 5.79
C SER C 625 -82.88 -22.25 6.31
N SER C 626 -83.24 -23.50 6.53
CA SER C 626 -82.22 -24.43 7.02
C SER C 626 -81.11 -24.59 6.00
N ALA C 627 -81.33 -24.66 4.69
CA ALA C 627 -80.13 -24.81 3.86
C ALA C 627 -79.25 -23.59 4.00
N MET C 628 -79.77 -22.36 4.07
CA MET C 628 -78.74 -21.31 4.32
C MET C 628 -78.13 -21.38 5.72
N TRP C 629 -78.83 -21.88 6.74
CA TRP C 629 -78.13 -22.05 8.05
C TRP C 629 -77.02 -23.02 7.83
N PHE C 630 -77.25 -24.12 7.13
CA PHE C 630 -76.14 -25.06 6.96
C PHE C 630 -75.05 -24.39 6.20
N SER C 631 -75.17 -23.50 5.20
CA SER C 631 -73.83 -23.01 4.76
C SER C 631 -73.12 -22.18 5.81
N TRP C 632 -73.85 -21.40 6.56
CA TRP C 632 -73.15 -20.69 7.65
C TRP C 632 -72.53 -21.71 8.60
N GLY C 633 -73.22 -22.75 8.97
CA GLY C 633 -72.58 -23.71 9.89
C GLY C 633 -71.36 -24.33 9.28
N VAL C 634 -71.34 -24.78 8.04
CA VAL C 634 -70.10 -25.43 7.57
C VAL C 634 -68.97 -24.46 7.43
N LEU C 635 -69.14 -23.16 7.21
CA LEU C 635 -67.88 -22.36 7.11
C LEU C 635 -67.49 -21.65 8.38
N LEU C 636 -68.29 -21.64 9.41
CA LEU C 636 -67.80 -20.94 10.60
C LEU C 636 -67.40 -22.03 11.57
N ASN C 637 -67.34 -23.25 11.13
CA ASN C 637 -67.03 -24.41 11.95
C ASN C 637 -67.98 -24.55 13.15
N SER C 638 -69.08 -23.81 13.19
CA SER C 638 -70.01 -23.90 14.29
C SER C 638 -70.74 -25.24 14.28
N GLY C 639 -71.29 -25.60 15.44
CA GLY C 639 -72.01 -26.85 15.57
C GLY C 639 -73.50 -26.71 15.39
N ILE C 640 -73.97 -25.46 15.29
CA ILE C 640 -75.40 -25.21 15.13
C ILE C 640 -75.87 -25.72 13.78
N GLY C 641 -77.19 -25.88 13.65
CA GLY C 641 -77.80 -26.38 12.44
C GLY C 641 -78.16 -27.85 12.54
N GLU C 642 -79.12 -28.25 11.71
CA GLU C 642 -79.57 -29.63 11.69
C GLU C 642 -80.11 -29.96 10.31
N GLY C 643 -79.81 -31.17 9.84
CA GLY C 643 -80.26 -31.60 8.54
C GLY C 643 -79.20 -31.45 7.47
N ALA C 644 -79.17 -32.38 6.52
CA ALA C 644 -78.23 -32.34 5.41
C ALA C 644 -79.00 -32.51 4.11
N PRO C 645 -78.48 -31.95 3.01
CA PRO C 645 -79.18 -32.11 1.73
C PRO C 645 -79.28 -33.57 1.30
N ARG C 646 -80.40 -33.93 0.67
CA ARG C 646 -80.66 -35.31 0.29
C ARG C 646 -80.39 -35.61 -1.17
N SER C 647 -80.38 -34.60 -2.04
CA SER C 647 -80.13 -34.82 -3.45
C SER C 647 -78.63 -34.97 -3.69
N PHE C 648 -78.27 -35.79 -4.69
CA PHE C 648 -76.86 -36.07 -4.95
C PHE C 648 -76.11 -34.81 -5.37
N SER C 649 -76.76 -33.95 -6.18
CA SER C 649 -76.10 -32.72 -6.62
C SER C 649 -75.81 -31.80 -5.44
N ALA C 650 -76.81 -31.56 -4.58
CA ALA C 650 -76.58 -30.71 -3.42
C ALA C 650 -75.60 -31.37 -2.45
N ARG C 651 -75.59 -32.70 -2.40
CA ARG C 651 -74.61 -33.39 -1.56
C ARG C 651 -73.18 -33.14 -2.05
N ILE C 652 -72.95 -33.23 -3.36
CA ILE C 652 -71.61 -32.95 -3.90
C ILE C 652 -71.28 -31.48 -3.70
N LEU C 653 -72.28 -30.60 -3.80
CA LEU C 653 -72.04 -29.18 -3.59
C LEU C 653 -71.57 -28.92 -2.16
N GLY C 654 -72.24 -29.52 -1.18
CA GLY C 654 -71.79 -29.39 0.20
C GLY C 654 -70.44 -30.04 0.43
N MET C 655 -70.21 -31.18 -0.22
CA MET C 655 -68.94 -31.90 -0.15
C MET C 655 -67.76 -31.06 -0.64
N VAL C 656 -67.95 -30.25 -1.68
CA VAL C 656 -66.91 -29.34 -2.13
C VAL C 656 -66.91 -28.03 -1.35
N TRP C 657 -68.04 -27.63 -0.78
CA TRP C 657 -68.06 -26.41 0.04
C TRP C 657 -67.30 -26.61 1.34
N ALA C 658 -67.35 -27.83 1.89
CA ALA C 658 -66.55 -28.14 3.07
C ALA C 658 -65.06 -27.95 2.77
N GLY C 659 -64.72 -28.37 1.60
CA GLY C 659 -63.36 -28.22 1.12
C GLY C 659 -63.05 -26.78 0.92
N PHE C 660 -64.06 -25.97 0.76
CA PHE C 660 -63.65 -24.56 0.61
C PHE C 660 -63.78 -23.83 1.95
N ALA C 661 -64.53 -24.30 2.94
CA ALA C 661 -64.47 -23.56 4.19
C ALA C 661 -63.10 -23.88 4.69
N MET C 662 -62.69 -25.13 4.68
CA MET C 662 -61.30 -25.35 5.11
C MET C 662 -60.30 -24.68 4.20
N ILE C 663 -60.37 -24.56 2.87
CA ILE C 663 -59.22 -23.75 2.30
C ILE C 663 -59.26 -22.34 2.82
N ILE C 664 -60.40 -21.68 3.00
CA ILE C 664 -60.30 -20.33 3.59
C ILE C 664 -59.71 -20.39 4.97
N VAL C 665 -60.10 -21.24 5.91
CA VAL C 665 -59.39 -21.13 7.21
C VAL C 665 -57.95 -21.56 7.12
N ALA C 666 -57.53 -22.60 6.42
CA ALA C 666 -56.10 -22.90 6.45
C ALA C 666 -55.40 -21.77 5.76
N SER C 667 -55.89 -21.19 4.68
CA SER C 667 -55.16 -20.04 4.09
C SER C 667 -55.15 -18.78 4.96
N TYR C 668 -56.20 -18.44 5.65
CA TYR C 668 -56.10 -17.28 6.53
C TYR C 668 -55.07 -17.64 7.55
N THR C 669 -55.01 -18.80 8.19
CA THR C 669 -53.86 -18.98 9.13
C THR C 669 -52.53 -19.07 8.48
N ALA C 670 -52.27 -19.66 7.34
CA ALA C 670 -50.85 -19.51 6.94
C ALA C 670 -50.60 -18.05 6.65
N ASN C 671 -51.48 -17.26 6.04
CA ASN C 671 -51.06 -15.84 5.82
C ASN C 671 -50.85 -15.14 7.15
N LEU C 672 -51.67 -15.39 8.18
CA LEU C 672 -51.43 -14.66 9.45
C LEU C 672 -50.13 -15.14 9.96
N ALA C 673 -49.77 -16.40 9.91
CA ALA C 673 -48.46 -16.73 10.55
C ALA C 673 -47.29 -16.65 9.61
N ALA C 674 -47.42 -16.04 8.44
CA ALA C 674 -46.21 -15.67 7.65
C ALA C 674 -46.13 -14.16 7.63
N PHE C 675 -47.02 -13.45 8.28
CA PHE C 675 -46.76 -12.00 8.39
C PHE C 675 -46.41 -11.82 9.84
N LEU C 676 -46.77 -12.73 10.71
CA LEU C 676 -46.23 -12.62 12.06
C LEU C 676 -44.80 -13.13 12.18
N VAL C 677 -44.32 -13.89 11.21
CA VAL C 677 -42.94 -14.38 11.21
C VAL C 677 -41.98 -13.35 10.63
N LEU C 678 -42.37 -12.68 9.55
CA LEU C 678 -41.53 -11.71 8.87
C LEU C 678 -41.69 -10.29 9.41
N ASP C 679 -42.09 -10.15 10.68
CA ASP C 679 -42.33 -8.85 11.30
C ASP C 679 -41.12 -8.36 12.09
N ARG C 680 -39.91 -8.70 11.65
CA ARG C 680 -38.72 -8.20 12.32
C ARG C 680 -38.65 -6.68 12.21
N PRO C 681 -38.40 -5.96 13.31
CA PRO C 681 -38.39 -4.49 13.24
C PRO C 681 -37.30 -3.93 12.34
N GLU C 682 -36.05 -4.31 12.58
CA GLU C 682 -34.92 -3.81 11.82
C GLU C 682 -33.67 -4.60 12.23
N GLU C 683 -32.52 -4.18 11.72
CA GLU C 683 -31.23 -4.76 12.06
C GLU C 683 -30.33 -3.66 12.60
N ARG C 684 -29.98 -3.76 13.88
CA ARG C 684 -29.17 -2.73 14.53
C ARG C 684 -27.77 -2.68 13.92
N ILE C 685 -27.07 -1.58 14.18
CA ILE C 685 -25.74 -1.38 13.64
C ILE C 685 -24.78 -2.40 14.25
N THR C 686 -23.95 -2.99 13.40
CA THR C 686 -22.96 -3.97 13.81
C THR C 686 -21.56 -3.52 13.38
N GLY C 687 -20.63 -3.56 14.32
CA GLY C 687 -19.25 -3.18 14.04
C GLY C 687 -19.09 -1.76 13.54
N ILE C 688 -18.24 -1.56 12.54
CA ILE C 688 -17.99 -0.25 11.95
C ILE C 688 -18.13 -0.26 10.43
N ASN C 689 -18.19 -1.43 9.81
CA ASN C 689 -18.30 -1.53 8.36
C ASN C 689 -19.73 -1.40 7.85
N ASP C 690 -20.69 -1.11 8.73
CA ASP C 690 -22.08 -0.94 8.33
C ASP C 690 -22.21 0.26 7.41
N PRO C 691 -22.75 0.08 6.19
CA PRO C 691 -22.91 1.22 5.28
C PRO C 691 -23.79 2.33 5.82
N ARG C 692 -24.72 2.03 6.73
CA ARG C 692 -25.56 3.07 7.32
C ARG C 692 -24.79 3.97 8.28
N LEU C 693 -23.62 3.54 8.76
CA LEU C 693 -22.80 4.35 9.65
C LEU C 693 -21.81 5.20 8.88
N ARG C 694 -21.22 4.66 7.80
CA ARG C 694 -20.29 5.42 7.00
C ARG C 694 -20.96 6.57 6.26
N ASN C 695 -22.27 6.49 6.03
CA ASN C 695 -23.04 7.58 5.44
C ASN C 695 -24.41 7.62 6.10
N PRO C 696 -24.54 8.26 7.26
CA PRO C 696 -25.82 8.23 7.98
C PRO C 696 -26.84 9.22 7.45
N SER C 697 -28.11 9.00 7.79
CA SER C 697 -29.17 9.90 7.40
C SER C 697 -29.18 11.14 8.29
N ASP C 698 -30.04 12.10 7.96
CA ASP C 698 -30.13 13.33 8.72
C ASP C 698 -30.71 13.09 10.11
N LYS C 699 -31.79 12.31 10.19
CA LYS C 699 -32.46 12.05 11.47
C LYS C 699 -31.90 10.78 12.11
N PHE C 700 -30.57 10.73 12.22
CA PHE C 700 -29.87 9.63 12.85
C PHE C 700 -28.78 10.17 13.77
N ILE C 701 -29.17 11.12 14.63
CA ILE C 701 -28.20 11.78 15.51
C ILE C 701 -27.49 10.77 16.39
N TYR C 702 -26.15 10.77 16.32
CA TYR C 702 -25.32 9.96 17.18
C TYR C 702 -23.92 10.58 17.27
N ALA C 703 -23.39 10.69 18.48
CA ALA C 703 -22.14 11.40 18.71
C ALA C 703 -21.36 10.73 19.84
N THR C 704 -20.18 11.29 20.12
CA THR C 704 -19.31 10.79 21.18
C THR C 704 -18.94 11.91 22.15
N VAL C 705 -18.01 11.51 23.03
CA VAL C 705 -17.56 12.41 24.10
C VAL C 705 -16.41 13.22 23.58
N LYS C 706 -16.52 14.55 23.57
CA LYS C 706 -15.57 15.50 22.98
C LYS C 706 -14.22 15.34 23.64
N GLN C 707 -13.14 15.49 22.90
CA GLN C 707 -11.76 15.36 23.42
C GLN C 707 -11.46 14.04 24.07
N SER C 708 -11.42 12.98 23.32
CA SER C 708 -11.11 11.63 23.80
C SER C 708 -10.35 10.85 22.75
N SER C 709 -10.11 9.56 23.01
CA SER C 709 -9.41 8.72 22.05
C SER C 709 -10.28 8.38 20.84
N VAL C 710 -11.59 8.24 21.02
CA VAL C 710 -12.48 7.99 19.89
C VAL C 710 -12.49 9.17 18.94
N ASP C 711 -12.40 10.39 19.49
CA ASP C 711 -12.36 11.59 18.66
C ASP C 711 -11.13 11.58 17.76
N ILE C 712 -9.97 11.29 18.32
CA ILE C 712 -8.74 11.25 17.53
C ILE C 712 -8.78 10.11 16.52
N TYR C 713 -9.33 8.96 16.94
CA TYR C 713 -9.42 7.82 16.03
C TYR C 713 -10.32 8.11 14.84
N PHE C 714 -11.41 8.83 15.05
CA PHE C 714 -12.31 9.18 13.95
C PHE C 714 -11.73 10.31 13.10
N ARG C 715 -10.98 11.23 13.72
CA ARG C 715 -10.34 12.29 12.97
C ARG C 715 -9.15 11.79 12.16
N ARG C 716 -8.60 10.63 12.51
CA ARG C 716 -7.48 10.05 11.78
C ARG C 716 -7.91 9.30 10.52
N GLN C 717 -9.10 8.70 10.51
CA GLN C 717 -9.51 7.88 9.39
C GLN C 717 -9.81 8.73 8.15
N VAL C 718 -10.13 8.06 7.05
CA VAL C 718 -10.35 8.73 5.77
C VAL C 718 -11.84 8.99 5.53
N GLU C 719 -12.63 7.91 5.44
CA GLU C 719 -14.06 8.06 5.25
C GLU C 719 -14.78 8.26 6.58
N LEU C 720 -14.32 7.58 7.62
CA LEU C 720 -14.84 7.83 8.96
C LEU C 720 -14.63 9.28 9.37
N SER C 721 -13.68 9.99 8.76
CA SER C 721 -13.57 11.43 8.99
C SER C 721 -14.67 12.20 8.26
N THR C 722 -15.01 11.77 7.04
CA THR C 722 -16.13 12.35 6.33
C THR C 722 -17.45 12.16 7.09
N MET C 723 -17.56 11.08 7.87
CA MET C 723 -18.70 10.93 8.77
C MET C 723 -18.48 11.69 10.08
N TYR C 724 -17.23 11.83 10.50
CA TYR C 724 -16.90 12.52 11.75
C TYR C 724 -17.20 14.00 11.65
N ARG C 725 -17.21 14.56 10.43
CA ARG C 725 -17.67 15.94 10.27
C ARG C 725 -19.09 16.11 10.80
N HIS C 726 -19.92 15.12 10.41
CA HIS C 726 -21.35 15.01 10.83
C HIS C 726 -21.48 14.76 12.33
N MET C 727 -20.67 13.90 12.94
CA MET C 727 -20.82 13.66 14.39
C MET C 727 -20.48 14.94 15.11
N GLU C 728 -19.46 15.63 14.66
CA GLU C 728 -18.83 16.77 15.34
C GLU C 728 -19.78 17.87 15.76
N LYS C 729 -20.87 18.13 15.05
CA LYS C 729 -21.74 19.22 15.53
C LYS C 729 -22.22 18.86 16.93
N HIS C 730 -22.66 17.64 17.20
CA HIS C 730 -23.05 17.39 18.62
C HIS C 730 -22.34 16.18 19.20
N ASN C 731 -21.54 16.41 20.22
CA ASN C 731 -20.76 15.39 20.96
C ASN C 731 -21.03 15.73 22.41
N TYR C 732 -21.32 14.78 23.30
CA TYR C 732 -21.73 15.17 24.66
C TYR C 732 -20.57 15.74 25.46
N GLU C 733 -20.84 16.49 26.50
CA GLU C 733 -19.70 17.06 27.24
C GLU C 733 -19.10 16.04 28.20
N SER C 734 -19.63 14.83 28.28
CA SER C 734 -19.17 13.78 29.16
C SER C 734 -19.94 12.50 28.86
N ALA C 735 -19.37 11.38 29.29
CA ALA C 735 -19.99 10.08 29.05
C ALA C 735 -21.29 9.93 29.83
N ALA C 736 -21.34 10.47 31.05
CA ALA C 736 -22.53 10.35 31.87
C ALA C 736 -23.72 11.07 31.24
N GLU C 737 -23.50 12.28 30.74
CA GLU C 737 -24.57 13.02 30.08
C GLU C 737 -25.05 12.30 28.82
N ALA C 738 -24.12 11.68 28.08
CA ALA C 738 -24.49 10.92 26.90
C ALA C 738 -25.32 9.69 27.26
N ILE C 739 -24.94 8.96 28.31
CA ILE C 739 -25.71 7.80 28.74
C ILE C 739 -27.10 8.24 29.20
N GLN C 740 -27.18 9.39 29.88
CA GLN C 740 -28.48 9.89 30.30
C GLN C 740 -29.34 10.29 29.11
N ALA C 741 -28.74 10.91 28.09
CA ALA C 741 -29.50 11.34 26.92
C ALA C 741 -29.89 10.19 26.01
N VAL C 742 -29.15 9.08 26.02
CA VAL C 742 -29.51 7.93 25.21
C VAL C 742 -30.84 7.36 25.67
N ARG C 743 -31.06 7.28 26.96
CA ARG C 743 -32.31 6.75 27.51
C ARG C 743 -33.48 7.63 27.15
N ASP C 744 -33.27 8.93 27.11
CA ASP C 744 -34.34 9.87 26.81
C ASP C 744 -34.65 9.96 25.30
N ASN C 745 -34.14 9.01 24.51
CA ASN C 745 -34.38 8.96 23.07
C ASN C 745 -33.89 10.22 22.37
N LYS C 746 -32.89 10.90 22.96
CA LYS C 746 -32.28 12.06 22.33
C LYS C 746 -31.02 11.70 21.54
N LEU C 747 -30.37 10.59 21.89
CA LEU C 747 -29.22 10.09 21.16
C LEU C 747 -29.50 8.68 20.70
N HIS C 748 -29.20 8.39 19.44
CA HIS C 748 -29.51 7.10 18.84
C HIS C 748 -28.37 6.08 18.94
N ALA C 749 -27.14 6.52 19.17
CA ALA C 749 -26.01 5.62 19.28
C ALA C 749 -24.86 6.34 19.97
N PHE C 750 -24.24 5.67 20.93
CA PHE C 750 -23.12 6.22 21.68
C PHE C 750 -21.93 5.29 21.57
N ILE C 751 -20.84 5.79 20.99
CA ILE C 751 -19.62 5.02 20.77
C ILE C 751 -18.64 5.42 21.87
N TRP C 752 -18.28 4.46 22.72
CA TRP C 752 -17.36 4.72 23.82
C TRP C 752 -16.60 3.43 24.10
N ASP C 753 -15.87 3.40 25.21
CA ASP C 753 -15.11 2.23 25.59
C ASP C 753 -16.04 1.07 25.92
N SER C 754 -15.49 -0.06 26.18
CA SER C 754 -16.56 -0.98 26.45
C SER C 754 -16.51 -1.32 27.90
N ALA C 755 -15.48 -0.98 28.66
CA ALA C 755 -15.68 -1.27 30.08
C ALA C 755 -16.78 -0.34 30.56
N VAL C 756 -16.78 0.94 30.29
CA VAL C 756 -17.95 1.72 30.77
C VAL C 756 -19.23 1.32 30.09
N LEU C 757 -19.32 1.06 28.81
CA LEU C 757 -20.58 0.62 28.25
C LEU C 757 -20.99 -0.70 28.83
N GLU C 758 -20.13 -1.65 29.13
CA GLU C 758 -20.69 -2.86 29.74
C GLU C 758 -21.27 -2.52 31.06
N PHE C 759 -20.64 -1.72 31.89
CA PHE C 759 -21.43 -1.40 33.09
C PHE C 759 -22.73 -0.62 32.78
N GLU C 760 -22.79 0.31 31.81
CA GLU C 760 -24.09 0.91 31.51
C GLU C 760 -25.06 -0.11 30.94
N ALA C 761 -24.66 -0.94 30.00
CA ALA C 761 -25.55 -1.97 29.43
C ALA C 761 -26.02 -3.04 30.39
N SER C 762 -25.44 -3.19 31.57
CA SER C 762 -26.10 -4.09 32.52
C SER C 762 -27.08 -3.35 33.46
N GLN C 763 -26.71 -2.36 34.25
CA GLN C 763 -27.65 -1.91 35.35
C GLN C 763 -29.13 -1.49 35.03
N LYS C 764 -29.35 -0.93 33.88
CA LYS C 764 -30.54 -0.19 33.48
C LYS C 764 -31.54 -1.04 32.70
N CYS C 765 -31.11 -2.20 32.18
CA CYS C 765 -32.00 -3.17 31.56
C CYS C 765 -32.66 -2.65 30.28
N ASP C 766 -32.28 -1.45 29.83
CA ASP C 766 -32.81 -0.90 28.59
C ASP C 766 -31.69 -0.41 27.69
N LEU C 767 -30.44 -0.76 28.02
CA LEU C 767 -29.28 -0.40 27.21
C LEU C 767 -28.52 -1.67 26.87
N VAL C 768 -28.15 -1.80 25.60
CA VAL C 768 -27.47 -3.00 25.10
C VAL C 768 -26.48 -2.59 24.03
N THR C 769 -25.28 -3.16 24.08
CA THR C 769 -24.25 -2.91 23.07
C THR C 769 -24.46 -3.84 21.89
N THR C 770 -24.67 -3.27 20.71
CA THR C 770 -24.97 -4.02 19.50
C THR C 770 -23.71 -4.37 18.71
N GLY C 771 -22.87 -3.37 18.44
CA GLY C 771 -21.69 -3.58 17.63
C GLY C 771 -20.59 -4.32 18.39
N GLU C 772 -19.57 -4.71 17.64
CA GLU C 772 -18.42 -5.42 18.18
C GLU C 772 -17.25 -4.44 18.27
N LEU C 773 -16.40 -4.64 19.27
CA LEU C 773 -15.24 -3.77 19.47
C LEU C 773 -14.33 -3.81 18.24
N PHE C 774 -13.90 -2.62 17.81
CA PHE C 774 -13.06 -2.51 16.62
C PHE C 774 -11.80 -1.68 16.88
N PHE C 775 -11.47 -1.42 18.15
CA PHE C 775 -10.25 -0.68 18.48
C PHE C 775 -9.74 -1.25 19.81
N ARG C 776 -8.82 -2.21 19.71
CA ARG C 776 -8.39 -3.00 20.86
C ARG C 776 -7.16 -2.35 21.49
N SER C 777 -7.38 -1.54 22.51
CA SER C 777 -6.31 -0.92 23.28
C SER C 777 -6.83 -0.61 24.68
N GLY C 778 -6.17 -1.14 25.70
CA GLY C 778 -6.60 -0.98 27.06
C GLY C 778 -5.98 0.21 27.76
N PHE C 779 -6.50 0.52 28.94
CA PHE C 779 -6.01 1.64 29.72
C PHE C 779 -4.63 1.32 30.30
N GLY C 780 -4.03 2.33 30.93
CA GLY C 780 -2.72 2.16 31.54
C GLY C 780 -2.28 3.33 32.38
N ILE C 781 -1.63 3.05 33.52
CA ILE C 781 -1.12 4.11 34.37
C ILE C 781 0.03 4.80 33.66
N GLY C 782 -0.08 6.12 33.50
CA GLY C 782 0.91 6.86 32.75
C GLY C 782 1.53 8.02 33.51
N MET C 783 2.85 7.94 33.74
CA MET C 783 3.61 9.01 34.36
C MET C 783 4.53 9.65 33.33
N ARG C 784 5.20 10.76 33.67
CA ARG C 784 5.92 11.59 32.66
C ARG C 784 7.12 10.84 32.11
N LYS C 785 7.78 11.26 31.02
CA LYS C 785 8.83 10.35 30.43
C LYS C 785 10.00 10.02 31.33
N ASP C 786 10.31 10.80 32.36
CA ASP C 786 11.46 10.46 33.21
C ASP C 786 11.06 10.25 34.68
N SER C 787 10.86 9.02 35.18
CA SER C 787 10.69 8.88 36.65
C SER C 787 10.98 7.45 37.04
N PRO C 788 11.52 7.14 38.23
CA PRO C 788 11.76 5.74 38.69
C PRO C 788 10.52 4.83 38.91
N TRP C 789 9.51 5.52 39.39
CA TRP C 789 8.18 4.92 39.45
C TRP C 789 7.92 4.26 38.11
N LYS C 790 8.27 4.76 36.91
CA LYS C 790 7.85 4.07 35.64
C LYS C 790 8.38 2.68 35.63
N GLN C 791 9.62 2.50 36.02
CA GLN C 791 9.95 1.05 35.98
C GLN C 791 9.23 0.17 37.01
N GLN C 792 9.18 0.45 38.30
CA GLN C 792 8.54 -0.54 39.22
C GLN C 792 7.05 -0.77 38.97
N VAL C 793 6.31 0.23 38.51
CA VAL C 793 4.86 0.11 38.24
C VAL C 793 4.60 -0.84 37.10
N SER C 794 5.38 -0.89 36.04
CA SER C 794 5.02 -1.92 35.07
C SER C 794 5.22 -3.27 35.68
N LEU C 795 6.26 -3.56 36.44
CA LEU C 795 6.29 -4.91 37.06
C LEU C 795 5.16 -5.09 38.06
N SER C 796 4.75 -4.09 38.84
CA SER C 796 3.68 -4.47 39.80
C SER C 796 2.43 -4.90 39.04
N ILE C 797 2.05 -4.15 38.01
CA ILE C 797 0.86 -4.53 37.19
C ILE C 797 1.10 -5.85 36.50
N LEU C 798 2.28 -6.19 35.99
CA LEU C 798 2.35 -7.51 35.31
C LEU C 798 2.26 -8.61 36.35
N LYS C 799 2.93 -8.42 37.46
CA LYS C 799 2.87 -9.44 38.51
C LYS C 799 1.45 -9.51 39.05
N SER C 800 0.70 -8.44 39.14
CA SER C 800 -0.61 -8.57 39.79
C SER C 800 -1.65 -8.84 38.75
N HIS C 801 -1.32 -8.95 37.51
CA HIS C 801 -2.39 -9.47 36.64
C HIS C 801 -2.30 -10.96 36.78
N GLU C 802 -1.10 -11.49 36.92
CA GLU C 802 -1.03 -12.97 36.99
C GLU C 802 -1.58 -13.56 38.27
N ASN C 803 -1.33 -12.99 39.44
CA ASN C 803 -1.88 -13.71 40.59
C ASN C 803 -3.30 -13.26 40.92
N GLY C 804 -4.12 -13.17 39.88
CA GLY C 804 -5.56 -13.01 40.01
C GLY C 804 -6.08 -11.86 40.84
N PHE C 805 -5.21 -10.90 41.20
CA PHE C 805 -5.66 -9.74 41.96
C PHE C 805 -6.62 -8.90 41.12
N MET C 806 -6.27 -8.67 39.86
CA MET C 806 -7.16 -7.97 38.94
C MET C 806 -8.47 -8.72 38.74
N GLU C 807 -8.44 -10.05 38.76
CA GLU C 807 -9.68 -10.82 38.68
C GLU C 807 -10.55 -10.58 39.91
N ASP C 808 -9.94 -10.49 41.09
CA ASP C 808 -10.70 -10.18 42.30
C ASP C 808 -11.32 -8.79 42.22
N LEU C 809 -10.54 -7.81 41.75
CA LEU C 809 -11.09 -6.46 41.61
C LEU C 809 -12.23 -6.42 40.59
N ASP C 810 -12.09 -7.18 39.50
CA ASP C 810 -13.15 -7.24 38.51
C ASP C 810 -14.42 -7.89 39.05
N LYS C 811 -14.28 -8.97 39.83
CA LYS C 811 -15.44 -9.60 40.43
C LYS C 811 -16.06 -8.72 41.50
N THR C 812 -15.27 -7.88 42.15
CA THR C 812 -15.79 -7.02 43.21
C THR C 812 -16.54 -5.83 42.62
N TRP C 813 -15.95 -5.15 41.64
CA TRP C 813 -16.50 -3.90 41.13
C TRP C 813 -17.16 -4.03 39.77
N VAL C 814 -16.38 -4.37 38.77
CA VAL C 814 -16.86 -4.35 37.36
C VAL C 814 -17.98 -5.33 37.02
N ARG C 815 -17.94 -6.59 37.38
CA ARG C 815 -19.00 -7.46 36.84
C ARG C 815 -19.88 -8.13 37.88
N TYR C 816 -21.05 -7.55 38.12
CA TYR C 816 -22.14 -8.17 38.88
C TYR C 816 -23.36 -7.89 38.02
N GLN C 817 -23.90 -8.92 37.40
CA GLN C 817 -24.91 -8.74 36.37
C GLN C 817 -26.29 -8.65 37.01
N GLU C 818 -27.20 -7.89 36.38
CA GLU C 818 -28.57 -7.73 36.87
C GLU C 818 -29.58 -7.85 35.73
N CYS C 819 -29.10 -7.85 34.49
CA CYS C 819 -29.97 -7.94 33.32
C CYS C 819 -29.18 -8.45 32.12
N ASP C 820 -29.65 -9.52 31.49
CA ASP C 820 -28.87 -10.18 30.46
C ASP C 820 -29.79 -11.15 29.69
N SER C 821 -29.14 -12.02 28.91
CA SER C 821 -29.66 -13.12 28.11
C SER C 821 -30.29 -12.65 26.80
N ARG C 822 -30.54 -11.35 26.60
CA ARG C 822 -30.95 -10.78 25.33
C ARG C 822 -32.00 -11.63 24.61
N SER C 823 -33.18 -11.81 25.21
CA SER C 823 -34.16 -12.75 24.69
C SER C 823 -34.54 -12.45 23.24
N ASN C 824 -34.78 -11.18 22.91
CA ASN C 824 -35.12 -10.70 21.57
C ASN C 824 -36.22 -11.51 20.89
N ALA C 825 -37.06 -12.20 21.66
CA ALA C 825 -38.15 -12.97 21.07
C ALA C 825 -39.15 -12.04 20.42
N PRO C 826 -39.94 -12.54 19.45
CA PRO C 826 -40.99 -11.70 18.85
C PRO C 826 -42.07 -11.30 19.86
N ALA C 827 -43.00 -10.45 19.42
CA ALA C 827 -43.95 -9.85 20.34
C ALA C 827 -45.09 -10.80 20.69
N THR C 828 -45.51 -10.75 21.94
CA THR C 828 -46.72 -11.44 22.36
C THR C 828 -47.93 -10.54 22.13
N LEU C 829 -48.97 -11.12 21.51
CA LEU C 829 -50.15 -10.35 21.16
C LEU C 829 -50.85 -9.83 22.40
N THR C 830 -51.03 -8.51 22.46
CA THR C 830 -51.62 -7.82 23.60
C THR C 830 -53.07 -7.47 23.28
N CYS C 831 -53.77 -6.97 24.29
CA CYS C 831 -55.19 -6.64 24.12
C CYS C 831 -55.40 -5.36 23.34
N GLU C 832 -54.32 -4.63 23.02
CA GLU C 832 -54.43 -3.43 22.20
C GLU C 832 -54.51 -3.74 20.71
N ASN C 833 -53.95 -4.86 20.27
CA ASN C 833 -53.98 -5.23 18.87
C ASN C 833 -55.05 -6.27 18.54
N MET C 834 -55.55 -6.99 19.55
CA MET C 834 -56.55 -8.04 19.35
C MET C 834 -57.90 -7.64 19.93
N ALA C 835 -58.24 -6.35 19.87
CA ALA C 835 -59.52 -5.87 20.37
C ALA C 835 -60.60 -5.81 19.29
N GLY C 836 -60.22 -5.99 18.02
CA GLY C 836 -61.22 -5.96 16.96
C GLY C 836 -62.24 -7.08 17.08
N VAL C 837 -61.78 -8.27 17.48
CA VAL C 837 -62.71 -9.39 17.62
C VAL C 837 -63.62 -9.20 18.82
N PHE C 838 -63.13 -8.55 19.88
CA PHE C 838 -63.99 -8.26 21.03
C PHE C 838 -65.03 -7.21 20.66
N MET C 839 -64.62 -6.20 19.88
CA MET C 839 -65.59 -5.25 19.34
C MET C 839 -66.63 -5.96 18.46
N LEU C 840 -66.19 -6.93 17.67
CA LEU C 840 -67.12 -7.69 16.85
C LEU C 840 -68.10 -8.48 17.71
N VAL C 841 -67.63 -9.04 18.83
CA VAL C 841 -68.52 -9.79 19.72
C VAL C 841 -69.51 -8.86 20.40
N ALA C 842 -68.97 -7.75 20.94
CA ALA C 842 -69.82 -6.82 21.70
C ALA C 842 -70.91 -6.40 20.72
N GLY C 843 -70.47 -6.13 19.50
CA GLY C 843 -71.38 -5.77 18.40
C GLY C 843 -72.36 -6.89 18.20
N GLY C 844 -71.91 -8.14 18.24
CA GLY C 844 -72.87 -9.22 18.12
C GLY C 844 -73.88 -9.14 19.24
N ILE C 845 -73.50 -8.89 20.49
CA ILE C 845 -74.57 -8.86 21.55
C ILE C 845 -75.59 -7.74 21.29
N VAL C 846 -75.10 -6.56 20.90
CA VAL C 846 -76.01 -5.40 20.66
C VAL C 846 -76.97 -5.70 19.51
N ALA C 847 -76.48 -6.25 18.40
CA ALA C 847 -77.45 -6.55 17.33
C ALA C 847 -78.36 -7.70 17.77
N GLY C 848 -77.87 -8.62 18.60
CA GLY C 848 -78.73 -9.69 19.09
C GLY C 848 -79.88 -9.09 19.83
N ILE C 849 -79.70 -8.07 20.69
CA ILE C 849 -80.92 -7.49 21.36
C ILE C 849 -81.87 -6.90 20.30
N PHE C 850 -81.37 -6.20 19.27
CA PHE C 850 -82.41 -5.71 18.32
C PHE C 850 -83.14 -6.86 17.61
N LEU C 851 -82.41 -7.93 17.28
CA LEU C 851 -83.02 -9.14 16.65
C LEU C 851 -84.03 -9.75 17.62
N ILE C 852 -83.77 -9.76 18.92
CA ILE C 852 -84.82 -10.30 19.82
C ILE C 852 -86.04 -9.41 19.73
N PHE C 853 -85.89 -8.07 19.67
CA PHE C 853 -87.17 -7.31 19.50
C PHE C 853 -87.82 -7.68 18.17
N ILE C 854 -87.07 -7.84 17.09
CA ILE C 854 -87.75 -8.24 15.81
C ILE C 854 -88.42 -9.60 15.97
N GLU C 855 -87.80 -10.55 16.64
CA GLU C 855 -88.41 -11.89 16.77
C GLU C 855 -89.73 -11.73 17.52
N ILE C 856 -89.72 -10.99 18.61
CA ILE C 856 -91.00 -10.83 19.36
C ILE C 856 -92.01 -10.14 18.45
N ALA C 857 -91.57 -9.09 17.76
CA ALA C 857 -92.44 -8.31 16.84
C ALA C 857 -92.89 -9.19 15.68
N TYR C 858 -92.00 -9.99 15.07
CA TYR C 858 -92.44 -10.86 13.98
C TYR C 858 -93.38 -11.94 14.49
N LYS C 859 -93.10 -12.51 15.68
CA LYS C 859 -93.99 -13.50 16.25
C LYS C 859 -95.33 -12.89 16.64
N ARG C 860 -95.33 -11.62 17.07
CA ARG C 860 -96.59 -10.94 17.34
C ARG C 860 -97.33 -10.66 16.04
N HIS C 861 -96.61 -10.42 14.94
CA HIS C 861 -97.21 -10.16 13.65
C HIS C 861 -97.33 -11.43 12.79
N LYS C 862 -97.31 -12.60 13.42
CA LYS C 862 -97.44 -13.85 12.68
C LYS C 862 -98.73 -14.57 13.02
N SER D 65 12.44 72.92 17.45
CA SER D 65 12.74 72.45 16.10
C SER D 65 13.47 71.11 16.12
N ILE D 66 12.78 70.06 15.72
CA ILE D 66 13.36 68.71 15.70
C ILE D 66 14.33 68.64 14.53
N GLY D 67 15.63 68.47 14.83
CA GLY D 67 16.64 68.40 13.80
C GLY D 67 16.67 67.06 13.10
N ILE D 68 16.52 67.07 11.78
CA ILE D 68 16.50 65.87 10.96
C ILE D 68 17.62 65.98 9.95
N ALA D 69 18.67 65.18 10.14
CA ALA D 69 19.84 65.18 9.27
C ALA D 69 19.78 63.95 8.37
N VAL D 70 19.56 64.17 7.08
CA VAL D 70 19.50 63.10 6.09
C VAL D 70 20.82 63.10 5.33
N ILE D 71 21.62 62.05 5.52
CA ILE D 71 22.94 61.94 4.92
C ILE D 71 22.89 60.91 3.79
N LEU D 72 23.33 61.32 2.60
CA LEU D 72 23.41 60.44 1.45
C LEU D 72 24.83 60.46 0.92
N VAL D 73 25.49 59.32 0.93
CA VAL D 73 26.89 59.20 0.50
C VAL D 73 26.98 58.21 -0.64
N GLY D 74 28.13 58.21 -1.32
CA GLY D 74 28.35 57.31 -2.43
C GLY D 74 27.82 57.82 -3.75
N THR D 75 26.50 57.79 -3.92
CA THR D 75 25.87 58.25 -5.14
C THR D 75 25.30 59.65 -4.94
N SER D 76 24.69 60.21 -5.99
CA SER D 76 24.11 61.55 -5.94
C SER D 76 22.61 61.42 -6.17
N ASP D 77 21.83 61.83 -5.18
CA ASP D 77 20.37 61.73 -5.22
C ASP D 77 19.71 63.06 -4.93
N GLU D 78 20.18 64.13 -5.62
CA GLU D 78 19.56 65.43 -5.47
C GLU D 78 18.18 65.42 -6.12
N VAL D 79 17.16 65.15 -5.31
CA VAL D 79 15.80 64.95 -5.80
C VAL D 79 14.83 65.71 -4.89
N ALA D 80 13.53 65.55 -5.11
CA ALA D 80 12.51 66.40 -4.54
C ALA D 80 12.15 66.05 -3.10
N ILE D 81 13.10 65.42 -2.38
CA ILE D 81 12.96 65.05 -0.97
C ILE D 81 12.28 66.14 -0.17
N LYS D 82 12.50 67.41 -0.55
CA LYS D 82 11.84 68.55 0.08
C LYS D 82 10.32 68.41 0.08
N ASP D 83 9.74 67.48 -0.69
CA ASP D 83 8.31 67.22 -0.60
C ASP D 83 7.91 66.73 0.77
N ALA D 84 8.84 66.17 1.54
CA ALA D 84 8.53 65.77 2.91
C ALA D 84 8.15 66.98 3.76
N HIS D 85 8.90 68.07 3.64
CA HIS D 85 8.55 69.30 4.34
C HIS D 85 7.41 70.05 3.64
N GLU D 86 7.27 69.90 2.32
CA GLU D 86 6.21 70.55 1.58
C GLU D 86 4.85 69.85 1.75
N LYS D 87 4.82 68.66 2.35
CA LYS D 87 3.56 67.96 2.55
C LYS D 87 2.66 68.71 3.54
N ASP D 88 3.27 69.36 4.53
CA ASP D 88 2.53 70.12 5.55
C ASP D 88 1.55 69.24 6.31
N ASP D 89 1.94 68.01 6.61
CA ASP D 89 1.12 67.08 7.36
C ASP D 89 1.54 66.97 8.82
N PHE D 90 2.36 67.91 9.30
CA PHE D 90 2.84 67.92 10.68
C PHE D 90 1.80 68.61 11.55
N HIS D 91 0.96 67.80 12.20
CA HIS D 91 -0.10 68.35 13.05
C HIS D 91 0.49 69.05 14.27
N HIS D 92 1.39 68.39 14.97
CA HIS D 92 2.02 68.97 16.15
C HIS D 92 2.98 70.07 15.72
N LEU D 93 2.78 71.28 16.25
CA LEU D 93 3.59 72.42 15.84
C LEU D 93 4.91 72.48 16.60
N SER D 94 5.65 71.37 16.62
CA SER D 94 6.97 71.35 17.24
C SER D 94 8.00 70.57 16.45
N VAL D 95 7.60 69.72 15.51
CA VAL D 95 8.54 68.96 14.68
C VAL D 95 8.79 69.79 13.43
N VAL D 96 9.74 70.71 13.51
CA VAL D 96 10.11 71.57 12.39
C VAL D 96 11.00 70.77 11.44
N PRO D 97 10.65 70.64 10.16
CA PRO D 97 11.48 69.83 9.26
C PRO D 97 12.80 70.51 8.92
N ARG D 98 13.71 70.55 9.90
CA ARG D 98 15.05 71.11 9.68
C ARG D 98 15.92 70.12 8.93
N VAL D 99 15.61 69.88 7.65
CA VAL D 99 16.34 68.90 6.87
C VAL D 99 17.73 69.43 6.53
N GLU D 100 18.72 68.55 6.62
CA GLU D 100 20.12 68.87 6.28
C GLU D 100 20.62 67.78 5.34
N LEU D 101 20.40 67.99 4.04
CA LEU D 101 20.80 67.00 3.04
C LEU D 101 22.30 67.07 2.76
N VAL D 102 23.11 66.78 3.77
CA VAL D 102 24.55 66.79 3.60
C VAL D 102 24.98 65.56 2.81
N ALA D 103 25.84 65.78 1.82
CA ALA D 103 26.34 64.71 0.96
C ALA D 103 27.85 64.62 1.11
N MET D 104 28.39 63.45 0.75
CA MET D 104 29.82 63.19 0.85
C MET D 104 30.15 61.98 0.01
N ASN D 105 31.45 61.76 -0.22
CA ASN D 105 31.93 60.63 -0.99
C ASN D 105 32.91 59.73 -0.25
N GLU D 106 33.44 60.18 0.89
CA GLU D 106 34.40 59.40 1.67
C GLU D 106 33.67 58.78 2.85
N THR D 107 33.34 57.50 2.74
CA THR D 107 32.66 56.77 3.81
C THR D 107 33.70 56.17 4.76
N ASP D 108 34.36 57.05 5.50
CA ASP D 108 35.37 56.68 6.48
C ASP D 108 34.82 56.81 7.89
N PRO D 109 35.32 56.01 8.85
CA PRO D 109 34.81 56.09 10.22
C PRO D 109 34.98 57.46 10.83
N LYS D 110 36.23 57.96 10.86
CA LYS D 110 36.49 59.29 11.40
C LYS D 110 35.71 60.35 10.64
N SER D 111 35.59 60.20 9.32
CA SER D 111 34.87 61.17 8.52
C SER D 111 33.42 61.28 8.97
N ILE D 112 32.70 60.16 9.00
CA ILE D 112 31.29 60.19 9.35
C ILE D 112 31.09 60.60 10.80
N ILE D 113 32.01 60.19 11.68
CA ILE D 113 31.87 60.54 13.10
C ILE D 113 32.05 62.03 13.30
N THR D 114 33.11 62.61 12.72
CA THR D 114 33.29 64.06 12.81
C THR D 114 32.16 64.81 12.15
N ARG D 115 31.64 64.29 11.04
CA ARG D 115 30.53 64.94 10.35
C ARG D 115 29.29 64.98 11.23
N ILE D 116 28.92 63.84 11.82
CA ILE D 116 27.70 63.80 12.63
C ILE D 116 27.87 64.61 13.90
N CYS D 117 29.08 64.61 14.49
CA CYS D 117 29.30 65.42 15.68
C CYS D 117 29.24 66.91 15.37
N ASP D 118 29.85 67.34 14.26
CA ASP D 118 29.78 68.75 13.89
C ASP D 118 28.36 69.17 13.54
N LEU D 119 27.60 68.29 12.88
CA LEU D 119 26.22 68.62 12.54
C LEU D 119 25.35 68.69 13.79
N MET D 120 25.59 67.81 14.76
CA MET D 120 24.83 67.85 15.99
C MET D 120 25.23 69.03 16.88
N SER D 121 26.48 69.50 16.78
CA SER D 121 26.92 70.62 17.58
C SER D 121 26.54 71.97 16.99
N ASP D 122 26.52 72.08 15.65
CA ASP D 122 26.16 73.34 15.02
C ASP D 122 24.67 73.61 15.18
N ARG D 123 23.82 72.67 14.74
CA ARG D 123 22.38 72.80 14.86
C ARG D 123 21.88 71.98 16.04
N LYS D 124 20.55 71.90 16.19
CA LYS D 124 19.92 71.12 17.24
C LYS D 124 19.28 69.90 16.58
N ILE D 125 20.07 68.83 16.45
CA ILE D 125 19.62 67.61 15.78
C ILE D 125 19.12 66.62 16.80
N GLN D 126 17.93 66.06 16.55
CA GLN D 126 17.36 65.02 17.40
C GLN D 126 17.09 63.72 16.67
N GLY D 127 17.17 63.69 15.34
CA GLY D 127 16.98 62.48 14.58
C GLY D 127 17.87 62.46 13.35
N VAL D 128 18.56 61.34 13.13
CA VAL D 128 19.56 61.23 12.07
C VAL D 128 19.10 60.15 11.10
N VAL D 129 18.55 60.56 9.96
CA VAL D 129 18.26 59.64 8.87
C VAL D 129 19.58 59.35 8.16
N PHE D 130 19.68 58.19 7.52
CA PHE D 130 20.96 57.80 6.92
C PHE D 130 20.71 56.99 5.67
N ALA D 131 21.64 57.12 4.72
CA ALA D 131 21.63 56.35 3.48
C ALA D 131 23.07 56.27 2.99
N ASP D 132 23.32 55.30 2.12
CA ASP D 132 24.67 55.07 1.62
C ASP D 132 24.57 54.37 0.27
N ASP D 133 25.70 53.85 -0.20
CA ASP D 133 25.74 53.10 -1.46
C ASP D 133 26.60 51.84 -1.41
N THR D 134 27.37 51.62 -0.35
CA THR D 134 28.22 50.45 -0.26
C THR D 134 27.45 49.28 0.35
N ASP D 135 28.15 48.20 0.65
CA ASP D 135 27.54 46.98 1.21
C ASP D 135 28.38 46.49 2.39
N GLN D 136 28.74 47.40 3.29
CA GLN D 136 29.57 47.08 4.45
C GLN D 136 28.75 47.30 5.71
N GLU D 137 28.61 46.24 6.51
CA GLU D 137 27.88 46.34 7.77
C GLU D 137 28.62 47.15 8.82
N ALA D 138 29.91 47.40 8.62
CA ALA D 138 30.68 48.21 9.57
C ALA D 138 30.13 49.62 9.67
N ILE D 139 29.53 50.16 8.61
CA ILE D 139 28.88 51.46 8.70
C ILE D 139 27.70 51.39 9.65
N ALA D 140 26.93 50.30 9.60
CA ALA D 140 25.82 50.12 10.53
C ALA D 140 26.33 49.95 11.95
N GLN D 141 27.47 49.27 12.11
CA GLN D 141 28.08 49.15 13.45
C GLN D 141 28.47 50.52 13.99
N ILE D 142 29.09 51.36 13.16
CA ILE D 142 29.47 52.70 13.59
C ILE D 142 28.24 53.52 13.93
N LEU D 143 27.18 53.39 13.13
CA LEU D 143 25.94 54.12 13.39
C LEU D 143 25.34 53.72 14.73
N ASP D 144 25.26 52.40 14.99
CA ASP D 144 24.72 51.94 16.26
C ASP D 144 25.61 52.31 17.44
N PHE D 145 26.93 52.35 17.25
CA PHE D 145 27.81 52.80 18.32
C PHE D 145 27.60 54.28 18.63
N ILE D 146 27.44 55.10 17.59
CA ILE D 146 27.15 56.52 17.80
C ILE D 146 25.81 56.69 18.50
N SER D 147 24.82 55.88 18.11
CA SER D 147 23.52 55.92 18.79
C SER D 147 23.65 55.55 20.26
N ALA D 148 24.48 54.56 20.57
CA ALA D 148 24.74 54.20 21.96
C ALA D 148 25.42 55.34 22.70
N GLN D 149 26.32 56.04 22.01
CA GLN D 149 27.10 57.09 22.67
C GLN D 149 26.25 58.31 22.99
N THR D 150 25.57 58.86 21.99
CA THR D 150 24.84 60.12 22.16
C THR D 150 23.37 59.91 22.52
N LEU D 151 22.86 58.68 22.43
CA LEU D 151 21.49 58.36 22.82
C LEU D 151 20.47 59.20 22.04
N THR D 152 20.55 59.10 20.71
CA THR D 152 19.61 59.77 19.82
C THR D 152 19.06 58.76 18.84
N PRO D 153 17.77 58.83 18.49
CA PRO D 153 17.20 57.88 17.52
C PRO D 153 17.72 58.17 16.12
N ILE D 154 18.29 57.14 15.49
CA ILE D 154 18.83 57.25 14.15
C ILE D 154 18.04 56.32 13.23
N LEU D 155 18.17 56.56 11.92
CA LEU D 155 17.42 55.80 10.92
C LEU D 155 18.32 55.51 9.72
N GLY D 156 18.69 54.24 9.56
CA GLY D 156 19.33 53.80 8.33
C GLY D 156 18.36 52.99 7.51
N ILE D 157 17.84 53.58 6.43
CA ILE D 157 16.69 53.04 5.72
C ILE D 157 17.02 52.87 4.24
N HIS D 158 16.89 51.63 3.76
CA HIS D 158 16.87 51.28 2.33
C HIS D 158 17.99 51.96 1.55
N GLY D 159 19.17 52.10 2.14
CA GLY D 159 20.29 52.69 1.44
C GLY D 159 21.31 51.66 1.00
N GLY D 160 21.23 50.46 1.58
CA GLY D 160 22.22 49.43 1.39
C GLY D 160 23.16 49.26 2.55
N SER D 161 23.03 50.17 3.52
CA SER D 161 23.70 50.02 4.83
C SER D 161 22.62 49.69 5.86
N SER D 162 21.43 49.29 5.45
CA SER D 162 20.46 48.88 6.48
C SER D 162 21.02 47.60 7.08
N MET D 163 21.31 46.61 6.22
CA MET D 163 22.02 45.36 6.54
C MET D 163 21.75 44.89 7.97
N ILE D 164 20.55 44.41 8.27
CA ILE D 164 20.07 44.11 9.65
C ILE D 164 21.10 43.33 10.47
N MET D 165 21.44 43.82 11.69
CA MET D 165 22.43 43.21 12.63
C MET D 165 21.67 42.86 13.91
N ALA D 166 21.96 41.71 14.55
CA ALA D 166 21.20 41.19 15.70
C ALA D 166 21.92 41.27 17.05
N ASP D 167 21.27 40.87 18.15
CA ASP D 167 21.91 40.99 19.47
C ASP D 167 22.58 42.35 19.64
N LYS D 168 21.78 43.41 19.46
CA LYS D 168 22.28 44.76 19.66
C LYS D 168 22.41 45.06 21.15
N ASP D 169 23.27 46.03 21.46
CA ASP D 169 23.51 46.41 22.84
C ASP D 169 22.33 47.20 23.39
N GLU D 170 22.44 47.59 24.66
CA GLU D 170 21.41 48.37 25.34
C GLU D 170 21.53 49.85 24.97
N SER D 171 21.47 50.13 23.68
CA SER D 171 21.59 51.47 23.16
C SER D 171 20.21 52.10 22.99
N SER D 172 20.19 53.31 22.45
CA SER D 172 18.93 53.93 22.04
C SER D 172 18.31 53.11 20.92
N MET D 173 17.18 52.46 21.19
CA MET D 173 16.62 51.50 20.26
C MET D 173 16.28 52.16 18.94
N PHE D 174 17.01 51.79 17.89
CA PHE D 174 16.77 52.27 16.55
C PHE D 174 16.56 51.07 15.63
N PHE D 175 15.71 51.25 14.63
CA PHE D 175 15.39 50.20 13.68
C PHE D 175 15.88 50.58 12.28
N GLN D 176 16.23 49.55 11.52
CA GLN D 176 16.70 49.70 10.15
C GLN D 176 15.79 48.91 9.22
N PHE D 177 15.59 49.42 8.01
CA PHE D 177 14.66 48.78 7.08
C PHE D 177 15.25 47.49 6.53
N GLY D 178 15.06 46.39 7.24
CA GLY D 178 15.54 45.10 6.82
C GLY D 178 14.84 43.98 7.55
N PRO D 179 14.54 42.90 6.84
CA PRO D 179 13.83 41.78 7.46
C PRO D 179 14.74 40.94 8.34
N SER D 180 14.12 40.24 9.30
CA SER D 180 14.83 39.35 10.20
C SER D 180 14.89 37.96 9.62
N ILE D 181 15.81 37.14 10.14
CA ILE D 181 16.00 35.79 9.65
C ILE D 181 14.77 34.95 9.94
N GLU D 182 14.08 35.25 11.05
CA GLU D 182 12.86 34.53 11.39
C GLU D 182 11.77 34.79 10.37
N GLN D 183 11.61 36.05 9.96
CA GLN D 183 10.62 36.37 8.94
C GLN D 183 10.95 35.71 7.59
N GLN D 184 12.23 35.62 7.25
CA GLN D 184 12.61 34.94 6.02
C GLN D 184 12.32 33.44 6.10
N ALA D 185 12.60 32.82 7.25
CA ALA D 185 12.25 31.42 7.41
C ALA D 185 10.74 31.21 7.33
N SER D 186 9.98 32.13 7.91
CA SER D 186 8.51 32.02 7.87
C SER D 186 7.99 32.16 6.44
N VAL D 187 8.54 33.10 5.67
CA VAL D 187 8.05 33.28 4.30
C VAL D 187 8.50 32.11 3.42
N MET D 188 9.66 31.52 3.70
CA MET D 188 10.06 30.34 2.95
C MET D 188 9.18 29.14 3.29
N LEU D 189 8.80 28.99 4.53
CA LEU D 189 7.86 27.90 4.84
C LEU D 189 6.51 28.20 4.21
N ASN D 190 6.05 29.45 4.18
CA ASN D 190 4.80 29.74 3.48
C ASN D 190 4.89 29.41 2.00
N ILE D 191 6.06 29.68 1.38
CA ILE D 191 6.27 29.31 -0.02
C ILE D 191 6.17 27.79 -0.19
N MET D 192 6.84 27.05 0.70
CA MET D 192 6.80 25.59 0.62
C MET D 192 5.38 25.06 0.86
N GLU D 193 4.61 25.74 1.71
CA GLU D 193 3.23 25.34 1.95
C GLU D 193 2.32 25.65 0.78
N GLU D 194 2.59 26.73 0.05
CA GLU D 194 1.71 27.13 -1.04
C GLU D 194 1.67 26.11 -2.17
N TYR D 195 2.78 25.39 -2.39
CA TYR D 195 2.88 24.43 -3.49
C TYR D 195 2.92 22.99 -3.01
N ASP D 196 2.54 22.72 -1.75
CA ASP D 196 2.42 21.37 -1.21
C ASP D 196 3.75 20.62 -1.25
N TRP D 197 4.84 21.31 -0.93
CA TRP D 197 6.17 20.69 -0.84
C TRP D 197 6.49 20.34 0.61
N TYR D 198 5.77 19.36 1.13
CA TYR D 198 5.88 19.02 2.54
C TYR D 198 7.02 18.05 2.82
N ILE D 199 8.21 18.36 2.32
CA ILE D 199 9.41 17.58 2.61
C ILE D 199 10.61 18.45 2.26
N PHE D 200 11.60 18.46 3.15
CA PHE D 200 12.77 19.30 2.95
C PHE D 200 13.88 18.84 3.90
N SER D 201 14.97 19.59 3.93
CA SER D 201 16.08 19.31 4.81
C SER D 201 16.73 20.64 5.19
N ILE D 202 17.77 20.60 6.01
CA ILE D 202 18.46 21.81 6.45
C ILE D 202 19.96 21.59 6.34
N VAL D 203 20.62 22.45 5.57
CA VAL D 203 22.07 22.37 5.37
C VAL D 203 22.69 23.71 5.72
N THR D 204 23.09 23.88 6.97
CA THR D 204 23.67 25.13 7.46
C THR D 204 25.16 24.96 7.70
N THR D 205 25.83 26.08 7.98
CA THR D 205 27.25 26.13 8.26
C THR D 205 27.47 26.79 9.61
N TYR D 206 28.74 27.01 9.95
CA TYR D 206 29.10 27.64 11.22
C TYR D 206 29.16 29.17 11.09
N PHE D 207 28.08 29.75 10.60
CA PHE D 207 27.90 31.20 10.48
C PHE D 207 26.93 31.69 11.55
N PRO D 208 27.25 32.80 12.21
CA PRO D 208 26.39 33.29 13.29
C PRO D 208 24.99 33.60 12.77
N GLY D 209 24.01 32.84 13.25
CA GLY D 209 22.63 32.98 12.83
C GLY D 209 21.97 31.67 12.44
N TYR D 210 22.74 30.60 12.26
CA TYR D 210 22.16 29.31 11.88
C TYR D 210 21.33 28.72 13.01
N GLN D 211 21.73 28.96 14.26
CA GLN D 211 20.97 28.43 15.40
C GLN D 211 19.59 29.05 15.48
N ASP D 212 19.52 30.38 15.31
CA ASP D 212 18.22 31.04 15.28
C ASP D 212 17.36 30.52 14.13
N PHE D 213 17.98 30.29 12.97
CA PHE D 213 17.24 29.78 11.82
C PHE D 213 16.64 28.42 12.11
N VAL D 214 17.45 27.48 12.61
CA VAL D 214 16.95 26.14 12.86
C VAL D 214 15.95 26.14 14.01
N ASN D 215 16.13 27.04 15.00
CA ASN D 215 15.16 27.12 16.08
C ASN D 215 13.82 27.64 15.60
N LYS D 216 13.83 28.64 14.70
CA LYS D 216 12.58 29.13 14.13
C LYS D 216 11.92 28.05 13.27
N ILE D 217 12.71 27.32 12.49
CA ILE D 217 12.16 26.25 11.66
C ILE D 217 11.52 25.17 12.54
N ARG D 218 12.17 24.83 13.65
CA ARG D 218 11.62 23.80 14.53
C ARG D 218 10.37 24.30 15.25
N SER D 219 10.38 25.57 15.68
CA SER D 219 9.22 26.14 16.36
C SER D 219 8.03 26.26 15.42
N THR D 220 8.25 26.48 14.14
CA THR D 220 7.15 26.56 13.18
C THR D 220 6.82 25.21 12.56
N ILE D 221 7.64 24.18 12.79
CA ILE D 221 7.41 22.88 12.17
C ILE D 221 6.59 21.93 13.05
N GLU D 222 6.48 22.21 14.34
CA GLU D 222 5.77 21.35 15.28
C GLU D 222 4.73 22.14 16.07
N ASN D 223 4.25 23.24 15.49
CA ASN D 223 3.18 24.03 16.08
C ASN D 223 2.01 24.17 15.12
N SER D 224 1.91 23.25 14.16
CA SER D 224 0.82 23.25 13.20
C SER D 224 0.45 21.80 12.89
N PHE D 225 -0.73 21.63 12.29
CA PHE D 225 -1.24 20.30 11.96
C PHE D 225 -0.95 19.90 10.52
N VAL D 226 0.14 20.41 9.95
CA VAL D 226 0.56 20.09 8.59
C VAL D 226 1.66 19.04 8.68
N GLY D 227 1.59 18.04 7.81
CA GLY D 227 2.54 16.95 7.84
C GLY D 227 3.89 17.28 7.24
N TRP D 228 4.65 18.15 7.91
CA TRP D 228 6.00 18.48 7.47
C TRP D 228 6.93 17.30 7.76
N GLU D 229 7.71 16.91 6.76
CA GLU D 229 8.62 15.76 6.87
C GLU D 229 10.06 16.27 6.85
N LEU D 230 10.58 16.58 8.04
CA LEU D 230 11.97 16.99 8.17
C LEU D 230 12.89 15.79 8.00
N GLU D 231 13.65 15.74 6.91
CA GLU D 231 14.49 14.59 6.64
C GLU D 231 15.73 14.57 7.54
N GLU D 232 16.57 15.60 7.43
CA GLU D 232 17.80 15.66 8.22
C GLU D 232 18.31 17.10 8.23
N VAL D 233 18.99 17.45 9.32
CA VAL D 233 19.59 18.77 9.48
C VAL D 233 21.10 18.61 9.48
N LEU D 234 21.77 19.33 8.58
CA LEU D 234 23.22 19.23 8.42
C LEU D 234 23.91 20.44 9.02
N LEU D 235 25.08 20.20 9.63
CA LEU D 235 25.94 21.25 10.17
C LEU D 235 27.33 21.04 9.61
N LEU D 236 27.60 21.65 8.46
CA LEU D 236 28.86 21.44 7.77
C LEU D 236 29.93 22.39 8.30
N ASP D 237 31.19 21.96 8.20
CA ASP D 237 32.34 22.75 8.60
C ASP D 237 33.34 22.79 7.45
N MET D 238 33.88 23.98 7.18
CA MET D 238 34.83 24.18 6.09
C MET D 238 36.23 23.96 6.63
N SER D 239 36.57 22.69 6.87
CA SER D 239 37.87 22.32 7.43
C SER D 239 38.71 21.52 6.45
N LEU D 240 38.19 20.42 5.91
CA LEU D 240 38.96 19.56 5.03
C LEU D 240 37.98 18.74 4.18
N ASP D 241 38.48 17.70 3.53
CA ASP D 241 37.64 16.85 2.68
C ASP D 241 36.62 16.04 3.48
N ASP D 242 36.72 16.03 4.81
CA ASP D 242 35.70 15.35 5.60
C ASP D 242 34.34 16.00 5.41
N GLY D 243 34.29 17.33 5.39
CA GLY D 243 33.04 18.00 5.11
C GLY D 243 32.52 17.71 3.71
N ASP D 244 33.44 17.59 2.74
CA ASP D 244 33.04 17.23 1.38
C ASP D 244 32.39 15.86 1.35
N SER D 245 33.02 14.86 1.97
CA SER D 245 32.43 13.52 2.03
C SER D 245 31.10 13.54 2.75
N LYS D 246 31.01 14.31 3.84
CA LYS D 246 29.77 14.39 4.60
C LYS D 246 28.63 14.95 3.74
N ILE D 247 28.87 16.09 3.09
CA ILE D 247 27.81 16.71 2.30
C ILE D 247 27.45 15.84 1.10
N GLN D 248 28.45 15.16 0.52
CA GLN D 248 28.17 14.27 -0.60
C GLN D 248 27.26 13.12 -0.19
N ASN D 249 27.62 12.42 0.88
CA ASN D 249 26.82 11.29 1.35
C ASN D 249 25.42 11.75 1.78
N GLN D 250 25.35 12.89 2.47
CA GLN D 250 24.07 13.37 2.95
C GLN D 250 23.15 13.79 1.82
N LEU D 251 23.66 14.52 0.82
CA LEU D 251 22.84 14.93 -0.32
C LEU D 251 22.48 13.74 -1.20
N LYS D 252 23.31 12.70 -1.23
CA LYS D 252 22.90 11.45 -1.84
C LYS D 252 21.83 10.74 -1.03
N LYS D 253 21.77 10.99 0.28
CA LYS D 253 20.77 10.38 1.13
C LYS D 253 19.54 11.26 1.36
N LEU D 254 19.61 12.54 1.00
CA LEU D 254 18.48 13.44 1.21
C LEU D 254 17.26 12.98 0.43
N GLN D 255 17.37 12.96 -0.90
CA GLN D 255 16.29 12.53 -1.80
C GLN D 255 15.02 13.34 -1.60
N SER D 256 15.15 14.59 -1.15
CA SER D 256 13.99 15.47 -0.99
C SER D 256 14.04 16.59 -2.01
N PRO D 257 12.95 16.85 -2.73
CA PRO D 257 13.01 17.85 -3.81
C PRO D 257 12.83 19.27 -3.33
N ILE D 258 13.41 19.59 -2.18
CA ILE D 258 13.48 20.95 -1.64
C ILE D 258 14.65 20.99 -0.67
N ILE D 259 15.51 21.98 -0.83
CA ILE D 259 16.71 22.11 0.00
C ILE D 259 16.88 23.56 0.44
N LEU D 260 17.21 23.72 1.72
CA LEU D 260 17.47 25.03 2.30
C LEU D 260 18.90 25.10 2.83
N LEU D 261 19.47 26.30 2.79
CA LEU D 261 20.84 26.49 3.26
C LEU D 261 20.96 27.91 3.82
N TYR D 262 22.05 28.14 4.56
CA TYR D 262 22.28 29.43 5.20
C TYR D 262 23.78 29.59 5.41
N CYS D 263 24.41 30.40 4.56
CA CYS D 263 25.84 30.70 4.66
C CYS D 263 26.10 31.98 3.88
N THR D 264 27.38 32.30 3.69
CA THR D 264 27.77 33.48 2.93
C THR D 264 27.79 33.18 1.43
N LYS D 265 28.26 34.16 0.65
CA LYS D 265 28.21 34.02 -0.80
C LYS D 265 29.23 33.00 -1.30
N GLU D 266 30.48 33.13 -0.86
CA GLU D 266 31.52 32.22 -1.34
C GLU D 266 31.28 30.79 -0.85
N GLU D 267 30.86 30.65 0.41
CA GLU D 267 30.50 29.33 0.90
C GLU D 267 29.30 28.76 0.14
N ALA D 268 28.35 29.61 -0.25
CA ALA D 268 27.22 29.15 -1.05
C ALA D 268 27.68 28.64 -2.41
N THR D 269 28.58 29.38 -3.07
CA THR D 269 29.11 28.94 -4.35
C THR D 269 29.85 27.62 -4.21
N TYR D 270 30.65 27.48 -3.15
CA TYR D 270 31.38 26.25 -2.91
C TYR D 270 30.44 25.07 -2.72
N ILE D 271 29.43 25.25 -1.85
CA ILE D 271 28.48 24.18 -1.58
C ILE D 271 27.69 23.82 -2.83
N PHE D 272 27.31 24.82 -3.63
CA PHE D 272 26.53 24.55 -4.83
C PHE D 272 27.36 23.81 -5.87
N GLU D 273 28.63 24.20 -6.06
CA GLU D 273 29.45 23.50 -7.04
C GLU D 273 29.77 22.08 -6.57
N VAL D 274 29.98 21.89 -5.27
CA VAL D 274 30.20 20.54 -4.74
C VAL D 274 28.97 19.68 -4.95
N ALA D 275 27.79 20.23 -4.67
CA ALA D 275 26.55 19.48 -4.82
C ALA D 275 26.27 19.15 -6.28
N ASN D 276 26.57 20.08 -7.19
CA ASN D 276 26.41 19.81 -8.61
C ASN D 276 27.39 18.75 -9.09
N SER D 277 28.59 18.72 -8.51
CA SER D 277 29.53 17.65 -8.81
C SER D 277 29.03 16.31 -8.30
N VAL D 278 28.34 16.33 -7.16
CA VAL D 278 27.73 15.11 -6.60
C VAL D 278 26.47 14.78 -7.40
N GLY D 279 25.92 15.79 -8.07
CA GLY D 279 24.75 15.59 -8.89
C GLY D 279 23.48 16.27 -8.41
N LEU D 280 23.57 17.48 -7.85
CA LEU D 280 22.38 18.24 -7.44
C LEU D 280 22.00 19.17 -8.58
N THR D 281 21.27 18.62 -9.54
CA THR D 281 20.85 19.36 -10.73
C THR D 281 19.56 20.13 -10.40
N GLY D 282 18.98 20.77 -11.40
CA GLY D 282 17.75 21.54 -11.24
C GLY D 282 16.49 20.79 -11.62
N TYR D 283 16.56 19.49 -11.86
CA TYR D 283 15.39 18.71 -12.25
C TYR D 283 14.47 18.49 -11.06
N GLY D 284 15.00 17.88 -9.99
CA GLY D 284 14.21 17.62 -8.81
C GLY D 284 14.57 18.49 -7.62
N TYR D 285 15.87 18.77 -7.46
CA TYR D 285 16.35 19.55 -6.32
C TYR D 285 16.09 21.03 -6.60
N THR D 286 15.10 21.60 -5.89
CA THR D 286 14.76 23.01 -6.03
C THR D 286 15.25 23.73 -4.77
N TRP D 287 16.45 24.29 -4.86
CA TRP D 287 17.09 24.89 -3.70
C TRP D 287 16.39 26.20 -3.31
N ILE D 288 16.27 26.40 -2.00
CA ILE D 288 15.75 27.64 -1.42
C ILE D 288 16.80 28.19 -0.48
N VAL D 289 16.89 29.52 -0.42
CA VAL D 289 17.92 30.17 0.39
C VAL D 289 17.51 31.60 0.71
N PRO D 290 17.77 32.09 1.92
CA PRO D 290 17.49 33.50 2.23
C PRO D 290 18.41 34.44 1.48
N SER D 291 18.28 35.73 1.81
CA SER D 291 18.98 36.79 1.09
C SER D 291 20.44 36.93 1.47
N LEU D 292 20.94 36.04 2.32
CA LEU D 292 22.33 36.14 2.76
C LEU D 292 23.33 35.78 1.66
N VAL D 293 23.01 34.79 0.84
CA VAL D 293 23.91 34.42 -0.26
C VAL D 293 23.66 35.26 -1.51
N ALA D 294 22.50 35.91 -1.61
CA ALA D 294 22.23 36.73 -2.80
C ALA D 294 23.07 38.01 -2.79
N GLY D 295 23.00 38.77 -1.70
CA GLY D 295 23.75 40.00 -1.60
C GLY D 295 23.37 40.99 -2.70
N ASP D 296 24.39 41.71 -3.17
CA ASP D 296 24.20 42.63 -4.27
C ASP D 296 23.94 41.86 -5.56
N THR D 297 22.86 42.21 -6.25
CA THR D 297 22.48 41.50 -7.47
C THR D 297 23.44 41.85 -8.61
N ASP D 298 23.16 41.28 -9.78
CA ASP D 298 23.95 41.46 -11.00
C ASP D 298 25.38 40.97 -10.86
N THR D 299 25.64 40.08 -9.91
CA THR D 299 26.96 39.49 -9.70
C THR D 299 26.81 37.99 -9.47
N VAL D 300 26.03 37.33 -10.33
CA VAL D 300 25.74 35.90 -10.16
C VAL D 300 26.89 35.06 -10.67
N PRO D 301 27.44 34.18 -9.83
CA PRO D 301 28.49 33.25 -10.31
C PRO D 301 27.91 32.14 -11.18
N SER D 302 28.77 31.22 -11.62
CA SER D 302 28.35 30.10 -12.45
C SER D 302 27.95 28.88 -11.64
N GLU D 303 28.16 28.89 -10.33
CA GLU D 303 27.84 27.72 -9.52
C GLU D 303 26.35 27.64 -9.20
N PHE D 304 25.67 28.77 -9.20
CA PHE D 304 24.25 28.78 -8.86
C PHE D 304 23.43 28.14 -9.97
N PRO D 305 22.49 27.24 -9.64
CA PRO D 305 21.65 26.65 -10.68
C PRO D 305 20.53 27.59 -11.12
N THR D 306 19.68 27.12 -12.02
CA THR D 306 18.57 27.93 -12.56
C THR D 306 17.26 27.62 -11.87
N GLY D 307 17.32 27.09 -10.65
CA GLY D 307 16.12 26.76 -9.91
C GLY D 307 16.10 27.33 -8.51
N LEU D 308 17.12 28.12 -8.17
CA LEU D 308 17.25 28.70 -6.84
C LEU D 308 16.09 29.66 -6.57
N ILE D 309 15.42 29.51 -5.45
CA ILE D 309 14.40 30.51 -5.03
C ILE D 309 14.90 31.23 -3.79
N SER D 310 15.01 32.50 -3.95
CA SER D 310 15.50 33.37 -2.89
C SER D 310 14.49 34.46 -2.58
N VAL D 311 14.51 34.96 -1.35
CA VAL D 311 13.69 36.09 -0.93
C VAL D 311 14.63 37.23 -0.55
N SER D 312 14.09 38.44 -0.56
CA SER D 312 14.89 39.63 -0.28
C SER D 312 13.94 40.80 -0.03
N TYR D 313 14.52 41.93 0.34
CA TYR D 313 13.76 43.14 0.57
C TYR D 313 13.28 43.74 -0.74
N ASP D 314 12.37 44.72 -0.64
CA ASP D 314 11.81 45.40 -1.81
C ASP D 314 12.86 46.36 -2.36
N GLU D 315 13.75 45.80 -3.19
CA GLU D 315 14.84 46.57 -3.77
C GLU D 315 14.49 47.13 -5.14
N TRP D 316 13.42 46.66 -5.77
CA TRP D 316 13.11 47.03 -7.14
C TRP D 316 12.04 48.11 -7.22
N ASP D 317 10.86 47.86 -6.65
CA ASP D 317 9.73 48.78 -6.76
C ASP D 317 9.50 49.56 -5.47
N TYR D 318 10.58 49.94 -4.80
CA TYR D 318 10.52 50.78 -3.60
C TYR D 318 11.51 51.93 -3.79
N GLY D 319 10.98 53.12 -4.05
CA GLY D 319 11.84 54.25 -4.37
C GLY D 319 12.53 54.81 -3.14
N LEU D 320 13.76 55.30 -3.32
CA LEU D 320 14.48 55.95 -2.25
C LEU D 320 13.80 57.20 -1.72
N PRO D 321 13.22 58.09 -2.54
CA PRO D 321 12.41 59.18 -1.97
C PRO D 321 11.26 58.68 -1.14
N ALA D 322 10.58 57.60 -1.57
CA ALA D 322 9.52 57.02 -0.75
C ALA D 322 10.07 56.53 0.57
N ARG D 323 11.25 55.91 0.56
CA ARG D 323 11.84 55.40 1.79
C ARG D 323 12.16 56.55 2.75
N VAL D 324 12.77 57.62 2.23
CA VAL D 324 13.18 58.71 3.12
C VAL D 324 11.96 59.47 3.62
N ARG D 325 10.90 59.58 2.81
CA ARG D 325 9.70 60.25 3.29
C ARG D 325 8.97 59.41 4.33
N ASP D 326 8.97 58.08 4.16
CA ASP D 326 8.39 57.22 5.19
C ASP D 326 9.19 57.32 6.48
N GLY D 327 10.52 57.37 6.38
CA GLY D 327 11.34 57.51 7.57
C GLY D 327 11.10 58.82 8.30
N ILE D 328 11.06 59.93 7.56
CA ILE D 328 10.84 61.22 8.21
C ILE D 328 9.43 61.31 8.76
N ALA D 329 8.45 60.70 8.11
CA ALA D 329 7.09 60.67 8.64
C ALA D 329 7.04 59.86 9.93
N ILE D 330 7.73 58.73 9.98
CA ILE D 330 7.81 57.93 11.20
C ILE D 330 8.42 58.75 12.33
N ILE D 331 9.54 59.43 12.04
CA ILE D 331 10.22 60.22 13.06
C ILE D 331 9.31 61.31 13.58
N THR D 332 8.68 62.06 12.66
CA THR D 332 7.84 63.18 13.07
C THR D 332 6.63 62.71 13.86
N THR D 333 6.00 61.62 13.43
CA THR D 333 4.82 61.12 14.13
C THR D 333 5.18 60.61 15.52
N ALA D 334 6.30 59.90 15.64
CA ALA D 334 6.72 59.41 16.95
C ALA D 334 7.06 60.56 17.89
N ALA D 335 7.79 61.55 17.39
CA ALA D 335 8.12 62.71 18.22
C ALA D 335 6.87 63.47 18.63
N SER D 336 5.91 63.61 17.71
CA SER D 336 4.65 64.28 18.02
C SER D 336 3.90 63.55 19.11
N ASP D 337 3.76 62.22 18.97
CA ASP D 337 3.05 61.44 19.98
C ASP D 337 3.73 61.54 21.34
N MET D 338 5.06 61.42 21.36
CA MET D 338 5.78 61.46 22.63
C MET D 338 5.70 62.83 23.28
N LEU D 339 5.82 63.91 22.52
CA LEU D 339 5.74 65.25 23.09
C LEU D 339 4.32 65.64 23.46
N SER D 340 3.32 65.02 22.84
CA SER D 340 1.94 65.29 23.22
C SER D 340 1.53 64.51 24.47
N GLU D 341 2.08 63.31 24.64
CA GLU D 341 1.76 62.50 25.81
C GLU D 341 2.68 62.77 26.99
N HIS D 342 3.80 63.47 26.78
CA HIS D 342 4.73 63.78 27.85
C HIS D 342 4.86 65.27 28.15
N SER D 343 4.61 66.13 27.16
CA SER D 343 4.67 67.59 27.32
C SER D 343 6.05 68.05 27.78
N PHE D 344 7.09 67.33 27.37
CA PHE D 344 8.46 67.70 27.71
C PHE D 344 9.41 66.96 26.77
N ILE D 345 10.32 67.69 26.16
CA ILE D 345 11.28 67.12 25.21
C ILE D 345 12.67 67.15 25.84
N PRO D 346 13.43 66.05 25.77
CA PRO D 346 14.78 66.06 26.35
C PRO D 346 15.70 67.01 25.61
N GLU D 347 16.81 67.36 26.28
CA GLU D 347 17.77 68.29 25.72
C GLU D 347 18.78 67.54 24.85
N PRO D 348 18.95 67.94 23.58
CA PRO D 348 19.93 67.28 22.72
C PRO D 348 21.35 67.72 23.04
N LYS D 349 21.97 67.10 24.04
CA LYS D 349 23.31 67.47 24.46
C LYS D 349 24.31 67.21 23.35
N SER D 350 24.83 68.27 22.73
CA SER D 350 25.66 68.15 21.53
C SER D 350 27.15 68.20 21.87
N SER D 351 27.55 67.34 22.80
CA SER D 351 28.96 67.28 23.19
C SER D 351 29.77 66.42 22.23
N CYS D 352 29.44 65.12 22.16
CA CYS D 352 30.16 64.08 21.42
C CYS D 352 31.67 64.18 21.61
N TYR D 353 32.09 64.75 22.74
CA TYR D 353 33.51 64.80 23.09
C TYR D 353 33.76 64.60 24.58
N ASN D 354 32.73 64.34 25.39
CA ASN D 354 32.86 64.22 26.85
C ASN D 354 31.68 63.41 27.36
N THR D 355 31.98 62.38 28.16
CA THR D 355 30.93 61.52 28.70
C THR D 355 30.13 62.20 29.80
N HIS D 356 30.52 63.41 30.22
CA HIS D 356 29.78 64.11 31.27
C HIS D 356 28.39 64.51 30.81
N GLU D 357 28.20 64.74 29.51
CA GLU D 357 26.90 65.11 28.98
C GLU D 357 25.92 63.95 28.94
N LYS D 358 26.37 62.72 29.21
CA LYS D 358 25.50 61.56 29.19
C LYS D 358 24.56 61.49 30.39
N ARG D 359 24.63 62.45 31.31
CA ARG D 359 23.75 62.47 32.47
C ARG D 359 22.30 62.79 32.13
N ILE D 360 22.02 63.18 30.87
CA ILE D 360 20.65 63.48 30.48
C ILE D 360 19.79 62.25 30.29
N TYR D 361 20.36 61.05 30.44
CA TYR D 361 19.60 59.82 30.30
C TYR D 361 18.78 59.54 31.54
N GLN D 362 17.78 60.38 31.81
CA GLN D 362 16.92 60.22 32.96
C GLN D 362 15.43 60.28 32.64
N SER D 363 15.03 60.81 31.49
CA SER D 363 13.63 60.88 31.13
C SER D 363 13.16 59.56 30.53
N ASN D 364 11.88 59.53 30.14
CA ASN D 364 11.31 58.32 29.55
C ASN D 364 11.92 58.07 28.18
N MET D 365 12.04 56.78 27.83
CA MET D 365 12.64 56.39 26.56
C MET D 365 11.74 56.78 25.39
N LEU D 366 12.29 57.54 24.44
CA LEU D 366 11.54 57.89 23.24
C LEU D 366 11.24 56.66 22.40
N ASN D 367 12.07 55.63 22.50
CA ASN D 367 11.89 54.44 21.67
C ASN D 367 10.60 53.69 22.02
N ARG D 368 10.16 53.79 23.28
CA ARG D 368 8.95 53.09 23.70
C ARG D 368 7.74 53.53 22.89
N TYR D 369 7.70 54.80 22.47
CA TYR D 369 6.67 55.28 21.57
C TYR D 369 7.10 55.32 20.11
N LEU D 370 8.41 55.30 19.86
CA LEU D 370 8.90 55.26 18.48
C LEU D 370 8.60 53.91 17.83
N ILE D 371 8.57 52.84 18.62
CA ILE D 371 8.35 51.50 18.09
C ILE D 371 6.86 51.26 17.88
N ASN D 372 6.04 52.27 18.17
CA ASN D 372 4.59 52.15 18.02
C ASN D 372 4.05 53.28 17.15
N VAL D 373 4.64 53.46 15.97
CA VAL D 373 4.28 54.55 15.07
C VAL D 373 3.54 53.98 13.87
N THR D 374 2.52 54.70 13.41
CA THR D 374 1.79 54.37 12.20
C THR D 374 1.39 55.65 11.50
N PHE D 375 1.39 55.61 10.16
CA PHE D 375 1.11 56.78 9.36
C PHE D 375 0.75 56.36 7.95
N GLU D 376 -0.01 57.22 7.26
CA GLU D 376 -0.39 57.01 5.86
C GLU D 376 -1.18 55.72 5.68
N GLY D 377 -1.98 55.37 6.67
CA GLY D 377 -2.82 54.18 6.58
C GLY D 377 -2.07 52.88 6.42
N ARG D 378 -0.83 52.81 6.92
CA ARG D 378 -0.01 51.61 6.83
C ARG D 378 0.65 51.34 8.17
N ASP D 379 0.60 50.08 8.59
CA ASP D 379 1.20 49.68 9.86
C ASP D 379 2.72 49.70 9.74
N LEU D 380 3.36 50.47 10.62
CA LEU D 380 4.81 50.64 10.63
C LEU D 380 5.37 50.43 12.04
N SER D 381 4.93 49.35 12.68
CA SER D 381 5.42 49.00 14.00
C SER D 381 6.81 48.36 13.90
N PHE D 382 7.51 48.35 15.03
CA PHE D 382 8.85 47.79 15.09
C PHE D 382 9.02 47.03 16.40
N SER D 383 10.01 46.14 16.41
CA SER D 383 10.33 45.34 17.58
C SER D 383 11.45 45.99 18.38
N GLU D 384 11.76 45.37 19.52
CA GLU D 384 12.83 45.88 20.38
C GLU D 384 14.21 45.63 19.81
N ASP D 385 14.36 44.68 18.88
CA ASP D 385 15.67 44.40 18.31
C ASP D 385 16.05 45.42 17.25
N GLY D 386 15.09 45.89 16.47
CA GLY D 386 15.37 46.90 15.47
C GLY D 386 15.03 46.48 14.04
N TYR D 387 14.08 45.57 13.90
CA TYR D 387 13.62 45.13 12.59
C TYR D 387 12.13 45.40 12.42
N GLN D 388 11.69 45.44 11.17
CA GLN D 388 10.29 45.72 10.87
C GLN D 388 9.41 44.53 11.27
N MET D 389 8.22 44.84 11.78
CA MET D 389 7.20 43.83 11.99
C MET D 389 6.47 43.46 10.70
N HIS D 390 6.56 44.30 9.68
CA HIS D 390 5.99 44.01 8.36
C HIS D 390 7.03 44.44 7.32
N PRO D 391 7.92 43.54 6.92
CA PRO D 391 9.06 43.95 6.08
C PRO D 391 8.69 44.16 4.61
N LYS D 392 7.49 43.73 4.21
CA LYS D 392 7.04 43.83 2.83
C LYS D 392 8.02 43.11 1.89
N LEU D 393 8.13 41.80 2.09
CA LEU D 393 9.08 41.00 1.35
C LEU D 393 8.59 40.74 -0.08
N VAL D 394 9.53 40.39 -0.95
CA VAL D 394 9.26 40.06 -2.34
C VAL D 394 10.06 38.82 -2.71
N ILE D 395 9.46 37.93 -3.47
CA ILE D 395 10.10 36.69 -3.89
C ILE D 395 10.86 36.93 -5.18
N ILE D 396 12.06 36.35 -5.29
CA ILE D 396 12.89 36.50 -6.48
C ILE D 396 13.30 35.11 -6.96
N LEU D 397 13.49 34.99 -8.27
CA LEU D 397 13.92 33.74 -8.89
C LEU D 397 14.72 34.06 -10.13
N LEU D 398 15.78 33.28 -10.35
CA LEU D 398 16.67 33.47 -11.49
C LEU D 398 16.34 32.44 -12.56
N ASN D 399 16.28 32.89 -13.81
CA ASN D 399 15.97 32.03 -14.93
C ASN D 399 17.26 31.55 -15.60
N LYS D 400 17.11 30.91 -16.76
CA LYS D 400 18.26 30.39 -17.50
C LYS D 400 19.05 31.52 -18.15
N GLU D 401 18.53 32.74 -18.07
CA GLU D 401 19.21 33.92 -18.61
C GLU D 401 20.11 34.60 -17.58
N ARG D 402 20.32 33.97 -16.42
CA ARG D 402 21.17 34.49 -15.35
C ARG D 402 20.74 35.89 -14.94
N LYS D 403 19.43 36.03 -14.70
CA LYS D 403 18.85 37.31 -14.29
C LYS D 403 17.81 37.06 -13.21
N TRP D 404 17.79 37.95 -12.22
CA TRP D 404 16.90 37.84 -11.06
C TRP D 404 15.71 38.76 -11.28
N GLU D 405 14.53 38.17 -11.48
CA GLU D 405 13.29 38.91 -11.64
C GLU D 405 12.33 38.57 -10.52
N ARG D 406 11.41 39.50 -10.25
CA ARG D 406 10.43 39.30 -9.19
C ARG D 406 9.37 38.29 -9.62
N VAL D 407 8.87 37.54 -8.64
CA VAL D 407 7.85 36.53 -8.89
C VAL D 407 6.62 36.81 -8.04
N GLY D 408 6.81 36.91 -6.73
CA GLY D 408 5.69 37.14 -5.84
C GLY D 408 5.93 38.23 -4.81
N LYS D 409 4.93 38.50 -3.99
CA LYS D 409 5.01 39.54 -2.96
C LYS D 409 4.40 39.01 -1.68
N TRP D 410 5.03 39.35 -0.55
CA TRP D 410 4.57 38.94 0.77
C TRP D 410 4.48 40.18 1.66
N LYS D 411 3.28 40.46 2.16
CA LYS D 411 3.06 41.63 3.00
C LYS D 411 1.86 41.38 3.91
N ASP D 412 2.03 41.68 5.20
CA ASP D 412 0.97 41.55 6.21
C ASP D 412 0.43 40.11 6.25
N LYS D 413 1.36 39.16 6.27
CA LYS D 413 1.03 37.74 6.35
C LYS D 413 0.10 37.31 5.22
N SER D 414 0.28 37.89 4.04
CA SER D 414 -0.54 37.57 2.86
C SER D 414 0.37 37.43 1.66
N LEU D 415 0.29 36.29 0.98
CA LEU D 415 1.14 35.99 -0.16
C LEU D 415 0.34 36.19 -1.44
N GLN D 416 0.65 37.24 -2.19
CA GLN D 416 0.00 37.52 -3.47
C GLN D 416 0.84 37.07 -4.65
N MET D 417 1.56 35.96 -4.51
CA MET D 417 2.45 35.49 -5.57
C MET D 417 1.66 35.11 -6.81
N LYS D 418 2.04 35.66 -7.96
CA LYS D 418 1.48 35.26 -9.24
C LYS D 418 2.15 33.99 -9.75
N TYR D 419 2.01 33.70 -11.04
CA TYR D 419 2.59 32.50 -11.65
C TYR D 419 2.07 31.25 -10.93
N TYR D 420 0.76 31.05 -11.08
CA TYR D 420 -0.02 30.14 -10.24
C TYR D 420 0.68 28.82 -9.97
N VAL D 421 1.04 28.07 -11.01
CA VAL D 421 1.60 26.74 -10.86
C VAL D 421 3.00 26.76 -11.44
N TRP D 422 3.97 27.18 -10.61
CA TRP D 422 5.41 26.96 -10.71
C TRP D 422 5.94 26.89 -12.14
N PRO D 423 6.18 28.08 -12.72
CA PRO D 423 6.90 28.18 -13.95
C PRO D 423 7.86 27.01 -13.71
N ARG D 424 7.40 25.80 -14.05
CA ARG D 424 8.13 24.53 -13.78
C ARG D 424 9.54 24.57 -14.36
N MET D 425 10.49 24.04 -13.61
CA MET D 425 11.92 23.97 -13.96
C MET D 425 12.12 23.58 -15.43
N ASP D 434 10.76 14.83 -20.12
CA ASP D 434 9.57 15.39 -20.74
C ASP D 434 8.30 14.71 -20.22
N ASP D 435 8.18 14.61 -18.90
CA ASP D 435 7.03 13.99 -18.25
C ASP D 435 6.38 15.03 -17.32
N HIS D 436 5.48 15.84 -17.91
CA HIS D 436 4.72 16.81 -17.14
C HIS D 436 3.40 17.03 -17.89
N LEU D 437 2.35 16.34 -17.47
CA LEU D 437 1.10 16.27 -18.21
C LEU D 437 -0.03 16.88 -17.40
N SER D 438 -0.80 17.77 -18.04
CA SER D 438 -2.01 18.30 -17.43
C SER D 438 -3.17 17.33 -17.65
N ILE D 439 -4.21 17.49 -16.83
CA ILE D 439 -5.33 16.55 -16.83
C ILE D 439 -6.64 17.29 -16.56
N VAL D 440 -7.64 17.06 -17.42
CA VAL D 440 -8.96 17.67 -17.28
C VAL D 440 -9.91 16.71 -16.57
N THR D 441 -10.71 17.23 -15.64
CA THR D 441 -11.64 16.41 -14.87
C THR D 441 -12.92 17.22 -14.67
N LEU D 442 -13.96 16.59 -14.13
CA LEU D 442 -15.21 17.28 -13.85
C LEU D 442 -16.04 16.52 -12.83
N GLU D 443 -16.50 17.22 -11.79
CA GLU D 443 -17.28 16.60 -10.73
C GLU D 443 -18.77 16.49 -11.05
N GLU D 444 -19.16 16.55 -12.32
CA GLU D 444 -20.55 16.42 -12.69
C GLU D 444 -21.00 14.96 -12.63
N ALA D 445 -20.08 14.06 -12.29
CA ALA D 445 -20.38 12.64 -12.18
C ALA D 445 -19.93 12.13 -10.82
N PRO D 446 -20.60 11.11 -10.26
CA PRO D 446 -20.21 10.62 -8.93
C PRO D 446 -18.98 9.73 -8.96
N PHE D 447 -17.95 10.17 -9.67
CA PHE D 447 -16.65 9.50 -9.68
C PHE D 447 -15.54 10.36 -9.08
N VAL D 448 -15.67 11.68 -9.20
CA VAL D 448 -14.75 12.61 -8.56
C VAL D 448 -15.58 13.66 -7.84
N ILE D 449 -15.13 14.05 -6.67
CA ILE D 449 -15.89 14.99 -5.84
C ILE D 449 -14.99 16.19 -5.54
N VAL D 450 -15.54 17.22 -4.92
CA VAL D 450 -14.82 18.46 -4.67
C VAL D 450 -15.12 18.92 -3.25
N GLU D 451 -14.12 18.87 -2.38
CA GLU D 451 -14.20 19.45 -1.05
C GLU D 451 -13.12 20.52 -0.95
N SER D 452 -13.52 21.72 -0.49
CA SER D 452 -12.65 22.88 -0.57
C SER D 452 -11.36 22.72 0.23
N VAL D 453 -11.39 22.72 1.55
CA VAL D 453 -10.06 22.32 2.12
C VAL D 453 -10.27 22.15 3.61
N ASP D 454 -9.56 21.20 4.21
CA ASP D 454 -9.77 20.83 5.63
C ASP D 454 -9.61 22.07 6.50
N PRO D 455 -10.51 22.46 7.43
CA PRO D 455 -10.20 23.70 8.18
C PRO D 455 -9.18 23.52 9.30
N LEU D 456 -8.71 22.29 9.54
CA LEU D 456 -7.70 22.05 10.62
C LEU D 456 -6.31 22.58 10.28
N SER D 457 -5.72 22.17 9.15
CA SER D 457 -4.38 22.58 8.74
C SER D 457 -4.37 23.49 7.53
N GLY D 458 -5.54 23.88 7.02
CA GLY D 458 -5.58 24.69 5.81
C GLY D 458 -5.28 23.93 4.54
N THR D 459 -5.02 22.63 4.62
CA THR D 459 -4.77 21.77 3.48
C THR D 459 -5.78 20.62 3.49
N CYS D 460 -5.53 19.62 2.65
CA CYS D 460 -6.40 18.46 2.58
C CYS D 460 -5.63 17.24 3.09
N MET D 461 -6.39 16.19 3.43
CA MET D 461 -5.81 14.98 3.99
C MET D 461 -5.00 14.24 2.92
N ARG D 462 -4.36 13.16 3.34
CA ARG D 462 -3.52 12.34 2.46
C ARG D 462 -4.31 11.36 1.62
N ASN D 463 -5.64 11.50 1.56
CA ASN D 463 -6.48 10.63 0.75
C ASN D 463 -6.80 11.24 -0.61
N THR D 464 -7.14 12.53 -0.64
CA THR D 464 -7.45 13.22 -1.88
C THR D 464 -6.18 13.74 -2.53
N VAL D 465 -6.31 14.39 -3.68
CA VAL D 465 -5.20 15.02 -4.37
C VAL D 465 -5.60 16.45 -4.71
N PRO D 466 -4.72 17.43 -4.52
CA PRO D 466 -5.10 18.83 -4.81
C PRO D 466 -5.42 19.08 -6.28
N CYS D 467 -6.67 19.40 -6.57
CA CYS D 467 -7.12 19.75 -7.90
C CYS D 467 -7.37 21.25 -7.97
N GLN D 468 -6.74 21.92 -8.93
CA GLN D 468 -6.79 23.37 -9.04
C GLN D 468 -8.02 23.77 -9.85
N LYS D 469 -9.01 24.32 -9.16
CA LYS D 469 -10.32 24.63 -9.76
C LYS D 469 -10.14 25.91 -10.53
N ARG D 470 -9.43 25.80 -11.62
CA ARG D 470 -9.03 26.97 -12.42
C ARG D 470 -10.12 27.41 -13.40
N ILE D 471 -11.30 27.76 -12.88
CA ILE D 471 -12.51 28.12 -13.68
C ILE D 471 -12.59 29.64 -13.91
N ILE D 472 -12.75 30.07 -15.17
CA ILE D 472 -12.96 31.49 -15.48
C ILE D 472 -14.32 31.89 -14.94
N SER D 473 -14.33 32.74 -13.91
CA SER D 473 -15.57 33.01 -13.18
C SER D 473 -16.44 34.04 -13.89
N GLU D 474 -15.95 35.28 -14.00
CA GLU D 474 -16.80 36.37 -14.48
C GLU D 474 -16.76 36.52 -16.00
N ASN D 475 -15.58 36.77 -16.55
CA ASN D 475 -15.44 37.05 -17.97
C ASN D 475 -13.95 37.00 -18.32
N LYS D 476 -13.63 37.37 -19.56
CA LYS D 476 -12.26 37.45 -20.03
C LYS D 476 -11.67 38.85 -19.84
N THR D 477 -12.19 39.63 -18.90
CA THR D 477 -11.66 40.97 -18.66
C THR D 477 -10.24 40.91 -18.14
N ASP D 478 -9.91 39.91 -17.32
CA ASP D 478 -8.57 39.73 -16.79
C ASP D 478 -8.18 38.26 -16.92
N GLU D 479 -6.89 37.99 -16.70
CA GLU D 479 -6.36 36.64 -16.78
C GLU D 479 -6.51 35.87 -15.48
N GLU D 480 -7.34 36.34 -14.56
CA GLU D 480 -7.56 35.67 -13.29
C GLU D 480 -8.36 34.39 -13.50
N PRO D 481 -7.80 33.21 -13.23
CA PRO D 481 -8.54 31.97 -13.45
C PRO D 481 -9.40 31.57 -12.27
N GLY D 482 -9.58 32.48 -11.32
CA GLY D 482 -10.31 32.17 -10.09
C GLY D 482 -9.62 31.07 -9.31
N TYR D 483 -8.32 31.23 -9.08
CA TYR D 483 -7.50 30.18 -8.48
C TYR D 483 -7.86 29.94 -7.02
N ILE D 484 -8.54 28.83 -6.76
CA ILE D 484 -8.85 28.37 -5.41
C ILE D 484 -8.48 26.89 -5.35
N LYS D 485 -7.41 26.56 -4.64
CA LYS D 485 -6.86 25.20 -4.65
C LYS D 485 -7.79 24.28 -3.87
N LYS D 486 -8.60 23.51 -4.59
CA LYS D 486 -9.44 22.48 -3.97
C LYS D 486 -8.70 21.16 -3.99
N CYS D 487 -9.38 20.07 -3.64
CA CYS D 487 -8.75 18.74 -3.66
C CYS D 487 -9.82 17.71 -4.01
N CYS D 488 -9.63 17.03 -5.13
CA CYS D 488 -10.60 16.08 -5.65
C CYS D 488 -10.27 14.67 -5.20
N LYS D 489 -11.31 13.84 -5.05
CA LYS D 489 -11.15 12.45 -4.64
C LYS D 489 -12.29 11.64 -5.21
N GLY D 490 -12.14 10.31 -5.14
CA GLY D 490 -13.18 9.41 -5.62
C GLY D 490 -12.65 8.17 -6.29
N PHE D 491 -13.24 7.79 -7.43
CA PHE D 491 -12.84 6.59 -8.16
C PHE D 491 -11.83 6.92 -9.26
N CYS D 492 -12.18 7.87 -10.14
CA CYS D 492 -11.24 8.27 -11.17
C CYS D 492 -9.99 8.89 -10.59
N ILE D 493 -10.11 9.61 -9.45
CA ILE D 493 -8.94 10.16 -8.79
C ILE D 493 -8.02 9.04 -8.29
N ASP D 494 -8.60 7.98 -7.72
CA ASP D 494 -7.77 6.86 -7.25
C ASP D 494 -7.13 6.13 -8.42
N ILE D 495 -7.87 5.95 -9.52
CA ILE D 495 -7.30 5.34 -10.72
C ILE D 495 -6.12 6.16 -11.22
N LEU D 496 -6.29 7.48 -11.26
CA LEU D 496 -5.23 8.36 -11.75
C LEU D 496 -4.01 8.32 -10.83
N LYS D 497 -4.23 8.30 -9.52
CA LYS D 497 -3.12 8.22 -8.58
C LYS D 497 -2.40 6.88 -8.63
N LYS D 498 -3.12 5.79 -8.93
CA LYS D 498 -2.45 4.51 -9.10
C LYS D 498 -1.68 4.45 -10.42
N ILE D 499 -2.24 5.06 -11.44
CA ILE D 499 -1.56 5.06 -12.75
C ILE D 499 -0.24 5.83 -12.64
N SER D 500 -0.17 6.99 -11.99
CA SER D 500 1.09 7.76 -11.96
C SER D 500 2.18 7.01 -11.19
N LYS D 501 1.87 6.36 -10.09
CA LYS D 501 2.95 5.58 -9.43
C LYS D 501 3.36 4.41 -10.32
N SER D 502 2.43 3.74 -11.00
CA SER D 502 2.80 2.59 -11.87
C SER D 502 3.43 3.11 -13.15
N VAL D 503 3.18 4.37 -13.44
CA VAL D 503 3.89 5.09 -14.49
C VAL D 503 4.47 6.36 -13.90
N LYS D 504 5.75 6.60 -14.17
CA LYS D 504 6.49 7.71 -13.57
C LYS D 504 6.15 9.00 -14.31
N PHE D 505 5.25 9.80 -13.73
CA PHE D 505 4.93 11.12 -14.26
C PHE D 505 4.23 11.91 -13.17
N THR D 506 4.09 13.21 -13.41
CA THR D 506 3.39 14.10 -12.50
C THR D 506 2.21 14.72 -13.24
N TYR D 507 1.35 15.41 -12.49
CA TYR D 507 0.14 15.98 -13.07
C TYR D 507 -0.28 17.19 -12.26
N ASP D 508 -1.15 18.00 -12.86
CA ASP D 508 -1.76 19.15 -12.21
C ASP D 508 -3.15 19.39 -12.80
N LEU D 509 -4.19 19.20 -11.98
CA LEU D 509 -5.55 19.14 -12.50
C LEU D 509 -6.09 20.52 -12.89
N TYR D 510 -5.96 20.86 -14.17
CA TYR D 510 -6.68 21.99 -14.74
C TYR D 510 -8.12 21.54 -14.98
N LEU D 511 -9.04 21.95 -14.10
CA LEU D 511 -10.32 21.29 -13.97
C LEU D 511 -11.18 21.34 -15.24
N VAL D 512 -11.67 22.52 -15.61
CA VAL D 512 -12.60 22.64 -16.73
C VAL D 512 -12.78 24.11 -17.05
N THR D 513 -13.13 24.40 -18.31
CA THR D 513 -13.50 25.74 -18.76
C THR D 513 -14.48 25.64 -19.92
N ASN D 514 -15.71 26.09 -19.68
CA ASN D 514 -16.74 26.20 -20.72
C ASN D 514 -17.01 24.86 -21.40
N GLY D 515 -17.52 23.91 -20.64
CA GLY D 515 -17.89 22.62 -21.20
C GLY D 515 -18.09 21.59 -20.11
N LYS D 516 -18.76 20.51 -20.50
CA LYS D 516 -19.05 19.39 -19.62
C LYS D 516 -18.36 18.11 -20.07
N HIS D 517 -18.63 17.66 -21.29
CA HIS D 517 -18.00 16.45 -21.83
C HIS D 517 -17.47 16.70 -23.23
N GLY D 518 -18.12 17.59 -23.98
CA GLY D 518 -17.68 17.93 -25.32
C GLY D 518 -18.62 17.50 -26.41
N LYS D 519 -19.35 18.45 -26.98
CA LYS D 519 -20.25 18.21 -28.10
C LYS D 519 -19.79 19.04 -29.28
N LYS D 520 -19.67 18.41 -30.44
CA LYS D 520 -19.17 19.09 -31.63
C LYS D 520 -20.17 20.16 -32.07
N ILE D 521 -19.75 21.42 -32.00
CA ILE D 521 -20.58 22.56 -32.37
C ILE D 521 -19.85 23.38 -33.40
N ASN D 522 -20.42 23.48 -34.60
CA ASN D 522 -19.84 24.23 -35.72
C ASN D 522 -18.43 23.74 -36.05
N GLY D 523 -18.22 22.42 -35.99
CA GLY D 523 -16.92 21.87 -36.29
C GLY D 523 -15.86 22.18 -35.26
N THR D 524 -16.25 22.54 -34.04
CA THR D 524 -15.32 22.86 -32.97
C THR D 524 -15.69 22.06 -31.73
N TRP D 525 -14.68 21.44 -31.11
CA TRP D 525 -14.91 20.65 -29.90
C TRP D 525 -14.70 21.52 -28.66
N ASN D 526 -15.47 21.25 -27.62
CA ASN D 526 -15.36 21.93 -26.33
C ASN D 526 -15.18 20.88 -25.23
N GLY D 527 -15.21 21.35 -23.98
CA GLY D 527 -15.11 20.46 -22.85
C GLY D 527 -13.77 19.75 -22.79
N MET D 528 -13.80 18.51 -22.30
CA MET D 528 -12.58 17.71 -22.22
C MET D 528 -11.98 17.46 -23.60
N ILE D 529 -12.83 17.10 -24.56
CA ILE D 529 -12.36 16.85 -25.92
C ILE D 529 -11.81 18.13 -26.54
N GLY D 530 -12.44 19.27 -26.25
CA GLY D 530 -11.95 20.53 -26.77
C GLY D 530 -10.61 20.93 -26.17
N GLU D 531 -10.41 20.64 -24.88
CA GLU D 531 -9.14 20.95 -24.25
C GLU D 531 -8.04 20.01 -24.73
N VAL D 532 -8.39 18.76 -25.04
CA VAL D 532 -7.38 17.81 -25.49
C VAL D 532 -7.01 18.08 -26.94
N VAL D 533 -7.98 18.39 -27.81
CA VAL D 533 -7.70 18.57 -29.23
C VAL D 533 -6.91 19.84 -29.51
N MET D 534 -6.96 20.84 -28.63
CA MET D 534 -6.23 22.08 -28.81
C MET D 534 -4.80 22.03 -28.28
N LYS D 535 -4.26 20.83 -28.03
CA LYS D 535 -2.92 20.64 -27.50
C LYS D 535 -2.71 21.40 -26.19
N ARG D 536 -3.77 21.57 -25.39
CA ARG D 536 -3.69 22.30 -24.14
C ARG D 536 -3.81 21.39 -22.92
N ALA D 537 -4.27 20.16 -23.09
CA ALA D 537 -4.45 19.26 -21.97
C ALA D 537 -3.60 18.00 -22.07
N TYR D 538 -3.48 17.41 -23.27
CA TYR D 538 -2.67 16.23 -23.53
C TYR D 538 -3.23 14.98 -22.85
N MET D 539 -4.30 15.12 -22.07
CA MET D 539 -4.91 14.00 -21.36
C MET D 539 -6.24 14.43 -20.74
N ALA D 540 -7.14 13.47 -20.53
CA ALA D 540 -8.43 13.75 -19.92
C ALA D 540 -8.91 12.50 -19.19
N VAL D 541 -9.65 12.72 -18.09
CA VAL D 541 -10.10 11.64 -17.24
C VAL D 541 -11.51 11.94 -16.75
N GLY D 542 -12.17 10.96 -16.15
CA GLY D 542 -13.53 11.11 -15.68
C GLY D 542 -14.49 10.19 -16.43
N SER D 543 -15.57 10.78 -16.93
CA SER D 543 -16.61 10.05 -17.67
C SER D 543 -16.52 10.47 -19.13
N LEU D 544 -15.97 9.67 -20.01
CA LEU D 544 -15.96 10.14 -21.38
C LEU D 544 -16.98 9.42 -22.27
N THR D 545 -17.37 8.24 -21.88
CA THR D 545 -18.37 7.50 -22.66
C THR D 545 -17.92 7.30 -24.10
N ILE D 546 -16.79 6.61 -24.27
CA ILE D 546 -16.09 6.46 -25.55
C ILE D 546 -17.05 6.05 -26.67
N ASN D 547 -16.92 6.69 -27.82
CA ASN D 547 -17.73 6.41 -28.99
C ASN D 547 -16.88 6.68 -30.23
N GLU D 548 -17.52 6.76 -31.40
CA GLU D 548 -16.77 6.94 -32.64
C GLU D 548 -16.37 8.39 -32.86
N GLU D 549 -17.26 9.34 -32.56
CA GLU D 549 -16.96 10.74 -32.82
C GLU D 549 -15.79 11.23 -31.99
N ARG D 550 -15.68 10.78 -30.74
CA ARG D 550 -14.57 11.19 -29.90
C ARG D 550 -13.29 10.46 -30.30
N SER D 551 -13.41 9.20 -30.74
CA SER D 551 -12.26 8.42 -31.15
C SER D 551 -11.74 8.89 -32.51
N GLU D 552 -12.53 9.70 -33.21
CA GLU D 552 -12.11 10.20 -34.51
C GLU D 552 -10.87 11.07 -34.41
N VAL D 553 -10.84 11.98 -33.43
CA VAL D 553 -9.75 12.93 -33.29
C VAL D 553 -8.98 12.77 -31.99
N VAL D 554 -9.52 12.03 -31.02
CA VAL D 554 -8.88 11.85 -29.72
C VAL D 554 -8.70 10.35 -29.47
N ASP D 555 -7.48 9.96 -29.12
CA ASP D 555 -7.16 8.57 -28.83
C ASP D 555 -7.82 8.15 -27.53
N PHE D 556 -7.87 6.84 -27.27
CA PHE D 556 -8.49 6.32 -26.06
C PHE D 556 -7.74 5.07 -25.60
N SER D 557 -7.75 4.85 -24.29
CA SER D 557 -7.14 3.67 -23.69
C SER D 557 -8.20 2.57 -23.58
N VAL D 558 -7.89 1.50 -22.86
CA VAL D 558 -8.82 0.39 -22.70
C VAL D 558 -9.88 0.77 -21.67
N PRO D 559 -11.13 0.36 -21.86
CA PRO D 559 -12.18 0.73 -20.90
C PRO D 559 -11.99 0.01 -19.57
N PHE D 560 -12.02 0.78 -18.48
CA PHE D 560 -11.87 0.24 -17.14
C PHE D 560 -13.21 -0.01 -16.44
N ILE D 561 -14.32 0.38 -17.07
CA ILE D 561 -15.64 0.17 -16.49
C ILE D 561 -16.65 0.20 -17.63
N GLU D 562 -17.73 -0.57 -17.49
CA GLU D 562 -18.75 -0.68 -18.50
C GLU D 562 -19.87 0.33 -18.25
N THR D 563 -20.50 0.75 -19.35
CA THR D 563 -21.57 1.74 -19.29
C THR D 563 -22.39 1.65 -20.56
N GLY D 564 -23.70 1.45 -20.40
CA GLY D 564 -24.59 1.36 -21.54
C GLY D 564 -25.90 2.09 -21.34
N ILE D 565 -27.00 1.42 -21.66
CA ILE D 565 -28.33 2.01 -21.50
C ILE D 565 -29.19 1.07 -20.66
N SER D 566 -29.42 1.44 -19.40
CA SER D 566 -30.17 0.64 -18.45
C SER D 566 -31.45 1.37 -18.07
N VAL D 567 -32.52 0.60 -17.87
CA VAL D 567 -33.79 1.18 -17.45
C VAL D 567 -33.89 1.15 -15.92
N MET D 568 -34.60 2.12 -15.38
CA MET D 568 -34.82 2.22 -13.93
C MET D 568 -36.32 2.27 -13.66
N VAL D 569 -36.81 1.27 -12.94
CA VAL D 569 -38.23 1.20 -12.56
C VAL D 569 -38.32 0.93 -11.07
N SER D 570 -39.50 1.19 -10.52
CA SER D 570 -39.72 0.97 -9.10
C SER D 570 -39.88 -0.53 -8.82
N ARG D 571 -39.67 -0.84 -7.56
CA ARG D 571 -39.68 -2.26 -7.18
C ARG D 571 -41.11 -2.68 -6.99
N SER D 572 -41.64 -3.57 -7.86
CA SER D 572 -43.01 -4.06 -7.76
C SER D 572 -43.09 -5.02 -6.57
N ASN D 573 -44.11 -4.84 -5.74
CA ASN D 573 -44.29 -5.70 -4.58
C ASN D 573 -44.64 -7.12 -5.02
N GLY D 574 -43.99 -8.09 -4.38
CA GLY D 574 -44.20 -9.48 -4.73
C GLY D 574 -45.37 -10.12 -4.03
N THR D 575 -46.43 -10.42 -4.78
CA THR D 575 -47.61 -11.05 -4.24
C THR D 575 -47.52 -12.57 -4.39
N VAL D 576 -48.37 -13.27 -3.64
CA VAL D 576 -48.40 -14.73 -3.68
C VAL D 576 -48.95 -15.19 -5.02
N SER D 577 -48.46 -16.34 -5.49
CA SER D 577 -48.90 -16.92 -6.76
C SER D 577 -50.39 -17.26 -6.68
N PRO D 578 -51.13 -17.12 -7.80
CA PRO D 578 -52.55 -17.47 -7.76
C PRO D 578 -52.82 -18.94 -7.54
N SER D 579 -51.83 -19.81 -7.78
CA SER D 579 -51.95 -21.24 -7.52
C SER D 579 -51.02 -21.58 -6.36
N ALA D 580 -51.54 -21.43 -5.13
CA ALA D 580 -50.79 -21.71 -3.93
C ALA D 580 -51.52 -22.58 -2.92
N PHE D 581 -52.85 -22.66 -2.98
CA PHE D 581 -53.59 -23.47 -2.03
C PHE D 581 -53.47 -24.97 -2.35
N LEU D 582 -53.32 -25.18 -3.66
CA LEU D 582 -53.22 -26.55 -4.23
C LEU D 582 -51.77 -26.86 -4.55
N GLU D 583 -50.87 -26.13 -3.94
CA GLU D 583 -49.43 -26.30 -4.11
C GLU D 583 -48.78 -27.18 -3.05
N PRO D 584 -49.07 -27.01 -1.74
CA PRO D 584 -48.27 -27.71 -0.72
C PRO D 584 -48.54 -29.19 -0.61
N PHE D 585 -49.29 -29.76 -1.55
CA PHE D 585 -49.56 -31.19 -1.57
C PHE D 585 -49.66 -31.66 -3.00
N SER D 586 -48.83 -32.63 -3.36
CA SER D 586 -48.83 -33.16 -4.72
C SER D 586 -50.08 -34.01 -4.97
N ALA D 587 -50.37 -34.23 -6.26
CA ALA D 587 -51.55 -35.00 -6.64
C ALA D 587 -51.52 -36.43 -6.09
N CYS D 588 -50.32 -36.97 -5.85
CA CYS D 588 -50.22 -38.31 -5.28
C CYS D 588 -50.92 -38.39 -3.93
N VAL D 589 -50.70 -37.40 -3.07
CA VAL D 589 -51.31 -37.41 -1.75
C VAL D 589 -52.83 -37.34 -1.87
N TRP D 590 -53.35 -36.51 -2.77
CA TRP D 590 -54.79 -36.38 -2.92
C TRP D 590 -55.40 -37.68 -3.45
N VAL D 591 -54.81 -38.28 -4.47
CA VAL D 591 -55.38 -39.50 -5.03
C VAL D 591 -55.25 -40.66 -4.04
N MET D 592 -54.20 -40.71 -3.25
CA MET D 592 -54.23 -41.80 -2.26
C MET D 592 -55.31 -41.50 -1.22
N MET D 593 -55.33 -40.29 -0.70
CA MET D 593 -56.37 -40.04 0.29
C MET D 593 -57.73 -40.44 -0.24
N PHE D 594 -57.97 -40.19 -1.54
CA PHE D 594 -59.26 -40.56 -2.12
C PHE D 594 -59.43 -42.07 -2.19
N VAL D 595 -58.39 -42.80 -2.58
CA VAL D 595 -58.52 -44.25 -2.68
C VAL D 595 -58.61 -44.87 -1.28
N MET D 596 -57.96 -44.25 -0.28
CA MET D 596 -58.13 -44.73 1.09
C MET D 596 -59.55 -44.49 1.58
N LEU D 597 -60.12 -43.32 1.25
CA LEU D 597 -61.52 -43.07 1.55
C LEU D 597 -62.41 -44.13 0.92
N LEU D 598 -62.13 -44.49 -0.33
CA LEU D 598 -62.95 -45.49 -1.02
C LEU D 598 -62.84 -46.86 -0.35
N ILE D 599 -61.62 -47.27 0.02
CA ILE D 599 -61.47 -48.59 0.61
C ILE D 599 -62.03 -48.60 2.04
N VAL D 600 -62.01 -47.47 2.74
CA VAL D 600 -62.64 -47.42 4.05
C VAL D 600 -64.15 -47.47 3.93
N SER D 601 -64.70 -46.88 2.87
CA SER D 601 -66.12 -47.05 2.60
C SER D 601 -66.45 -48.50 2.27
N ALA D 602 -65.55 -49.19 1.57
CA ALA D 602 -65.75 -50.62 1.32
C ALA D 602 -65.73 -51.40 2.63
N VAL D 603 -64.81 -51.08 3.53
CA VAL D 603 -64.78 -51.72 4.84
C VAL D 603 -66.06 -51.42 5.61
N ALA D 604 -66.59 -50.20 5.47
CA ALA D 604 -67.82 -49.86 6.17
C ALA D 604 -69.02 -50.61 5.61
N VAL D 605 -69.05 -50.86 4.30
CA VAL D 605 -70.15 -51.64 3.74
C VAL D 605 -69.96 -53.12 4.08
N PHE D 606 -68.72 -53.55 4.33
CA PHE D 606 -68.49 -54.90 4.84
C PHE D 606 -68.95 -55.02 6.29
N VAL D 607 -68.85 -53.92 7.04
CA VAL D 607 -69.29 -53.89 8.44
C VAL D 607 -70.74 -54.33 8.59
N PHE D 608 -71.54 -54.16 7.54
CA PHE D 608 -72.96 -54.52 7.58
C PHE D 608 -73.19 -55.95 8.07
N GLU D 609 -72.17 -56.82 8.01
CA GLU D 609 -72.26 -58.18 8.52
C GLU D 609 -71.64 -58.33 9.91
N TYR D 610 -71.75 -57.31 10.76
CA TYR D 610 -71.15 -57.32 12.09
C TYR D 610 -72.03 -58.12 13.04
N PHE D 611 -71.83 -57.91 14.34
CA PHE D 611 -72.55 -58.63 15.38
C PHE D 611 -73.94 -58.03 15.57
N SER D 612 -74.63 -58.44 16.64
CA SER D 612 -75.97 -57.95 16.95
C SER D 612 -76.11 -56.43 16.93
N PRO D 613 -75.22 -55.64 17.55
CA PRO D 613 -75.49 -54.20 17.47
C PRO D 613 -74.82 -53.54 16.27
N PRO D 629 -82.70 -46.21 10.12
CA PRO D 629 -81.62 -45.60 9.34
C PRO D 629 -80.39 -46.49 9.23
N SER D 630 -80.25 -47.17 8.09
CA SER D 630 -79.12 -48.07 7.87
C SER D 630 -77.85 -47.26 7.58
N PHE D 631 -76.72 -47.95 7.67
CA PHE D 631 -75.41 -47.32 7.43
C PHE D 631 -74.98 -47.61 5.98
N THR D 632 -75.55 -46.82 5.07
CA THR D 632 -75.31 -47.01 3.64
C THR D 632 -73.94 -46.48 3.23
N ILE D 633 -73.65 -46.53 1.92
CA ILE D 633 -72.36 -46.07 1.41
C ILE D 633 -72.29 -44.55 1.37
N GLY D 634 -73.36 -43.89 0.91
CA GLY D 634 -73.34 -42.43 0.82
C GLY D 634 -73.20 -41.77 2.19
N LYS D 635 -73.84 -42.34 3.20
CA LYS D 635 -73.73 -41.78 4.54
C LYS D 635 -72.31 -41.88 5.06
N ALA D 636 -71.65 -43.02 4.85
CA ALA D 636 -70.26 -43.17 5.29
C ALA D 636 -69.34 -42.24 4.51
N ILE D 637 -69.58 -42.09 3.21
CA ILE D 637 -68.77 -41.18 2.40
C ILE D 637 -68.90 -39.76 2.91
N TRP D 638 -70.13 -39.31 3.19
CA TRP D 638 -70.35 -37.97 3.71
C TRP D 638 -69.70 -37.81 5.08
N LEU D 639 -69.85 -38.84 5.89
CA LEU D 639 -69.19 -38.80 7.19
C LEU D 639 -67.72 -38.76 6.92
N LEU D 640 -67.12 -39.64 6.13
CA LEU D 640 -65.65 -39.45 5.99
C LEU D 640 -65.29 -38.21 5.19
N TRP D 641 -66.11 -37.71 4.29
CA TRP D 641 -65.67 -36.48 3.62
C TRP D 641 -65.68 -35.42 4.65
N GLY D 642 -66.69 -35.34 5.48
CA GLY D 642 -66.68 -34.29 6.50
C GLY D 642 -65.50 -34.46 7.40
N LEU D 643 -65.15 -35.64 7.83
CA LEU D 643 -64.12 -35.72 8.88
C LEU D 643 -62.79 -35.26 8.38
N VAL D 644 -62.56 -35.03 7.10
CA VAL D 644 -61.24 -34.50 6.77
C VAL D 644 -61.21 -32.98 6.61
N PHE D 645 -62.34 -32.32 6.51
CA PHE D 645 -62.37 -30.86 6.38
C PHE D 645 -63.03 -30.25 7.62
N ASN D 646 -62.70 -30.85 8.75
CA ASN D 646 -62.91 -30.51 10.16
C ASN D 646 -64.30 -30.66 10.75
N ASN D 647 -65.40 -30.56 10.00
CA ASN D 647 -66.69 -31.22 10.25
C ASN D 647 -67.77 -30.59 9.40
N SER D 648 -68.74 -31.40 8.92
CA SER D 648 -69.97 -30.84 8.36
C SER D 648 -71.21 -31.01 9.23
N VAL D 649 -71.86 -32.18 9.17
CA VAL D 649 -72.94 -32.63 10.05
C VAL D 649 -73.29 -34.09 9.75
N PRO D 650 -72.53 -35.08 10.22
CA PRO D 650 -72.79 -36.46 9.81
C PRO D 650 -73.66 -37.27 10.76
N VAL D 651 -74.04 -38.47 10.34
CA VAL D 651 -74.57 -39.50 11.22
C VAL D 651 -73.66 -40.72 11.12
N GLN D 652 -73.25 -41.25 12.27
CA GLN D 652 -72.04 -42.05 12.37
C GLN D 652 -72.35 -43.54 12.43
N ASN D 653 -71.32 -44.30 12.76
CA ASN D 653 -71.40 -45.78 12.84
C ASN D 653 -72.49 -46.10 13.85
N PRO D 654 -73.27 -47.20 13.67
CA PRO D 654 -74.44 -47.51 14.50
C PRO D 654 -74.02 -47.86 15.93
N LYS D 655 -72.91 -48.59 15.98
CA LYS D 655 -72.16 -49.14 17.12
C LYS D 655 -71.27 -50.24 16.56
N GLY D 656 -70.84 -51.08 17.45
CA GLY D 656 -70.02 -52.14 16.88
C GLY D 656 -68.65 -51.60 16.98
N THR D 657 -67.90 -52.21 17.86
CA THR D 657 -66.58 -51.69 18.17
C THR D 657 -65.71 -51.66 16.90
N THR D 658 -65.78 -52.60 15.95
CA THR D 658 -64.99 -52.31 14.74
C THR D 658 -65.51 -51.04 14.06
N SER D 659 -66.82 -50.80 13.99
CA SER D 659 -67.20 -49.56 13.27
C SER D 659 -66.72 -48.29 13.97
N LYS D 660 -66.90 -48.15 15.27
CA LYS D 660 -66.56 -46.83 15.88
C LYS D 660 -65.07 -46.64 15.82
N ILE D 661 -64.41 -47.73 16.00
CA ILE D 661 -62.91 -47.70 16.01
C ILE D 661 -62.44 -47.33 14.62
N MET D 662 -63.11 -47.93 13.64
CA MET D 662 -62.69 -47.67 12.26
C MET D 662 -62.85 -46.18 11.97
N VAL D 663 -63.97 -45.55 12.33
CA VAL D 663 -64.05 -44.09 12.08
C VAL D 663 -63.06 -43.44 12.99
N SER D 664 -62.84 -43.89 14.20
CA SER D 664 -61.87 -43.14 15.01
C SER D 664 -60.49 -43.17 14.40
N VAL D 665 -60.00 -44.27 13.85
CA VAL D 665 -58.64 -44.12 13.26
C VAL D 665 -58.70 -43.41 11.93
N TRP D 666 -59.81 -43.35 11.24
CA TRP D 666 -59.81 -42.42 10.09
C TRP D 666 -59.71 -41.02 10.67
N ALA D 667 -60.33 -40.66 11.78
CA ALA D 667 -60.15 -39.29 12.29
C ALA D 667 -58.72 -39.09 12.63
N PHE D 668 -57.97 -40.04 13.10
CA PHE D 668 -56.55 -39.73 13.39
C PHE D 668 -55.73 -39.47 12.14
N PHE D 669 -56.09 -40.05 11.02
CA PHE D 669 -55.34 -39.64 9.81
C PHE D 669 -55.92 -38.32 9.38
N ALA D 670 -57.17 -37.98 9.60
CA ALA D 670 -57.55 -36.61 9.21
C ALA D 670 -56.84 -35.66 10.12
N VAL D 671 -56.61 -35.91 11.41
CA VAL D 671 -55.98 -34.78 12.16
C VAL D 671 -54.60 -34.67 11.64
N ILE D 672 -53.88 -35.74 11.36
CA ILE D 672 -52.52 -35.41 10.85
C ILE D 672 -52.53 -34.82 9.47
N PHE D 673 -53.44 -35.20 8.61
CA PHE D 673 -53.30 -34.63 7.25
C PHE D 673 -53.59 -33.18 7.36
N LEU D 674 -54.61 -32.80 8.08
CA LEU D 674 -54.84 -31.33 8.07
C LEU D 674 -53.82 -30.55 8.84
N ALA D 675 -53.16 -31.02 9.89
CA ALA D 675 -52.16 -30.13 10.52
C ALA D 675 -50.92 -30.27 9.70
N SER D 676 -50.76 -31.21 8.80
CA SER D 676 -49.62 -31.10 7.90
C SER D 676 -49.88 -30.20 6.69
N TYR D 677 -51.05 -30.03 6.13
CA TYR D 677 -51.18 -29.12 4.98
C TYR D 677 -50.96 -27.68 5.42
N THR D 678 -51.58 -27.37 6.67
CA THR D 678 -51.44 -26.01 7.18
C THR D 678 -49.98 -25.64 7.39
N ALA D 679 -49.18 -26.55 7.95
CA ALA D 679 -47.76 -26.26 8.15
C ALA D 679 -47.05 -26.04 6.82
N ASN D 680 -47.35 -26.87 5.82
CA ASN D 680 -46.69 -26.72 4.52
C ASN D 680 -47.13 -25.46 3.80
N LEU D 681 -48.41 -25.06 3.95
CA LEU D 681 -48.86 -23.81 3.35
C LEU D 681 -48.20 -22.61 4.03
N ALA D 682 -48.06 -22.66 5.36
CA ALA D 682 -47.39 -21.60 6.09
C ALA D 682 -45.89 -21.53 5.79
N ALA D 683 -45.26 -22.65 5.44
CA ALA D 683 -43.87 -22.61 5.00
C ALA D 683 -43.73 -22.19 3.55
N PHE D 684 -44.68 -22.38 2.64
CA PHE D 684 -44.44 -21.73 1.33
C PHE D 684 -44.75 -20.26 1.43
N MET D 685 -45.86 -19.90 2.00
CA MET D 685 -46.18 -18.49 1.84
C MET D 685 -45.01 -17.59 2.23
N ILE D 686 -44.14 -18.06 3.11
CA ILE D 686 -43.09 -17.22 3.69
C ILE D 686 -41.96 -16.98 2.71
N GLN D 687 -41.35 -18.06 2.21
CA GLN D 687 -40.06 -17.93 1.53
C GLN D 687 -40.20 -17.33 0.14
N GLU D 688 -41.04 -17.92 -0.70
CA GLU D 688 -41.07 -17.54 -2.11
C GLU D 688 -41.55 -16.09 -2.27
N GLU D 689 -40.72 -15.29 -2.93
CA GLU D 689 -41.07 -13.92 -3.30
C GLU D 689 -40.08 -13.45 -4.36
N TYR D 690 -40.62 -13.14 -5.54
CA TYR D 690 -39.81 -12.64 -6.65
C TYR D 690 -40.72 -12.13 -7.76
N VAL D 691 -40.34 -11.04 -8.40
CA VAL D 691 -41.10 -10.47 -9.51
C VAL D 691 -40.21 -9.51 -10.29
N ASP D 692 -40.56 -9.26 -11.55
CA ASP D 692 -39.83 -8.32 -12.39
C ASP D 692 -40.82 -7.49 -13.18
N GLN D 693 -40.58 -6.16 -13.24
CA GLN D 693 -41.50 -5.26 -13.92
C GLN D 693 -41.36 -5.31 -15.42
N VAL D 694 -40.14 -5.22 -15.96
CA VAL D 694 -39.89 -5.21 -17.39
C VAL D 694 -38.62 -5.98 -17.69
N SER D 695 -38.46 -6.41 -18.94
CA SER D 695 -37.30 -7.19 -19.35
C SER D 695 -36.21 -6.33 -20.00
N GLY D 696 -36.51 -5.09 -20.35
CA GLY D 696 -35.56 -4.19 -20.97
C GLY D 696 -36.19 -3.46 -22.13
N LEU D 697 -35.33 -2.85 -22.96
CA LEU D 697 -35.81 -2.09 -24.11
C LEU D 697 -36.33 -2.97 -25.23
N SER D 698 -36.01 -4.26 -25.23
CA SER D 698 -36.44 -5.18 -26.27
C SER D 698 -37.79 -5.83 -25.98
N ASP D 699 -38.35 -5.60 -24.79
CA ASP D 699 -39.64 -6.19 -24.44
C ASP D 699 -40.76 -5.50 -25.20
N LYS D 700 -41.90 -6.20 -25.30
CA LYS D 700 -43.05 -5.64 -26.00
C LYS D 700 -43.65 -4.45 -25.25
N LYS D 701 -43.33 -4.31 -23.96
CA LYS D 701 -43.83 -3.18 -23.19
C LYS D 701 -43.36 -1.84 -23.75
N PHE D 702 -42.16 -1.80 -24.35
CA PHE D 702 -41.65 -0.58 -24.97
C PHE D 702 -41.89 -0.55 -26.47
N GLN D 703 -41.78 -1.68 -27.15
CA GLN D 703 -42.01 -1.71 -28.60
C GLN D 703 -43.46 -1.43 -28.95
N ARG D 704 -44.40 -1.92 -28.13
CA ARG D 704 -45.83 -1.71 -28.32
C ARG D 704 -46.41 -1.07 -27.06
N PRO D 705 -46.23 0.24 -26.88
CA PRO D 705 -46.75 0.88 -25.66
C PRO D 705 -48.25 0.95 -25.62
N ASN D 706 -48.90 1.25 -26.74
CA ASN D 706 -50.34 1.46 -26.75
C ASN D 706 -51.13 0.15 -26.71
N ASP D 707 -50.48 -0.99 -26.92
CA ASP D 707 -51.18 -2.27 -26.93
C ASP D 707 -51.21 -2.88 -25.53
N PHE D 708 -51.80 -2.16 -24.57
CA PHE D 708 -51.85 -2.60 -23.19
C PHE D 708 -52.96 -1.86 -22.47
N SER D 709 -52.90 -1.92 -21.14
CA SER D 709 -53.60 -1.03 -20.22
C SER D 709 -53.13 0.41 -20.52
N PRO D 710 -53.70 1.44 -19.90
CA PRO D 710 -53.18 2.80 -20.10
C PRO D 710 -51.67 2.82 -20.16
N PRO D 711 -51.09 3.37 -21.23
CA PRO D 711 -49.71 3.03 -21.58
C PRO D 711 -48.70 3.56 -20.59
N PHE D 712 -47.52 2.94 -20.62
CA PHE D 712 -46.41 3.34 -19.75
C PHE D 712 -45.90 4.71 -20.15
N ARG D 713 -45.09 5.29 -19.27
CA ARG D 713 -44.44 6.57 -19.50
C ARG D 713 -42.95 6.43 -19.25
N PHE D 714 -42.15 6.75 -20.26
CA PHE D 714 -40.70 6.64 -20.13
C PHE D 714 -40.00 7.73 -20.92
N GLY D 715 -39.06 8.42 -20.29
CA GLY D 715 -38.31 9.48 -20.95
C GLY D 715 -36.96 9.65 -20.30
N THR D 716 -36.06 10.30 -21.03
CA THR D 716 -34.70 10.56 -20.58
C THR D 716 -34.44 12.06 -20.57
N VAL D 717 -33.20 12.42 -20.27
CA VAL D 717 -32.78 13.82 -20.27
C VAL D 717 -32.47 14.22 -21.71
N PRO D 718 -33.18 15.20 -22.26
CA PRO D 718 -32.94 15.60 -23.65
C PRO D 718 -31.56 16.22 -23.83
N ASN D 719 -31.12 16.28 -25.09
CA ASN D 719 -29.81 16.82 -25.47
C ASN D 719 -28.68 16.08 -24.75
N GLY D 720 -28.61 14.79 -25.03
CA GLY D 720 -27.60 13.96 -24.43
C GLY D 720 -27.15 12.86 -25.37
N SER D 721 -26.50 11.85 -24.79
CA SER D 721 -25.99 10.73 -25.58
C SER D 721 -27.05 9.65 -25.76
N THR D 722 -27.77 9.34 -24.68
CA THR D 722 -28.82 8.32 -24.76
C THR D 722 -29.93 8.73 -25.72
N GLU D 723 -30.35 10.00 -25.65
CA GLU D 723 -31.37 10.50 -26.56
C GLU D 723 -30.88 10.44 -28.00
N ARG D 724 -29.62 10.80 -28.24
CA ARG D 724 -29.06 10.72 -29.58
C ARG D 724 -29.07 9.30 -30.10
N ASN D 725 -28.62 8.34 -29.30
CA ASN D 725 -28.63 6.96 -29.86
C ASN D 725 -30.07 6.56 -30.12
N ILE D 726 -30.93 6.74 -29.13
CA ILE D 726 -32.32 6.29 -29.33
C ILE D 726 -32.87 6.86 -30.63
N ARG D 727 -32.72 8.17 -30.83
CA ARG D 727 -33.22 8.79 -32.06
C ARG D 727 -32.53 8.21 -33.29
N ASN D 728 -31.28 7.77 -33.14
CA ASN D 728 -30.57 7.21 -34.28
C ASN D 728 -31.02 5.81 -34.62
N ASN D 729 -31.37 4.99 -33.62
CA ASN D 729 -31.73 3.59 -33.88
C ASN D 729 -33.15 3.25 -33.48
N TYR D 730 -33.96 4.23 -33.09
CA TYR D 730 -35.36 3.98 -32.73
C TYR D 730 -36.16 5.25 -32.98
N ALA D 731 -37.06 5.20 -33.96
CA ALA D 731 -37.86 6.37 -34.30
C ALA D 731 -39.07 6.50 -33.39
N GLU D 732 -39.91 5.47 -33.33
CA GLU D 732 -41.11 5.54 -32.50
C GLU D 732 -40.76 5.61 -31.02
N MET D 733 -39.68 4.93 -30.61
CA MET D 733 -39.24 5.03 -29.22
C MET D 733 -38.83 6.45 -28.88
N HIS D 734 -38.06 7.10 -29.76
CA HIS D 734 -37.66 8.48 -29.52
C HIS D 734 -38.86 9.41 -29.51
N ALA D 735 -39.83 9.17 -30.39
CA ALA D 735 -41.03 9.99 -30.40
C ALA D 735 -41.80 9.86 -29.10
N TYR D 736 -41.98 8.62 -28.62
CA TYR D 736 -42.72 8.41 -27.38
C TYR D 736 -41.95 8.98 -26.18
N MET D 737 -40.62 8.93 -26.23
CA MET D 737 -39.82 9.50 -25.15
C MET D 737 -39.94 11.03 -25.15
N GLY D 738 -39.92 11.65 -26.32
CA GLY D 738 -40.15 13.08 -26.41
C GLY D 738 -41.53 13.48 -25.97
N LYS D 739 -42.52 12.60 -26.18
CA LYS D 739 -43.86 12.85 -25.67
C LYS D 739 -43.94 12.81 -24.15
N PHE D 740 -42.92 12.28 -23.49
CA PHE D 740 -42.87 12.20 -22.03
C PHE D 740 -41.51 12.65 -21.51
N ASN D 741 -41.00 13.77 -22.02
CA ASN D 741 -39.72 14.29 -21.56
C ASN D 741 -39.76 14.66 -20.09
N GLN D 742 -38.59 14.65 -19.46
CA GLN D 742 -38.47 14.90 -18.03
C GLN D 742 -37.29 15.83 -17.78
N ARG D 743 -37.21 16.32 -16.55
CA ARG D 743 -36.14 17.23 -16.14
C ARG D 743 -34.92 16.41 -15.69
N GLY D 744 -34.02 17.06 -14.96
CA GLY D 744 -32.78 16.44 -14.50
C GLY D 744 -32.94 15.16 -13.70
N VAL D 745 -31.81 14.53 -13.38
CA VAL D 745 -31.83 13.22 -12.73
C VAL D 745 -32.55 13.27 -11.39
N ASP D 746 -32.37 14.37 -10.64
CA ASP D 746 -33.04 14.49 -9.36
C ASP D 746 -34.55 14.63 -9.53
N ASP D 747 -34.98 15.46 -10.50
CA ASP D 747 -36.40 15.58 -10.77
C ASP D 747 -36.98 14.28 -11.31
N ALA D 748 -36.17 13.53 -12.07
CA ALA D 748 -36.62 12.23 -12.56
C ALA D 748 -36.80 11.23 -11.41
N LEU D 749 -35.89 11.24 -10.44
CA LEU D 749 -36.05 10.38 -9.27
C LEU D 749 -37.28 10.78 -8.47
N LEU D 750 -37.50 12.09 -8.31
CA LEU D 750 -38.68 12.57 -7.60
C LEU D 750 -39.96 12.15 -8.31
N SER D 751 -39.96 12.21 -9.64
CA SER D 751 -41.11 11.77 -10.42
C SER D 751 -41.33 10.27 -10.32
N LEU D 752 -40.26 9.48 -10.30
CA LEU D 752 -40.40 8.04 -10.09
C LEU D 752 -40.89 7.71 -8.68
N LYS D 753 -40.58 8.56 -7.70
CA LYS D 753 -41.02 8.30 -6.34
C LYS D 753 -42.50 8.62 -6.16
N THR D 754 -43.04 9.59 -6.90
CA THR D 754 -44.44 9.98 -6.78
C THR D 754 -45.35 9.23 -7.74
N GLY D 755 -44.83 8.23 -8.45
CA GLY D 755 -45.65 7.44 -9.35
C GLY D 755 -46.11 8.19 -10.58
N LYS D 756 -45.28 9.07 -11.13
CA LYS D 756 -45.60 9.80 -12.35
C LYS D 756 -44.93 9.20 -13.58
N LEU D 757 -43.70 8.75 -13.47
CA LEU D 757 -43.00 8.06 -14.54
C LEU D 757 -42.90 6.58 -14.24
N ASP D 758 -42.92 5.76 -15.30
CA ASP D 758 -42.90 4.31 -15.15
C ASP D 758 -41.54 3.70 -15.45
N ALA D 759 -40.66 4.40 -16.15
CA ALA D 759 -39.34 3.88 -16.46
C ALA D 759 -38.43 5.03 -16.85
N PHE D 760 -37.24 5.07 -16.26
CA PHE D 760 -36.23 6.09 -16.55
C PHE D 760 -35.10 5.47 -17.36
N ILE D 761 -34.58 6.23 -18.31
CA ILE D 761 -33.54 5.77 -19.23
C ILE D 761 -32.32 6.65 -19.05
N TYR D 762 -31.19 6.04 -18.71
CA TYR D 762 -29.93 6.75 -18.56
C TYR D 762 -28.80 5.74 -18.67
N ASP D 763 -27.58 6.20 -18.39
CA ASP D 763 -26.41 5.33 -18.40
C ASP D 763 -26.43 4.40 -17.20
N ALA D 764 -25.72 3.29 -17.32
CA ALA D 764 -25.81 2.23 -16.32
C ALA D 764 -25.14 2.63 -15.01
N ALA D 765 -23.96 3.26 -15.08
CA ALA D 765 -23.19 3.53 -13.87
C ALA D 765 -23.89 4.54 -12.96
N VAL D 766 -24.40 5.62 -13.53
CA VAL D 766 -25.05 6.65 -12.73
C VAL D 766 -26.32 6.10 -12.09
N LEU D 767 -27.10 5.32 -12.84
CA LEU D 767 -28.32 4.75 -12.29
C LEU D 767 -28.02 3.74 -11.20
N ASN D 768 -26.98 2.92 -11.38
CA ASN D 768 -26.58 1.99 -10.33
C ASN D 768 -26.14 2.71 -9.08
N TYR D 769 -25.34 3.78 -9.23
CA TYR D 769 -24.92 4.55 -8.07
C TYR D 769 -26.11 5.20 -7.37
N MET D 770 -27.09 5.68 -8.15
CA MET D 770 -28.25 6.33 -7.56
C MET D 770 -29.12 5.33 -6.80
N ALA D 771 -29.28 4.13 -7.36
CA ALA D 771 -30.06 3.09 -6.70
C ALA D 771 -29.34 2.48 -5.50
N GLY D 772 -28.00 2.50 -5.47
CA GLY D 772 -27.28 1.92 -4.35
C GLY D 772 -27.46 2.72 -3.07
N ARG D 773 -27.55 4.04 -3.18
CA ARG D 773 -27.62 4.92 -2.02
C ARG D 773 -29.00 5.56 -1.85
N ASP D 774 -30.04 4.95 -2.41
CA ASP D 774 -31.38 5.52 -2.30
C ASP D 774 -31.96 5.25 -0.91
N GLU D 775 -32.92 6.07 -0.52
CA GLU D 775 -33.63 5.86 0.73
C GLU D 775 -34.38 4.54 0.70
N GLY D 776 -33.99 3.63 1.59
CA GLY D 776 -34.51 2.27 1.50
C GLY D 776 -34.04 1.62 0.21
N CYS D 777 -34.89 0.71 -0.26
CA CYS D 777 -34.66 0.09 -1.58
C CYS D 777 -35.98 0.13 -2.34
N LYS D 778 -36.37 1.33 -2.71
CA LYS D 778 -37.59 1.56 -3.48
C LYS D 778 -37.19 1.77 -4.94
N LEU D 779 -35.96 1.42 -5.37
CA LEU D 779 -35.54 1.58 -6.79
C LEU D 779 -34.88 0.31 -7.32
N VAL D 780 -34.90 0.01 -8.61
CA VAL D 780 -34.46 -1.34 -9.06
C VAL D 780 -33.44 -1.48 -10.19
N THR D 781 -33.56 -0.81 -11.34
CA THR D 781 -32.67 -0.96 -12.53
C THR D 781 -32.62 -2.37 -13.10
N ILE D 782 -33.55 -2.80 -13.96
CA ILE D 782 -33.59 -4.21 -14.46
C ILE D 782 -32.22 -4.49 -15.05
N GLY D 783 -31.72 -3.67 -15.95
CA GLY D 783 -30.28 -3.60 -16.26
C GLY D 783 -29.53 -4.90 -16.36
N SER D 784 -28.40 -4.99 -15.63
CA SER D 784 -27.51 -6.18 -15.54
C SER D 784 -27.08 -6.64 -16.93
N GLY D 785 -27.37 -7.88 -17.30
CA GLY D 785 -27.02 -8.42 -18.62
C GLY D 785 -27.70 -7.72 -19.78
N LYS D 786 -28.95 -7.32 -19.61
CA LYS D 786 -29.69 -6.67 -20.71
C LYS D 786 -29.47 -5.14 -20.76
N VAL D 787 -28.26 -4.68 -21.14
CA VAL D 787 -27.87 -3.26 -21.37
C VAL D 787 -27.52 -3.18 -22.83
N PHE D 788 -28.02 -2.18 -23.51
CA PHE D 788 -28.03 -1.78 -24.91
C PHE D 788 -26.93 -0.75 -25.15
N ALA D 789 -26.13 -0.97 -26.19
CA ALA D 789 -25.00 -0.11 -26.55
C ALA D 789 -24.07 0.09 -25.36
N SER D 790 -23.51 -1.02 -24.89
CA SER D 790 -22.66 -1.03 -23.71
C SER D 790 -21.26 -0.55 -24.10
N THR D 791 -21.01 0.74 -23.90
CA THR D 791 -19.70 1.33 -24.12
C THR D 791 -18.90 1.29 -22.82
N GLY D 792 -17.77 2.01 -22.79
CA GLY D 792 -16.95 2.07 -21.60
C GLY D 792 -16.35 3.45 -21.42
N TYR D 793 -15.84 3.68 -20.21
CA TYR D 793 -15.13 4.91 -19.87
C TYR D 793 -13.63 4.68 -20.01
N GLY D 794 -12.93 5.68 -20.53
CA GLY D 794 -11.50 5.58 -20.74
C GLY D 794 -10.80 6.89 -20.42
N ILE D 795 -9.49 6.88 -20.61
CA ILE D 795 -8.63 8.05 -20.37
C ILE D 795 -8.26 8.59 -21.74
N ALA D 796 -8.77 9.78 -22.06
CA ALA D 796 -8.55 10.39 -23.37
C ALA D 796 -7.12 10.88 -23.53
N ILE D 797 -6.26 10.05 -24.11
CA ILE D 797 -4.88 10.45 -24.34
C ILE D 797 -4.80 11.33 -25.58
N GLN D 798 -3.71 12.10 -25.68
CA GLN D 798 -3.48 12.94 -26.84
C GLN D 798 -3.39 12.10 -28.11
N LYS D 799 -3.86 12.68 -29.21
CA LYS D 799 -3.87 11.97 -30.49
C LYS D 799 -2.45 11.63 -30.92
N ASP D 800 -2.23 10.35 -31.26
CA ASP D 800 -0.93 9.85 -31.70
C ASP D 800 0.15 10.07 -30.65
N SER D 801 -0.20 9.89 -29.38
CA SER D 801 0.78 10.04 -28.30
C SER D 801 1.46 8.71 -28.02
N GLY D 802 2.55 8.78 -27.24
CA GLY D 802 3.32 7.62 -26.87
C GLY D 802 3.00 7.06 -25.50
N TRP D 803 2.15 7.73 -24.72
CA TRP D 803 1.80 7.25 -23.40
C TRP D 803 0.56 6.35 -23.43
N LYS D 804 -0.11 6.27 -24.57
CA LYS D 804 -1.35 5.48 -24.67
C LYS D 804 -1.10 4.00 -24.37
N ARG D 805 -0.09 3.42 -25.01
CA ARG D 805 0.20 2.01 -24.79
C ARG D 805 0.56 1.73 -23.34
N GLN D 806 1.42 2.57 -22.76
CA GLN D 806 1.83 2.37 -21.37
C GLN D 806 0.65 2.49 -20.42
N VAL D 807 -0.21 3.48 -20.63
CA VAL D 807 -1.31 3.69 -19.69
C VAL D 807 -2.35 2.59 -19.82
N ASP D 808 -2.60 2.11 -21.04
CA ASP D 808 -3.56 1.01 -21.16
C ASP D 808 -2.99 -0.28 -20.62
N LEU D 809 -1.68 -0.50 -20.76
CA LEU D 809 -1.05 -1.67 -20.16
C LEU D 809 -1.11 -1.59 -18.63
N ALA D 810 -0.94 -0.39 -18.07
CA ALA D 810 -1.05 -0.23 -16.63
C ALA D 810 -2.48 -0.46 -16.16
N ILE D 811 -3.47 -0.02 -16.95
CA ILE D 811 -4.86 -0.27 -16.61
C ILE D 811 -5.16 -1.77 -16.64
N LEU D 812 -4.66 -2.47 -17.65
CA LEU D 812 -4.86 -3.91 -17.74
C LEU D 812 -4.15 -4.63 -16.59
N GLN D 813 -3.01 -4.12 -16.15
CA GLN D 813 -2.32 -4.69 -15.00
C GLN D 813 -3.09 -4.46 -13.69
N LEU D 814 -3.77 -3.33 -13.59
CA LEU D 814 -4.60 -3.06 -12.40
C LEU D 814 -5.66 -4.12 -12.47
N PHE D 815 -6.24 -4.25 -13.64
CA PHE D 815 -7.30 -5.22 -13.81
C PHE D 815 -6.83 -6.62 -13.42
N GLY D 816 -5.55 -6.90 -13.63
CA GLY D 816 -5.04 -8.25 -13.41
C GLY D 816 -5.02 -8.68 -11.96
N ASP D 817 -4.50 -7.83 -11.07
CA ASP D 817 -4.31 -8.23 -9.67
C ASP D 817 -5.59 -8.15 -8.84
N GLY D 818 -6.45 -7.17 -9.10
CA GLY D 818 -7.73 -7.12 -8.41
C GLY D 818 -7.93 -5.92 -7.51
N GLU D 819 -7.32 -4.79 -7.86
CA GLU D 819 -7.50 -3.57 -7.08
C GLU D 819 -8.73 -2.78 -7.51
N MET D 820 -9.12 -2.88 -8.78
CA MET D 820 -10.30 -2.16 -9.25
C MET D 820 -11.58 -2.70 -8.63
N GLU D 821 -11.61 -3.99 -8.27
CA GLU D 821 -12.75 -4.51 -7.51
C GLU D 821 -12.84 -3.85 -6.14
N GLU D 822 -11.70 -3.65 -5.49
CA GLU D 822 -11.68 -2.92 -4.21
C GLU D 822 -12.16 -1.49 -4.40
N LEU D 823 -11.70 -0.83 -5.47
CA LEU D 823 -12.13 0.54 -5.73
C LEU D 823 -13.64 0.61 -5.98
N GLU D 824 -14.19 -0.38 -6.68
CA GLU D 824 -15.63 -0.41 -6.91
C GLU D 824 -16.38 -0.65 -5.61
N ALA D 825 -15.90 -1.60 -4.79
CA ALA D 825 -16.53 -1.84 -3.50
C ALA D 825 -16.40 -0.64 -2.55
N LEU D 826 -15.55 0.31 -2.86
CA LEU D 826 -15.52 1.46 -1.93
C LEU D 826 -16.39 2.55 -2.50
N TRP D 827 -16.29 2.76 -3.79
CA TRP D 827 -16.91 3.95 -4.34
C TRP D 827 -18.14 3.69 -5.21
N LEU D 828 -18.52 2.43 -5.44
CA LEU D 828 -19.62 2.14 -6.35
C LEU D 828 -20.74 1.31 -5.75
N THR D 829 -20.58 0.77 -4.55
CA THR D 829 -21.62 -0.01 -3.90
C THR D 829 -22.30 0.82 -2.82
N GLY D 830 -23.50 0.40 -2.43
CA GLY D 830 -24.26 1.15 -1.46
C GLY D 830 -24.93 0.29 -0.40
N ILE D 831 -26.18 0.63 -0.07
CA ILE D 831 -26.89 -0.07 1.00
C ILE D 831 -27.67 -1.25 0.44
N CYS D 832 -28.18 -1.12 -0.78
CA CYS D 832 -29.01 -2.16 -1.37
C CYS D 832 -28.19 -3.15 -2.15
N HIS D 833 -26.90 -3.28 -1.80
CA HIS D 833 -26.05 -4.27 -2.45
C HIS D 833 -26.57 -5.68 -2.25
N ASN D 834 -27.31 -5.92 -1.18
CA ASN D 834 -27.89 -7.24 -0.96
C ASN D 834 -28.96 -7.53 -2.00
N GLU D 835 -29.25 -8.82 -2.19
CA GLU D 835 -30.21 -9.24 -3.19
C GLU D 835 -31.64 -8.86 -2.76
N LYS D 836 -32.60 -9.19 -3.61
CA LYS D 836 -34.00 -8.90 -3.33
C LYS D 836 -34.50 -9.72 -2.15
N ASN D 837 -34.74 -9.06 -1.02
CA ASN D 837 -35.19 -9.75 0.17
C ASN D 837 -36.66 -10.13 0.06
N GLU D 838 -37.00 -11.27 0.64
CA GLU D 838 -38.37 -11.78 0.62
C GLU D 838 -39.20 -11.31 1.80
N VAL D 839 -38.81 -10.22 2.45
CA VAL D 839 -39.56 -9.70 3.61
C VAL D 839 -40.65 -8.79 3.04
N MET D 840 -41.78 -9.40 2.71
CA MET D 840 -42.93 -8.69 2.14
C MET D 840 -44.19 -9.18 2.83
N SER D 841 -44.90 -8.28 3.50
CA SER D 841 -46.18 -8.61 4.12
C SER D 841 -47.25 -8.71 3.04
N SER D 842 -47.24 -9.79 2.28
CA SER D 842 -48.14 -9.91 1.12
C SER D 842 -49.57 -10.18 1.59
N GLN D 843 -50.50 -9.38 1.09
CA GLN D 843 -51.91 -9.57 1.35
C GLN D 843 -52.46 -10.64 0.40
N LEU D 844 -53.72 -11.04 0.63
CA LEU D 844 -54.42 -12.00 -0.22
C LEU D 844 -55.55 -11.23 -0.91
N ASP D 845 -55.22 -10.59 -2.03
CA ASP D 845 -56.17 -9.75 -2.74
C ASP D 845 -57.25 -10.60 -3.41
N ILE D 846 -58.16 -9.93 -4.12
CA ILE D 846 -59.24 -10.61 -4.82
C ILE D 846 -58.76 -11.48 -5.96
N ASP D 847 -57.49 -11.32 -6.37
CA ASP D 847 -56.91 -12.12 -7.44
C ASP D 847 -55.75 -12.99 -6.99
N ASN D 848 -55.05 -12.61 -5.91
CA ASN D 848 -53.93 -13.41 -5.42
C ASN D 848 -54.37 -14.80 -5.00
N MET D 849 -55.62 -14.93 -4.53
CA MET D 849 -56.19 -16.24 -4.16
C MET D 849 -57.57 -16.31 -4.82
N ALA D 850 -57.61 -16.80 -6.05
CA ALA D 850 -58.84 -16.89 -6.82
C ALA D 850 -59.09 -18.28 -7.40
N GLY D 851 -58.08 -19.14 -7.42
CA GLY D 851 -58.23 -20.48 -7.94
C GLY D 851 -59.31 -21.28 -7.22
N VAL D 852 -59.49 -21.02 -5.92
CA VAL D 852 -60.52 -21.72 -5.17
C VAL D 852 -61.90 -21.36 -5.69
N PHE D 853 -62.09 -20.11 -6.12
CA PHE D 853 -63.38 -19.71 -6.68
C PHE D 853 -63.63 -20.36 -8.04
N TYR D 854 -62.59 -20.49 -8.87
CA TYR D 854 -62.74 -21.23 -10.12
C TYR D 854 -63.08 -22.69 -9.85
N MET D 855 -62.45 -23.28 -8.84
CA MET D 855 -62.77 -24.65 -8.45
C MET D 855 -64.22 -24.76 -8.01
N LEU D 856 -64.69 -23.78 -7.22
CA LEU D 856 -66.09 -23.79 -6.78
C LEU D 856 -67.05 -23.65 -7.97
N GLY D 857 -66.69 -22.82 -8.94
CA GLY D 857 -67.53 -22.68 -10.12
C GLY D 857 -67.58 -23.94 -10.95
N ALA D 858 -66.43 -24.61 -11.12
CA ALA D 858 -66.41 -25.87 -11.84
C ALA D 858 -67.20 -26.94 -11.10
N ALA D 859 -67.13 -26.93 -9.76
CA ALA D 859 -67.91 -27.87 -8.97
C ALA D 859 -69.41 -27.60 -9.10
N MET D 860 -69.80 -26.32 -9.15
CA MET D 860 -71.21 -25.98 -9.37
C MET D 860 -71.68 -26.43 -10.74
N ALA D 861 -70.82 -26.28 -11.76
CA ALA D 861 -71.17 -26.73 -13.10
C ALA D 861 -71.34 -28.25 -13.13
N LEU D 862 -70.42 -28.97 -12.49
CA LEU D 862 -70.53 -30.43 -12.42
C LEU D 862 -71.77 -30.84 -11.63
N SER D 863 -72.13 -30.07 -10.59
CA SER D 863 -73.33 -30.37 -9.83
C SER D 863 -74.58 -30.18 -10.68
N LEU D 864 -74.61 -29.12 -11.49
CA LEU D 864 -75.72 -28.92 -12.40
C LEU D 864 -75.80 -30.05 -13.44
N ILE D 865 -74.65 -30.51 -13.93
CA ILE D 865 -74.63 -31.61 -14.88
C ILE D 865 -75.17 -32.88 -14.24
N THR D 866 -74.74 -33.18 -13.01
CA THR D 866 -75.24 -34.36 -12.31
C THR D 866 -76.73 -34.23 -12.04
N PHE D 867 -77.21 -33.02 -11.74
CA PHE D 867 -78.63 -32.81 -11.48
C PHE D 867 -79.45 -33.05 -12.75
N ILE D 868 -78.99 -32.53 -13.89
CA ILE D 868 -79.76 -32.73 -15.12
C ILE D 868 -79.68 -34.20 -15.56
N SER D 869 -78.57 -34.87 -15.28
CA SER D 869 -78.49 -36.30 -15.57
C SER D 869 -79.47 -37.10 -14.72
N GLU D 870 -79.55 -36.78 -13.42
CA GLU D 870 -80.51 -37.46 -12.56
C GLU D 870 -81.95 -37.14 -12.97
N HIS D 871 -82.19 -35.92 -13.45
CA HIS D 871 -83.53 -35.56 -13.89
C HIS D 871 -83.91 -36.33 -15.16
N LEU D 872 -82.96 -36.48 -16.09
CA LEU D 872 -83.22 -37.30 -17.27
C LEU D 872 -83.43 -38.76 -16.90
N PHE D 873 -82.69 -39.26 -15.89
CA PHE D 873 -82.87 -40.63 -15.45
C PHE D 873 -84.19 -40.84 -14.73
N TYR D 874 -84.73 -39.80 -14.09
CA TYR D 874 -86.01 -39.90 -13.39
C TYR D 874 -87.20 -39.70 -14.31
N TRP D 875 -86.98 -39.40 -15.58
CA TRP D 875 -88.06 -39.20 -16.53
C TRP D 875 -88.70 -40.52 -16.95
#